data_1Z7A
#
_entry.id   1Z7A
#
_cell.length_a   101.653
_cell.length_b   101.773
_cell.length_c   100.990
_cell.angle_alpha   60.71
_cell.angle_beta   61.24
_cell.angle_gamma   89.90
#
_symmetry.space_group_name_H-M   'P 1'
#
loop_
_entity.id
_entity.type
_entity.pdbx_description
1 polymer 'conserved hypothetical protein'
2 non-polymer 1,2-ETHANEDIOL
3 non-polymer GLYCEROL
4 non-polymer 'ISOPROPYL ALCOHOL'
5 water water
#
_entity_poly.entity_id   1
_entity_poly.type   'polypeptide(L)'
_entity_poly.pdbx_seq_one_letter_code
;(MSE)SADYPRDLIGYGNNPPHPHWPGDARIALSFVLNYEEGGERCVLHGDKESEAFLSE(MSE)VAAQPLQGVRH
(MSE)S(MSE)ESLYEYGSRAGVWRLLKLFKRRNVPLTVFAVA(MSE)AAQRNPEVIRA(MSE)VADGHEICSHGYRWID
YQY(MSE)DEAQEREH(MSE)LEAIRILTELTGQRPVGWYTGRTGPNTRRLV(MSE)EEGGFLYDSDTYDDDLPYWDPAS
TAEKPHLVIPYTLDTND(MSE)RFTQVQGFNNGEQFFQYLKDAFDVLYEEGATAPK(MSE)LSIGLHCRLIGRPAR
(MSE)AALERFIQYAQSHDKVWFARREDIARHWHREHPFQETEA
;
_entity_poly.pdbx_strand_id   A,B,C,D,E,F,G,H
#
loop_
_chem_comp.id
_chem_comp.type
_chem_comp.name
_chem_comp.formula
EDO non-polymer 1,2-ETHANEDIOL 'C2 H6 O2'
GOL non-polymer GLYCEROL 'C3 H8 O3'
IPA non-polymer 'ISOPROPYL ALCOHOL' 'C3 H8 O'
#
# COMPACT_ATOMS: atom_id res chain seq x y z
N ASP A 4 -0.08 -68.14 32.59
CA ASP A 4 0.98 -67.11 32.85
C ASP A 4 0.78 -65.82 32.03
N TYR A 5 -0.45 -65.57 31.59
CA TYR A 5 -0.77 -64.40 30.73
C TYR A 5 -0.52 -63.08 31.47
N PRO A 6 0.52 -62.32 31.05
CA PRO A 6 1.00 -61.19 31.86
C PRO A 6 0.18 -59.89 31.79
N ARG A 7 -0.86 -59.84 30.96
CA ARG A 7 -1.66 -58.61 30.81
C ARG A 7 -2.89 -58.69 31.66
N ASP A 8 -3.24 -57.57 32.32
CA ASP A 8 -4.45 -57.52 33.12
C ASP A 8 -5.55 -56.83 32.33
N LEU A 9 -6.37 -57.64 31.67
CA LEU A 9 -7.49 -57.14 30.84
C LEU A 9 -8.72 -56.83 31.68
N ILE A 10 -8.71 -57.26 32.94
CA ILE A 10 -9.89 -57.21 33.78
C ILE A 10 -9.91 -55.99 34.70
N GLY A 11 -8.77 -55.71 35.35
CA GLY A 11 -8.68 -54.54 36.21
C GLY A 11 -9.70 -54.60 37.34
N TYR A 12 -10.37 -53.48 37.57
CA TYR A 12 -11.41 -53.37 38.61
C TYR A 12 -12.74 -53.99 38.20
N GLY A 13 -12.86 -54.36 36.93
CA GLY A 13 -14.12 -54.88 36.40
C GLY A 13 -15.21 -53.84 36.62
N ASN A 14 -16.40 -54.32 36.96
CA ASN A 14 -17.55 -53.45 37.15
C ASN A 14 -17.60 -52.86 38.57
N ASN A 15 -16.49 -52.96 39.30
CA ASN A 15 -16.44 -52.52 40.70
C ASN A 15 -15.24 -51.64 41.04
N PRO A 16 -15.09 -50.50 40.32
CA PRO A 16 -13.98 -49.61 40.63
C PRO A 16 -14.18 -48.98 42.02
N PRO A 17 -13.08 -48.68 42.74
CA PRO A 17 -13.20 -48.10 44.08
C PRO A 17 -13.68 -46.66 43.96
N HIS A 18 -14.36 -46.18 45.00
CA HIS A 18 -14.64 -44.75 45.12
C HIS A 18 -13.35 -44.06 45.59
N PRO A 19 -12.84 -43.11 44.80
CA PRO A 19 -11.56 -42.47 45.15
C PRO A 19 -11.63 -41.52 46.34
N HIS A 20 -12.84 -41.06 46.68
CA HIS A 20 -13.03 -40.07 47.75
C HIS A 20 -12.04 -38.92 47.61
N TRP A 21 -12.12 -38.23 46.47
CA TRP A 21 -11.21 -37.13 46.18
C TRP A 21 -11.37 -36.02 47.19
N PRO A 22 -10.30 -35.22 47.41
CA PRO A 22 -10.43 -34.01 48.22
C PRO A 22 -11.65 -33.17 47.86
N GLY A 23 -12.33 -32.65 48.88
CA GLY A 23 -13.56 -31.88 48.68
C GLY A 23 -14.74 -32.71 48.15
N ASP A 24 -14.64 -34.04 48.30
CA ASP A 24 -15.58 -34.99 47.72
C ASP A 24 -15.86 -34.66 46.26
N ALA A 25 -14.80 -34.40 45.50
CA ALA A 25 -14.93 -33.99 44.11
C ALA A 25 -15.59 -35.09 43.27
N ARG A 26 -16.40 -34.68 42.29
CA ARG A 26 -17.07 -35.60 41.38
C ARG A 26 -16.13 -36.03 40.26
N ILE A 27 -15.03 -35.30 40.12
CA ILE A 27 -14.03 -35.62 39.07
C ILE A 27 -12.69 -35.02 39.51
N ALA A 28 -11.60 -35.72 39.20
CA ALA A 28 -10.26 -35.16 39.35
C ALA A 28 -9.69 -34.90 37.96
N LEU A 29 -9.14 -33.70 37.78
CA LEU A 29 -8.51 -33.31 36.51
C LEU A 29 -7.02 -33.20 36.72
N SER A 30 -6.25 -33.85 35.85
CA SER A 30 -4.81 -33.77 35.87
C SER A 30 -4.32 -33.14 34.55
N PHE A 31 -4.01 -31.85 34.58
CA PHE A 31 -3.37 -31.18 33.43
C PHE A 31 -1.89 -31.48 33.47
N VAL A 32 -1.36 -31.95 32.35
CA VAL A 32 0.03 -32.37 32.24
C VAL A 32 0.69 -31.55 31.12
N LEU A 33 1.77 -30.86 31.45
CA LEU A 33 2.52 -30.12 30.44
C LEU A 33 3.82 -30.86 30.13
N ASN A 34 3.97 -31.34 28.90
CA ASN A 34 5.21 -31.99 28.50
C ASN A 34 6.24 -30.93 28.18
N TYR A 35 7.48 -31.17 28.59
CA TYR A 35 8.57 -30.27 28.23
C TYR A 35 9.67 -31.10 27.61
N GLU A 36 9.72 -31.09 26.27
CA GLU A 36 10.58 -32.02 25.52
C GLU A 36 11.57 -31.31 24.60
N GLU A 37 11.27 -30.05 24.32
CA GLU A 37 12.03 -29.25 23.35
C GLU A 37 13.48 -29.04 23.79
N GLY A 38 14.44 -29.49 22.97
CA GLY A 38 15.84 -29.54 23.37
C GLY A 38 16.31 -30.94 23.77
N GLY A 39 15.38 -31.88 23.82
CA GLY A 39 15.71 -33.28 24.11
C GLY A 39 15.32 -34.24 23.01
N GLU A 40 14.73 -33.71 21.94
CA GLU A 40 14.17 -34.52 20.85
C GLU A 40 15.29 -35.06 19.95
N ARG A 41 14.93 -35.76 18.88
CA ARG A 41 15.95 -36.28 17.97
C ARG A 41 16.64 -35.15 17.25
N CYS A 42 17.98 -35.17 17.28
CA CYS A 42 18.78 -34.16 16.58
C CYS A 42 20.21 -34.68 16.54
N VAL A 43 20.88 -34.51 15.40
CA VAL A 43 22.30 -34.90 15.33
C VAL A 43 23.15 -34.17 16.38
N LEU A 44 22.75 -32.96 16.75
CA LEU A 44 23.44 -32.17 17.77
C LEU A 44 23.30 -32.80 19.17
N HIS A 45 22.28 -33.66 19.31
CA HIS A 45 22.01 -34.36 20.59
C HIS A 45 22.63 -35.76 20.62
N GLY A 46 23.37 -36.08 19.55
CA GLY A 46 24.00 -37.39 19.38
C GLY A 46 23.16 -38.42 18.63
N ASP A 47 21.99 -38.03 18.16
CA ASP A 47 21.11 -38.96 17.45
C ASP A 47 21.55 -39.15 16.01
N LYS A 48 21.09 -40.21 15.35
CA LYS A 48 21.52 -40.48 13.98
C LYS A 48 20.61 -39.82 12.95
N GLU A 49 19.56 -39.15 13.42
CA GLU A 49 18.55 -38.61 12.52
C GLU A 49 17.84 -37.44 13.16
N SER A 50 17.19 -36.62 12.33
CA SER A 50 16.38 -35.52 12.82
C SER A 50 15.01 -36.00 13.33
N GLU A 51 14.36 -35.12 14.08
CA GLU A 51 13.03 -35.38 14.63
C GLU A 51 11.98 -35.39 13.52
N ALA A 52 10.91 -36.16 13.73
CA ALA A 52 9.80 -36.25 12.77
C ALA A 52 8.42 -36.14 13.40
N PHE A 53 8.37 -36.25 14.73
CA PHE A 53 7.12 -36.49 15.49
C PHE A 53 6.60 -35.18 16.09
N LEU A 54 5.28 -35.02 16.15
CA LEU A 54 4.66 -33.92 16.91
C LEU A 54 5.14 -32.50 16.55
N SER A 55 4.89 -32.11 15.31
CA SER A 55 5.15 -30.76 14.86
C SER A 55 4.18 -30.42 13.77
N GLU A 56 4.21 -29.17 13.32
CA GLU A 56 3.34 -28.70 12.27
C GLU A 56 3.58 -29.46 10.98
N MSE A 57 4.78 -30.02 10.82
CA MSE A 57 5.10 -30.81 9.63
C MSE A 57 4.54 -32.20 9.78
O MSE A 57 5.24 -33.15 10.13
CB MSE A 57 6.60 -30.82 9.37
CG MSE A 57 7.13 -29.44 9.09
SE MSE A 57 9.00 -29.49 8.61
CE MSE A 57 8.83 -30.45 6.91
N VAL A 58 3.24 -32.30 9.54
CA VAL A 58 2.47 -33.46 9.88
C VAL A 58 2.81 -34.69 9.01
N ALA A 59 3.56 -34.48 7.93
CA ALA A 59 3.99 -35.58 7.05
C ALA A 59 5.49 -35.83 7.11
N ALA A 60 6.17 -35.17 8.05
CA ALA A 60 7.64 -35.25 8.16
C ALA A 60 8.16 -36.67 8.38
N GLN A 61 9.34 -36.94 7.83
CA GLN A 61 10.07 -38.17 8.15
C GLN A 61 11.42 -37.80 8.74
N PRO A 62 12.03 -38.70 9.54
CA PRO A 62 13.38 -38.40 10.03
C PRO A 62 14.39 -38.39 8.88
N LEU A 63 15.33 -37.44 8.92
CA LEU A 63 16.36 -37.35 7.89
C LEU A 63 17.65 -37.87 8.50
N GLN A 64 18.30 -38.78 7.76
CA GLN A 64 19.47 -39.47 8.30
C GLN A 64 20.72 -38.59 8.28
N GLY A 65 21.29 -38.35 9.47
CA GLY A 65 22.63 -37.76 9.58
C GLY A 65 22.73 -36.27 9.26
N VAL A 66 21.58 -35.62 9.17
CA VAL A 66 21.53 -34.19 8.81
C VAL A 66 20.60 -33.43 9.76
N ARG A 67 20.82 -32.12 9.85
CA ARG A 67 19.89 -31.27 10.59
C ARG A 67 18.74 -30.88 9.68
N HIS A 68 17.55 -30.90 10.24
CA HIS A 68 16.34 -30.47 9.52
C HIS A 68 15.93 -29.15 10.16
N MSE A 69 16.26 -28.07 9.48
CA MSE A 69 16.19 -26.74 10.09
C MSE A 69 14.78 -26.35 10.51
O MSE A 69 14.56 -25.89 11.64
CB MSE A 69 16.83 -25.68 9.18
CG MSE A 69 18.30 -25.92 8.81
SE MSE A 69 19.48 -26.38 10.36
CE MSE A 69 19.53 -24.65 11.28
N SER A 70 13.79 -26.55 9.62
CA SER A 70 12.40 -26.19 9.94
CA SER A 70 12.42 -26.19 9.96
C SER A 70 11.91 -26.94 11.18
N MSE A 71 12.26 -28.22 11.28
CA MSE A 71 11.85 -29.05 12.39
C MSE A 71 12.49 -28.52 13.69
O MSE A 71 11.81 -28.45 14.71
CB MSE A 71 12.27 -30.50 12.13
CG MSE A 71 11.87 -31.47 13.20
SE MSE A 71 9.95 -31.64 13.39
CE MSE A 71 9.45 -31.92 11.56
N GLU A 72 13.77 -28.18 13.64
CA GLU A 72 14.41 -27.59 14.83
C GLU A 72 13.68 -26.31 15.24
N SER A 73 13.36 -25.50 14.25
CA SER A 73 12.71 -24.21 14.49
C SER A 73 11.34 -24.35 15.14
N LEU A 74 10.57 -25.32 14.66
CA LEU A 74 9.26 -25.61 15.24
C LEU A 74 9.34 -26.02 16.72
N TYR A 75 10.37 -26.80 17.04
CA TYR A 75 10.62 -27.19 18.43
C TYR A 75 11.02 -25.98 19.27
N GLU A 76 11.88 -25.13 18.71
CA GLU A 76 12.31 -23.92 19.41
C GLU A 76 11.13 -23.02 19.76
N TYR A 77 10.07 -23.03 18.96
CA TYR A 77 8.87 -22.25 19.33
C TYR A 77 8.38 -22.64 20.73
N GLY A 78 8.39 -23.94 21.03
CA GLY A 78 7.85 -24.43 22.31
C GLY A 78 8.66 -23.91 23.51
N SER A 79 9.98 -23.93 23.38
CA SER A 79 10.86 -23.52 24.47
C SER A 79 11.02 -21.99 24.56
N ARG A 80 10.93 -21.30 23.43
CA ARG A 80 11.09 -19.83 23.38
C ARG A 80 9.82 -19.09 23.78
N ALA A 81 8.67 -19.56 23.32
CA ALA A 81 7.42 -18.78 23.39
C ALA A 81 6.24 -19.54 23.96
N GLY A 82 6.02 -20.76 23.46
CA GLY A 82 4.83 -21.53 23.83
C GLY A 82 4.82 -21.78 25.33
N VAL A 83 5.96 -22.16 25.89
CA VAL A 83 6.00 -22.55 27.31
C VAL A 83 5.56 -21.39 28.22
N TRP A 84 6.01 -20.18 27.92
CA TRP A 84 5.71 -19.04 28.77
C TRP A 84 4.23 -18.66 28.68
N ARG A 85 3.67 -18.69 27.47
CA ARG A 85 2.23 -18.51 27.27
C ARG A 85 1.42 -19.46 28.18
N LEU A 86 1.84 -20.72 28.20
CA LEU A 86 1.13 -21.73 28.96
C LEU A 86 1.30 -21.59 30.47
N LEU A 87 2.51 -21.27 30.91
CA LEU A 87 2.73 -21.02 32.34
C LEU A 87 1.88 -19.85 32.81
N LYS A 88 1.80 -18.79 32.00
CA LYS A 88 0.97 -17.63 32.35
C LYS A 88 -0.50 -18.03 32.48
N LEU A 89 -0.96 -18.89 31.58
CA LEU A 89 -2.34 -19.37 31.61
C LEU A 89 -2.66 -20.10 32.91
N PHE A 90 -1.81 -21.06 33.26
CA PHE A 90 -2.07 -21.85 34.46
C PHE A 90 -1.93 -21.03 35.75
N LYS A 91 -1.07 -20.02 35.73
CA LYS A 91 -0.97 -19.10 36.87
C LYS A 91 -2.23 -18.24 36.98
N ARG A 92 -2.64 -17.67 35.85
CA ARG A 92 -3.85 -16.83 35.74
C ARG A 92 -5.11 -17.58 36.24
N ARG A 93 -5.22 -18.86 35.87
CA ARG A 93 -6.39 -19.69 36.23
C ARG A 93 -6.20 -20.42 37.56
N ASN A 94 -5.00 -20.30 38.13
CA ASN A 94 -4.68 -20.91 39.42
C ASN A 94 -4.87 -22.42 39.39
N VAL A 95 -4.37 -23.05 38.34
CA VAL A 95 -4.52 -24.50 38.16
C VAL A 95 -3.13 -25.14 38.17
N PRO A 96 -2.91 -26.16 39.02
CA PRO A 96 -1.58 -26.76 39.08
C PRO A 96 -1.32 -27.72 37.91
N LEU A 97 -0.05 -27.82 37.54
CA LEU A 97 0.39 -28.73 36.49
C LEU A 97 1.28 -29.81 37.08
N THR A 98 1.27 -30.96 36.43
CA THR A 98 2.41 -31.86 36.48
C THR A 98 3.15 -31.66 35.16
N VAL A 99 4.44 -31.40 35.25
CA VAL A 99 5.26 -31.21 34.06
C VAL A 99 5.99 -32.51 33.80
N PHE A 100 5.78 -33.09 32.62
CA PHE A 100 6.57 -34.26 32.19
C PHE A 100 7.84 -33.72 31.55
N ALA A 101 8.89 -33.57 32.37
CA ALA A 101 10.12 -32.92 31.95
C ALA A 101 11.19 -33.89 31.43
N VAL A 102 11.55 -33.75 30.15
CA VAL A 102 12.68 -34.49 29.60
C VAL A 102 13.96 -33.88 30.17
N ALA A 103 14.80 -34.70 30.80
CA ALA A 103 15.96 -34.15 31.51
C ALA A 103 16.93 -33.35 30.61
N MSE A 104 17.24 -33.84 29.41
CA MSE A 104 18.09 -33.06 28.51
C MSE A 104 17.46 -31.71 28.18
O MSE A 104 18.13 -30.68 28.16
CB MSE A 104 18.44 -33.81 27.22
CG MSE A 104 19.26 -32.94 26.27
SE MSE A 104 19.68 -33.76 24.57
CE MSE A 104 21.22 -34.83 25.13
N ALA A 105 16.14 -31.71 27.92
CA ALA A 105 15.42 -30.47 27.62
C ALA A 105 15.52 -29.50 28.78
N ALA A 106 15.33 -30.03 29.99
CA ALA A 106 15.44 -29.24 31.22
C ALA A 106 16.82 -28.58 31.38
N GLN A 107 17.87 -29.37 31.18
CA GLN A 107 19.26 -28.91 31.22
C GLN A 107 19.49 -27.71 30.34
N ARG A 108 18.81 -27.71 29.18
CA ARG A 108 19.03 -26.67 28.16
C ARG A 108 18.25 -25.39 28.42
N ASN A 109 17.30 -25.44 29.34
CA ASN A 109 16.49 -24.26 29.69
C ASN A 109 16.19 -24.22 31.18
N PRO A 110 17.24 -24.11 32.02
CA PRO A 110 17.04 -24.17 33.47
C PRO A 110 16.12 -23.08 34.01
N GLU A 111 16.10 -21.91 33.37
CA GLU A 111 15.24 -20.81 33.84
CA GLU A 111 15.24 -20.81 33.84
C GLU A 111 13.76 -21.19 33.79
N VAL A 112 13.34 -21.92 32.76
CA VAL A 112 11.94 -22.29 32.68
C VAL A 112 11.62 -23.33 33.75
N ILE A 113 12.57 -24.23 34.00
CA ILE A 113 12.39 -25.20 35.10
C ILE A 113 12.22 -24.48 36.44
N ARG A 114 13.09 -23.49 36.71
CA ARG A 114 12.98 -22.70 37.93
CA ARG A 114 12.98 -22.68 37.92
C ARG A 114 11.61 -22.02 38.04
N ALA A 115 11.11 -21.46 36.93
CA ALA A 115 9.79 -20.81 36.93
C ALA A 115 8.65 -21.80 37.24
N MSE A 116 8.76 -23.00 36.67
CA MSE A 116 7.80 -24.08 36.93
C MSE A 116 7.79 -24.44 38.41
O MSE A 116 6.72 -24.57 39.01
CB MSE A 116 8.14 -25.30 36.09
CG MSE A 116 7.80 -25.14 34.61
SE MSE A 116 8.77 -26.47 33.59
CE MSE A 116 7.92 -26.17 31.85
N VAL A 117 8.97 -24.56 39.02
CA VAL A 117 9.09 -24.89 40.44
C VAL A 117 8.52 -23.74 41.29
N ALA A 118 8.85 -22.50 40.90
CA ALA A 118 8.36 -21.31 41.60
C ALA A 118 6.84 -21.23 41.62
N ASP A 119 6.21 -21.70 40.55
CA ASP A 119 4.75 -21.66 40.42
C ASP A 119 4.06 -22.86 41.08
N GLY A 120 4.86 -23.74 41.65
CA GLY A 120 4.36 -24.84 42.47
C GLY A 120 4.03 -26.11 41.70
N HIS A 121 4.40 -26.14 40.42
CA HIS A 121 4.10 -27.33 39.59
C HIS A 121 5.03 -28.48 39.94
N GLU A 122 4.52 -29.70 39.79
CA GLU A 122 5.31 -30.89 40.01
C GLU A 122 6.25 -31.07 38.83
N ILE A 123 7.51 -31.42 39.12
CA ILE A 123 8.41 -31.82 38.03
C ILE A 123 8.52 -33.35 38.02
N CYS A 124 7.89 -33.96 37.04
CA CYS A 124 7.89 -35.42 36.87
C CYS A 124 8.94 -35.76 35.82
N SER A 125 9.61 -36.91 35.96
CA SER A 125 10.60 -37.30 34.95
C SER A 125 9.92 -37.78 33.69
N HIS A 126 10.35 -37.26 32.54
CA HIS A 126 9.87 -37.74 31.23
C HIS A 126 11.03 -38.41 30.49
N GLY A 127 12.01 -38.91 31.26
CA GLY A 127 13.18 -39.60 30.73
C GLY A 127 14.33 -38.65 30.41
N TYR A 128 15.50 -39.20 30.11
CA TYR A 128 16.66 -38.38 29.82
C TYR A 128 16.57 -37.76 28.43
N ARG A 129 16.12 -38.57 27.47
CA ARG A 129 16.03 -38.19 26.06
C ARG A 129 14.60 -38.36 25.58
N TRP A 130 14.17 -37.53 24.64
CA TRP A 130 12.82 -37.73 24.08
C TRP A 130 12.99 -38.54 22.79
N ILE A 131 13.12 -39.85 22.97
CA ILE A 131 13.37 -40.79 21.89
C ILE A 131 12.60 -42.08 22.19
N ASP A 132 12.56 -42.98 21.21
CA ASP A 132 11.87 -44.25 21.36
CA ASP A 132 11.88 -44.26 21.35
C ASP A 132 12.74 -45.25 22.09
N TYR A 133 12.21 -45.83 23.17
CA TYR A 133 12.95 -46.83 23.98
C TYR A 133 12.60 -48.29 23.69
N GLN A 134 11.74 -48.51 22.69
CA GLN A 134 11.25 -49.85 22.33
C GLN A 134 12.40 -50.85 22.28
N TYR A 135 13.45 -50.48 21.59
CA TYR A 135 14.54 -51.41 21.25
C TYR A 135 15.82 -51.19 22.06
N MSE A 136 15.78 -50.24 22.99
CA MSE A 136 16.96 -49.90 23.79
C MSE A 136 17.36 -51.01 24.77
O MSE A 136 16.52 -51.58 25.47
CB MSE A 136 16.72 -48.58 24.54
CG MSE A 136 17.54 -48.44 25.82
SE MSE A 136 18.28 -46.68 26.03
CE MSE A 136 18.95 -46.54 24.15
N ASP A 137 18.66 -51.32 24.83
CA ASP A 137 19.15 -52.33 25.76
C ASP A 137 18.93 -51.88 27.20
N GLU A 138 18.68 -52.85 28.07
CA GLU A 138 18.40 -52.60 29.48
C GLU A 138 19.47 -51.75 30.18
N ALA A 139 20.75 -52.08 29.95
CA ALA A 139 21.84 -51.33 30.57
C ALA A 139 21.78 -49.83 30.24
N GLN A 140 21.57 -49.50 28.97
CA GLN A 140 21.56 -48.12 28.56
C GLN A 140 20.29 -47.43 29.05
N GLU A 141 19.16 -48.13 29.04
CA GLU A 141 17.91 -47.57 29.55
C GLU A 141 18.04 -47.23 31.04
N ARG A 142 18.68 -48.12 31.80
CA ARG A 142 18.92 -47.89 33.23
C ARG A 142 19.80 -46.66 33.45
N GLU A 143 20.85 -46.52 32.63
CA GLU A 143 21.73 -45.36 32.78
CA GLU A 143 21.76 -45.36 32.70
C GLU A 143 21.03 -44.05 32.44
N HIS A 144 20.19 -44.05 31.41
CA HIS A 144 19.35 -42.90 31.08
C HIS A 144 18.45 -42.51 32.26
N MSE A 145 17.83 -43.51 32.88
CA MSE A 145 16.97 -43.29 34.04
C MSE A 145 17.72 -42.61 35.18
O MSE A 145 17.26 -41.60 35.72
CB MSE A 145 16.38 -44.63 34.52
CG MSE A 145 15.43 -44.48 35.70
SE MSE A 145 14.49 -46.16 36.04
CE MSE A 145 13.50 -46.23 34.31
N LEU A 146 18.87 -43.17 35.55
CA LEU A 146 19.68 -42.58 36.61
C LEU A 146 20.13 -41.16 36.29
N GLU A 147 20.49 -40.91 35.03
CA GLU A 147 20.89 -39.57 34.60
C GLU A 147 19.73 -38.58 34.66
N ALA A 148 18.54 -39.03 34.27
CA ALA A 148 17.37 -38.17 34.33
C ALA A 148 17.08 -37.77 35.78
N ILE A 149 17.14 -38.76 36.67
CA ILE A 149 16.96 -38.51 38.10
C ILE A 149 18.00 -37.51 38.61
N ARG A 150 19.28 -37.72 38.24
CA ARG A 150 20.37 -36.86 38.67
C ARG A 150 20.13 -35.43 38.23
N ILE A 151 19.87 -35.24 36.94
CA ILE A 151 19.68 -33.91 36.36
C ILE A 151 18.50 -33.19 37.00
N LEU A 152 17.37 -33.87 37.08
CA LEU A 152 16.16 -33.24 37.61
C LEU A 152 16.29 -32.87 39.08
N THR A 153 17.00 -33.71 39.84
CA THR A 153 17.31 -33.41 41.24
C THR A 153 18.16 -32.13 41.36
N GLU A 154 19.18 -32.02 40.52
CA GLU A 154 20.07 -30.85 40.53
CA GLU A 154 20.06 -30.85 40.55
C GLU A 154 19.32 -29.58 40.20
N LEU A 155 18.52 -29.63 39.13
CA LEU A 155 17.80 -28.46 38.66
C LEU A 155 16.71 -27.98 39.61
N THR A 156 16.04 -28.89 40.30
CA THR A 156 14.87 -28.55 41.11
CA THR A 156 14.89 -28.52 41.11
C THR A 156 15.12 -28.55 42.62
N GLY A 157 16.15 -29.27 43.06
CA GLY A 157 16.46 -29.43 44.47
C GLY A 157 15.87 -30.69 45.09
N GLN A 158 14.93 -31.34 44.38
CA GLN A 158 14.28 -32.56 44.87
C GLN A 158 14.23 -33.61 43.76
N ARG A 159 14.39 -34.89 44.09
CA ARG A 159 14.24 -35.93 43.08
C ARG A 159 12.79 -36.04 42.60
N PRO A 160 12.59 -36.39 41.30
CA PRO A 160 11.23 -36.66 40.83
C PRO A 160 10.65 -37.90 41.52
N VAL A 161 9.37 -37.83 41.80
CA VAL A 161 8.65 -39.00 42.37
C VAL A 161 7.73 -39.67 41.34
N GLY A 162 7.65 -39.09 40.15
CA GLY A 162 6.88 -39.69 39.07
C GLY A 162 7.73 -39.95 37.84
N TRP A 163 7.25 -40.85 36.98
CA TRP A 163 7.96 -41.23 35.76
C TRP A 163 6.99 -41.42 34.60
N TYR A 164 7.35 -40.87 33.44
CA TYR A 164 6.64 -41.15 32.20
C TYR A 164 7.59 -41.11 31.01
N THR A 165 7.83 -42.26 30.38
CA THR A 165 8.64 -42.26 29.14
C THR A 165 7.83 -41.89 27.90
N GLY A 166 6.67 -42.54 27.75
CA GLY A 166 5.84 -42.39 26.56
C GLY A 166 6.14 -43.57 25.66
N ARG A 167 7.19 -43.43 24.85
CA ARG A 167 7.60 -44.50 23.94
C ARG A 167 8.44 -45.55 24.67
N THR A 168 7.76 -46.35 25.49
CA THR A 168 8.37 -47.38 26.31
C THR A 168 8.84 -48.55 25.47
N GLY A 169 9.74 -49.33 26.07
CA GLY A 169 10.04 -50.68 25.62
C GLY A 169 9.55 -51.68 26.65
N PRO A 170 9.73 -52.97 26.37
CA PRO A 170 9.29 -54.02 27.30
C PRO A 170 9.92 -54.02 28.69
N ASN A 171 10.98 -53.25 28.89
CA ASN A 171 11.69 -53.15 30.17
C ASN A 171 11.41 -51.89 30.97
N THR A 172 10.82 -50.88 30.33
CA THR A 172 10.77 -49.53 30.93
C THR A 172 10.10 -49.51 32.30
N ARG A 173 8.86 -50.00 32.38
CA ARG A 173 8.11 -49.94 33.64
C ARG A 173 8.76 -50.80 34.72
N ARG A 174 9.33 -51.94 34.31
CA ARG A 174 10.04 -52.80 35.25
C ARG A 174 11.22 -52.05 35.88
N LEU A 175 12.00 -51.37 35.04
CA LEU A 175 13.15 -50.57 35.53
C LEU A 175 12.72 -49.44 36.47
N VAL A 176 11.62 -48.76 36.15
CA VAL A 176 11.07 -47.73 37.04
C VAL A 176 10.77 -48.29 38.43
N MSE A 177 10.12 -49.45 38.47
CA MSE A 177 9.75 -50.08 39.72
C MSE A 177 10.96 -50.65 40.46
O MSE A 177 11.00 -50.63 41.69
CB MSE A 177 8.69 -51.16 39.48
CG MSE A 177 7.33 -50.58 39.10
SE MSE A 177 5.94 -51.93 38.91
CE MSE A 177 5.93 -52.11 36.97
N GLU A 178 11.93 -51.13 39.69
CA GLU A 178 13.21 -51.59 40.25
C GLU A 178 14.02 -50.48 40.92
N GLU A 179 14.01 -49.27 40.33
CA GLU A 179 14.73 -48.12 40.91
C GLU A 179 14.24 -47.80 42.33
N GLY A 180 12.94 -47.90 42.54
CA GLY A 180 12.36 -47.89 43.87
C GLY A 180 11.97 -46.55 44.47
N GLY A 181 12.40 -45.46 43.83
CA GLY A 181 12.14 -44.12 44.37
C GLY A 181 10.95 -43.39 43.74
N PHE A 182 10.22 -44.08 42.85
CA PHE A 182 9.03 -43.47 42.22
C PHE A 182 7.71 -43.84 42.88
N LEU A 183 7.00 -42.84 43.37
CA LEU A 183 5.67 -43.03 43.93
C LEU A 183 4.68 -43.57 42.91
N TYR A 184 4.83 -43.12 41.66
CA TYR A 184 3.93 -43.55 40.61
C TYR A 184 4.65 -43.51 39.26
N ASP A 185 4.09 -44.22 38.29
CA ASP A 185 4.41 -43.97 36.88
C ASP A 185 3.11 -43.79 36.12
N SER A 186 3.21 -43.23 34.92
CA SER A 186 2.00 -43.00 34.10
C SER A 186 2.12 -43.58 32.70
N ASP A 187 2.98 -44.59 32.55
CA ASP A 187 3.19 -45.25 31.25
C ASP A 187 2.12 -46.33 30.95
N THR A 188 0.85 -45.98 31.17
CA THR A 188 -0.28 -46.84 30.76
C THR A 188 -1.42 -45.95 30.28
N TYR A 189 -2.40 -46.58 29.62
CA TYR A 189 -3.56 -45.86 29.03
C TYR A 189 -4.78 -46.73 29.27
N ASP A 190 -4.80 -47.40 30.43
CA ASP A 190 -5.65 -48.60 30.62
C ASP A 190 -6.80 -48.42 31.61
N ASP A 191 -6.96 -47.22 32.15
CA ASP A 191 -8.02 -46.98 33.12
C ASP A 191 -8.36 -45.52 33.34
N ASP A 192 -9.45 -45.34 34.09
CA ASP A 192 -9.96 -44.03 34.50
C ASP A 192 -9.63 -43.71 35.95
N LEU A 193 -8.89 -44.59 36.62
CA LEU A 193 -8.50 -44.41 38.01
C LEU A 193 -7.09 -44.93 38.21
N PRO A 194 -6.41 -44.44 39.27
CA PRO A 194 -5.14 -45.07 39.62
C PRO A 194 -5.38 -46.49 40.11
N TYR A 195 -4.35 -47.31 40.08
CA TYR A 195 -4.40 -48.64 40.67
C TYR A 195 -2.99 -49.08 41.02
N TRP A 196 -2.89 -50.03 41.93
CA TRP A 196 -1.59 -50.58 42.31
C TRP A 196 -1.14 -51.60 41.27
N ASP A 197 0.08 -51.42 40.76
CA ASP A 197 0.62 -52.36 39.77
C ASP A 197 0.64 -53.79 40.34
N PRO A 198 0.27 -54.80 39.52
CA PRO A 198 0.34 -56.20 39.98
C PRO A 198 1.70 -56.61 40.58
N ALA A 199 2.77 -55.93 40.19
CA ALA A 199 4.11 -56.21 40.72
C ALA A 199 4.37 -55.66 42.13
N SER A 200 3.44 -54.84 42.66
CA SER A 200 3.52 -54.27 44.00
C SER A 200 3.66 -55.34 45.08
N THR A 201 4.39 -54.99 46.13
CA THR A 201 4.47 -55.81 47.33
C THR A 201 4.17 -54.92 48.53
N ALA A 202 3.99 -55.53 49.71
CA ALA A 202 3.79 -54.77 50.94
C ALA A 202 4.94 -53.77 51.14
N GLU A 203 6.16 -54.25 50.97
CA GLU A 203 7.36 -53.43 51.17
C GLU A 203 7.59 -52.39 50.08
N LYS A 204 7.24 -52.73 48.83
CA LYS A 204 7.39 -51.85 47.68
C LYS A 204 6.10 -51.75 46.85
N PRO A 205 5.09 -51.01 47.36
CA PRO A 205 3.92 -50.78 46.49
C PRO A 205 4.24 -49.80 45.37
N HIS A 206 3.67 -50.02 44.19
CA HIS A 206 3.89 -49.07 43.12
C HIS A 206 2.57 -48.68 42.48
N LEU A 207 2.30 -47.38 42.47
CA LEU A 207 1.05 -46.88 41.94
C LEU A 207 1.12 -46.54 40.45
N VAL A 208 0.09 -46.91 39.72
CA VAL A 208 -0.05 -46.51 38.31
C VAL A 208 -1.11 -45.45 38.22
N ILE A 209 -0.79 -44.32 37.56
CA ILE A 209 -1.76 -43.28 37.32
C ILE A 209 -1.88 -43.17 35.78
N PRO A 210 -2.89 -43.83 35.19
CA PRO A 210 -3.00 -43.89 33.72
C PRO A 210 -3.05 -42.52 33.08
N TYR A 211 -2.38 -42.39 31.96
CA TYR A 211 -2.30 -41.16 31.20
C TYR A 211 -3.21 -41.31 29.97
N THR A 212 -2.97 -40.54 28.91
CA THR A 212 -3.93 -40.44 27.80
C THR A 212 -3.23 -40.08 26.49
N LEU A 213 -3.74 -40.66 25.41
CA LEU A 213 -3.36 -40.21 24.06
C LEU A 213 -4.55 -39.61 23.32
N ASP A 214 -5.72 -39.55 23.96
CA ASP A 214 -6.93 -39.02 23.30
C ASP A 214 -7.30 -37.58 23.71
N THR A 215 -7.33 -37.32 25.02
CA THR A 215 -7.54 -35.94 25.49
C THR A 215 -6.17 -35.30 25.64
N ASN A 216 -5.53 -35.11 24.48
CA ASN A 216 -4.12 -34.81 24.39
C ASN A 216 -3.93 -33.95 23.13
N ASP A 217 -3.24 -32.80 23.27
CA ASP A 217 -3.06 -31.91 22.13
C ASP A 217 -2.10 -32.49 21.05
N MSE A 218 -1.47 -33.63 21.31
CA MSE A 218 -0.63 -34.25 20.28
C MSE A 218 -1.49 -34.51 19.03
O MSE A 218 -0.98 -34.48 17.89
CB MSE A 218 -0.02 -35.56 20.76
CG MSE A 218 -1.08 -36.59 21.09
SE MSE A 218 -0.34 -38.18 21.91
CE MSE A 218 1.15 -37.42 22.96
N ARG A 219 -2.79 -34.69 19.23
CA ARG A 219 -3.72 -35.00 18.15
CA ARG A 219 -3.72 -34.98 18.14
C ARG A 219 -3.94 -33.81 17.18
N PHE A 220 -3.51 -32.59 17.56
CA PHE A 220 -3.51 -31.46 16.62
C PHE A 220 -2.52 -31.65 15.47
N THR A 221 -1.56 -32.57 15.63
CA THR A 221 -0.55 -32.75 14.58
C THR A 221 -0.40 -34.20 14.11
N GLN A 222 -1.36 -35.04 14.48
CA GLN A 222 -1.36 -36.43 14.00
CA GLN A 222 -1.34 -36.41 13.99
C GLN A 222 -2.36 -36.55 12.87
N VAL A 223 -2.23 -37.59 12.06
N VAL A 223 -2.19 -37.63 12.08
CA VAL A 223 -3.17 -37.76 10.96
CA VAL A 223 -2.95 -37.89 10.85
C VAL A 223 -4.62 -37.76 11.50
C VAL A 223 -4.46 -37.76 11.03
N GLN A 224 -5.48 -36.98 10.83
N GLN A 224 -5.03 -38.52 11.96
CA GLN A 224 -6.92 -36.94 11.11
CA GLN A 224 -6.34 -38.11 12.40
C GLN A 224 -7.32 -36.27 12.45
C GLN A 224 -6.11 -37.13 13.52
N GLY A 225 -6.31 -35.85 13.21
CA GLY A 225 -6.40 -34.90 14.34
C GLY A 225 -7.32 -33.70 14.30
N PHE A 226 -7.57 -33.14 15.48
CA PHE A 226 -8.37 -31.93 15.65
C PHE A 226 -7.97 -30.87 14.61
N ASN A 227 -8.94 -30.31 13.87
CA ASN A 227 -8.71 -29.20 12.89
C ASN A 227 -8.45 -27.88 13.64
N ASN A 228 -9.07 -27.73 14.79
CA ASN A 228 -9.02 -26.46 15.51
C ASN A 228 -9.43 -26.58 16.96
N GLY A 229 -9.37 -25.44 17.67
CA GLY A 229 -9.59 -25.44 19.11
C GLY A 229 -11.01 -25.79 19.52
N GLU A 230 -11.98 -25.33 18.75
CA GLU A 230 -13.37 -25.65 19.04
C GLU A 230 -13.54 -27.17 19.17
N GLN A 231 -12.92 -27.92 18.26
CA GLN A 231 -13.10 -29.37 18.27
C GLN A 231 -12.46 -29.99 19.52
N PHE A 232 -11.29 -29.47 19.88
CA PHE A 232 -10.58 -29.90 21.09
C PHE A 232 -11.37 -29.58 22.33
N PHE A 233 -11.90 -28.36 22.40
CA PHE A 233 -12.75 -27.96 23.52
C PHE A 233 -13.95 -28.90 23.65
N GLN A 234 -14.64 -29.16 22.54
CA GLN A 234 -15.80 -30.08 22.61
C GLN A 234 -15.42 -31.48 23.10
N TYR A 235 -14.29 -31.98 22.62
CA TYR A 235 -13.75 -33.27 23.02
C TYR A 235 -13.52 -33.32 24.55
N LEU A 236 -12.83 -32.33 25.07
CA LEU A 236 -12.57 -32.26 26.52
C LEU A 236 -13.87 -32.07 27.33
N LYS A 237 -14.75 -31.18 26.84
CA LYS A 237 -16.06 -30.95 27.46
C LYS A 237 -16.84 -32.26 27.57
N ASP A 238 -16.90 -33.02 26.49
CA ASP A 238 -17.65 -34.28 26.52
C ASP A 238 -17.07 -35.25 27.55
N ALA A 239 -15.75 -35.36 27.61
CA ALA A 239 -15.09 -36.24 28.56
C ALA A 239 -15.43 -35.79 29.99
N PHE A 240 -15.32 -34.48 30.21
CA PHE A 240 -15.68 -33.91 31.51
C PHE A 240 -17.14 -34.21 31.86
N ASP A 241 -18.05 -33.96 30.91
CA ASP A 241 -19.49 -34.10 31.19
C ASP A 241 -19.83 -35.54 31.56
N VAL A 242 -19.33 -36.49 30.78
CA VAL A 242 -19.61 -37.89 31.04
C VAL A 242 -19.06 -38.31 32.40
N LEU A 243 -17.79 -37.99 32.66
CA LEU A 243 -17.20 -38.36 33.95
C LEU A 243 -17.84 -37.67 35.15
N TYR A 244 -18.18 -36.39 35.00
CA TYR A 244 -18.79 -35.62 36.08
C TYR A 244 -20.16 -36.21 36.48
N GLU A 245 -20.93 -36.64 35.47
CA GLU A 245 -22.19 -37.35 35.72
C GLU A 245 -21.93 -38.69 36.41
N GLU A 246 -20.95 -39.46 35.92
CA GLU A 246 -20.57 -40.71 36.62
C GLU A 246 -20.23 -40.43 38.08
N GLY A 247 -19.60 -39.27 38.31
CA GLY A 247 -19.05 -38.90 39.61
C GLY A 247 -20.11 -38.57 40.63
N ALA A 248 -21.38 -38.52 40.21
CA ALA A 248 -22.49 -38.44 41.17
C ALA A 248 -22.49 -39.66 42.08
N THR A 249 -21.95 -40.78 41.58
CA THR A 249 -21.90 -42.01 42.38
C THR A 249 -20.52 -42.65 42.39
N ALA A 250 -19.75 -42.44 41.32
CA ALA A 250 -18.46 -43.13 41.18
C ALA A 250 -17.45 -42.24 40.48
N PRO A 251 -16.83 -41.31 41.22
CA PRO A 251 -15.86 -40.39 40.63
C PRO A 251 -14.65 -41.07 40.01
N LYS A 252 -14.16 -40.46 38.92
CA LYS A 252 -12.99 -40.95 38.20
C LYS A 252 -12.01 -39.78 38.05
N MSE A 253 -11.01 -39.96 37.18
CA MSE A 253 -10.11 -38.88 36.85
C MSE A 253 -9.98 -38.74 35.33
O MSE A 253 -10.33 -39.66 34.57
CB MSE A 253 -8.71 -39.07 37.48
CG MSE A 253 -7.96 -40.26 36.92
SE MSE A 253 -6.11 -40.44 37.59
CE MSE A 253 -5.34 -38.89 36.57
N LEU A 254 -9.47 -37.59 34.92
CA LEU A 254 -9.24 -37.30 33.51
C LEU A 254 -7.88 -36.61 33.38
N SER A 255 -7.03 -37.12 32.49
CA SER A 255 -5.75 -36.45 32.21
C SER A 255 -5.94 -35.61 30.96
N ILE A 256 -5.28 -34.45 30.93
CA ILE A 256 -5.27 -33.59 29.74
C ILE A 256 -3.81 -33.34 29.39
N GLY A 257 -3.37 -33.89 28.26
CA GLY A 257 -1.97 -33.84 27.85
C GLY A 257 -1.70 -32.63 26.96
N LEU A 258 -0.60 -31.94 27.24
CA LEU A 258 -0.27 -30.67 26.59
C LEU A 258 1.19 -30.61 26.18
N HIS A 259 1.49 -29.93 25.07
CA HIS A 259 2.88 -29.74 24.63
C HIS A 259 3.12 -28.26 24.31
N CYS A 260 4.29 -27.77 24.71
CA CYS A 260 4.63 -26.36 24.61
C CYS A 260 4.61 -25.87 23.15
N ARG A 261 5.15 -26.68 22.24
CA ARG A 261 5.21 -26.30 20.83
C ARG A 261 3.87 -26.42 20.10
N LEU A 262 2.90 -27.08 20.73
CA LEU A 262 1.61 -27.33 20.11
C LEU A 262 0.56 -26.39 20.66
N ILE A 263 0.05 -26.66 21.87
CA ILE A 263 -1.02 -25.82 22.45
C ILE A 263 -0.48 -24.45 22.91
N GLY A 264 0.84 -24.32 22.90
CA GLY A 264 1.50 -23.02 23.12
C GLY A 264 1.23 -22.01 22.01
N ARG A 265 0.77 -22.48 20.85
CA ARG A 265 0.37 -21.57 19.76
C ARG A 265 -0.93 -20.91 20.16
N PRO A 266 -1.05 -19.59 19.93
CA PRO A 266 -2.27 -18.88 20.33
C PRO A 266 -3.55 -19.45 19.69
N ALA A 267 -3.46 -19.95 18.46
CA ALA A 267 -4.65 -20.54 17.84
C ALA A 267 -5.24 -21.70 18.63
N ARG A 268 -4.41 -22.43 19.36
CA ARG A 268 -4.87 -23.61 20.08
C ARG A 268 -5.12 -23.33 21.56
N MSE A 269 -4.42 -22.33 22.10
CA MSE A 269 -4.51 -22.09 23.54
C MSE A 269 -5.91 -21.61 23.98
O MSE A 269 -6.32 -21.89 25.11
CB MSE A 269 -3.47 -21.05 23.99
CG MSE A 269 -3.21 -21.09 25.49
SE MSE A 269 -2.86 -19.30 26.23
CE MSE A 269 -4.71 -18.66 26.14
N ALA A 270 -6.62 -20.92 23.09
CA ALA A 270 -7.96 -20.42 23.40
C ALA A 270 -8.89 -21.51 23.94
N ALA A 271 -8.91 -22.65 23.25
CA ALA A 271 -9.74 -23.79 23.61
C ALA A 271 -9.38 -24.36 24.98
N LEU A 272 -8.08 -24.37 25.27
CA LEU A 272 -7.61 -24.88 26.55
C LEU A 272 -8.12 -23.98 27.67
N GLU A 273 -7.97 -22.68 27.51
CA GLU A 273 -8.46 -21.75 28.52
C GLU A 273 -9.98 -21.88 28.69
N ARG A 274 -10.69 -22.04 27.58
CA ARG A 274 -12.15 -22.21 27.61
C ARG A 274 -12.52 -23.44 28.42
N PHE A 275 -11.76 -24.53 28.21
CA PHE A 275 -12.04 -25.74 28.94
C PHE A 275 -11.79 -25.57 30.44
N ILE A 276 -10.68 -24.92 30.79
CA ILE A 276 -10.38 -24.67 32.20
C ILE A 276 -11.52 -23.89 32.83
N GLN A 277 -11.95 -22.83 32.16
CA GLN A 277 -13.05 -22.00 32.67
C GLN A 277 -14.33 -22.83 32.80
N TYR A 278 -14.60 -23.67 31.81
CA TYR A 278 -15.79 -24.54 31.85
C TYR A 278 -15.75 -25.44 33.08
N ALA A 279 -14.62 -26.10 33.30
CA ALA A 279 -14.44 -26.98 34.45
C ALA A 279 -14.60 -26.21 35.76
N GLN A 280 -13.97 -25.05 35.82
CA GLN A 280 -14.03 -24.21 37.03
C GLN A 280 -15.42 -23.69 37.37
N SER A 281 -16.29 -23.64 36.36
CA SER A 281 -17.69 -23.19 36.54
C SER A 281 -18.55 -24.25 37.24
N HIS A 282 -18.01 -25.45 37.40
CA HIS A 282 -18.68 -26.54 38.14
C HIS A 282 -18.13 -26.66 39.56
N ASP A 283 -19.01 -26.97 40.50
CA ASP A 283 -18.49 -27.29 41.82
CA ASP A 283 -18.62 -27.36 41.86
C ASP A 283 -18.00 -28.75 41.87
N LYS A 284 -17.27 -29.08 42.93
CA LYS A 284 -16.79 -30.46 43.11
C LYS A 284 -15.87 -30.95 41.96
N VAL A 285 -14.94 -30.08 41.56
CA VAL A 285 -13.89 -30.47 40.62
C VAL A 285 -12.53 -30.31 41.32
N TRP A 286 -11.74 -31.39 41.35
CA TRP A 286 -10.43 -31.34 41.98
C TRP A 286 -9.35 -31.23 40.88
N PHE A 287 -8.67 -30.08 40.82
CA PHE A 287 -7.56 -29.89 39.88
C PHE A 287 -6.29 -30.30 40.62
N ALA A 288 -5.65 -31.37 40.16
CA ALA A 288 -4.57 -32.04 40.91
C ALA A 288 -3.28 -32.20 40.14
N ARG A 289 -2.17 -32.23 40.88
CA ARG A 289 -0.92 -32.73 40.31
CA ARG A 289 -0.90 -32.73 40.34
C ARG A 289 -0.93 -34.25 40.46
N ARG A 290 -0.24 -34.94 39.54
CA ARG A 290 -0.18 -36.42 39.62
C ARG A 290 0.38 -36.93 40.96
N GLU A 291 1.43 -36.27 41.45
CA GLU A 291 1.99 -36.63 42.77
C GLU A 291 0.95 -36.47 43.90
N ASP A 292 0.07 -35.48 43.77
CA ASP A 292 -0.98 -35.28 44.78
C ASP A 292 -2.01 -36.40 44.69
N ILE A 293 -2.32 -36.83 43.48
CA ILE A 293 -3.19 -37.99 43.30
C ILE A 293 -2.50 -39.21 43.95
N ALA A 294 -1.19 -39.35 43.74
CA ALA A 294 -0.45 -40.50 44.24
C ALA A 294 -0.46 -40.51 45.78
N ARG A 295 -0.18 -39.34 46.37
CA ARG A 295 -0.20 -39.21 47.84
CA ARG A 295 -0.18 -39.26 47.83
C ARG A 295 -1.57 -39.52 48.42
N HIS A 296 -2.59 -39.06 47.71
CA HIS A 296 -3.97 -39.30 48.11
C HIS A 296 -4.27 -40.79 48.09
N TRP A 297 -3.85 -41.48 47.03
CA TRP A 297 -4.13 -42.91 46.92
C TRP A 297 -3.43 -43.71 48.02
N HIS A 298 -2.20 -43.35 48.35
CA HIS A 298 -1.48 -44.01 49.45
C HIS A 298 -2.25 -43.90 50.76
N ARG A 299 -2.87 -42.75 50.99
CA ARG A 299 -3.60 -42.49 52.22
C ARG A 299 -4.99 -43.13 52.26
N GLU A 300 -5.73 -42.97 51.16
N GLU A 300 -5.72 -43.02 51.16
CA GLU A 300 -7.12 -43.39 51.06
CA GLU A 300 -7.12 -43.45 51.13
C GLU A 300 -7.22 -44.89 50.75
C GLU A 300 -7.35 -44.86 50.61
N HIS A 301 -6.38 -45.37 49.83
CA HIS A 301 -6.47 -46.73 49.31
C HIS A 301 -5.11 -47.42 49.33
N PRO A 302 -4.52 -47.58 50.54
CA PRO A 302 -3.18 -48.15 50.61
C PRO A 302 -3.16 -49.55 50.03
N PHE A 303 -2.02 -49.97 49.49
CA PHE A 303 -1.88 -51.28 48.90
C PHE A 303 -2.12 -52.35 49.98
N GLN A 304 -2.81 -53.43 49.61
CA GLN A 304 -3.03 -54.53 50.55
C GLN A 304 -2.83 -55.90 49.90
N ASP B 4 28.73 -24.39 22.79
CA ASP B 4 28.84 -24.84 21.36
C ASP B 4 27.48 -24.99 20.69
N TYR B 5 26.47 -25.32 21.47
CA TYR B 5 25.15 -25.70 20.96
C TYR B 5 24.51 -24.60 20.10
N PRO B 6 24.40 -24.82 18.78
CA PRO B 6 24.03 -23.72 17.87
C PRO B 6 22.55 -23.26 17.83
N ARG B 7 21.67 -23.92 18.58
CA ARG B 7 20.25 -23.57 18.59
C ARG B 7 19.95 -22.65 19.74
N ASP B 8 19.08 -21.66 19.51
CA ASP B 8 18.62 -20.79 20.58
C ASP B 8 17.23 -21.20 21.04
N LEU B 9 17.19 -22.01 22.10
CA LEU B 9 15.94 -22.53 22.66
C LEU B 9 15.27 -21.52 23.58
N ILE B 10 16.01 -20.48 23.93
CA ILE B 10 15.63 -19.57 25.01
C ILE B 10 14.97 -18.31 24.46
N GLY B 11 15.60 -17.70 23.45
CA GLY B 11 15.02 -16.51 22.84
C GLY B 11 14.87 -15.36 23.84
N TYR B 12 13.71 -14.71 23.80
CA TYR B 12 13.41 -13.60 24.72
C TYR B 12 13.03 -14.09 26.12
N GLY B 13 12.83 -15.41 26.27
CA GLY B 13 12.37 -15.99 27.54
C GLY B 13 11.05 -15.36 27.94
N ASN B 14 10.90 -15.05 29.22
CA ASN B 14 9.67 -14.46 29.74
C ASN B 14 9.65 -12.94 29.60
N ASN B 15 10.60 -12.39 28.82
CA ASN B 15 10.72 -10.93 28.69
C ASN B 15 10.79 -10.43 27.25
N PRO B 16 9.76 -10.74 26.45
CA PRO B 16 9.76 -10.24 25.08
C PRO B 16 9.60 -8.72 25.08
N PRO B 17 10.20 -8.04 24.09
CA PRO B 17 10.13 -6.58 24.02
C PRO B 17 8.73 -6.14 23.59
N HIS B 18 8.33 -4.94 23.99
CA HIS B 18 7.09 -4.35 23.48
C HIS B 18 7.41 -3.80 22.08
N PRO B 19 6.68 -4.25 21.04
CA PRO B 19 7.07 -3.81 19.68
C PRO B 19 6.69 -2.35 19.35
N HIS B 20 5.82 -1.76 20.16
CA HIS B 20 5.30 -0.41 19.90
C HIS B 20 4.90 -0.27 18.43
N TRP B 21 3.93 -1.09 18.03
CA TRP B 21 3.49 -1.11 16.64
C TRP B 21 2.89 0.25 16.26
N PRO B 22 2.96 0.60 14.97
CA PRO B 22 2.24 1.80 14.52
C PRO B 22 0.80 1.82 15.02
N GLY B 23 0.33 3.00 15.39
CA GLY B 23 -1.02 3.15 15.94
C GLY B 23 -1.17 2.55 17.34
N ASP B 24 -0.04 2.24 17.97
CA ASP B 24 -0.01 1.47 19.21
C ASP B 24 -0.88 0.23 19.10
N ALA B 25 -0.78 -0.46 17.97
CA ALA B 25 -1.64 -1.63 17.73
C ALA B 25 -1.42 -2.74 18.76
N ARG B 26 -2.51 -3.43 19.12
CA ARG B 26 -2.44 -4.56 20.07
C ARG B 26 -1.95 -5.83 19.39
N ILE B 27 -1.94 -5.82 18.05
CA ILE B 27 -1.54 -7.00 17.28
C ILE B 27 -1.14 -6.53 15.89
N ALA B 28 -0.10 -7.14 15.33
CA ALA B 28 0.25 -6.93 13.93
C ALA B 28 -0.10 -8.20 13.18
N LEU B 29 -0.76 -8.04 12.04
CA LEU B 29 -1.13 -9.16 11.17
C LEU B 29 -0.31 -9.07 9.89
N SER B 30 0.31 -10.19 9.52
CA SER B 30 1.06 -10.27 8.27
C SER B 30 0.40 -11.32 7.37
N PHE B 31 -0.41 -10.85 6.41
CA PHE B 31 -0.95 -11.76 5.37
C PHE B 31 0.08 -11.97 4.28
N VAL B 32 0.36 -13.24 3.97
CA VAL B 32 1.41 -13.61 3.05
C VAL B 32 0.80 -14.44 1.93
N LEU B 33 0.96 -13.99 0.70
CA LEU B 33 0.49 -14.75 -0.45
C LEU B 33 1.66 -15.41 -1.16
N ASN B 34 1.67 -16.74 -1.16
CA ASN B 34 2.71 -17.47 -1.87
C ASN B 34 2.38 -17.51 -3.35
N TYR B 35 3.38 -17.28 -4.19
CA TYR B 35 3.18 -17.42 -5.62
C TYR B 35 4.23 -18.39 -6.15
N GLU B 36 3.82 -19.65 -6.34
CA GLU B 36 4.74 -20.75 -6.62
C GLU B 36 4.45 -21.47 -7.93
N GLU B 37 3.21 -21.28 -8.40
CA GLU B 37 2.69 -21.97 -9.57
C GLU B 37 3.47 -21.62 -10.83
N GLY B 38 4.05 -22.64 -11.48
CA GLY B 38 4.97 -22.43 -12.60
C GLY B 38 6.43 -22.57 -12.18
N GLY B 39 6.67 -22.73 -10.87
CA GLY B 39 8.02 -22.96 -10.34
C GLY B 39 8.19 -24.29 -9.64
N GLU B 40 7.09 -25.06 -9.54
CA GLU B 40 7.06 -26.30 -8.75
C GLU B 40 7.79 -27.43 -9.48
N ARG B 41 7.83 -28.63 -8.88
CA ARG B 41 8.46 -29.77 -9.56
C ARG B 41 7.73 -30.16 -10.83
N CYS B 42 8.47 -30.25 -11.92
CA CYS B 42 7.93 -30.66 -13.22
C CYS B 42 9.08 -30.98 -14.14
N VAL B 43 8.97 -32.08 -14.89
CA VAL B 43 10.00 -32.41 -15.87
C VAL B 43 10.19 -31.29 -16.91
N LEU B 44 9.14 -30.49 -17.12
CA LEU B 44 9.20 -29.32 -18.03
C LEU B 44 10.08 -28.21 -17.45
N HIS B 45 10.29 -28.26 -16.14
CA HIS B 45 11.07 -27.24 -15.43
C HIS B 45 12.51 -27.69 -15.20
N GLY B 46 12.85 -28.89 -15.69
CA GLY B 46 14.18 -29.47 -15.48
C GLY B 46 14.31 -30.44 -14.31
N ASP B 47 13.20 -30.72 -13.62
CA ASP B 47 13.22 -31.65 -12.49
C ASP B 47 13.12 -33.11 -12.95
N LYS B 48 13.44 -34.02 -12.03
CA LYS B 48 13.49 -35.48 -12.24
C LYS B 48 12.11 -36.13 -12.11
N GLU B 49 11.16 -35.38 -11.53
CA GLU B 49 9.88 -35.95 -11.09
C GLU B 49 8.80 -34.86 -11.09
N SER B 50 7.55 -35.30 -11.08
CA SER B 50 6.41 -34.38 -10.95
C SER B 50 6.22 -33.93 -9.51
N GLU B 51 5.40 -32.90 -9.33
CA GLU B 51 5.08 -32.35 -8.02
C GLU B 51 4.16 -33.30 -7.25
N ALA B 52 4.19 -33.23 -5.92
CA ALA B 52 3.31 -34.06 -5.09
C ALA B 52 2.69 -33.29 -3.94
N PHE B 53 3.21 -32.08 -3.68
CA PHE B 53 2.82 -31.31 -2.50
C PHE B 53 1.70 -30.30 -2.72
N LEU B 54 0.95 -30.02 -1.66
CA LEU B 54 0.01 -28.89 -1.64
C LEU B 54 -0.92 -28.82 -2.85
N SER B 55 -1.73 -29.85 -3.01
CA SER B 55 -2.79 -29.84 -4.01
C SER B 55 -3.92 -30.67 -3.45
N GLU B 56 -5.05 -30.68 -4.16
CA GLU B 56 -6.22 -31.48 -3.81
C GLU B 56 -5.93 -32.98 -3.72
N MSE B 57 -4.87 -33.43 -4.39
CA MSE B 57 -4.49 -34.84 -4.34
C MSE B 57 -3.62 -35.04 -3.11
O MSE B 57 -2.40 -35.06 -3.20
CB MSE B 57 -3.76 -35.25 -5.62
CG MSE B 57 -4.57 -34.98 -6.87
SE MSE B 57 -3.70 -35.63 -8.48
CE MSE B 57 -3.64 -37.56 -8.05
N VAL B 58 -4.27 -35.18 -1.96
CA VAL B 58 -3.56 -35.21 -0.67
C VAL B 58 -2.65 -36.44 -0.54
N ALA B 59 -3.00 -37.53 -1.20
CA ALA B 59 -2.20 -38.77 -1.15
C ALA B 59 -1.20 -38.91 -2.30
N ALA B 60 -1.00 -37.84 -3.08
CA ALA B 60 -0.12 -37.91 -4.26
C ALA B 60 1.35 -38.14 -3.93
N GLN B 61 2.01 -38.91 -4.80
CA GLN B 61 3.45 -39.12 -4.73
C GLN B 61 4.07 -38.57 -6.04
N PRO B 62 5.34 -38.19 -5.99
CA PRO B 62 6.02 -37.75 -7.21
C PRO B 62 6.14 -38.90 -8.19
N LEU B 63 5.99 -38.63 -9.47
CA LEU B 63 6.15 -39.64 -10.50
C LEU B 63 7.49 -39.38 -11.19
N GLN B 64 8.33 -40.42 -11.26
CA GLN B 64 9.67 -40.26 -11.82
C GLN B 64 9.67 -40.12 -13.36
N GLY B 65 10.25 -39.02 -13.84
CA GLY B 65 10.57 -38.88 -15.25
C GLY B 65 9.42 -38.66 -16.20
N VAL B 66 8.22 -38.45 -15.66
CA VAL B 66 7.02 -38.23 -16.47
C VAL B 66 6.21 -37.03 -15.95
N ARG B 67 5.28 -36.57 -16.78
CA ARG B 67 4.36 -35.50 -16.37
C ARG B 67 3.14 -36.11 -15.68
N HIS B 68 2.67 -35.45 -14.63
CA HIS B 68 1.43 -35.84 -13.96
C HIS B 68 0.41 -34.76 -14.29
N MSE B 69 -0.49 -35.07 -15.20
CA MSE B 69 -1.32 -34.03 -15.81
C MSE B 69 -2.27 -33.37 -14.82
O MSE B 69 -2.38 -32.12 -14.77
CB MSE B 69 -2.08 -34.56 -17.04
CG MSE B 69 -1.19 -35.17 -18.15
SE MSE B 69 0.26 -33.96 -18.73
CE MSE B 69 -0.82 -32.64 -19.73
N SER B 70 -2.95 -34.18 -14.00
CA SER B 70 -3.90 -33.62 -13.02
CA SER B 70 -3.90 -33.61 -13.04
C SER B 70 -3.19 -32.68 -12.06
N MSE B 71 -1.98 -33.05 -11.63
CA MSE B 71 -1.19 -32.23 -10.72
C MSE B 71 -0.82 -30.88 -11.40
O MSE B 71 -0.93 -29.82 -10.77
CB MSE B 71 0.06 -33.02 -10.31
CG MSE B 71 0.98 -32.30 -9.37
SE MSE B 71 0.11 -31.95 -7.63
CE MSE B 71 -0.66 -33.67 -7.34
N GLU B 72 -0.43 -30.92 -12.67
CA GLU B 72 -0.13 -29.69 -13.41
C GLU B 72 -1.36 -28.79 -13.44
N SER B 73 -2.51 -29.42 -13.69
CA SER B 73 -3.77 -28.69 -13.86
C SER B 73 -4.19 -27.97 -12.57
N LEU B 74 -4.03 -28.65 -11.44
CA LEU B 74 -4.35 -28.09 -10.15
C LEU B 74 -3.48 -26.88 -9.82
N TYR B 75 -2.20 -26.93 -10.23
CA TYR B 75 -1.32 -25.79 -10.07
C TYR B 75 -1.73 -24.63 -10.98
N GLU B 76 -2.09 -24.96 -12.21
CA GLU B 76 -2.54 -23.94 -13.16
C GLU B 76 -3.76 -23.19 -12.63
N TYR B 77 -4.61 -23.85 -11.84
CA TYR B 77 -5.76 -23.13 -11.26
C TYR B 77 -5.27 -21.89 -10.48
N GLY B 78 -4.17 -22.02 -9.75
CA GLY B 78 -3.68 -20.92 -8.91
C GLY B 78 -3.20 -19.72 -9.71
N SER B 79 -2.51 -19.99 -10.80
CA SER B 79 -1.97 -18.93 -11.66
C SER B 79 -3.02 -18.34 -12.63
N ARG B 80 -3.98 -19.16 -13.06
CA ARG B 80 -5.04 -18.72 -13.98
C ARG B 80 -6.16 -17.96 -13.27
N ALA B 81 -6.58 -18.47 -12.11
CA ALA B 81 -7.82 -18.01 -11.50
C ALA B 81 -7.71 -17.64 -10.04
N GLY B 82 -7.06 -18.48 -9.25
CA GLY B 82 -7.03 -18.29 -7.79
C GLY B 82 -6.35 -16.97 -7.44
N VAL B 83 -5.26 -16.65 -8.14
CA VAL B 83 -4.47 -15.49 -7.79
C VAL B 83 -5.28 -14.19 -7.96
N TRP B 84 -6.03 -14.11 -9.05
CA TRP B 84 -6.83 -12.92 -9.33
C TRP B 84 -7.95 -12.74 -8.32
N ARG B 85 -8.60 -13.84 -7.93
CA ARG B 85 -9.63 -13.79 -6.88
C ARG B 85 -9.05 -13.18 -5.59
N LEU B 86 -7.87 -13.64 -5.22
CA LEU B 86 -7.23 -13.19 -4.00
C LEU B 86 -6.75 -11.75 -4.08
N LEU B 87 -6.22 -11.35 -5.23
CA LEU B 87 -5.78 -9.96 -5.35
C LEU B 87 -6.99 -9.03 -5.26
N LYS B 88 -8.13 -9.48 -5.81
CA LYS B 88 -9.34 -8.66 -5.74
C LYS B 88 -9.80 -8.54 -4.28
N LEU B 89 -9.68 -9.61 -3.53
CA LEU B 89 -10.09 -9.61 -2.12
C LEU B 89 -9.27 -8.61 -1.31
N PHE B 90 -7.95 -8.66 -1.47
CA PHE B 90 -7.08 -7.80 -0.68
C PHE B 90 -7.18 -6.34 -1.07
N LYS B 91 -7.47 -6.08 -2.35
CA LYS B 91 -7.77 -4.72 -2.80
C LYS B 91 -9.10 -4.23 -2.20
N ARG B 92 -10.13 -5.08 -2.28
CA ARG B 92 -11.48 -4.78 -1.77
C ARG B 92 -11.44 -4.46 -0.26
N ARG B 93 -10.66 -5.24 0.49
CA ARG B 93 -10.54 -5.05 1.94
C ARG B 93 -9.44 -4.04 2.32
N ASN B 94 -8.67 -3.58 1.33
CA ASN B 94 -7.58 -2.62 1.56
C ASN B 94 -6.56 -3.14 2.56
N VAL B 95 -6.12 -4.37 2.35
CA VAL B 95 -5.13 -5.00 3.23
C VAL B 95 -3.89 -5.34 2.40
N PRO B 96 -2.71 -4.87 2.84
CA PRO B 96 -1.48 -5.13 2.08
C PRO B 96 -1.00 -6.56 2.26
N LEU B 97 -0.35 -7.09 1.23
CA LEU B 97 0.25 -8.42 1.28
C LEU B 97 1.76 -8.30 1.17
N THR B 98 2.42 -9.30 1.73
CA THR B 98 3.75 -9.67 1.27
C THR B 98 3.57 -10.90 0.41
N VAL B 99 4.08 -10.84 -0.80
CA VAL B 99 4.01 -11.98 -1.71
C VAL B 99 5.33 -12.75 -1.64
N PHE B 100 5.28 -14.03 -1.27
CA PHE B 100 6.47 -14.90 -1.35
C PHE B 100 6.55 -15.44 -2.79
N ALA B 101 7.27 -14.72 -3.66
CA ALA B 101 7.30 -15.02 -5.08
C ALA B 101 8.46 -15.93 -5.48
N VAL B 102 8.13 -17.12 -6.00
CA VAL B 102 9.15 -17.98 -6.59
C VAL B 102 9.56 -17.37 -7.92
N ALA B 103 10.86 -17.15 -8.11
CA ALA B 103 11.34 -16.39 -9.28
C ALA B 103 10.93 -17.02 -10.62
N MSE B 104 11.05 -18.34 -10.76
CA MSE B 104 10.63 -18.99 -12.00
C MSE B 104 9.12 -18.81 -12.24
O MSE B 104 8.70 -18.53 -13.36
CB MSE B 104 11.00 -20.48 -12.04
CG MSE B 104 10.40 -21.18 -13.26
SE MSE B 104 10.75 -23.10 -13.37
CE MSE B 104 12.59 -23.00 -14.08
N ALA B 105 8.31 -18.95 -11.18
CA ALA B 105 6.87 -18.73 -11.27
C ALA B 105 6.58 -17.32 -11.75
N ALA B 106 7.25 -16.34 -11.14
CA ALA B 106 7.11 -14.94 -11.52
C ALA B 106 7.45 -14.73 -13.00
N GLN B 107 8.54 -15.32 -13.46
CA GLN B 107 8.99 -15.23 -14.86
C GLN B 107 7.90 -15.66 -15.82
N ARG B 108 7.15 -16.67 -15.40
CA ARG B 108 6.17 -17.30 -16.29
C ARG B 108 4.84 -16.55 -16.31
N ASN B 109 4.64 -15.64 -15.35
CA ASN B 109 3.43 -14.82 -15.30
C ASN B 109 3.72 -13.36 -14.92
N PRO B 110 4.46 -12.65 -15.79
CA PRO B 110 4.88 -11.30 -15.41
C PRO B 110 3.72 -10.35 -15.19
N GLU B 111 2.58 -10.57 -15.82
CA GLU B 111 1.43 -9.68 -15.67
CA GLU B 111 1.45 -9.67 -15.65
C GLU B 111 0.87 -9.71 -14.24
N VAL B 112 0.86 -10.88 -13.62
CA VAL B 112 0.37 -10.92 -12.24
C VAL B 112 1.34 -10.22 -11.31
N ILE B 113 2.63 -10.36 -11.57
CA ILE B 113 3.64 -9.66 -10.77
C ILE B 113 3.43 -8.14 -10.86
N ARG B 114 3.23 -7.65 -12.09
CA ARG B 114 2.97 -6.24 -12.30
CA ARG B 114 2.95 -6.24 -12.33
C ARG B 114 1.72 -5.80 -11.53
N ALA B 115 0.66 -6.61 -11.56
CA ALA B 115 -0.57 -6.28 -10.85
C ALA B 115 -0.34 -6.23 -9.33
N MSE B 116 0.48 -7.14 -8.82
CA MSE B 116 0.84 -7.16 -7.40
C MSE B 116 1.59 -5.90 -7.00
O MSE B 116 1.31 -5.30 -5.97
CB MSE B 116 1.69 -8.37 -7.08
CG MSE B 116 0.91 -9.68 -7.11
SE MSE B 116 2.17 -11.16 -7.27
CE MSE B 116 0.92 -12.62 -6.82
N VAL B 117 2.55 -5.49 -7.84
CA VAL B 117 3.30 -4.25 -7.62
C VAL B 117 2.35 -3.03 -7.67
N ALA B 118 1.46 -3.01 -8.65
CA ALA B 118 0.49 -1.91 -8.83
C ALA B 118 -0.36 -1.71 -7.60
N ASP B 119 -0.72 -2.82 -6.95
CA ASP B 119 -1.55 -2.81 -5.75
C ASP B 119 -0.76 -2.54 -4.47
N GLY B 120 0.55 -2.36 -4.61
CA GLY B 120 1.39 -1.91 -3.51
C GLY B 120 1.89 -3.02 -2.60
N HIS B 121 1.72 -4.27 -3.04
CA HIS B 121 2.20 -5.41 -2.25
C HIS B 121 3.71 -5.54 -2.34
N GLU B 122 4.31 -6.04 -1.25
CA GLU B 122 5.74 -6.32 -1.25
C GLU B 122 5.98 -7.59 -2.06
N ILE B 123 7.02 -7.56 -2.90
CA ILE B 123 7.48 -8.77 -3.55
C ILE B 123 8.73 -9.28 -2.81
N CYS B 124 8.56 -10.37 -2.07
CA CYS B 124 9.62 -11.01 -1.30
C CYS B 124 10.11 -12.21 -2.11
N SER B 125 11.41 -12.51 -2.07
CA SER B 125 11.92 -13.70 -2.74
C SER B 125 11.48 -14.98 -2.03
N HIS B 126 10.93 -15.92 -2.80
CA HIS B 126 10.62 -17.27 -2.29
C HIS B 126 11.57 -18.28 -2.97
N GLY B 127 12.74 -17.78 -3.40
CA GLY B 127 13.74 -18.63 -4.07
C GLY B 127 13.54 -18.70 -5.56
N TYR B 128 14.53 -19.26 -6.26
CA TYR B 128 14.45 -19.39 -7.72
C TYR B 128 13.46 -20.48 -8.14
N ARG B 129 13.52 -21.61 -7.45
CA ARG B 129 12.68 -22.80 -7.71
C ARG B 129 11.87 -23.16 -6.46
N TRP B 130 10.69 -23.75 -6.65
CA TRP B 130 9.91 -24.26 -5.51
C TRP B 130 10.20 -25.76 -5.37
N ILE B 131 11.35 -26.02 -4.75
CA ILE B 131 11.89 -27.36 -4.58
C ILE B 131 12.55 -27.43 -3.22
N ASP B 132 12.96 -28.64 -2.84
CA ASP B 132 13.62 -28.85 -1.57
CA ASP B 132 13.64 -28.88 -1.57
C ASP B 132 15.12 -28.55 -1.70
N TYR B 133 15.61 -27.70 -0.81
CA TYR B 133 17.04 -27.31 -0.77
C TYR B 133 17.87 -28.07 0.28
N GLN B 134 17.24 -29.02 0.98
CA GLN B 134 17.91 -29.75 2.05
C GLN B 134 19.27 -30.27 1.61
N TYR B 135 19.32 -30.87 0.43
CA TYR B 135 20.52 -31.58 -0.02
C TYR B 135 21.37 -30.84 -1.05
N MSE B 136 20.93 -29.63 -1.43
CA MSE B 136 21.65 -28.90 -2.49
C MSE B 136 23.03 -28.40 -2.02
O MSE B 136 23.17 -27.91 -0.90
CB MSE B 136 20.84 -27.74 -3.04
CG MSE B 136 21.57 -27.07 -4.20
SE MSE B 136 20.46 -25.84 -5.16
CE MSE B 136 18.96 -27.09 -5.68
N ASP B 137 24.04 -28.55 -2.88
CA ASP B 137 25.37 -28.04 -2.58
C ASP B 137 25.35 -26.51 -2.50
N GLU B 138 26.24 -25.96 -1.68
CA GLU B 138 26.30 -24.53 -1.40
C GLU B 138 26.44 -23.66 -2.66
N ALA B 139 27.30 -24.08 -3.58
CA ALA B 139 27.57 -23.30 -4.79
C ALA B 139 26.29 -23.14 -5.62
N GLN B 140 25.58 -24.25 -5.82
CA GLN B 140 24.34 -24.24 -6.58
C GLN B 140 23.25 -23.44 -5.86
N GLU B 141 23.16 -23.57 -4.54
CA GLU B 141 22.17 -22.80 -3.79
C GLU B 141 22.43 -21.28 -3.91
N ARG B 142 23.70 -20.90 -3.84
CA ARG B 142 24.09 -19.50 -4.03
C ARG B 142 23.72 -19.01 -5.44
N GLU B 143 23.96 -19.83 -6.47
CA GLU B 143 23.58 -19.50 -7.85
CA GLU B 143 23.58 -19.42 -7.82
C GLU B 143 22.07 -19.22 -7.96
N HIS B 144 21.28 -20.11 -7.35
CA HIS B 144 19.82 -19.95 -7.37
C HIS B 144 19.40 -18.65 -6.71
N MSE B 145 20.05 -18.33 -5.59
CA MSE B 145 19.75 -17.10 -4.86
C MSE B 145 20.03 -15.87 -5.71
O MSE B 145 19.20 -14.95 -5.82
CB MSE B 145 20.55 -17.06 -3.57
CG MSE B 145 20.26 -15.86 -2.69
SE MSE B 145 21.23 -15.97 -1.04
CE MSE B 145 20.32 -17.60 -0.31
N LEU B 146 21.20 -15.83 -6.34
CA LEU B 146 21.56 -14.68 -7.16
C LEU B 146 20.60 -14.51 -8.32
N GLU B 147 20.21 -15.64 -8.92
CA GLU B 147 19.27 -15.65 -10.05
C GLU B 147 17.86 -15.18 -9.62
N ALA B 148 17.43 -15.60 -8.45
CA ALA B 148 16.14 -15.15 -7.91
C ALA B 148 16.14 -13.63 -7.71
N ILE B 149 17.20 -13.12 -7.11
CA ILE B 149 17.36 -11.68 -6.95
C ILE B 149 17.31 -10.95 -8.31
N ARG B 150 18.06 -11.47 -9.29
CA ARG B 150 18.15 -10.85 -10.60
C ARG B 150 16.78 -10.81 -11.28
N ILE B 151 16.10 -11.94 -11.32
CA ILE B 151 14.78 -12.06 -11.95
C ILE B 151 13.78 -11.11 -11.28
N LEU B 152 13.69 -11.16 -9.96
CA LEU B 152 12.70 -10.35 -9.25
C LEU B 152 13.00 -8.85 -9.42
N THR B 153 14.28 -8.50 -9.45
CA THR B 153 14.67 -7.12 -9.70
C THR B 153 14.20 -6.67 -11.08
N GLU B 154 14.43 -7.50 -12.10
CA GLU B 154 14.02 -7.17 -13.47
CA GLU B 154 14.01 -7.17 -13.46
C GLU B 154 12.50 -7.00 -13.57
N LEU B 155 11.75 -7.91 -12.95
CA LEU B 155 10.30 -7.92 -13.05
C LEU B 155 9.60 -6.80 -12.31
N THR B 156 10.17 -6.35 -11.20
CA THR B 156 9.48 -5.39 -10.34
C THR B 156 10.11 -4.00 -10.38
N GLY B 157 11.38 -3.94 -10.78
CA GLY B 157 12.13 -2.68 -10.79
C GLY B 157 12.96 -2.43 -9.55
N GLN B 158 12.77 -3.26 -8.52
CA GLN B 158 13.48 -3.12 -7.24
C GLN B 158 13.88 -4.50 -6.73
N ARG B 159 15.08 -4.62 -6.15
CA ARG B 159 15.46 -5.92 -5.59
C ARG B 159 14.63 -6.27 -4.38
N PRO B 160 14.37 -7.57 -4.16
CA PRO B 160 13.69 -7.97 -2.92
C PRO B 160 14.58 -7.72 -1.69
N VAL B 161 13.94 -7.36 -0.59
CA VAL B 161 14.63 -7.13 0.68
C VAL B 161 14.29 -8.21 1.71
N GLY B 162 13.41 -9.13 1.32
CA GLY B 162 13.05 -10.28 2.14
C GLY B 162 13.33 -11.60 1.43
N TRP B 163 13.48 -12.67 2.21
CA TRP B 163 13.77 -13.99 1.68
C TRP B 163 13.01 -15.04 2.46
N TYR B 164 12.43 -16.00 1.74
CA TYR B 164 11.82 -17.18 2.35
C TYR B 164 11.90 -18.36 1.39
N THR B 165 12.76 -19.34 1.69
CA THR B 165 12.80 -20.57 0.89
C THR B 165 11.66 -21.52 1.25
N GLY B 166 11.48 -21.77 2.55
CA GLY B 166 10.54 -22.78 3.04
C GLY B 166 11.33 -24.05 3.32
N ARG B 167 11.53 -24.84 2.28
CA ARG B 167 12.28 -26.11 2.41
C ARG B 167 13.78 -25.85 2.37
N THR B 168 14.27 -25.25 3.46
CA THR B 168 15.69 -24.90 3.60
C THR B 168 16.57 -26.13 3.76
N GLY B 169 17.86 -25.92 3.53
CA GLY B 169 18.87 -26.84 4.00
C GLY B 169 19.71 -26.13 5.05
N PRO B 170 20.71 -26.82 5.59
CA PRO B 170 21.58 -26.27 6.65
C PRO B 170 22.39 -25.02 6.28
N ASN B 171 22.47 -24.68 4.99
CA ASN B 171 23.21 -23.50 4.51
C ASN B 171 22.34 -22.29 4.15
N THR B 172 21.04 -22.51 3.99
CA THR B 172 20.16 -21.51 3.37
C THR B 172 20.21 -20.14 4.05
N ARG B 173 19.95 -20.10 5.35
CA ARG B 173 19.88 -18.80 6.05
C ARG B 173 21.25 -18.13 6.15
N ARG B 174 22.30 -18.93 6.28
CA ARG B 174 23.66 -18.41 6.25
C ARG B 174 23.94 -17.70 4.91
N LEU B 175 23.55 -18.33 3.80
CA LEU B 175 23.75 -17.72 2.48
C LEU B 175 22.97 -16.42 2.31
N VAL B 176 21.74 -16.39 2.84
CA VAL B 176 20.91 -15.18 2.80
C VAL B 176 21.63 -14.04 3.53
N MSE B 177 22.15 -14.34 4.72
CA MSE B 177 22.84 -13.36 5.53
C MSE B 177 24.18 -12.94 4.90
O MSE B 177 24.58 -11.78 5.00
CB MSE B 177 23.02 -13.87 6.95
CG MSE B 177 21.70 -13.87 7.72
SE MSE B 177 21.87 -14.41 9.58
CE MSE B 177 21.34 -16.26 9.40
N GLU B 178 24.83 -13.88 4.23
CA GLU B 178 26.09 -13.60 3.52
C GLU B 178 25.88 -12.71 2.31
N GLU B 179 24.76 -12.88 1.61
CA GLU B 179 24.44 -12.04 0.45
C GLU B 179 24.41 -10.56 0.82
N GLY B 180 23.84 -10.24 1.98
CA GLY B 180 23.98 -8.91 2.58
C GLY B 180 22.91 -7.88 2.22
N GLY B 181 22.06 -8.20 1.25
CA GLY B 181 21.04 -7.25 0.77
C GLY B 181 19.65 -7.47 1.32
N PHE B 182 19.49 -8.44 2.21
CA PHE B 182 18.17 -8.74 2.76
C PHE B 182 17.96 -8.07 4.13
N LEU B 183 16.92 -7.25 4.23
CA LEU B 183 16.52 -6.66 5.51
C LEU B 183 16.04 -7.71 6.49
N TYR B 184 15.38 -8.73 5.97
CA TYR B 184 14.87 -9.80 6.84
C TYR B 184 14.82 -11.12 6.10
N ASP B 185 14.77 -12.23 6.84
CA ASP B 185 14.27 -13.48 6.26
C ASP B 185 13.18 -14.05 7.14
N SER B 186 12.41 -15.00 6.61
CA SER B 186 11.29 -15.56 7.39
C SER B 186 11.35 -17.08 7.46
N ASP B 187 12.57 -17.63 7.32
CA ASP B 187 12.76 -19.07 7.35
C ASP B 187 12.92 -19.62 8.78
N THR B 188 12.05 -19.16 9.68
CA THR B 188 11.95 -19.76 11.03
C THR B 188 10.47 -19.81 11.43
N TYR B 189 10.18 -20.56 12.51
CA TYR B 189 8.79 -20.77 12.99
C TYR B 189 8.85 -20.76 14.50
N ASP B 190 9.74 -19.90 15.01
CA ASP B 190 10.26 -20.03 16.37
C ASP B 190 9.81 -18.94 17.36
N ASP B 191 8.98 -18.00 16.91
CA ASP B 191 8.57 -16.94 17.81
C ASP B 191 7.32 -16.20 17.32
N ASP B 192 6.83 -15.34 18.20
CA ASP B 192 5.66 -14.49 17.98
C ASP B 192 6.08 -13.05 17.70
N LEU B 193 7.39 -12.80 17.67
CA LEU B 193 7.94 -11.47 17.41
C LEU B 193 9.17 -11.56 16.52
N PRO B 194 9.50 -10.47 15.79
CA PRO B 194 10.80 -10.42 15.13
C PRO B 194 11.92 -10.45 16.16
N TYR B 195 13.11 -10.85 15.73
CA TYR B 195 14.29 -10.75 16.58
C TYR B 195 15.53 -10.66 15.70
N TRP B 196 16.63 -10.20 16.29
CA TRP B 196 17.89 -10.13 15.54
C TRP B 196 18.59 -11.48 15.55
N ASP B 197 18.92 -12.00 14.37
CA ASP B 197 19.62 -13.27 14.30
C ASP B 197 20.91 -13.20 15.16
N PRO B 198 21.20 -14.28 15.93
CA PRO B 198 22.46 -14.33 16.71
C PRO B 198 23.72 -14.06 15.88
N ALA B 199 23.65 -14.26 14.57
CA ALA B 199 24.80 -13.99 13.69
C ALA B 199 24.99 -12.51 13.33
N SER B 200 24.05 -11.67 13.76
CA SER B 200 24.09 -10.22 13.52
C SER B 200 25.33 -9.57 14.11
N THR B 201 25.84 -8.56 13.41
CA THR B 201 26.90 -7.70 13.92
C THR B 201 26.40 -6.26 13.81
N ALA B 202 27.09 -5.33 14.47
CA ALA B 202 26.75 -3.91 14.37
C ALA B 202 26.79 -3.47 12.91
N GLU B 203 27.77 -3.96 12.18
CA GLU B 203 27.98 -3.65 10.77
C GLU B 203 26.88 -4.28 9.88
N LYS B 204 26.52 -5.53 10.18
CA LYS B 204 25.55 -6.27 9.39
C LYS B 204 24.49 -6.94 10.28
N PRO B 205 23.53 -6.15 10.79
CA PRO B 205 22.43 -6.82 11.53
C PRO B 205 21.50 -7.55 10.60
N HIS B 206 20.98 -8.69 11.03
CA HIS B 206 19.99 -9.36 10.20
C HIS B 206 18.75 -9.72 11.00
N LEU B 207 17.61 -9.24 10.51
CA LEU B 207 16.36 -9.42 11.22
C LEU B 207 15.67 -10.70 10.79
N VAL B 208 15.12 -11.41 11.77
CA VAL B 208 14.29 -12.58 11.53
C VAL B 208 12.83 -12.22 11.82
N ILE B 209 11.95 -12.50 10.86
CA ILE B 209 10.51 -12.32 11.08
C ILE B 209 9.88 -13.71 10.93
N PRO B 210 9.65 -14.40 12.07
CA PRO B 210 9.17 -15.80 11.99
C PRO B 210 7.87 -15.93 11.23
N TYR B 211 7.76 -17.01 10.48
CA TYR B 211 6.59 -17.30 9.67
C TYR B 211 5.78 -18.41 10.38
N THR B 212 4.96 -19.13 9.62
CA THR B 212 3.99 -20.07 10.23
C THR B 212 3.70 -21.25 9.32
N LEU B 213 3.48 -22.41 9.94
CA LEU B 213 2.92 -23.56 9.24
C LEU B 213 1.55 -23.94 9.81
N ASP B 214 1.08 -23.20 10.83
CA ASP B 214 -0.22 -23.54 11.45
C ASP B 214 -1.39 -22.64 11.01
N THR B 215 -1.19 -21.32 11.04
CA THR B 215 -2.22 -20.39 10.51
C THR B 215 -1.92 -20.19 9.04
N ASN B 216 -2.16 -21.26 8.28
CA ASN B 216 -1.60 -21.39 6.94
C ASN B 216 -2.53 -22.31 6.18
N ASP B 217 -2.99 -21.86 5.01
CA ASP B 217 -3.93 -22.67 4.24
C ASP B 217 -3.33 -23.95 3.65
N MSE B 218 -2.01 -24.14 3.76
CA MSE B 218 -1.43 -25.41 3.29
C MSE B 218 -2.12 -26.57 4.03
O MSE B 218 -2.22 -27.69 3.52
CB MSE B 218 0.08 -25.45 3.54
CG MSE B 218 0.40 -25.31 5.01
SE MSE B 218 2.29 -25.16 5.38
CE MSE B 218 2.95 -26.72 4.40
N ARG B 219 -2.61 -26.28 5.24
CA ARG B 219 -3.25 -27.32 6.07
CA ARG B 219 -3.25 -27.31 6.05
C ARG B 219 -4.59 -27.81 5.50
N PHE B 220 -5.15 -27.11 4.49
CA PHE B 220 -6.34 -27.63 3.80
C PHE B 220 -6.04 -28.89 2.98
N THR B 221 -4.78 -29.11 2.67
CA THR B 221 -4.43 -30.25 1.81
C THR B 221 -3.40 -31.20 2.43
N GLN B 222 -3.13 -31.04 3.72
CA GLN B 222 -2.21 -31.93 4.44
CA GLN B 222 -2.21 -31.95 4.41
C GLN B 222 -2.98 -33.01 5.21
N VAL B 223 -2.27 -34.07 5.60
CA VAL B 223 -2.91 -35.22 6.27
C VAL B 223 -3.51 -34.88 7.64
N GLN B 224 -3.14 -33.73 8.19
CA GLN B 224 -3.86 -33.12 9.31
C GLN B 224 -4.00 -31.66 8.94
N GLY B 225 -5.19 -31.09 9.14
CA GLY B 225 -5.40 -29.67 8.87
C GLY B 225 -6.87 -29.28 8.96
N PHE B 226 -7.40 -28.70 7.87
CA PHE B 226 -8.75 -28.20 7.80
C PHE B 226 -9.46 -28.84 6.63
N ASN B 227 -10.74 -29.11 6.79
CA ASN B 227 -11.54 -29.61 5.67
C ASN B 227 -12.56 -28.57 5.18
N ASN B 228 -12.80 -27.52 5.96
CA ASN B 228 -13.62 -26.43 5.44
C ASN B 228 -13.26 -25.05 5.99
N GLY B 229 -13.90 -24.02 5.42
CA GLY B 229 -13.55 -22.66 5.77
C GLY B 229 -13.91 -22.25 7.18
N GLU B 230 -15.02 -22.77 7.67
CA GLU B 230 -15.45 -22.44 9.02
C GLU B 230 -14.35 -22.83 10.02
N GLN B 231 -13.71 -23.98 9.79
CA GLN B 231 -12.67 -24.46 10.70
C GLN B 231 -11.45 -23.55 10.66
N PHE B 232 -11.09 -23.11 9.45
CA PHE B 232 -9.95 -22.21 9.22
C PHE B 232 -10.24 -20.86 9.87
N PHE B 233 -11.44 -20.32 9.66
CA PHE B 233 -11.83 -19.06 10.26
C PHE B 233 -11.71 -19.17 11.80
N GLN B 234 -12.23 -20.24 12.39
CA GLN B 234 -12.19 -20.35 13.86
C GLN B 234 -10.76 -20.41 14.39
N TYR B 235 -9.92 -21.13 13.67
CA TYR B 235 -8.50 -21.25 14.00
C TYR B 235 -7.82 -19.87 14.00
N LEU B 236 -8.04 -19.11 12.94
CA LEU B 236 -7.48 -17.75 12.83
C LEU B 236 -8.07 -16.81 13.90
N LYS B 237 -9.38 -16.91 14.09
CA LYS B 237 -10.07 -16.11 15.12
C LYS B 237 -9.48 -16.37 16.50
N ASP B 238 -9.28 -17.64 16.83
CA ASP B 238 -8.70 -17.97 18.14
C ASP B 238 -7.31 -17.39 18.30
N ALA B 239 -6.48 -17.53 17.26
CA ALA B 239 -5.11 -16.97 17.28
C ALA B 239 -5.18 -15.45 17.51
N PHE B 240 -6.05 -14.80 16.74
CA PHE B 240 -6.23 -13.36 16.88
C PHE B 240 -6.67 -13.01 18.31
N ASP B 241 -7.69 -13.72 18.81
CA ASP B 241 -8.27 -13.38 20.12
C ASP B 241 -7.24 -13.49 21.23
N VAL B 242 -6.49 -14.59 21.24
CA VAL B 242 -5.47 -14.79 22.28
C VAL B 242 -4.41 -13.71 22.20
N LEU B 243 -3.90 -13.44 21.00
CA LEU B 243 -2.84 -12.44 20.86
C LEU B 243 -3.32 -11.02 21.13
N TYR B 244 -4.54 -10.71 20.69
CA TYR B 244 -5.12 -9.36 20.92
C TYR B 244 -5.30 -9.09 22.41
N GLU B 245 -5.67 -10.13 23.18
CA GLU B 245 -5.77 -10.00 24.63
C GLU B 245 -4.40 -9.84 25.25
N GLU B 246 -3.41 -10.63 24.82
CA GLU B 246 -2.03 -10.44 25.29
C GLU B 246 -1.56 -9.01 25.00
N GLY B 247 -1.99 -8.48 23.85
CA GLY B 247 -1.56 -7.18 23.37
C GLY B 247 -2.07 -5.99 24.16
N ALA B 248 -2.97 -6.24 25.12
CA ALA B 248 -3.35 -5.18 26.06
C ALA B 248 -2.10 -4.68 26.79
N THR B 249 -1.11 -5.56 26.94
CA THR B 249 0.13 -5.25 27.64
C THR B 249 1.41 -5.63 26.88
N ALA B 250 1.33 -6.63 25.99
CA ALA B 250 2.52 -7.12 25.32
C ALA B 250 2.15 -7.57 23.91
N PRO B 251 2.02 -6.61 22.98
CA PRO B 251 1.61 -6.99 21.62
C PRO B 251 2.60 -7.90 20.90
N LYS B 252 2.07 -8.75 20.02
CA LYS B 252 2.89 -9.68 19.23
C LYS B 252 2.46 -9.54 17.77
N MSE B 253 2.89 -10.48 16.92
CA MSE B 253 2.40 -10.53 15.55
C MSE B 253 1.88 -11.92 15.22
O MSE B 253 2.16 -12.89 15.92
CB MSE B 253 3.50 -10.15 14.55
CG MSE B 253 4.64 -11.16 14.50
SE MSE B 253 5.99 -10.70 13.17
CE MSE B 253 4.94 -11.24 11.56
N LEU B 254 1.10 -11.98 14.13
CA LEU B 254 0.57 -13.23 13.61
C LEU B 254 0.74 -13.24 12.10
N SER B 255 1.31 -14.34 11.57
CA SER B 255 1.39 -14.50 10.11
C SER B 255 0.22 -15.37 9.65
N ILE B 256 -0.29 -15.07 8.48
CA ILE B 256 -1.35 -15.87 7.86
C ILE B 256 -0.84 -16.23 6.47
N GLY B 257 -0.55 -17.52 6.27
CA GLY B 257 0.01 -18.01 5.01
C GLY B 257 -1.06 -18.47 4.04
N LEU B 258 -0.92 -18.07 2.77
CA LEU B 258 -1.93 -18.31 1.74
C LEU B 258 -1.29 -18.81 0.45
N HIS B 259 -2.00 -19.68 -0.27
CA HIS B 259 -1.54 -20.15 -1.58
C HIS B 259 -2.63 -19.97 -2.63
N CYS B 260 -2.24 -19.52 -3.82
CA CYS B 260 -3.20 -19.17 -4.87
C CYS B 260 -4.06 -20.35 -5.29
N ARG B 261 -3.41 -21.51 -5.42
CA ARG B 261 -4.11 -22.73 -5.84
C ARG B 261 -5.02 -23.32 -4.76
N LEU B 262 -4.85 -22.88 -3.51
CA LEU B 262 -5.60 -23.42 -2.36
C LEU B 262 -6.73 -22.48 -1.93
N ILE B 263 -6.38 -21.39 -1.24
CA ILE B 263 -7.42 -20.48 -0.75
C ILE B 263 -8.02 -19.62 -1.88
N GLY B 264 -7.41 -19.70 -3.07
CA GLY B 264 -7.99 -19.10 -4.28
C GLY B 264 -9.26 -19.80 -4.77
N ARG B 265 -9.50 -21.02 -4.30
CA ARG B 265 -10.80 -21.69 -4.55
C ARG B 265 -11.88 -20.96 -3.76
N PRO B 266 -13.04 -20.73 -4.40
CA PRO B 266 -14.12 -19.98 -3.74
C PRO B 266 -14.61 -20.63 -2.44
N ALA B 267 -14.57 -21.97 -2.37
CA ALA B 267 -14.99 -22.67 -1.16
C ALA B 267 -14.14 -22.28 0.08
N ARG B 268 -12.88 -21.92 -0.16
CA ARG B 268 -11.96 -21.59 0.93
C ARG B 268 -11.83 -20.09 1.15
N MSE B 269 -12.05 -19.29 0.11
CA MSE B 269 -11.81 -17.86 0.22
C MSE B 269 -12.80 -17.18 1.18
O MSE B 269 -12.43 -16.19 1.83
CB MSE B 269 -11.86 -17.17 -1.15
CG MSE B 269 -11.19 -15.81 -1.15
SE MSE B 269 -12.14 -14.60 -2.36
CE MSE B 269 -13.71 -14.31 -1.24
N ALA B 270 -14.02 -17.72 1.29
CA ALA B 270 -15.05 -17.11 2.17
C ALA B 270 -14.53 -16.91 3.59
N ALA B 271 -13.90 -17.95 4.14
CA ALA B 271 -13.38 -17.90 5.51
C ALA B 271 -12.32 -16.83 5.68
N LEU B 272 -11.48 -16.69 4.66
CA LEU B 272 -10.40 -15.70 4.68
C LEU B 272 -10.99 -14.30 4.74
N GLU B 273 -11.97 -14.02 3.86
CA GLU B 273 -12.62 -12.71 3.90
C GLU B 273 -13.32 -12.47 5.25
N ARG B 274 -13.95 -13.50 5.78
CA ARG B 274 -14.62 -13.38 7.07
CA ARG B 274 -14.61 -13.39 7.09
C ARG B 274 -13.61 -13.03 8.18
N PHE B 275 -12.44 -13.69 8.15
CA PHE B 275 -11.40 -13.39 9.12
C PHE B 275 -10.88 -11.95 9.00
N ILE B 276 -10.61 -11.51 7.78
CA ILE B 276 -10.18 -10.13 7.56
C ILE B 276 -11.21 -9.16 8.14
N GLN B 277 -12.48 -9.37 7.82
CA GLN B 277 -13.55 -8.52 8.36
C GLN B 277 -13.59 -8.54 9.89
N TYR B 278 -13.41 -9.72 10.47
CA TYR B 278 -13.40 -9.86 11.93
C TYR B 278 -12.27 -9.02 12.51
N ALA B 279 -11.06 -9.21 11.97
CA ALA B 279 -9.90 -8.42 12.38
C ALA B 279 -10.18 -6.91 12.28
N GLN B 280 -10.70 -6.48 11.13
CA GLN B 280 -10.98 -5.07 10.86
C GLN B 280 -12.04 -4.44 11.78
N SER B 281 -12.87 -5.28 12.38
CA SER B 281 -13.91 -4.84 13.32
C SER B 281 -13.36 -4.48 14.70
N HIS B 282 -12.07 -4.74 14.91
CA HIS B 282 -11.37 -4.38 16.15
C HIS B 282 -10.49 -3.16 15.92
N ASP B 283 -10.42 -2.27 16.92
CA ASP B 283 -9.46 -1.16 16.95
CA ASP B 283 -9.45 -1.17 16.83
C ASP B 283 -8.06 -1.71 17.17
N LYS B 284 -7.04 -0.91 16.90
CA LYS B 284 -5.64 -1.24 17.20
CA LYS B 284 -5.67 -1.27 17.27
C LYS B 284 -5.16 -2.57 16.61
N VAL B 285 -5.47 -2.75 15.33
CA VAL B 285 -4.92 -3.86 14.55
C VAL B 285 -4.08 -3.25 13.43
N TRP B 286 -2.80 -3.64 13.36
CA TRP B 286 -1.91 -3.15 12.30
C TRP B 286 -1.78 -4.24 11.23
N PHE B 287 -2.28 -3.96 10.02
CA PHE B 287 -2.14 -4.90 8.89
C PHE B 287 -0.88 -4.46 8.14
N ALA B 288 0.14 -5.32 8.14
CA ALA B 288 1.48 -4.93 7.70
C ALA B 288 2.08 -5.83 6.63
N ARG B 289 2.95 -5.27 5.79
CA ARG B 289 3.85 -6.07 4.94
CA ARG B 289 3.82 -6.09 4.96
C ARG B 289 5.02 -6.47 5.81
N ARG B 290 5.65 -7.60 5.50
CA ARG B 290 6.84 -8.03 6.27
C ARG B 290 7.97 -7.01 6.23
N GLU B 291 8.20 -6.39 5.08
CA GLU B 291 9.20 -5.33 4.93
CA GLU B 291 9.22 -5.34 4.96
C GLU B 291 8.91 -4.15 5.87
N ASP B 292 7.63 -3.83 6.04
CA ASP B 292 7.21 -2.76 6.95
C ASP B 292 7.49 -3.11 8.41
N ILE B 293 7.22 -4.36 8.78
CA ILE B 293 7.59 -4.85 10.11
C ILE B 293 9.11 -4.72 10.28
N ALA B 294 9.85 -5.12 9.25
CA ALA B 294 11.33 -5.06 9.31
C ALA B 294 11.84 -3.63 9.45
N ARG B 295 11.33 -2.72 8.65
CA ARG B 295 11.68 -1.29 8.72
CA ARG B 295 11.78 -1.33 8.75
C ARG B 295 11.39 -0.72 10.10
N HIS B 296 10.23 -1.11 10.64
CA HIS B 296 9.79 -0.68 11.95
C HIS B 296 10.76 -1.18 13.03
N TRP B 297 11.18 -2.44 12.93
CA TRP B 297 12.09 -3.02 13.93
C TRP B 297 13.45 -2.32 13.91
N HIS B 298 13.93 -1.99 12.71
CA HIS B 298 15.20 -1.25 12.58
C HIS B 298 15.13 0.09 13.33
N ARG B 299 13.97 0.76 13.26
CA ARG B 299 13.78 2.06 13.90
CA ARG B 299 13.77 2.07 13.90
C ARG B 299 13.55 1.98 15.40
N GLU B 300 12.63 1.11 15.79
CA GLU B 300 12.13 1.01 17.16
C GLU B 300 13.05 0.15 18.05
N HIS B 301 13.67 -0.87 17.47
CA HIS B 301 14.49 -1.83 18.22
C HIS B 301 15.79 -2.15 17.51
N PRO B 302 16.65 -1.13 17.28
CA PRO B 302 17.85 -1.40 16.51
C PRO B 302 18.74 -2.41 17.20
N PHE B 303 19.50 -3.15 16.41
CA PHE B 303 20.41 -4.16 16.94
C PHE B 303 21.47 -3.50 17.82
N GLN B 304 21.81 -4.17 18.92
CA GLN B 304 22.84 -3.67 19.84
C GLN B 304 24.06 -4.58 19.86
N TYR C 5 6.96 -23.85 -23.96
CA TYR C 5 6.38 -24.31 -22.66
C TYR C 5 4.91 -24.67 -22.86
N PRO C 6 4.57 -25.97 -22.73
CA PRO C 6 3.24 -26.43 -23.12
C PRO C 6 2.07 -26.12 -22.18
N ARG C 7 2.35 -25.62 -20.98
CA ARG C 7 1.28 -25.33 -20.01
C ARG C 7 0.80 -23.91 -20.12
N ASP C 8 -0.52 -23.71 -20.02
CA ASP C 8 -1.08 -22.37 -20.00
C ASP C 8 -1.37 -21.95 -18.56
N LEU C 9 -0.42 -21.23 -17.97
CA LEU C 9 -0.55 -20.78 -16.59
C LEU C 9 -1.38 -19.50 -16.50
N ILE C 10 -1.65 -18.90 -17.65
CA ILE C 10 -2.21 -17.56 -17.71
C ILE C 10 -3.73 -17.59 -17.91
N GLY C 11 -4.19 -18.38 -18.88
CA GLY C 11 -5.63 -18.50 -19.11
C GLY C 11 -6.22 -17.16 -19.51
N TYR C 12 -7.37 -16.83 -18.90
CA TYR C 12 -8.07 -15.58 -19.17
C TYR C 12 -7.43 -14.39 -18.43
N GLY C 13 -6.48 -14.68 -17.55
CA GLY C 13 -5.90 -13.64 -16.69
C GLY C 13 -6.98 -12.92 -15.90
N ASN C 14 -6.86 -11.61 -15.79
CA ASN C 14 -7.82 -10.81 -15.03
C ASN C 14 -9.05 -10.41 -15.86
N ASN C 15 -9.23 -11.05 -17.02
CA ASN C 15 -10.32 -10.68 -17.93
C ASN C 15 -11.13 -11.88 -18.42
N PRO C 16 -11.73 -12.64 -17.49
CA PRO C 16 -12.54 -13.76 -17.96
C PRO C 16 -13.79 -13.25 -18.67
N PRO C 17 -14.29 -14.01 -19.65
CA PRO C 17 -15.49 -13.60 -20.39
C PRO C 17 -16.73 -13.70 -19.51
N HIS C 18 -17.71 -12.84 -19.76
CA HIS C 18 -19.03 -13.02 -19.15
C HIS C 18 -19.73 -14.16 -19.92
N PRO C 19 -20.12 -15.23 -19.20
CA PRO C 19 -20.71 -16.41 -19.86
C PRO C 19 -22.14 -16.18 -20.38
N HIS C 20 -22.81 -15.15 -19.85
CA HIS C 20 -24.21 -14.89 -20.20
C HIS C 20 -25.04 -16.15 -20.11
N TRP C 21 -25.04 -16.74 -18.92
CA TRP C 21 -25.78 -17.97 -18.69
C TRP C 21 -27.27 -17.81 -18.99
N PRO C 22 -27.95 -18.90 -19.38
CA PRO C 22 -29.42 -18.86 -19.49
C PRO C 22 -30.06 -18.21 -18.26
N GLY C 23 -31.08 -17.39 -18.49
CA GLY C 23 -31.75 -16.68 -17.40
C GLY C 23 -30.89 -15.59 -16.75
N ASP C 24 -29.83 -15.19 -17.44
CA ASP C 24 -28.80 -14.30 -16.88
C ASP C 24 -28.38 -14.72 -15.47
N ALA C 25 -28.17 -16.03 -15.31
CA ALA C 25 -27.83 -16.59 -13.99
C ALA C 25 -26.53 -16.01 -13.45
N ARG C 26 -26.47 -15.81 -12.13
CA ARG C 26 -25.25 -15.35 -11.48
C ARG C 26 -24.24 -16.47 -11.27
N ILE C 27 -24.69 -17.70 -11.45
CA ILE C 27 -23.83 -18.87 -11.24
C ILE C 27 -24.44 -20.04 -12.00
N ALA C 28 -23.59 -20.88 -12.57
CA ALA C 28 -24.03 -22.16 -13.13
C ALA C 28 -23.51 -23.27 -12.23
N LEU C 29 -24.39 -24.19 -11.89
CA LEU C 29 -24.01 -25.35 -11.08
C LEU C 29 -24.06 -26.61 -11.94
N SER C 30 -22.99 -27.37 -11.92
CA SER C 30 -22.95 -28.65 -12.62
C SER C 30 -22.81 -29.78 -11.58
N PHE C 31 -23.92 -30.44 -11.27
CA PHE C 31 -23.85 -31.67 -10.46
C PHE C 31 -23.50 -32.86 -11.33
N VAL C 32 -22.51 -33.61 -10.86
CA VAL C 32 -21.92 -34.70 -11.63
C VAL C 32 -22.01 -35.97 -10.80
N LEU C 33 -22.69 -37.00 -11.34
CA LEU C 33 -22.74 -38.29 -10.64
C LEU C 33 -21.82 -39.30 -11.33
N ASN C 34 -20.78 -39.74 -10.63
CA ASN C 34 -19.91 -40.77 -11.19
C ASN C 34 -20.56 -42.14 -11.06
N TYR C 35 -20.48 -42.94 -12.12
CA TYR C 35 -20.99 -44.30 -12.04
C TYR C 35 -19.85 -45.24 -12.45
N GLU C 36 -19.21 -45.81 -11.43
CA GLU C 36 -17.93 -46.53 -11.61
C GLU C 36 -17.98 -47.97 -11.12
N GLU C 37 -18.96 -48.24 -10.27
CA GLU C 37 -19.10 -49.53 -9.59
C GLU C 37 -19.37 -50.65 -10.59
N GLY C 38 -18.50 -51.67 -10.57
CA GLY C 38 -18.53 -52.71 -11.61
C GLY C 38 -17.46 -52.52 -12.69
N GLY C 39 -16.79 -51.37 -12.70
CA GLY C 39 -15.68 -51.10 -13.62
C GLY C 39 -14.33 -50.88 -12.97
N GLU C 40 -14.30 -50.94 -11.63
CA GLU C 40 -13.10 -50.68 -10.84
C GLU C 40 -12.09 -51.84 -10.93
N ARG C 41 -10.97 -51.75 -10.22
CA ARG C 41 -10.00 -52.85 -10.22
C ARG C 41 -10.56 -54.08 -9.54
N CYS C 42 -10.45 -55.21 -10.21
CA CYS C 42 -10.89 -56.49 -9.68
C CYS C 42 -10.34 -57.57 -10.58
N VAL C 43 -9.84 -58.65 -9.98
CA VAL C 43 -9.37 -59.80 -10.79
C VAL C 43 -10.48 -60.36 -11.69
N LEU C 44 -11.74 -60.20 -11.27
CA LEU C 44 -12.90 -60.61 -12.08
C LEU C 44 -13.09 -59.72 -13.30
N HIS C 45 -12.45 -58.57 -13.31
CA HIS C 45 -12.52 -57.62 -14.44
C HIS C 45 -11.29 -57.74 -15.34
N GLY C 46 -10.45 -58.72 -15.03
CA GLY C 46 -9.19 -58.95 -15.74
C GLY C 46 -7.99 -58.19 -15.22
N ASP C 47 -8.15 -57.51 -14.08
CA ASP C 47 -7.06 -56.73 -13.50
C ASP C 47 -6.10 -57.61 -12.72
N LYS C 48 -4.91 -57.10 -12.43
CA LYS C 48 -3.88 -57.85 -11.71
C LYS C 48 -4.06 -57.78 -10.18
N GLU C 49 -4.90 -56.85 -9.74
CA GLU C 49 -5.05 -56.54 -8.32
C GLU C 49 -6.46 -56.08 -7.99
N SER C 50 -6.79 -56.13 -6.70
CA SER C 50 -8.06 -55.58 -6.20
C SER C 50 -7.99 -54.05 -6.11
N GLU C 51 -9.15 -53.44 -5.97
CA GLU C 51 -9.27 -51.99 -5.84
C GLU C 51 -8.81 -51.53 -4.46
N ALA C 52 -8.35 -50.28 -4.39
CA ALA C 52 -7.95 -49.67 -3.12
C ALA C 52 -8.47 -48.24 -2.90
N PHE C 53 -8.96 -47.62 -3.98
CA PHE C 53 -9.28 -46.19 -4.04
C PHE C 53 -10.75 -45.95 -3.67
N LEU C 54 -11.03 -44.82 -3.02
CA LEU C 54 -12.40 -44.32 -2.82
C LEU C 54 -13.40 -45.33 -2.22
N SER C 55 -13.14 -45.71 -0.97
CA SER C 55 -14.09 -46.53 -0.24
C SER C 55 -13.94 -46.23 1.24
N GLU C 56 -14.81 -46.83 2.03
CA GLU C 56 -14.76 -46.68 3.49
C GLU C 56 -13.47 -47.22 4.09
N MSE C 57 -12.80 -48.13 3.36
CA MSE C 57 -11.50 -48.62 3.82
C MSE C 57 -10.44 -47.61 3.45
O MSE C 57 -9.76 -47.73 2.43
CB MSE C 57 -11.21 -50.01 3.25
CG MSE C 57 -12.16 -51.06 3.78
SE MSE C 57 -11.68 -52.80 3.08
CE MSE C 57 -10.04 -53.06 4.15
N VAL C 58 -10.33 -46.59 4.28
CA VAL C 58 -9.58 -45.38 3.96
C VAL C 58 -8.07 -45.60 3.97
N ALA C 59 -7.64 -46.78 4.37
CA ALA C 59 -6.21 -47.12 4.40
C ALA C 59 -5.91 -48.38 3.56
N ALA C 60 -6.85 -48.75 2.69
CA ALA C 60 -6.69 -49.97 1.86
C ALA C 60 -5.54 -49.90 0.87
N GLN C 61 -4.97 -51.06 0.59
CA GLN C 61 -3.93 -51.21 -0.43
CA GLN C 61 -3.95 -51.20 -0.45
C GLN C 61 -4.40 -52.27 -1.44
N PRO C 62 -3.94 -52.18 -2.71
CA PRO C 62 -4.33 -53.24 -3.65
C PRO C 62 -3.73 -54.58 -3.25
N LEU C 63 -4.49 -55.65 -3.42
CA LEU C 63 -4.01 -57.00 -3.15
C LEU C 63 -3.73 -57.66 -4.48
N GLN C 64 -2.52 -58.19 -4.62
CA GLN C 64 -2.10 -58.79 -5.88
C GLN C 64 -2.74 -60.16 -6.13
N GLY C 65 -3.45 -60.26 -7.25
CA GLY C 65 -3.95 -61.53 -7.78
C GLY C 65 -5.05 -62.24 -7.01
N VAL C 66 -5.65 -61.55 -6.05
CA VAL C 66 -6.71 -62.16 -5.24
C VAL C 66 -7.89 -61.20 -5.13
N ARG C 67 -9.04 -61.70 -4.68
CA ARG C 67 -10.20 -60.84 -4.44
C ARG C 67 -10.16 -60.28 -3.03
N HIS C 68 -10.54 -59.02 -2.90
CA HIS C 68 -10.65 -58.39 -1.60
C HIS C 68 -12.13 -58.21 -1.35
N MSE C 69 -12.70 -59.09 -0.54
CA MSE C 69 -14.17 -59.23 -0.48
C MSE C 69 -14.84 -57.97 0.07
O MSE C 69 -15.81 -57.49 -0.52
CB MSE C 69 -14.58 -60.49 0.32
CG MSE C 69 -14.05 -61.83 -0.22
SE MSE C 69 -14.37 -62.07 -2.18
CE MSE C 69 -16.31 -62.39 -2.12
N SER C 70 -14.32 -57.42 1.17
CA SER C 70 -14.90 -56.20 1.76
CA SER C 70 -14.92 -56.22 1.75
C SER C 70 -14.92 -55.07 0.75
N MSE C 71 -13.81 -54.94 0.00
CA MSE C 71 -13.69 -53.89 -0.99
C MSE C 71 -14.73 -54.05 -2.11
O MSE C 71 -15.39 -53.08 -2.50
CB MSE C 71 -12.27 -53.90 -1.57
CG MSE C 71 -12.02 -52.83 -2.62
SE MSE C 71 -12.18 -51.01 -1.91
CE MSE C 71 -11.24 -51.25 -0.26
N GLU C 72 -14.91 -55.28 -2.58
CA GLU C 72 -15.98 -55.56 -3.56
C GLU C 72 -17.35 -55.16 -3.03
N SER C 73 -17.60 -55.54 -1.78
CA SER C 73 -18.90 -55.28 -1.14
C SER C 73 -19.20 -53.79 -1.02
N LEU C 74 -18.18 -53.03 -0.65
CA LEU C 74 -18.35 -51.58 -0.51
C LEU C 74 -18.71 -50.93 -1.85
N TYR C 75 -18.11 -51.41 -2.93
CA TYR C 75 -18.46 -50.96 -4.28
C TYR C 75 -19.89 -51.35 -4.67
N GLU C 76 -20.27 -52.58 -4.34
CA GLU C 76 -21.64 -53.06 -4.59
C GLU C 76 -22.69 -52.17 -3.92
N TYR C 77 -22.36 -51.56 -2.77
CA TYR C 77 -23.32 -50.62 -2.15
C TYR C 77 -23.75 -49.53 -3.16
N GLY C 78 -22.79 -49.01 -3.90
CA GLY C 78 -23.06 -47.91 -4.83
C GLY C 78 -24.01 -48.32 -5.94
N SER C 79 -23.81 -49.50 -6.49
CA SER C 79 -24.63 -49.98 -7.61
C SER C 79 -25.98 -50.55 -7.14
N ARG C 80 -26.01 -51.15 -5.95
CA ARG C 80 -27.24 -51.77 -5.40
C ARG C 80 -28.20 -50.74 -4.81
N ALA C 81 -27.65 -49.80 -4.04
CA ALA C 81 -28.48 -48.93 -3.18
C ALA C 81 -28.23 -47.42 -3.36
N GLY C 82 -26.96 -47.03 -3.34
CA GLY C 82 -26.64 -45.60 -3.34
C GLY C 82 -27.14 -44.91 -4.60
N VAL C 83 -26.96 -45.55 -5.75
CA VAL C 83 -27.31 -44.91 -7.01
C VAL C 83 -28.80 -44.56 -7.03
N TRP C 84 -29.65 -45.47 -6.56
CA TRP C 84 -31.09 -45.23 -6.56
C TRP C 84 -31.50 -44.11 -5.60
N ARG C 85 -30.88 -44.07 -4.43
CA ARG C 85 -31.12 -42.99 -3.47
C ARG C 85 -30.84 -41.62 -4.13
N LEU C 86 -29.73 -41.55 -4.85
CA LEU C 86 -29.31 -40.31 -5.48
C LEU C 86 -30.17 -39.94 -6.69
N LEU C 87 -30.52 -40.93 -7.52
CA LEU C 87 -31.45 -40.64 -8.62
C LEU C 87 -32.79 -40.12 -8.11
N LYS C 88 -33.30 -40.71 -7.02
CA LYS C 88 -34.51 -40.21 -6.39
C LYS C 88 -34.37 -38.76 -5.93
N LEU C 89 -33.24 -38.42 -5.33
CA LEU C 89 -32.96 -37.07 -4.86
C LEU C 89 -33.03 -36.05 -6.01
N PHE C 90 -32.32 -36.35 -7.10
CA PHE C 90 -32.26 -35.40 -8.20
C PHE C 90 -33.59 -35.26 -8.93
N LYS C 91 -34.38 -36.34 -8.95
CA LYS C 91 -35.72 -36.26 -9.52
C LYS C 91 -36.64 -35.42 -8.63
N ARG C 92 -36.60 -35.71 -7.32
CA ARG C 92 -37.38 -34.99 -6.30
C ARG C 92 -37.09 -33.47 -6.35
N ARG C 93 -35.81 -33.10 -6.49
CA ARG C 93 -35.41 -31.68 -6.53
C ARG C 93 -35.44 -31.09 -7.94
N ASN C 94 -35.72 -31.93 -8.94
CA ASN C 94 -35.80 -31.47 -10.34
CA ASN C 94 -35.78 -31.50 -10.35
C ASN C 94 -34.49 -30.85 -10.83
N VAL C 95 -33.37 -31.48 -10.48
CA VAL C 95 -32.04 -30.97 -10.87
C VAL C 95 -31.38 -31.98 -11.83
N PRO C 96 -30.95 -31.51 -13.02
CA PRO C 96 -30.34 -32.43 -13.98
C PRO C 96 -28.93 -32.81 -13.57
N LEU C 97 -28.52 -34.00 -13.98
CA LEU C 97 -27.18 -34.51 -13.74
C LEU C 97 -26.46 -34.72 -15.06
N THR C 98 -25.13 -34.57 -15.01
CA THR C 98 -24.26 -35.25 -15.96
C THR C 98 -23.70 -36.47 -15.22
N VAL C 99 -23.86 -37.65 -15.83
CA VAL C 99 -23.34 -38.87 -15.24
C VAL C 99 -22.02 -39.19 -15.92
N PHE C 100 -20.96 -39.29 -15.12
CA PHE C 100 -19.66 -39.76 -15.65
C PHE C 100 -19.70 -41.29 -15.54
N ALA C 101 -20.14 -41.91 -16.63
CA ALA C 101 -20.39 -43.35 -16.66
C ALA C 101 -19.20 -44.15 -17.20
N VAL C 102 -18.65 -45.02 -16.35
CA VAL C 102 -17.62 -45.96 -16.79
C VAL C 102 -18.31 -47.02 -17.65
N ALA C 103 -17.82 -47.26 -18.86
CA ALA C 103 -18.53 -48.13 -19.78
C ALA C 103 -18.73 -49.56 -19.25
N MSE C 104 -17.69 -50.16 -18.66
CA MSE C 104 -17.86 -51.50 -18.11
C MSE C 104 -18.90 -51.51 -16.98
O MSE C 104 -19.73 -52.43 -16.90
CB MSE C 104 -16.53 -52.09 -17.60
CG MSE C 104 -16.75 -53.41 -16.84
SE MSE C 104 -15.13 -54.26 -16.15
CE MSE C 104 -14.47 -54.98 -17.88
N ALA C 105 -18.86 -50.50 -16.12
CA ALA C 105 -19.84 -50.38 -15.04
C ALA C 105 -21.27 -50.30 -15.62
N ALA C 106 -21.43 -49.50 -16.67
CA ALA C 106 -22.71 -49.34 -17.34
C ALA C 106 -23.24 -50.68 -17.91
N GLN C 107 -22.34 -51.41 -18.59
CA GLN C 107 -22.63 -52.75 -19.15
CA GLN C 107 -22.64 -52.73 -19.16
C GLN C 107 -23.22 -53.68 -18.11
N ARG C 108 -22.69 -53.61 -16.90
CA ARG C 108 -23.06 -54.52 -15.82
C ARG C 108 -24.36 -54.14 -15.09
N ASN C 109 -24.86 -52.93 -15.35
CA ASN C 109 -26.12 -52.50 -14.76
C ASN C 109 -26.94 -51.67 -15.73
N PRO C 110 -27.40 -52.30 -16.83
CA PRO C 110 -28.10 -51.53 -17.86
C PRO C 110 -29.40 -50.88 -17.38
N GLU C 111 -30.05 -51.46 -16.37
CA GLU C 111 -31.30 -50.88 -15.86
CA GLU C 111 -31.31 -50.88 -15.84
C GLU C 111 -31.09 -49.49 -15.27
N VAL C 112 -29.98 -49.30 -14.56
CA VAL C 112 -29.76 -47.98 -13.97
C VAL C 112 -29.41 -46.97 -15.07
N ILE C 113 -28.70 -47.42 -16.10
CA ILE C 113 -28.39 -46.55 -17.24
C ILE C 113 -29.71 -46.09 -17.88
N ARG C 114 -30.63 -47.03 -18.10
CA ARG C 114 -31.93 -46.71 -18.66
CA ARG C 114 -31.96 -46.74 -18.64
C ARG C 114 -32.68 -45.70 -17.78
N ALA C 115 -32.65 -45.91 -16.46
CA ALA C 115 -33.32 -44.97 -15.55
C ALA C 115 -32.71 -43.57 -15.64
N MSE C 116 -31.38 -43.50 -15.76
CA MSE C 116 -30.69 -42.21 -15.91
C MSE C 116 -31.13 -41.49 -17.19
O MSE C 116 -31.42 -40.29 -17.16
CB MSE C 116 -29.17 -42.40 -15.92
CG MSE C 116 -28.63 -42.81 -14.57
SE MSE C 116 -26.87 -43.61 -14.79
CE MSE C 116 -26.31 -43.62 -12.94
N VAL C 117 -31.20 -42.22 -18.30
CA VAL C 117 -31.65 -41.66 -19.57
C VAL C 117 -33.12 -41.22 -19.47
N ALA C 118 -33.97 -42.06 -18.90
CA ALA C 118 -35.39 -41.73 -18.69
C ALA C 118 -35.60 -40.43 -17.93
N ASP C 119 -34.72 -40.18 -16.96
CA ASP C 119 -34.77 -38.99 -16.11
C ASP C 119 -34.14 -37.75 -16.75
N GLY C 120 -33.63 -37.94 -17.95
CA GLY C 120 -33.14 -36.83 -18.77
C GLY C 120 -31.70 -36.44 -18.51
N HIS C 121 -30.98 -37.25 -17.74
CA HIS C 121 -29.58 -36.97 -17.41
C HIS C 121 -28.66 -37.23 -18.58
N GLU C 122 -27.58 -36.45 -18.69
CA GLU C 122 -26.57 -36.68 -19.71
C GLU C 122 -25.74 -37.92 -19.32
N ILE C 123 -25.46 -38.78 -20.31
CA ILE C 123 -24.50 -39.86 -20.09
C ILE C 123 -23.20 -39.44 -20.77
N CYS C 124 -22.23 -39.09 -19.94
CA CYS C 124 -20.88 -38.69 -20.39
C CYS C 124 -19.95 -39.90 -20.23
N SER C 125 -18.98 -40.06 -21.13
CA SER C 125 -18.04 -41.19 -20.98
C SER C 125 -17.05 -40.94 -19.85
N HIS C 126 -16.88 -41.92 -18.96
CA HIS C 126 -15.88 -41.85 -17.90
C HIS C 126 -14.84 -42.95 -18.17
N GLY C 127 -14.72 -43.31 -19.44
CA GLY C 127 -13.74 -44.31 -19.90
C GLY C 127 -14.30 -45.72 -19.88
N TYR C 128 -13.55 -46.64 -20.46
CA TYR C 128 -13.99 -48.03 -20.53
C TYR C 128 -13.87 -48.72 -19.17
N ARG C 129 -12.74 -48.48 -18.51
CA ARG C 129 -12.41 -49.06 -17.20
C ARG C 129 -12.14 -47.97 -16.19
N TRP C 130 -12.41 -48.23 -14.92
CA TRP C 130 -12.06 -47.27 -13.88
C TRP C 130 -10.72 -47.65 -13.28
N ILE C 131 -9.68 -47.24 -14.00
CA ILE C 131 -8.30 -47.58 -13.67
C ILE C 131 -7.43 -46.37 -13.97
N ASP C 132 -6.20 -46.41 -13.48
CA ASP C 132 -5.21 -45.38 -13.77
CA ASP C 132 -5.23 -45.36 -13.77
C ASP C 132 -4.67 -45.52 -15.18
N TYR C 133 -4.75 -44.43 -15.97
CA TYR C 133 -4.22 -44.40 -17.33
C TYR C 133 -2.84 -43.77 -17.47
N GLN C 134 -2.25 -43.36 -16.35
CA GLN C 134 -0.92 -42.73 -16.35
C GLN C 134 0.07 -43.55 -17.19
N TYR C 135 0.08 -44.86 -16.94
CA TYR C 135 1.05 -45.76 -17.55
C TYR C 135 0.41 -46.75 -18.52
N MSE C 136 -0.64 -46.30 -19.20
CA MSE C 136 -1.25 -47.08 -20.27
C MSE C 136 -0.66 -46.73 -21.62
O MSE C 136 -0.51 -45.54 -21.96
CB MSE C 136 -2.76 -46.87 -20.28
CG MSE C 136 -3.48 -47.71 -19.24
SE MSE C 136 -3.68 -49.50 -20.02
CE MSE C 136 -4.94 -48.93 -21.50
N ASP C 137 -0.33 -47.76 -22.37
CA ASP C 137 0.18 -47.63 -23.73
C ASP C 137 -0.83 -46.86 -24.60
N GLU C 138 -0.35 -45.98 -25.46
CA GLU C 138 -1.23 -45.14 -26.30
C GLU C 138 -2.24 -45.91 -27.16
N ALA C 139 -1.77 -46.93 -27.87
CA ALA C 139 -2.67 -47.72 -28.73
C ALA C 139 -3.76 -48.42 -27.89
N GLN C 140 -3.37 -48.90 -26.71
CA GLN C 140 -4.31 -49.55 -25.82
C GLN C 140 -5.34 -48.55 -25.28
N GLU C 141 -4.87 -47.36 -24.89
CA GLU C 141 -5.78 -46.33 -24.39
C GLU C 141 -6.78 -45.90 -25.49
N ARG C 142 -6.31 -45.80 -26.74
CA ARG C 142 -7.17 -45.46 -27.89
C ARG C 142 -8.25 -46.53 -28.06
N GLU C 143 -7.84 -47.80 -27.95
CA GLU C 143 -8.73 -48.96 -28.01
CA GLU C 143 -8.79 -48.89 -28.07
C GLU C 143 -9.83 -48.87 -26.94
N HIS C 144 -9.41 -48.57 -25.70
CA HIS C 144 -10.37 -48.42 -24.61
C HIS C 144 -11.40 -47.33 -24.90
N MSE C 145 -10.92 -46.21 -25.44
CA MSE C 145 -11.76 -45.07 -25.76
C MSE C 145 -12.81 -45.47 -26.79
O MSE C 145 -14.00 -45.15 -26.63
CB MSE C 145 -10.92 -43.93 -26.31
CG MSE C 145 -11.74 -42.70 -26.68
SE MSE C 145 -10.54 -41.27 -27.19
CE MSE C 145 -9.71 -41.03 -25.38
N LEU C 146 -12.36 -46.15 -27.85
CA LEU C 146 -13.29 -46.62 -28.88
C LEU C 146 -14.34 -47.55 -28.30
N GLU C 147 -13.91 -48.43 -27.41
CA GLU C 147 -14.83 -49.38 -26.79
C GLU C 147 -15.84 -48.70 -25.88
N ALA C 148 -15.38 -47.70 -25.12
CA ALA C 148 -16.25 -46.93 -24.23
C ALA C 148 -17.35 -46.25 -25.06
N ILE C 149 -16.95 -45.62 -26.15
CA ILE C 149 -17.89 -44.99 -27.08
C ILE C 149 -18.90 -46.02 -27.60
N ARG C 150 -18.42 -47.18 -28.05
CA ARG C 150 -19.30 -48.21 -28.61
C ARG C 150 -20.32 -48.68 -27.57
N ILE C 151 -19.84 -49.01 -26.37
CA ILE C 151 -20.73 -49.53 -25.32
C ILE C 151 -21.78 -48.49 -24.95
N LEU C 152 -21.34 -47.27 -24.65
CA LEU C 152 -22.28 -46.22 -24.26
C LEU C 152 -23.31 -45.90 -25.35
N THR C 153 -22.89 -45.91 -26.61
CA THR C 153 -23.81 -45.71 -27.73
C THR C 153 -24.86 -46.80 -27.76
N GLU C 154 -24.42 -48.06 -27.67
CA GLU C 154 -25.31 -49.21 -27.66
C GLU C 154 -26.34 -49.13 -26.53
N LEU C 155 -25.90 -48.79 -25.32
CA LEU C 155 -26.79 -48.76 -24.16
C LEU C 155 -27.80 -47.62 -24.19
N THR C 156 -27.40 -46.46 -24.69
CA THR C 156 -28.24 -45.25 -24.59
C THR C 156 -28.91 -44.87 -25.90
N GLY C 157 -28.39 -45.39 -27.02
CA GLY C 157 -28.89 -45.07 -28.34
C GLY C 157 -28.14 -43.94 -29.02
N GLN C 158 -27.32 -43.22 -28.25
CA GLN C 158 -26.58 -42.07 -28.78
C GLN C 158 -25.15 -42.08 -28.25
N ARG C 159 -24.20 -41.65 -29.06
CA ARG C 159 -22.82 -41.59 -28.58
C ARG C 159 -22.65 -40.48 -27.54
N PRO C 160 -21.74 -40.69 -26.58
CA PRO C 160 -21.42 -39.63 -25.62
C PRO C 160 -20.76 -38.46 -26.34
N VAL C 161 -21.05 -37.25 -25.88
CA VAL C 161 -20.41 -36.05 -26.41
C VAL C 161 -19.42 -35.42 -25.43
N GLY C 162 -19.33 -36.01 -24.24
CA GLY C 162 -18.37 -35.58 -23.23
C GLY C 162 -17.45 -36.71 -22.83
N TRP C 163 -16.30 -36.34 -22.28
CA TRP C 163 -15.27 -37.32 -21.85
C TRP C 163 -14.63 -36.86 -20.55
N TYR C 164 -14.48 -37.80 -19.62
CA TYR C 164 -13.72 -37.56 -18.40
C TYR C 164 -13.09 -38.88 -17.94
N THR C 165 -11.77 -38.98 -18.01
CA THR C 165 -11.08 -40.16 -17.45
C THR C 165 -10.89 -40.03 -15.94
N GLY C 166 -10.39 -38.88 -15.49
CA GLY C 166 -9.97 -38.73 -14.11
C GLY C 166 -8.48 -38.93 -14.03
N ARG C 167 -8.08 -40.20 -13.82
CA ARG C 167 -6.66 -40.54 -13.69
C ARG C 167 -6.04 -40.66 -15.08
N THR C 168 -5.83 -39.50 -15.70
CA THR C 168 -5.30 -39.39 -17.04
C THR C 168 -3.82 -39.76 -17.09
N GLY C 169 -3.36 -40.06 -18.31
CA GLY C 169 -1.93 -40.06 -18.56
C GLY C 169 -1.62 -38.93 -19.52
N PRO C 170 -0.34 -38.78 -19.88
CA PRO C 170 0.08 -37.70 -20.78
C PRO C 170 -0.53 -37.68 -22.18
N ASN C 171 -1.18 -38.78 -22.58
CA ASN C 171 -1.83 -38.86 -23.90
C ASN C 171 -3.35 -38.72 -23.92
N THR C 172 -3.99 -38.83 -22.76
CA THR C 172 -5.46 -38.98 -22.68
C THR C 172 -6.23 -37.88 -23.42
N ARG C 173 -5.95 -36.63 -23.05
CA ARG C 173 -6.71 -35.50 -23.63
C ARG C 173 -6.41 -35.35 -25.12
N ARG C 174 -5.16 -35.59 -25.50
CA ARG C 174 -4.81 -35.56 -26.92
C ARG C 174 -5.66 -36.58 -27.69
N LEU C 175 -5.75 -37.81 -27.17
CA LEU C 175 -6.58 -38.85 -27.82
C LEU C 175 -8.06 -38.48 -27.93
N VAL C 176 -8.60 -37.86 -26.87
CA VAL C 176 -9.99 -37.38 -26.88
C VAL C 176 -10.19 -36.40 -28.04
N MSE C 177 -9.27 -35.46 -28.18
CA MSE C 177 -9.36 -34.46 -29.24
C MSE C 177 -9.15 -35.07 -30.61
O MSE C 177 -9.81 -34.70 -31.59
CB MSE C 177 -8.42 -33.29 -28.96
CG MSE C 177 -8.88 -32.49 -27.76
SE MSE C 177 -7.78 -30.89 -27.43
CE MSE C 177 -6.39 -31.67 -26.30
N GLU C 178 -8.23 -36.04 -30.70
CA GLU C 178 -7.99 -36.78 -31.94
C GLU C 178 -9.21 -37.56 -32.44
N GLU C 179 -9.98 -38.13 -31.51
CA GLU C 179 -11.18 -38.89 -31.86
C GLU C 179 -12.20 -38.01 -32.59
N GLY C 180 -12.32 -36.75 -32.15
CA GLY C 180 -13.07 -35.74 -32.88
C GLY C 180 -14.58 -35.64 -32.62
N GLY C 181 -15.13 -36.56 -31.84
CA GLY C 181 -16.58 -36.60 -31.66
C GLY C 181 -17.05 -36.03 -30.34
N PHE C 182 -16.12 -35.53 -29.53
CA PHE C 182 -16.47 -34.98 -28.22
C PHE C 182 -16.61 -33.46 -28.23
N LEU C 183 -17.79 -33.00 -27.86
CA LEU C 183 -18.06 -31.57 -27.69
C LEU C 183 -17.18 -30.96 -26.60
N TYR C 184 -16.93 -31.72 -25.53
CA TYR C 184 -16.11 -31.19 -24.44
C TYR C 184 -15.40 -32.33 -23.75
N ASP C 185 -14.33 -32.01 -23.02
CA ASP C 185 -13.84 -32.93 -21.99
C ASP C 185 -13.71 -32.16 -20.70
N SER C 186 -13.58 -32.89 -19.60
CA SER C 186 -13.50 -32.25 -18.28
C SER C 186 -12.29 -32.69 -17.49
N ASP C 187 -11.27 -33.18 -18.20
CA ASP C 187 -10.05 -33.65 -17.54
C ASP C 187 -9.06 -32.52 -17.18
N THR C 188 -9.60 -31.44 -16.61
CA THR C 188 -8.73 -30.38 -16.05
C THR C 188 -9.36 -29.86 -14.76
N TYR C 189 -8.58 -29.11 -13.98
CA TYR C 189 -9.02 -28.54 -12.68
C TYR C 189 -8.52 -27.11 -12.60
N ASP C 190 -8.52 -26.43 -13.75
CA ASP C 190 -7.67 -25.25 -13.96
C ASP C 190 -8.40 -23.92 -14.06
N ASP C 191 -9.73 -23.95 -13.96
CA ASP C 191 -10.50 -22.73 -14.09
C ASP C 191 -11.90 -22.81 -13.50
N ASP C 192 -12.56 -21.65 -13.50
CA ASP C 192 -13.92 -21.47 -13.01
C ASP C 192 -14.90 -21.29 -14.18
N LEU C 193 -14.37 -21.39 -15.41
CA LEU C 193 -15.19 -21.23 -16.62
C LEU C 193 -14.71 -22.20 -17.69
N PRO C 194 -15.60 -22.51 -18.65
CA PRO C 194 -15.12 -23.25 -19.81
C PRO C 194 -14.16 -22.40 -20.62
N TYR C 195 -13.35 -23.06 -21.44
CA TYR C 195 -12.47 -22.38 -22.38
C TYR C 195 -12.14 -23.31 -23.54
N TRP C 196 -11.74 -22.72 -24.65
CA TRP C 196 -11.34 -23.51 -25.81
C TRP C 196 -9.92 -24.00 -25.62
N ASP C 197 -9.72 -25.31 -25.79
CA ASP C 197 -8.37 -25.86 -25.64
C ASP C 197 -7.40 -25.20 -26.63
N PRO C 198 -6.16 -24.89 -26.19
CA PRO C 198 -5.19 -24.33 -27.14
C PRO C 198 -5.01 -25.13 -28.44
N ALA C 199 -5.34 -26.41 -28.42
CA ALA C 199 -5.20 -27.25 -29.62
C ALA C 199 -6.33 -27.07 -30.63
N SER C 200 -7.37 -26.32 -30.25
CA SER C 200 -8.52 -26.06 -31.10
C SER C 200 -8.13 -25.38 -32.41
N THR C 201 -8.91 -25.67 -33.45
CA THR C 201 -8.81 -24.97 -34.72
C THR C 201 -10.22 -24.54 -35.12
N ALA C 202 -10.33 -23.74 -36.18
CA ALA C 202 -11.64 -23.34 -36.68
C ALA C 202 -12.44 -24.57 -37.10
N GLU C 203 -11.75 -25.50 -37.75
CA GLU C 203 -12.33 -26.74 -38.25
C GLU C 203 -12.68 -27.72 -37.13
N LYS C 204 -11.85 -27.77 -36.09
CA LYS C 204 -12.08 -28.66 -34.96
C LYS C 204 -11.83 -27.94 -33.63
N PRO C 205 -12.80 -27.11 -33.17
CA PRO C 205 -12.62 -26.56 -31.83
C PRO C 205 -12.94 -27.59 -30.74
N HIS C 206 -12.22 -27.50 -29.63
CA HIS C 206 -12.52 -28.41 -28.55
C HIS C 206 -12.68 -27.66 -27.24
N LEU C 207 -13.84 -27.81 -26.60
CA LEU C 207 -14.12 -27.09 -25.38
C LEU C 207 -13.66 -27.88 -24.16
N VAL C 208 -13.09 -27.17 -23.20
CA VAL C 208 -12.74 -27.73 -21.89
C VAL C 208 -13.73 -27.16 -20.89
N ILE C 209 -14.34 -28.06 -20.11
CA ILE C 209 -15.19 -27.66 -19.00
C ILE C 209 -14.52 -28.22 -17.73
N PRO C 210 -13.75 -27.36 -17.01
CA PRO C 210 -12.97 -27.83 -15.87
C PRO C 210 -13.85 -28.48 -14.80
N TYR C 211 -13.32 -29.52 -14.20
CA TYR C 211 -14.02 -30.28 -13.16
C TYR C 211 -13.40 -29.90 -11.80
N THR C 212 -13.50 -30.79 -10.81
CA THR C 212 -13.14 -30.42 -9.44
C THR C 212 -12.68 -31.63 -8.64
N LEU C 213 -11.69 -31.41 -7.77
CA LEU C 213 -11.37 -32.41 -6.75
C LEU C 213 -11.61 -31.86 -5.35
N ASP C 214 -12.12 -30.63 -5.24
CA ASP C 214 -12.36 -30.04 -3.92
C ASP C 214 -13.84 -30.04 -3.48
N THR C 215 -14.75 -29.60 -4.37
CA THR C 215 -16.18 -29.71 -4.08
C THR C 215 -16.65 -31.06 -4.63
N ASN C 216 -16.17 -32.10 -3.96
CA ASN C 216 -16.25 -33.45 -4.51
C ASN C 216 -16.33 -34.39 -3.30
N ASP C 217 -17.32 -35.28 -3.29
CA ASP C 217 -17.48 -36.20 -2.16
C ASP C 217 -16.38 -37.26 -2.04
N MSE C 218 -15.48 -37.34 -3.02
CA MSE C 218 -14.34 -38.25 -2.87
C MSE C 218 -13.58 -37.94 -1.57
O MSE C 218 -12.94 -38.81 -0.96
CB MSE C 218 -13.41 -38.17 -4.08
CG MSE C 218 -12.80 -36.81 -4.22
SE MSE C 218 -11.80 -36.58 -5.86
CE MSE C 218 -10.60 -38.14 -5.77
N ARG C 219 -13.67 -36.68 -1.15
CA ARG C 219 -12.95 -36.20 0.04
CA ARG C 219 -12.96 -36.20 0.04
C ARG C 219 -13.49 -36.81 1.34
N PHE C 220 -14.66 -37.45 1.30
CA PHE C 220 -15.17 -38.16 2.48
C PHE C 220 -14.37 -39.40 2.80
N THR C 221 -13.55 -39.86 1.86
CA THR C 221 -12.75 -41.07 2.10
C THR C 221 -11.24 -40.88 1.88
N GLN C 222 -10.83 -39.66 1.56
CA GLN C 222 -9.40 -39.35 1.36
C GLN C 222 -8.84 -38.90 2.71
N VAL C 223 -7.52 -39.04 2.86
N VAL C 223 -7.53 -38.99 2.90
CA VAL C 223 -6.81 -38.83 4.14
CA VAL C 223 -6.93 -38.56 4.17
C VAL C 223 -7.17 -37.52 4.84
C VAL C 223 -7.34 -37.11 4.48
N GLN C 224 -6.97 -36.39 4.18
N GLN C 224 -7.75 -36.89 5.72
CA GLN C 224 -7.68 -35.22 4.69
CA GLN C 224 -8.10 -35.57 6.26
C GLN C 224 -9.06 -35.27 4.05
C GLN C 224 -9.36 -34.93 5.64
N GLY C 225 -10.06 -35.70 4.81
CA GLY C 225 -11.40 -35.43 4.35
C GLY C 225 -12.49 -35.04 5.32
N PHE C 226 -13.59 -34.55 4.76
CA PHE C 226 -14.78 -34.15 5.54
C PHE C 226 -15.14 -35.22 6.59
N ASN C 227 -15.28 -34.84 7.86
CA ASN C 227 -15.75 -35.77 8.94
C ASN C 227 -17.23 -36.15 8.71
N ASN C 228 -18.02 -35.20 8.20
CA ASN C 228 -19.46 -35.41 8.12
C ASN C 228 -20.11 -34.44 7.14
N GLY C 229 -21.42 -34.59 6.98
CA GLY C 229 -22.16 -33.83 5.98
C GLY C 229 -22.19 -32.35 6.21
N GLU C 230 -22.31 -31.94 7.48
CA GLU C 230 -22.38 -30.51 7.80
CA GLU C 230 -22.36 -30.52 7.82
C GLU C 230 -21.14 -29.80 7.23
N GLN C 231 -19.99 -30.46 7.31
CA GLN C 231 -18.76 -29.84 6.82
C GLN C 231 -18.75 -29.70 5.30
N PHE C 232 -19.27 -30.72 4.63
CA PHE C 232 -19.44 -30.72 3.17
C PHE C 232 -20.44 -29.66 2.75
N PHE C 233 -21.57 -29.58 3.44
CA PHE C 233 -22.54 -28.53 3.16
C PHE C 233 -21.91 -27.13 3.27
N GLN C 234 -21.18 -26.89 4.36
CA GLN C 234 -20.55 -25.57 4.56
C GLN C 234 -19.54 -25.25 3.45
N TYR C 235 -18.80 -26.28 3.03
CA TYR C 235 -17.81 -26.14 1.97
C TYR C 235 -18.50 -25.71 0.66
N LEU C 236 -19.57 -26.43 0.31
CA LEU C 236 -20.33 -26.11 -0.89
C LEU C 236 -21.02 -24.75 -0.78
N LYS C 237 -21.58 -24.45 0.38
CA LYS C 237 -22.26 -23.15 0.62
C LYS C 237 -21.26 -22.02 0.41
N ASP C 238 -20.06 -22.16 0.98
CA ASP C 238 -19.06 -21.10 0.82
C ASP C 238 -18.68 -20.88 -0.64
N ALA C 239 -18.51 -21.98 -1.39
CA ALA C 239 -18.20 -21.87 -2.81
C ALA C 239 -19.31 -21.14 -3.57
N PHE C 240 -20.54 -21.55 -3.28
CA PHE C 240 -21.70 -20.92 -3.88
C PHE C 240 -21.73 -19.43 -3.54
N ASP C 241 -21.56 -19.09 -2.26
CA ASP C 241 -21.71 -17.70 -1.82
C ASP C 241 -20.69 -16.80 -2.49
N VAL C 242 -19.44 -17.27 -2.52
CA VAL C 242 -18.37 -16.47 -3.12
C VAL C 242 -18.63 -16.27 -4.60
N LEU C 243 -18.96 -17.35 -5.30
CA LEU C 243 -19.21 -17.25 -6.74
C LEU C 243 -20.46 -16.47 -7.09
N TYR C 244 -21.53 -16.66 -6.31
CA TYR C 244 -22.78 -15.92 -6.53
C TYR C 244 -22.58 -14.41 -6.40
N GLU C 245 -21.75 -14.02 -5.43
CA GLU C 245 -21.38 -12.61 -5.23
C GLU C 245 -20.56 -12.12 -6.42
N GLU C 246 -19.54 -12.88 -6.83
CA GLU C 246 -18.79 -12.54 -8.06
C GLU C 246 -19.73 -12.37 -9.24
N GLY C 247 -20.78 -13.19 -9.30
CA GLY C 247 -21.69 -13.26 -10.43
C GLY C 247 -22.61 -12.06 -10.55
N ALA C 248 -22.58 -11.16 -9.56
CA ALA C 248 -23.25 -9.86 -9.72
C ALA C 248 -22.69 -9.11 -10.94
N THR C 249 -21.42 -9.36 -11.25
CA THR C 249 -20.75 -8.72 -12.39
C THR C 249 -20.04 -9.68 -13.34
N ALA C 250 -19.62 -10.84 -12.81
CA ALA C 250 -18.82 -11.80 -13.60
C ALA C 250 -19.17 -13.23 -13.23
N PRO C 251 -20.29 -13.75 -13.76
CA PRO C 251 -20.70 -15.12 -13.39
C PRO C 251 -19.68 -16.21 -13.78
N LYS C 252 -19.63 -17.27 -12.99
CA LYS C 252 -18.72 -18.39 -13.25
C LYS C 252 -19.54 -19.68 -13.11
N MSE C 253 -18.87 -20.81 -12.99
CA MSE C 253 -19.56 -22.07 -12.75
C MSE C 253 -18.91 -22.81 -11.60
O MSE C 253 -17.76 -22.53 -11.24
CB MSE C 253 -19.55 -22.96 -14.01
CG MSE C 253 -18.16 -23.44 -14.40
SE MSE C 253 -18.22 -24.70 -15.91
CE MSE C 253 -18.96 -26.24 -14.92
N LEU C 254 -19.65 -23.76 -11.05
CA LEU C 254 -19.14 -24.61 -9.97
C LEU C 254 -19.53 -26.06 -10.27
N SER C 255 -18.56 -26.98 -10.19
CA SER C 255 -18.90 -28.40 -10.34
C SER C 255 -19.04 -28.99 -8.95
N ILE C 256 -19.96 -29.94 -8.81
CA ILE C 256 -20.13 -30.71 -7.58
C ILE C 256 -20.03 -32.19 -7.95
N GLY C 257 -18.93 -32.83 -7.54
CA GLY C 257 -18.68 -34.23 -7.88
C GLY C 257 -19.22 -35.20 -6.84
N LEU C 258 -19.85 -36.26 -7.33
CA LEU C 258 -20.57 -37.23 -6.47
C LEU C 258 -20.27 -38.66 -6.89
N HIS C 259 -20.26 -39.58 -5.91
CA HIS C 259 -20.07 -41.00 -6.19
C HIS C 259 -21.16 -41.82 -5.48
N CYS C 260 -21.70 -42.82 -6.20
CA CYS C 260 -22.83 -43.60 -5.72
C CYS C 260 -22.51 -44.33 -4.41
N ARG C 261 -21.32 -44.91 -4.33
CA ARG C 261 -20.91 -45.63 -3.11
C ARG C 261 -20.58 -44.73 -1.91
N LEU C 262 -20.43 -43.42 -2.15
CA LEU C 262 -20.01 -42.48 -1.11
C LEU C 262 -21.19 -41.64 -0.64
N ILE C 263 -21.60 -40.64 -1.41
CA ILE C 263 -22.71 -39.75 -1.01
C ILE C 263 -24.07 -40.46 -1.09
N GLY C 264 -24.07 -41.65 -1.69
CA GLY C 264 -25.26 -42.52 -1.68
C GLY C 264 -25.58 -43.09 -0.30
N ARG C 265 -24.61 -43.04 0.62
CA ARG C 265 -24.88 -43.41 2.03
C ARG C 265 -25.77 -42.34 2.64
N PRO C 266 -26.78 -42.77 3.41
CA PRO C 266 -27.72 -41.80 3.99
C PRO C 266 -27.05 -40.75 4.89
N ALA C 267 -25.98 -41.13 5.59
CA ALA C 267 -25.27 -40.18 6.44
C ALA C 267 -24.72 -38.96 5.67
N ARG C 268 -24.41 -39.16 4.38
CA ARG C 268 -23.78 -38.11 3.58
C ARG C 268 -24.79 -37.41 2.67
N MSE C 269 -25.86 -38.12 2.31
CA MSE C 269 -26.82 -37.55 1.36
C MSE C 269 -27.56 -36.33 1.90
O MSE C 269 -27.93 -35.44 1.12
CB MSE C 269 -27.83 -38.60 0.87
CG MSE C 269 -28.52 -38.17 -0.42
SE MSE C 269 -30.38 -38.80 -0.49
CE MSE C 269 -31.14 -37.50 0.78
N ALA C 270 -27.77 -36.27 3.22
CA ALA C 270 -28.52 -35.15 3.82
C ALA C 270 -27.93 -33.79 3.44
N ALA C 271 -26.61 -33.68 3.55
CA ALA C 271 -25.92 -32.43 3.24
C ALA C 271 -26.08 -32.03 1.78
N LEU C 272 -26.05 -33.03 0.89
CA LEU C 272 -26.22 -32.77 -0.54
C LEU C 272 -27.60 -32.16 -0.79
N GLU C 273 -28.64 -32.77 -0.24
CA GLU C 273 -29.99 -32.24 -0.39
C GLU C 273 -30.11 -30.83 0.20
N ARG C 274 -29.52 -30.63 1.38
CA ARG C 274 -29.51 -29.31 2.01
CA ARG C 274 -29.49 -29.31 2.01
C ARG C 274 -28.87 -28.28 1.07
N PHE C 275 -27.75 -28.66 0.43
CA PHE C 275 -27.09 -27.73 -0.46
C PHE C 275 -27.95 -27.39 -1.68
N ILE C 276 -28.53 -28.42 -2.30
CA ILE C 276 -29.42 -28.20 -3.45
C ILE C 276 -30.54 -27.24 -3.06
N GLN C 277 -31.19 -27.50 -1.92
CA GLN C 277 -32.25 -26.61 -1.43
C GLN C 277 -31.75 -25.16 -1.20
N TYR C 278 -30.57 -25.03 -0.63
CA TYR C 278 -29.96 -23.71 -0.42
C TYR C 278 -29.78 -22.99 -1.73
N ALA C 279 -29.17 -23.67 -2.70
CA ALA C 279 -28.98 -23.11 -4.04
C ALA C 279 -30.31 -22.69 -4.65
N GLN C 280 -31.30 -23.58 -4.59
CA GLN C 280 -32.64 -23.31 -5.14
C GLN C 280 -33.38 -22.13 -4.49
N SER C 281 -32.98 -21.77 -3.27
CA SER C 281 -33.60 -20.66 -2.55
C SER C 281 -33.11 -19.30 -3.07
N HIS C 282 -32.12 -19.32 -3.98
CA HIS C 282 -31.62 -18.10 -4.61
C HIS C 282 -32.14 -17.97 -6.04
N ASP C 283 -32.44 -16.74 -6.47
CA ASP C 283 -32.79 -16.58 -7.88
CA ASP C 283 -32.75 -16.40 -7.87
C ASP C 283 -31.51 -16.56 -8.73
N LYS C 284 -31.67 -16.62 -10.04
CA LYS C 284 -30.54 -16.57 -10.98
C LYS C 284 -29.47 -17.64 -10.73
N VAL C 285 -29.92 -18.86 -10.49
CA VAL C 285 -29.02 -20.03 -10.46
C VAL C 285 -29.39 -20.96 -11.60
N TRP C 286 -28.42 -21.27 -12.47
CA TRP C 286 -28.65 -22.19 -13.59
C TRP C 286 -28.12 -23.58 -13.23
N PHE C 287 -29.01 -24.56 -13.09
CA PHE C 287 -28.59 -25.95 -12.84
C PHE C 287 -28.48 -26.64 -14.19
N ALA C 288 -27.26 -27.03 -14.56
CA ALA C 288 -26.98 -27.44 -15.93
C ALA C 288 -26.31 -28.79 -16.04
N ARG C 289 -26.53 -29.49 -17.17
CA ARG C 289 -25.69 -30.61 -17.54
CA ARG C 289 -25.69 -30.62 -17.57
C ARG C 289 -24.44 -30.06 -18.25
N ARG C 290 -23.35 -30.80 -18.17
CA ARG C 290 -22.13 -30.33 -18.83
C ARG C 290 -22.31 -30.13 -20.34
N GLU C 291 -23.05 -31.05 -20.99
CA GLU C 291 -23.33 -30.90 -22.43
CA GLU C 291 -23.36 -30.91 -22.41
C GLU C 291 -24.11 -29.60 -22.73
N ASP C 292 -25.02 -29.22 -21.81
CA ASP C 292 -25.77 -27.96 -21.96
C ASP C 292 -24.83 -26.75 -21.86
N ILE C 293 -23.88 -26.82 -20.93
CA ILE C 293 -22.84 -25.78 -20.79
C ILE C 293 -22.04 -25.72 -22.10
N ALA C 294 -21.70 -26.90 -22.65
CA ALA C 294 -20.91 -26.96 -23.88
C ALA C 294 -21.68 -26.37 -25.08
N ARG C 295 -22.94 -26.75 -25.22
CA ARG C 295 -23.73 -26.19 -26.31
CA ARG C 295 -23.82 -26.20 -26.27
C ARG C 295 -23.93 -24.68 -26.17
N HIS C 296 -24.10 -24.22 -24.93
CA HIS C 296 -24.20 -22.80 -24.68
C HIS C 296 -22.93 -22.07 -25.10
N TRP C 297 -21.78 -22.62 -24.75
CA TRP C 297 -20.51 -21.98 -25.09
C TRP C 297 -20.30 -21.92 -26.60
N HIS C 298 -20.67 -22.97 -27.32
CA HIS C 298 -20.59 -22.96 -28.80
C HIS C 298 -21.41 -21.82 -29.41
N ARG C 299 -22.60 -21.56 -28.84
CA ARG C 299 -23.48 -20.49 -29.32
CA ARG C 299 -23.47 -20.49 -29.32
C ARG C 299 -23.02 -19.10 -28.90
N GLU C 300 -22.75 -18.94 -27.60
CA GLU C 300 -22.46 -17.65 -26.99
C GLU C 300 -21.01 -17.18 -27.17
N HIS C 301 -20.09 -18.14 -27.22
CA HIS C 301 -18.66 -17.84 -27.25
C HIS C 301 -17.92 -18.77 -28.21
N PRO C 302 -18.33 -18.76 -29.49
CA PRO C 302 -17.72 -19.66 -30.47
C PRO C 302 -16.22 -19.43 -30.56
N PHE C 303 -15.47 -20.49 -30.85
CA PHE C 303 -14.03 -20.40 -31.01
C PHE C 303 -13.68 -19.41 -32.12
N GLN C 304 -12.66 -18.60 -31.89
CA GLN C 304 -12.19 -17.65 -32.91
C GLN C 304 -10.69 -17.81 -33.17
N TYR D 5 -20.32 -64.03 -13.87
CA TYR D 5 -19.83 -62.92 -12.98
C TYR D 5 -20.46 -63.07 -11.59
N PRO D 6 -19.62 -63.39 -10.58
CA PRO D 6 -20.12 -63.81 -9.26
C PRO D 6 -20.58 -62.72 -8.27
N ARG D 7 -20.44 -61.45 -8.65
CA ARG D 7 -20.87 -60.35 -7.77
C ARG D 7 -22.29 -59.90 -8.16
N ASP D 8 -23.11 -59.60 -7.15
CA ASP D 8 -24.42 -59.05 -7.42
C ASP D 8 -24.38 -57.54 -7.28
N LEU D 9 -24.20 -56.83 -8.38
CA LEU D 9 -24.15 -55.36 -8.37
C LEU D 9 -25.56 -54.73 -8.35
N ILE D 10 -26.57 -55.57 -8.59
CA ILE D 10 -27.93 -55.10 -8.84
C ILE D 10 -28.81 -55.17 -7.58
N GLY D 11 -28.76 -56.29 -6.87
CA GLY D 11 -29.52 -56.44 -5.63
C GLY D 11 -31.01 -56.28 -5.88
N TYR D 12 -31.66 -55.47 -5.05
CA TYR D 12 -33.08 -55.22 -5.18
C TYR D 12 -33.39 -54.16 -6.23
N GLY D 13 -32.36 -53.52 -6.76
CA GLY D 13 -32.56 -52.43 -7.72
C GLY D 13 -33.42 -51.33 -7.12
N ASN D 14 -34.33 -50.78 -7.93
CA ASN D 14 -35.20 -49.71 -7.46
C ASN D 14 -36.46 -50.24 -6.77
N ASN D 15 -36.48 -51.52 -6.41
CA ASN D 15 -37.66 -52.13 -5.80
C ASN D 15 -37.36 -52.93 -4.54
N PRO D 16 -36.75 -52.28 -3.53
CA PRO D 16 -36.50 -52.99 -2.28
C PRO D 16 -37.82 -53.37 -1.59
N PRO D 17 -37.84 -54.50 -0.85
CA PRO D 17 -39.05 -54.96 -0.18
C PRO D 17 -39.36 -54.07 1.00
N HIS D 18 -40.63 -53.93 1.35
CA HIS D 18 -41.00 -53.28 2.59
C HIS D 18 -40.74 -54.30 3.71
N PRO D 19 -39.87 -53.95 4.69
CA PRO D 19 -39.53 -54.92 5.76
C PRO D 19 -40.66 -55.19 6.76
N HIS D 20 -41.64 -54.28 6.83
CA HIS D 20 -42.72 -54.37 7.81
C HIS D 20 -42.16 -54.67 9.20
N TRP D 21 -41.30 -53.77 9.68
CA TRP D 21 -40.65 -53.92 10.98
C TRP D 21 -41.69 -53.99 12.09
N PRO D 22 -41.35 -54.63 13.22
CA PRO D 22 -42.23 -54.55 14.40
C PRO D 22 -42.65 -53.13 14.71
N GLY D 23 -43.91 -52.95 15.09
CA GLY D 23 -44.46 -51.64 15.39
C GLY D 23 -44.59 -50.73 14.17
N ASP D 24 -44.57 -51.35 12.98
CA ASP D 24 -44.52 -50.63 11.69
C ASP D 24 -43.47 -49.52 11.72
N ALA D 25 -42.30 -49.85 12.25
CA ALA D 25 -41.23 -48.87 12.43
C ALA D 25 -40.80 -48.29 11.09
N ARG D 26 -40.46 -47.00 11.09
CA ARG D 26 -39.98 -46.32 9.88
C ARG D 26 -38.49 -46.57 9.65
N ILE D 27 -37.84 -47.09 10.68
CA ILE D 27 -36.38 -47.37 10.64
CA ILE D 27 -36.40 -47.40 10.61
C ILE D 27 -36.08 -48.44 11.69
N ALA D 28 -35.14 -49.33 11.37
CA ALA D 28 -34.62 -50.29 12.33
C ALA D 28 -33.16 -49.92 12.61
N LEU D 29 -32.82 -49.79 13.89
CA LEU D 29 -31.45 -49.50 14.31
C LEU D 29 -30.81 -50.72 14.93
N SER D 30 -29.62 -51.07 14.44
CA SER D 30 -28.85 -52.17 15.01
C SER D 30 -27.55 -51.62 15.61
N PHE D 31 -27.53 -51.45 16.95
CA PHE D 31 -26.29 -51.08 17.64
C PHE D 31 -25.47 -52.35 17.86
N VAL D 32 -24.22 -52.28 17.46
CA VAL D 32 -23.30 -53.42 17.52
C VAL D 32 -22.09 -53.05 18.38
N LEU D 33 -21.85 -53.82 19.44
CA LEU D 33 -20.64 -53.63 20.25
C LEU D 33 -19.61 -54.71 19.94
N ASN D 34 -18.48 -54.32 19.37
CA ASN D 34 -17.39 -55.27 19.15
C ASN D 34 -16.65 -55.56 20.44
N TYR D 35 -16.26 -56.81 20.66
CA TYR D 35 -15.47 -57.13 21.83
C TYR D 35 -14.29 -57.97 21.35
N GLU D 36 -13.15 -57.30 21.19
CA GLU D 36 -11.98 -57.84 20.51
C GLU D 36 -10.75 -57.87 21.41
N GLU D 37 -10.81 -57.08 22.47
CA GLU D 37 -9.68 -56.84 23.36
C GLU D 37 -9.28 -58.11 24.08
N GLY D 38 -8.03 -58.55 23.86
CA GLY D 38 -7.56 -59.84 24.36
C GLY D 38 -7.49 -60.90 23.26
N GLY D 39 -7.95 -60.53 22.07
CA GLY D 39 -7.92 -61.40 20.90
C GLY D 39 -7.14 -60.84 19.73
N GLU D 40 -6.61 -59.62 19.91
CA GLU D 40 -5.94 -58.89 18.83
C GLU D 40 -4.52 -59.43 18.57
N ARG D 41 -3.77 -58.81 17.66
CA ARG D 41 -2.40 -59.27 17.42
C ARG D 41 -1.51 -59.04 18.62
N CYS D 42 -0.79 -60.08 19.01
CA CYS D 42 0.15 -59.99 20.14
C CYS D 42 0.99 -61.25 20.17
N VAL D 43 2.29 -61.10 20.40
CA VAL D 43 3.15 -62.30 20.47
C VAL D 43 2.65 -63.25 21.58
N LEU D 44 2.06 -62.71 22.64
CA LEU D 44 1.48 -63.49 23.75
C LEU D 44 0.32 -64.36 23.25
N HIS D 45 -0.28 -63.96 22.14
CA HIS D 45 -1.42 -64.66 21.55
C HIS D 45 -1.02 -65.67 20.49
N GLY D 46 0.29 -65.79 20.25
CA GLY D 46 0.82 -66.66 19.21
C GLY D 46 1.03 -65.99 17.86
N ASP D 47 0.95 -64.66 17.82
CA ASP D 47 1.16 -63.92 16.57
C ASP D 47 2.62 -63.54 16.37
N LYS D 48 3.00 -63.20 15.15
CA LYS D 48 4.39 -62.87 14.82
C LYS D 48 4.70 -61.40 15.14
N GLU D 49 3.68 -60.64 15.49
CA GLU D 49 3.80 -59.19 15.56
C GLU D 49 2.78 -58.58 16.50
N SER D 50 3.04 -57.34 16.91
CA SER D 50 2.09 -56.60 17.75
C SER D 50 0.96 -56.00 16.91
N GLU D 51 -0.10 -55.57 17.58
CA GLU D 51 -1.25 -54.96 16.90
C GLU D 51 -0.89 -53.54 16.43
N ALA D 52 -1.57 -53.10 15.38
CA ALA D 52 -1.38 -51.75 14.85
C ALA D 52 -2.69 -51.03 14.59
N PHE D 53 -3.80 -51.76 14.54
CA PHE D 53 -5.08 -51.18 14.12
C PHE D 53 -5.96 -50.67 15.26
N LEU D 54 -6.80 -49.68 14.93
CA LEU D 54 -7.87 -49.21 15.81
C LEU D 54 -7.43 -48.91 17.23
N SER D 55 -6.57 -47.92 17.36
CA SER D 55 -6.17 -47.44 18.66
C SER D 55 -5.87 -45.96 18.53
N GLU D 56 -5.57 -45.32 19.66
CA GLU D 56 -5.20 -43.91 19.64
C GLU D 56 -3.93 -43.66 18.85
N MSE D 57 -3.10 -44.70 18.66
CA MSE D 57 -1.87 -44.54 17.91
C MSE D 57 -2.18 -44.69 16.44
O MSE D 57 -1.97 -45.73 15.83
CB MSE D 57 -0.82 -45.55 18.39
CG MSE D 57 -0.47 -45.36 19.84
SE MSE D 57 0.94 -46.56 20.35
CE MSE D 57 2.35 -45.82 19.22
N VAL D 58 -2.69 -43.59 15.90
CA VAL D 58 -3.23 -43.56 14.56
C VAL D 58 -2.20 -43.83 13.46
N ALA D 59 -0.91 -43.72 13.78
CA ALA D 59 0.14 -43.98 12.80
C ALA D 59 0.95 -45.25 13.09
N ALA D 60 0.48 -46.05 14.05
CA ALA D 60 1.23 -47.23 14.49
C ALA D 60 1.47 -48.27 13.38
N GLN D 61 2.61 -48.95 13.46
CA GLN D 61 2.89 -50.10 12.60
C GLN D 61 3.07 -51.35 13.48
N PRO D 62 2.77 -52.55 12.92
CA PRO D 62 3.09 -53.75 13.71
C PRO D 62 4.59 -53.92 13.90
N LEU D 63 4.97 -54.38 15.09
CA LEU D 63 6.36 -54.59 15.42
C LEU D 63 6.57 -56.10 15.44
N GLN D 64 7.60 -56.56 14.72
CA GLN D 64 7.80 -58.00 14.54
C GLN D 64 8.48 -58.60 15.76
N GLY D 65 7.88 -59.67 16.28
CA GLY D 65 8.48 -60.51 17.34
C GLY D 65 8.71 -59.87 18.70
N VAL D 66 8.03 -58.75 18.95
CA VAL D 66 8.18 -58.03 20.23
C VAL D 66 6.81 -57.54 20.70
N ARG D 67 6.74 -57.20 21.99
CA ARG D 67 5.52 -56.60 22.53
C ARG D 67 5.58 -55.09 22.39
N HIS D 68 4.44 -54.52 22.05
CA HIS D 68 4.34 -53.06 21.98
C HIS D 68 3.48 -52.64 23.15
N MSE D 69 4.13 -52.15 24.20
CA MSE D 69 3.47 -51.99 25.49
C MSE D 69 2.31 -50.99 25.44
O MSE D 69 1.22 -51.30 25.93
CB MSE D 69 4.47 -51.63 26.60
CG MSE D 69 5.62 -52.64 26.80
SE MSE D 69 4.98 -54.52 26.94
CE MSE D 69 4.10 -54.39 28.75
N SER D 70 2.53 -49.82 24.84
CA SER D 70 1.48 -48.79 24.75
CA SER D 70 1.46 -48.81 24.78
C SER D 70 0.25 -49.33 24.02
N MSE D 71 0.49 -50.11 22.96
CA MSE D 71 -0.58 -50.69 22.18
C MSE D 71 -1.40 -51.68 23.01
O MSE D 71 -2.62 -51.65 22.99
CB MSE D 71 -0.02 -51.35 20.91
CG MSE D 71 -1.06 -51.97 20.00
SE MSE D 71 -2.30 -50.66 19.23
CE MSE D 71 -1.05 -49.33 18.75
N GLU D 72 -0.72 -52.55 23.77
CA GLU D 72 -1.40 -53.46 24.69
C GLU D 72 -2.25 -52.68 25.69
N SER D 73 -1.67 -51.61 26.23
CA SER D 73 -2.33 -50.82 27.26
C SER D 73 -3.60 -50.15 26.72
N LEU D 74 -3.51 -49.64 25.50
CA LEU D 74 -4.68 -49.04 24.88
C LEU D 74 -5.83 -50.05 24.70
N TYR D 75 -5.48 -51.28 24.35
CA TYR D 75 -6.47 -52.35 24.23
C TYR D 75 -7.05 -52.71 25.59
N GLU D 76 -6.20 -52.76 26.60
CA GLU D 76 -6.65 -53.06 27.97
C GLU D 76 -7.69 -52.05 28.48
N TYR D 77 -7.61 -50.80 28.01
CA TYR D 77 -8.65 -49.83 28.39
C TYR D 77 -10.04 -50.35 28.02
N GLY D 78 -10.16 -50.97 26.86
CA GLY D 78 -11.47 -51.43 26.39
C GLY D 78 -12.06 -52.51 27.28
N SER D 79 -11.23 -53.45 27.69
CA SER D 79 -11.70 -54.58 28.48
C SER D 79 -11.84 -54.24 29.97
N ARG D 80 -10.99 -53.33 30.45
CA ARG D 80 -10.99 -52.93 31.86
C ARG D 80 -12.07 -51.91 32.18
N ALA D 81 -12.27 -50.94 31.30
CA ALA D 81 -13.09 -49.77 31.63
C ALA D 81 -14.16 -49.41 30.59
N GLY D 82 -13.76 -49.35 29.32
CA GLY D 82 -14.68 -48.93 28.27
C GLY D 82 -15.92 -49.81 28.17
N VAL D 83 -15.72 -51.12 28.28
CA VAL D 83 -16.84 -52.05 28.09
C VAL D 83 -17.93 -51.81 29.14
N TRP D 84 -17.53 -51.61 30.40
CA TRP D 84 -18.49 -51.40 31.49
C TRP D 84 -19.26 -50.10 31.32
N ARG D 85 -18.56 -49.03 30.93
CA ARG D 85 -19.22 -47.76 30.66
C ARG D 85 -20.32 -47.94 29.60
N LEU D 86 -20.00 -48.68 28.54
CA LEU D 86 -20.94 -48.87 27.45
C LEU D 86 -22.09 -49.79 27.82
N LEU D 87 -21.81 -50.85 28.56
CA LEU D 87 -22.91 -51.72 29.03
C LEU D 87 -23.88 -50.93 29.92
N LYS D 88 -23.34 -50.06 30.77
CA LYS D 88 -24.21 -49.25 31.62
CA LYS D 88 -24.19 -49.21 31.62
C LYS D 88 -25.06 -48.29 30.78
N LEU D 89 -24.47 -47.72 29.74
CA LEU D 89 -25.22 -46.85 28.83
C LEU D 89 -26.40 -47.58 28.18
N PHE D 90 -26.15 -48.74 27.60
CA PHE D 90 -27.23 -49.48 26.92
C PHE D 90 -28.30 -50.00 27.89
N LYS D 91 -27.90 -50.33 29.11
CA LYS D 91 -28.88 -50.69 30.15
C LYS D 91 -29.74 -49.47 30.54
N ARG D 92 -29.08 -48.32 30.78
CA ARG D 92 -29.74 -47.07 31.18
C ARG D 92 -30.76 -46.61 30.11
N ARG D 93 -30.41 -46.76 28.84
CA ARG D 93 -31.29 -46.34 27.74
C ARG D 93 -32.22 -47.46 27.26
N ASN D 94 -32.08 -48.66 27.83
CA ASN D 94 -32.93 -49.79 27.50
C ASN D 94 -32.87 -50.17 26.02
N VAL D 95 -31.67 -50.18 25.48
CA VAL D 95 -31.47 -50.48 24.04
C VAL D 95 -30.65 -51.76 23.94
N PRO D 96 -31.15 -52.76 23.18
CA PRO D 96 -30.40 -54.01 23.08
C PRO D 96 -29.21 -53.86 22.14
N LEU D 97 -28.20 -54.70 22.39
CA LEU D 97 -27.01 -54.76 21.56
C LEU D 97 -26.90 -56.14 20.92
N THR D 98 -26.25 -56.18 19.76
CA THR D 98 -25.58 -57.39 19.30
C THR D 98 -24.09 -57.20 19.56
N VAL D 99 -23.49 -58.15 20.26
CA VAL D 99 -22.08 -58.07 20.54
C VAL D 99 -21.34 -58.93 19.53
N PHE D 100 -20.40 -58.33 18.80
CA PHE D 100 -19.52 -59.11 17.93
C PHE D 100 -18.34 -59.53 18.79
N ALA D 101 -18.45 -60.73 19.37
CA ALA D 101 -17.50 -61.22 20.35
C ALA D 101 -16.44 -62.13 19.72
N VAL D 102 -15.17 -61.70 19.82
CA VAL D 102 -14.03 -62.51 19.39
C VAL D 102 -13.84 -63.59 20.47
N ALA D 103 -13.79 -64.84 20.06
CA ALA D 103 -13.85 -65.94 21.02
C ALA D 103 -12.66 -65.90 22.00
N MSE D 104 -11.44 -65.64 21.50
CA MSE D 104 -10.29 -65.55 22.42
C MSE D 104 -10.48 -64.42 23.42
O MSE D 104 -10.18 -64.58 24.61
CB MSE D 104 -8.97 -65.38 21.68
CG MSE D 104 -7.79 -65.17 22.65
SE MSE D 104 -6.08 -64.88 21.78
CE MSE D 104 -5.66 -66.80 21.29
N ALA D 105 -10.99 -63.28 22.96
CA ALA D 105 -11.22 -62.13 23.84
C ALA D 105 -12.24 -62.51 24.92
N ALA D 106 -13.31 -63.17 24.50
CA ALA D 106 -14.34 -63.68 25.44
C ALA D 106 -13.74 -64.61 26.51
N GLN D 107 -12.90 -65.55 26.08
CA GLN D 107 -12.23 -66.50 26.98
C GLN D 107 -11.45 -65.80 28.08
N ARG D 108 -10.85 -64.65 27.76
CA ARG D 108 -9.98 -63.94 28.68
C ARG D 108 -10.75 -63.03 29.63
N ASN D 109 -12.03 -62.81 29.33
CA ASN D 109 -12.87 -61.98 30.21
C ASN D 109 -14.28 -62.56 30.38
N PRO D 110 -14.39 -63.77 30.95
CA PRO D 110 -15.70 -64.40 31.00
C PRO D 110 -16.77 -63.61 31.77
N GLU D 111 -16.38 -62.83 32.78
CA GLU D 111 -17.33 -62.04 33.56
CA GLU D 111 -17.36 -62.07 33.56
C GLU D 111 -18.07 -60.99 32.73
N VAL D 112 -17.36 -60.39 31.77
CA VAL D 112 -18.05 -59.41 30.94
C VAL D 112 -19.02 -60.10 29.99
N ILE D 113 -18.64 -61.29 29.52
CA ILE D 113 -19.55 -62.06 28.68
C ILE D 113 -20.84 -62.40 29.46
N ARG D 114 -20.68 -62.87 30.71
CA ARG D 114 -21.84 -63.16 31.56
CA ARG D 114 -21.82 -63.15 31.58
C ARG D 114 -22.72 -61.91 31.72
N ALA D 115 -22.09 -60.76 31.95
CA ALA D 115 -22.84 -59.50 32.09
C ALA D 115 -23.63 -59.17 30.84
N MSE D 116 -23.02 -59.39 29.66
CA MSE D 116 -23.69 -59.14 28.40
C MSE D 116 -24.91 -60.03 28.24
O MSE D 116 -25.98 -59.58 27.88
CB MSE D 116 -22.73 -59.35 27.24
CG MSE D 116 -21.66 -58.29 27.15
SE MSE D 116 -20.16 -58.93 26.08
CE MSE D 116 -19.21 -57.25 25.95
N VAL D 117 -24.74 -61.31 28.58
CA VAL D 117 -25.85 -62.27 28.51
C VAL D 117 -26.96 -61.88 29.51
N ALA D 118 -26.55 -61.54 30.73
CA ALA D 118 -27.49 -61.12 31.77
C ALA D 118 -28.36 -59.93 31.33
N ASP D 119 -27.75 -58.99 30.61
CA ASP D 119 -28.44 -57.80 30.11
C ASP D 119 -29.26 -58.04 28.83
N GLY D 120 -29.28 -59.29 28.38
CA GLY D 120 -30.12 -59.72 27.26
C GLY D 120 -29.59 -59.46 25.86
N HIS D 121 -28.31 -59.07 25.79
CA HIS D 121 -27.64 -58.84 24.51
C HIS D 121 -27.36 -60.14 23.77
N GLU D 122 -27.38 -60.08 22.45
CA GLU D 122 -27.04 -61.20 21.61
C GLU D 122 -25.52 -61.34 21.58
N ILE D 123 -25.02 -62.57 21.73
CA ILE D 123 -23.59 -62.83 21.52
C ILE D 123 -23.40 -63.43 20.12
N CYS D 124 -22.86 -62.62 19.23
CA CYS D 124 -22.59 -63.02 17.83
C CYS D 124 -21.11 -63.38 17.73
N SER D 125 -20.78 -64.38 16.92
CA SER D 125 -19.36 -64.73 16.76
C SER D 125 -18.62 -63.68 15.92
N HIS D 126 -17.50 -63.21 16.43
CA HIS D 126 -16.62 -62.30 15.68
C HIS D 126 -15.31 -63.04 15.33
N GLY D 127 -15.40 -64.36 15.26
CA GLY D 127 -14.25 -65.21 14.92
C GLY D 127 -13.48 -65.61 16.16
N TYR D 128 -12.55 -66.56 15.99
CA TYR D 128 -11.73 -67.02 17.10
C TYR D 128 -10.67 -65.98 17.47
N ARG D 129 -10.04 -65.40 16.45
CA ARG D 129 -8.97 -64.41 16.62
C ARG D 129 -9.35 -63.12 15.92
N TRP D 130 -8.87 -61.99 16.44
CA TRP D 130 -9.08 -60.73 15.74
C TRP D 130 -7.86 -60.42 14.88
N ILE D 131 -7.82 -61.09 13.73
CA ILE D 131 -6.68 -61.04 12.82
C ILE D 131 -7.23 -61.03 11.39
N ASP D 132 -6.33 -60.78 10.44
CA ASP D 132 -6.72 -60.78 9.03
CA ASP D 132 -6.68 -60.78 9.02
C ASP D 132 -6.74 -62.22 8.49
N TYR D 133 -7.90 -62.61 7.96
CA TYR D 133 -8.12 -63.94 7.38
C TYR D 133 -7.92 -64.00 5.86
N GLN D 134 -7.55 -62.86 5.26
CA GLN D 134 -7.38 -62.80 3.80
C GLN D 134 -6.61 -64.00 3.26
N TYR D 135 -5.49 -64.34 3.89
CA TYR D 135 -4.59 -65.34 3.30
C TYR D 135 -4.61 -66.70 3.98
N MSE D 136 -5.49 -66.85 4.97
CA MSE D 136 -5.56 -68.10 5.74
C MSE D 136 -6.10 -69.27 4.92
O MSE D 136 -7.10 -69.13 4.21
CB MSE D 136 -6.40 -67.91 7.00
CG MSE D 136 -6.88 -69.25 7.59
SE MSE D 136 -6.93 -69.16 9.51
CE MSE D 136 -5.00 -68.76 9.62
N ASP D 137 -5.42 -70.42 5.00
CA ASP D 137 -5.87 -71.61 4.32
C ASP D 137 -7.22 -72.09 4.86
N GLU D 138 -8.01 -72.73 4.00
CA GLU D 138 -9.36 -73.17 4.31
C GLU D 138 -9.47 -74.07 5.55
N ALA D 139 -8.60 -75.07 5.66
CA ALA D 139 -8.69 -76.01 6.79
C ALA D 139 -8.52 -75.27 8.12
N GLN D 140 -7.53 -74.38 8.17
CA GLN D 140 -7.25 -73.62 9.38
C GLN D 140 -8.37 -72.61 9.69
N GLU D 141 -8.90 -71.95 8.65
CA GLU D 141 -10.04 -71.04 8.86
C GLU D 141 -11.27 -71.78 9.40
N ARG D 142 -11.51 -72.99 8.87
CA ARG D 142 -12.59 -73.83 9.38
C ARG D 142 -12.35 -74.19 10.85
N GLU D 143 -11.10 -74.54 11.19
CA GLU D 143 -10.77 -74.92 12.57
C GLU D 143 -11.03 -73.76 13.52
N HIS D 144 -10.64 -72.55 13.12
CA HIS D 144 -10.89 -71.35 13.92
C HIS D 144 -12.40 -71.17 14.14
N MSE D 145 -13.19 -71.38 13.09
CA MSE D 145 -14.64 -71.21 13.15
C MSE D 145 -15.25 -72.17 14.17
O MSE D 145 -16.05 -71.79 15.01
CB MSE D 145 -15.27 -71.41 11.79
CG MSE D 145 -16.79 -71.28 11.77
SE MSE D 145 -17.45 -71.35 9.92
CE MSE D 145 -16.58 -69.69 9.29
N LEU D 146 -14.87 -73.44 14.06
CA LEU D 146 -15.39 -74.45 14.99
C LEU D 146 -15.01 -74.13 16.41
N GLU D 147 -13.81 -73.61 16.61
CA GLU D 147 -13.31 -73.29 17.94
C GLU D 147 -14.05 -72.08 18.51
N ALA D 148 -14.31 -71.10 17.65
CA ALA D 148 -15.11 -69.93 18.06
C ALA D 148 -16.50 -70.35 18.52
N ILE D 149 -17.15 -71.19 17.71
CA ILE D 149 -18.45 -71.74 18.09
C ILE D 149 -18.39 -72.48 19.43
N ARG D 150 -17.35 -73.29 19.62
CA ARG D 150 -17.24 -74.09 20.85
C ARG D 150 -17.09 -73.17 22.06
N ILE D 151 -16.17 -72.21 21.96
CA ILE D 151 -15.90 -71.29 23.06
C ILE D 151 -17.14 -70.48 23.44
N LEU D 152 -17.77 -69.89 22.44
CA LEU D 152 -18.92 -69.03 22.71
C LEU D 152 -20.11 -69.83 23.28
N THR D 153 -20.28 -71.06 22.82
CA THR D 153 -21.32 -71.95 23.35
C THR D 153 -21.09 -72.24 24.82
N GLU D 154 -19.84 -72.55 25.18
CA GLU D 154 -19.48 -72.86 26.56
CA GLU D 154 -19.46 -72.85 26.56
C GLU D 154 -19.68 -71.65 27.48
N LEU D 155 -19.26 -70.48 27.00
CA LEU D 155 -19.32 -69.28 27.81
C LEU D 155 -20.74 -68.81 28.06
N THR D 156 -21.58 -68.86 27.02
CA THR D 156 -22.93 -68.28 27.08
C THR D 156 -24.05 -69.28 27.33
N GLY D 157 -23.79 -70.56 27.04
CA GLY D 157 -24.79 -71.61 27.17
C GLY D 157 -25.50 -71.96 25.87
N GLN D 158 -25.36 -71.11 24.86
CA GLN D 158 -26.04 -71.28 23.58
C GLN D 158 -25.06 -70.97 22.46
N ARG D 159 -25.14 -71.72 21.36
CA ARG D 159 -24.29 -71.42 20.21
C ARG D 159 -24.69 -70.08 19.58
N PRO D 160 -23.69 -69.35 19.04
CA PRO D 160 -24.01 -68.15 18.26
C PRO D 160 -24.79 -68.52 16.99
N VAL D 161 -25.73 -67.65 16.62
CA VAL D 161 -26.48 -67.82 15.36
C VAL D 161 -26.09 -66.79 14.31
N GLY D 162 -25.19 -65.88 14.69
CA GLY D 162 -24.65 -64.88 13.77
C GLY D 162 -23.14 -64.98 13.65
N TRP D 163 -22.61 -64.49 12.53
CA TRP D 163 -21.16 -64.53 12.27
C TRP D 163 -20.69 -63.20 11.65
N TYR D 164 -19.58 -62.67 12.15
CA TYR D 164 -18.92 -61.53 11.52
C TYR D 164 -17.42 -61.59 11.71
N THR D 165 -16.67 -61.90 10.65
CA THR D 165 -15.20 -61.85 10.75
C THR D 165 -14.66 -60.41 10.69
N GLY D 166 -15.11 -59.65 9.70
CA GLY D 166 -14.55 -58.33 9.40
C GLY D 166 -13.52 -58.51 8.31
N ARG D 167 -12.28 -58.81 8.70
CA ARG D 167 -11.21 -58.98 7.69
C ARG D 167 -11.28 -60.38 7.10
N THR D 168 -12.27 -60.57 6.23
CA THR D 168 -12.52 -61.83 5.55
C THR D 168 -11.48 -62.17 4.50
N GLY D 169 -11.46 -63.45 4.13
CA GLY D 169 -10.77 -63.89 2.93
C GLY D 169 -11.81 -64.43 1.96
N PRO D 170 -11.34 -64.93 0.80
CA PRO D 170 -12.21 -65.44 -0.26
C PRO D 170 -13.11 -66.61 0.12
N ASN D 171 -12.79 -67.28 1.23
CA ASN D 171 -13.51 -68.47 1.67
C ASN D 171 -14.43 -68.25 2.87
N THR D 172 -14.26 -67.13 3.57
CA THR D 172 -14.93 -66.94 4.88
C THR D 172 -16.44 -67.17 4.85
N ARG D 173 -17.13 -66.41 4.00
CA ARG D 173 -18.59 -66.47 3.96
C ARG D 173 -19.08 -67.84 3.49
N ARG D 174 -18.36 -68.44 2.54
CA ARG D 174 -18.65 -69.81 2.12
C ARG D 174 -18.59 -70.78 3.30
N LEU D 175 -17.52 -70.70 4.09
CA LEU D 175 -17.40 -71.58 5.27
C LEU D 175 -18.52 -71.39 6.29
N VAL D 176 -18.91 -70.14 6.53
CA VAL D 176 -20.04 -69.81 7.40
C VAL D 176 -21.30 -70.54 6.93
N MSE D 177 -21.61 -70.39 5.64
CA MSE D 177 -22.80 -71.01 5.07
C MSE D 177 -22.71 -72.53 5.07
O MSE D 177 -23.72 -73.22 5.25
CB MSE D 177 -23.08 -70.44 3.67
CG MSE D 177 -23.56 -69.00 3.71
SE MSE D 177 -24.03 -68.30 1.95
CE MSE D 177 -22.27 -67.50 1.48
N GLU D 178 -21.50 -73.06 4.90
CA GLU D 178 -21.25 -74.51 4.94
C GLU D 178 -21.43 -75.11 6.34
N GLU D 179 -21.07 -74.36 7.37
CA GLU D 179 -21.23 -74.82 8.73
C GLU D 179 -22.71 -75.11 9.03
N GLY D 180 -23.60 -74.25 8.54
CA GLY D 180 -25.04 -74.53 8.54
C GLY D 180 -25.85 -74.10 9.75
N GLY D 181 -25.16 -73.68 10.81
CA GLY D 181 -25.83 -73.31 12.06
C GLY D 181 -26.08 -71.82 12.24
N PHE D 182 -25.65 -71.02 11.27
CA PHE D 182 -25.82 -69.56 11.37
C PHE D 182 -27.07 -69.05 10.67
N LEU D 183 -27.94 -68.38 11.43
CA LEU D 183 -29.12 -67.69 10.87
C LEU D 183 -28.74 -66.57 9.91
N TYR D 184 -27.62 -65.91 10.17
CA TYR D 184 -27.20 -64.77 9.35
C TYR D 184 -25.70 -64.58 9.46
N ASP D 185 -25.13 -63.86 8.51
CA ASP D 185 -23.81 -63.28 8.72
C ASP D 185 -23.87 -61.82 8.34
N SER D 186 -22.87 -61.04 8.77
CA SER D 186 -22.87 -59.62 8.45
C SER D 186 -21.60 -59.16 7.76
N ASP D 187 -20.91 -60.09 7.08
CA ASP D 187 -19.66 -59.74 6.39
C ASP D 187 -19.91 -59.13 5.00
N THR D 188 -20.85 -58.18 4.93
CA THR D 188 -21.04 -57.39 3.71
C THR D 188 -21.35 -55.94 4.10
N TYR D 189 -21.25 -55.03 3.13
CA TYR D 189 -21.45 -53.57 3.35
C TYR D 189 -22.25 -53.04 2.17
N ASP D 190 -23.15 -53.88 1.67
CA ASP D 190 -23.66 -53.74 0.29
C ASP D 190 -25.13 -53.30 0.19
N ASP D 191 -25.78 -53.05 1.32
CA ASP D 191 -27.19 -52.71 1.29
C ASP D 191 -27.68 -52.03 2.57
N ASP D 192 -28.90 -51.51 2.47
CA ASP D 192 -29.65 -50.90 3.57
C ASP D 192 -30.70 -51.86 4.14
N LEU D 193 -30.75 -53.09 3.62
CA LEU D 193 -31.72 -54.10 4.08
C LEU D 193 -31.08 -55.47 4.11
N PRO D 194 -31.63 -56.39 4.92
CA PRO D 194 -31.19 -57.78 4.80
C PRO D 194 -31.60 -58.34 3.44
N TYR D 195 -30.93 -59.40 3.00
CA TYR D 195 -31.34 -60.14 1.81
C TYR D 195 -30.86 -61.58 1.91
N TRP D 196 -31.48 -62.47 1.14
CA TRP D 196 -31.05 -63.86 1.12
C TRP D 196 -29.84 -63.99 0.21
N ASP D 197 -28.77 -64.56 0.74
CA ASP D 197 -27.58 -64.81 -0.07
C ASP D 197 -27.94 -65.63 -1.32
N PRO D 198 -27.36 -65.27 -2.49
CA PRO D 198 -27.61 -66.04 -3.73
C PRO D 198 -27.30 -67.52 -3.60
N ALA D 199 -26.48 -67.90 -2.63
CA ALA D 199 -26.14 -69.30 -2.42
C ALA D 199 -27.22 -70.07 -1.68
N SER D 200 -28.26 -69.37 -1.22
CA SER D 200 -29.36 -69.98 -0.46
C SER D 200 -30.10 -71.02 -1.30
N THR D 201 -30.53 -72.08 -0.63
CA THR D 201 -31.44 -73.07 -1.21
C THR D 201 -32.67 -73.13 -0.32
N ALA D 202 -33.74 -73.77 -0.80
CA ALA D 202 -34.94 -73.97 0.00
C ALA D 202 -34.60 -74.69 1.30
N GLU D 203 -33.71 -75.67 1.19
CA GLU D 203 -33.25 -76.49 2.31
C GLU D 203 -32.34 -75.72 3.27
N LYS D 204 -31.43 -74.92 2.72
CA LYS D 204 -30.49 -74.14 3.54
C LYS D 204 -30.47 -72.64 3.13
N PRO D 205 -31.50 -71.87 3.56
CA PRO D 205 -31.43 -70.43 3.28
C PRO D 205 -30.41 -69.74 4.17
N HIS D 206 -29.75 -68.72 3.65
CA HIS D 206 -28.82 -67.97 4.48
C HIS D 206 -29.05 -66.47 4.34
N LEU D 207 -29.33 -65.83 5.46
CA LEU D 207 -29.63 -64.40 5.46
C LEU D 207 -28.35 -63.58 5.62
N VAL D 208 -28.26 -62.51 4.85
CA VAL D 208 -27.21 -61.50 5.01
C VAL D 208 -27.83 -60.25 5.63
N ILE D 209 -27.20 -59.76 6.69
CA ILE D 209 -27.60 -58.52 7.32
C ILE D 209 -26.39 -57.60 7.20
N PRO D 210 -26.38 -56.73 6.18
CA PRO D 210 -25.20 -55.91 5.91
C PRO D 210 -24.83 -55.01 7.09
N TYR D 211 -23.53 -54.83 7.27
CA TYR D 211 -22.96 -54.07 8.37
C TYR D 211 -22.43 -52.73 7.81
N THR D 212 -21.47 -52.12 8.51
CA THR D 212 -21.08 -50.75 8.15
C THR D 212 -19.65 -50.45 8.54
N LEU D 213 -18.99 -49.65 7.72
CA LEU D 213 -17.69 -49.08 8.07
C LEU D 213 -17.77 -47.54 8.17
N ASP D 214 -18.95 -46.96 7.94
CA ASP D 214 -19.08 -45.50 7.96
C ASP D 214 -19.75 -44.95 9.22
N THR D 215 -20.89 -45.54 9.61
CA THR D 215 -21.53 -45.19 10.90
C THR D 215 -20.93 -46.10 11.96
N ASN D 216 -19.64 -45.87 12.19
CA ASN D 216 -18.82 -46.82 12.93
C ASN D 216 -17.74 -46.01 13.63
N ASP D 217 -17.62 -46.19 14.95
CA ASP D 217 -16.62 -45.44 15.71
C ASP D 217 -15.15 -45.79 15.35
N MSE D 218 -14.93 -46.80 14.51
CA MSE D 218 -13.55 -47.13 14.13
C MSE D 218 -12.94 -45.90 13.43
O MSE D 218 -11.72 -45.69 13.45
CB MSE D 218 -13.51 -48.33 13.19
CG MSE D 218 -14.23 -48.06 11.89
SE MSE D 218 -14.42 -49.63 10.75
CE MSE D 218 -14.47 -51.07 12.12
N ARG D 219 -13.82 -45.07 12.87
CA ARG D 219 -13.37 -43.89 12.12
CA ARG D 219 -13.40 -43.87 12.13
C ARG D 219 -12.78 -42.79 13.02
N PHE D 220 -12.96 -42.90 14.33
CA PHE D 220 -12.30 -41.97 15.27
C PHE D 220 -10.78 -42.17 15.25
N THR D 221 -10.32 -43.33 14.78
CA THR D 221 -8.88 -43.62 14.82
C THR D 221 -8.26 -43.92 13.44
N GLN D 222 -8.99 -43.62 12.37
CA GLN D 222 -8.50 -43.84 11.02
C GLN D 222 -8.07 -42.53 10.36
N VAL D 223 -7.30 -42.63 9.27
CA VAL D 223 -6.71 -41.44 8.63
CA VAL D 223 -6.72 -41.45 8.60
C VAL D 223 -7.77 -40.50 8.03
N GLN D 224 -9.00 -40.98 7.93
CA GLN D 224 -10.14 -40.16 7.62
C GLN D 224 -11.23 -40.67 8.54
N GLY D 225 -11.97 -39.74 9.14
CA GLY D 225 -13.07 -40.09 10.05
C GLY D 225 -13.54 -38.91 10.90
N PHE D 226 -13.57 -39.10 12.22
CA PHE D 226 -14.09 -38.12 13.17
C PHE D 226 -13.00 -37.76 14.16
N ASN D 227 -12.95 -36.51 14.57
CA ASN D 227 -12.03 -36.18 15.67
C ASN D 227 -12.77 -35.80 16.95
N ASN D 228 -14.09 -35.62 16.86
CA ASN D 228 -14.86 -35.45 18.10
C ASN D 228 -16.29 -35.96 18.05
N GLY D 229 -16.93 -35.98 19.21
CA GLY D 229 -18.28 -36.55 19.32
C GLY D 229 -19.35 -35.81 18.56
N GLU D 230 -19.23 -34.49 18.52
CA GLU D 230 -20.20 -33.64 17.85
CA GLU D 230 -20.21 -33.65 17.84
C GLU D 230 -20.29 -34.10 16.37
N GLN D 231 -19.14 -34.37 15.79
CA GLN D 231 -19.10 -34.78 14.37
C GLN D 231 -19.75 -36.15 14.15
N PHE D 232 -19.50 -37.07 15.08
CA PHE D 232 -20.04 -38.43 15.03
C PHE D 232 -21.56 -38.39 15.22
N PHE D 233 -22.00 -37.61 16.20
CA PHE D 233 -23.44 -37.41 16.40
C PHE D 233 -24.11 -36.89 15.14
N GLN D 234 -23.53 -35.87 14.52
CA GLN D 234 -24.14 -35.27 13.32
C GLN D 234 -24.23 -36.28 12.18
N TYR D 235 -23.19 -37.10 12.05
CA TYR D 235 -23.12 -38.14 11.03
C TYR D 235 -24.25 -39.17 11.23
N LEU D 236 -24.40 -39.66 12.46
CA LEU D 236 -25.47 -40.61 12.78
C LEU D 236 -26.86 -39.99 12.63
N LYS D 237 -26.99 -38.74 13.11
CA LYS D 237 -28.26 -38.01 12.98
C LYS D 237 -28.68 -37.89 11.52
N ASP D 238 -27.74 -37.52 10.64
CA ASP D 238 -28.02 -37.40 9.23
C ASP D 238 -28.50 -38.73 8.63
N ALA D 239 -27.79 -39.82 8.97
CA ALA D 239 -28.16 -41.13 8.47
C ALA D 239 -29.58 -41.47 8.94
N PHE D 240 -29.83 -41.22 10.22
CA PHE D 240 -31.16 -41.46 10.79
C PHE D 240 -32.21 -40.63 10.06
N ASP D 241 -31.95 -39.34 9.88
CA ASP D 241 -32.95 -38.44 9.28
C ASP D 241 -33.32 -38.86 7.88
N VAL D 242 -32.30 -39.18 7.07
CA VAL D 242 -32.52 -39.58 5.69
C VAL D 242 -33.34 -40.86 5.63
N LEU D 243 -32.92 -41.86 6.40
CA LEU D 243 -33.62 -43.13 6.39
C LEU D 243 -35.02 -43.06 6.98
N TYR D 244 -35.19 -42.27 8.02
CA TYR D 244 -36.50 -42.12 8.68
C TYR D 244 -37.53 -41.48 7.72
N GLU D 245 -37.06 -40.51 6.94
CA GLU D 245 -37.86 -39.90 5.89
C GLU D 245 -38.20 -40.91 4.78
N GLU D 246 -37.21 -41.68 4.34
CA GLU D 246 -37.47 -42.78 3.37
C GLU D 246 -38.52 -43.74 3.90
N GLY D 247 -38.49 -43.97 5.24
CA GLY D 247 -39.33 -44.93 5.91
C GLY D 247 -40.78 -44.52 6.03
N ALA D 248 -41.09 -43.29 5.62
CA ALA D 248 -42.50 -42.91 5.42
C ALA D 248 -43.16 -43.87 4.44
N THR D 249 -42.38 -44.39 3.50
CA THR D 249 -42.88 -45.31 2.48
C THR D 249 -42.09 -46.61 2.33
N ALA D 250 -40.79 -46.56 2.64
CA ALA D 250 -39.89 -47.68 2.38
C ALA D 250 -38.85 -47.80 3.49
N PRO D 251 -39.25 -48.36 4.64
CA PRO D 251 -38.27 -48.48 5.73
C PRO D 251 -37.02 -49.32 5.41
N LYS D 252 -35.91 -48.90 5.99
CA LYS D 252 -34.62 -49.58 5.84
C LYS D 252 -34.05 -49.84 7.24
N MSE D 253 -32.79 -50.22 7.32
CA MSE D 253 -32.10 -50.34 8.61
C MSE D 253 -30.79 -49.57 8.58
O MSE D 253 -30.26 -49.24 7.52
CB MSE D 253 -31.84 -51.79 8.96
CG MSE D 253 -30.88 -52.48 8.01
SE MSE D 253 -30.46 -54.34 8.56
CE MSE D 253 -29.33 -53.92 10.17
N LEU D 254 -30.26 -49.32 9.77
CA LEU D 254 -28.97 -48.63 9.96
C LEU D 254 -28.22 -49.39 11.04
N SER D 255 -26.97 -49.77 10.75
CA SER D 255 -26.09 -50.35 11.78
C SER D 255 -25.21 -49.25 12.34
N ILE D 256 -24.92 -49.37 13.63
CA ILE D 256 -24.01 -48.45 14.32
C ILE D 256 -22.96 -49.32 15.02
N GLY D 257 -21.72 -49.25 14.51
CA GLY D 257 -20.62 -50.06 15.01
C GLY D 257 -19.84 -49.34 16.09
N LEU D 258 -19.53 -50.09 17.15
CA LEU D 258 -18.90 -49.55 18.36
C LEU D 258 -17.76 -50.45 18.83
N HIS D 259 -16.73 -49.86 19.42
CA HIS D 259 -15.63 -50.63 20.02
C HIS D 259 -15.37 -50.15 21.44
N CYS D 260 -15.11 -51.11 22.33
CA CYS D 260 -14.97 -50.81 23.75
C CYS D 260 -13.80 -49.85 24.02
N ARG D 261 -12.69 -50.06 23.31
CA ARG D 261 -11.49 -49.24 23.50
C ARG D 261 -11.60 -47.83 22.91
N LEU D 262 -12.62 -47.61 22.06
CA LEU D 262 -12.76 -46.36 21.32
C LEU D 262 -13.89 -45.53 21.93
N ILE D 263 -15.14 -45.91 21.67
CA ILE D 263 -16.27 -45.11 22.15
C ILE D 263 -16.54 -45.34 23.67
N GLY D 264 -15.81 -46.30 24.25
CA GLY D 264 -15.77 -46.48 25.70
C GLY D 264 -15.06 -45.34 26.43
N ARG D 265 -14.31 -44.52 25.69
CA ARG D 265 -13.70 -43.32 26.27
C ARG D 265 -14.80 -42.29 26.50
N PRO D 266 -14.78 -41.65 27.68
CA PRO D 266 -15.85 -40.68 28.02
C PRO D 266 -15.97 -39.55 26.99
N ALA D 267 -14.87 -39.12 26.39
CA ALA D 267 -14.93 -38.04 25.39
C ALA D 267 -15.81 -38.40 24.18
N ARG D 268 -15.89 -39.70 23.87
CA ARG D 268 -16.63 -40.16 22.70
C ARG D 268 -18.02 -40.68 23.05
N MSE D 269 -18.18 -41.17 24.27
CA MSE D 269 -19.44 -41.77 24.64
C MSE D 269 -20.61 -40.77 24.65
O MSE D 269 -21.74 -41.16 24.36
CB MSE D 269 -19.37 -42.48 25.99
CG MSE D 269 -20.50 -43.47 26.18
SE MSE D 269 -21.04 -43.62 28.06
CE MSE D 269 -22.12 -42.02 28.09
N ALA D 270 -20.32 -39.51 24.99
CA ALA D 270 -21.38 -38.48 25.07
C ALA D 270 -22.21 -38.40 23.78
N ALA D 271 -21.53 -38.41 22.64
CA ALA D 271 -22.21 -38.34 21.34
C ALA D 271 -23.10 -39.56 21.09
N LEU D 272 -22.62 -40.73 21.51
CA LEU D 272 -23.41 -41.96 21.36
C LEU D 272 -24.72 -41.85 22.15
N GLU D 273 -24.62 -41.45 23.42
CA GLU D 273 -25.83 -41.31 24.23
C GLU D 273 -26.78 -40.26 23.64
N ARG D 274 -26.21 -39.14 23.16
CA ARG D 274 -27.02 -38.11 22.52
CA ARG D 274 -27.02 -38.11 22.51
C ARG D 274 -27.77 -38.66 21.30
N PHE D 275 -27.11 -39.49 20.49
CA PHE D 275 -27.76 -40.08 19.33
C PHE D 275 -28.88 -41.04 19.73
N ILE D 276 -28.60 -41.89 20.71
CA ILE D 276 -29.64 -42.79 21.23
C ILE D 276 -30.87 -42.00 21.66
N GLN D 277 -30.65 -40.96 22.47
CA GLN D 277 -31.74 -40.08 22.91
C GLN D 277 -32.47 -39.41 21.76
N TYR D 278 -31.73 -38.97 20.76
CA TYR D 278 -32.33 -38.36 19.57
C TYR D 278 -33.25 -39.37 18.89
N ALA D 279 -32.72 -40.57 18.65
CA ALA D 279 -33.51 -41.65 18.04
C ALA D 279 -34.77 -41.95 18.86
N GLN D 280 -34.61 -42.10 20.17
CA GLN D 280 -35.70 -42.43 21.09
C GLN D 280 -36.79 -41.36 21.14
N SER D 281 -36.44 -40.13 20.77
CA SER D 281 -37.39 -39.01 20.73
C SER D 281 -38.34 -39.08 19.54
N HIS D 282 -38.09 -40.03 18.63
CA HIS D 282 -38.98 -40.23 17.48
C HIS D 282 -39.83 -41.46 17.68
N ASP D 283 -41.08 -41.40 17.23
CA ASP D 283 -41.87 -42.60 17.26
CA ASP D 283 -41.98 -42.53 17.16
C ASP D 283 -41.49 -43.50 16.07
N LYS D 284 -41.96 -44.74 16.11
CA LYS D 284 -41.71 -45.68 15.03
C LYS D 284 -40.23 -45.94 14.72
N VAL D 285 -39.45 -46.13 15.79
CA VAL D 285 -38.05 -46.55 15.70
C VAL D 285 -37.90 -47.92 16.37
N TRP D 286 -37.41 -48.91 15.62
CA TRP D 286 -37.21 -50.25 16.18
C TRP D 286 -35.73 -50.45 16.51
N PHE D 287 -35.43 -50.61 17.80
CA PHE D 287 -34.05 -50.88 18.25
C PHE D 287 -33.92 -52.41 18.38
N ALA D 288 -33.09 -53.00 17.53
CA ALA D 288 -33.10 -54.46 17.39
C ALA D 288 -31.72 -55.11 17.53
N ARG D 289 -31.70 -56.36 17.99
CA ARG D 289 -30.50 -57.20 17.85
CA ARG D 289 -30.51 -57.22 17.85
C ARG D 289 -30.50 -57.76 16.43
N ARG D 290 -29.31 -58.07 15.90
CA ARG D 290 -29.23 -58.64 14.56
C ARG D 290 -29.99 -59.96 14.44
N GLU D 291 -29.89 -60.82 15.46
CA GLU D 291 -30.66 -62.07 15.49
CA GLU D 291 -30.66 -62.07 15.46
C GLU D 291 -32.17 -61.81 15.37
N ASP D 292 -32.63 -60.73 16.00
CA ASP D 292 -34.05 -60.37 15.95
C ASP D 292 -34.45 -59.96 14.54
N ILE D 293 -33.60 -59.19 13.89
CA ILE D 293 -33.80 -58.83 12.48
C ILE D 293 -33.85 -60.11 11.64
N ALA D 294 -32.93 -61.05 11.93
CA ALA D 294 -32.86 -62.29 11.15
C ALA D 294 -34.14 -63.14 11.34
N ARG D 295 -34.58 -63.28 12.58
CA ARG D 295 -35.79 -64.06 12.82
CA ARG D 295 -35.81 -64.00 12.90
C ARG D 295 -37.02 -63.37 12.23
N HIS D 296 -37.05 -62.04 12.25
CA HIS D 296 -38.12 -61.29 11.61
C HIS D 296 -38.14 -61.53 10.11
N TRP D 297 -36.97 -61.52 9.48
CA TRP D 297 -36.91 -61.74 8.02
C TRP D 297 -37.36 -63.15 7.63
N HIS D 298 -36.97 -64.15 8.42
CA HIS D 298 -37.43 -65.53 8.20
C HIS D 298 -38.96 -65.62 8.20
N ARG D 299 -39.59 -64.85 9.09
CA ARG D 299 -41.05 -64.87 9.25
C ARG D 299 -41.79 -64.03 8.20
N GLU D 300 -41.32 -62.80 7.98
CA GLU D 300 -41.96 -61.84 7.08
CA GLU D 300 -42.00 -61.86 7.08
C GLU D 300 -41.59 -62.03 5.61
N HIS D 301 -40.35 -62.45 5.36
CA HIS D 301 -39.85 -62.54 4.00
C HIS D 301 -39.09 -63.84 3.78
N PRO D 302 -39.77 -64.99 3.90
CA PRO D 302 -39.05 -66.26 3.80
C PRO D 302 -38.43 -66.41 2.41
N PHE D 303 -37.31 -67.12 2.34
CA PHE D 303 -36.64 -67.37 1.08
C PHE D 303 -37.58 -68.13 0.13
N GLN D 304 -37.57 -67.74 -1.14
CA GLN D 304 -38.31 -68.47 -2.18
C GLN D 304 -37.38 -68.92 -3.32
N ASP E 4 -18.62 49.04 -37.32
CA ASP E 4 -17.50 48.19 -37.83
C ASP E 4 -16.41 48.03 -36.77
N TYR E 5 -16.11 46.78 -36.43
CA TYR E 5 -15.14 46.45 -35.39
C TYR E 5 -13.74 46.98 -35.70
N PRO E 6 -13.23 47.92 -34.88
CA PRO E 6 -11.99 48.65 -35.18
C PRO E 6 -10.72 48.03 -34.60
N ARG E 7 -10.67 46.71 -34.51
CA ARG E 7 -9.43 46.02 -34.22
C ARG E 7 -9.16 45.07 -35.36
N ASP E 8 -7.89 44.95 -35.72
CA ASP E 8 -7.49 43.95 -36.70
C ASP E 8 -6.88 42.74 -35.99
N LEU E 9 -7.72 41.74 -35.74
CA LEU E 9 -7.29 40.48 -35.09
C LEU E 9 -6.60 39.52 -36.07
N ILE E 10 -6.72 39.83 -37.36
CA ILE E 10 -6.33 38.90 -38.43
C ILE E 10 -4.92 39.18 -38.97
N GLY E 11 -4.64 40.45 -39.26
CA GLY E 11 -3.32 40.83 -39.73
C GLY E 11 -2.98 40.13 -41.04
N TYR E 12 -1.76 39.61 -41.11
CA TYR E 12 -1.27 38.88 -42.29
C TYR E 12 -1.78 37.44 -42.35
N GLY E 13 -2.41 37.00 -41.25
CA GLY E 13 -2.85 35.62 -41.11
C GLY E 13 -1.68 34.69 -41.31
N ASN E 14 -1.90 33.61 -42.05
CA ASN E 14 -0.85 32.63 -42.25
C ASN E 14 0.11 32.97 -43.39
N ASN E 15 -0.03 34.17 -43.95
CA ASN E 15 0.79 34.61 -45.10
C ASN E 15 1.52 35.91 -44.86
N PRO E 16 2.43 35.94 -43.86
CA PRO E 16 3.20 37.15 -43.69
C PRO E 16 4.13 37.31 -44.90
N PRO E 17 4.41 38.55 -45.30
CA PRO E 17 5.31 38.79 -46.42
C PRO E 17 6.74 38.41 -46.02
N HIS E 18 7.51 37.98 -47.02
CA HIS E 18 8.95 37.81 -46.83
C HIS E 18 9.54 39.22 -46.83
N PRO E 19 10.23 39.63 -45.74
CA PRO E 19 10.71 41.01 -45.70
C PRO E 19 11.89 41.30 -46.63
N HIS E 20 12.58 40.25 -47.09
CA HIS E 20 13.79 40.42 -47.91
C HIS E 20 14.73 41.43 -47.27
N TRP E 21 15.17 41.09 -46.05
CA TRP E 21 16.04 41.97 -45.29
C TRP E 21 17.35 42.22 -46.02
N PRO E 22 17.98 43.37 -45.79
CA PRO E 22 19.32 43.61 -46.32
C PRO E 22 20.25 42.45 -46.00
N GLY E 23 21.10 42.11 -46.97
CA GLY E 23 22.04 40.98 -46.81
C GLY E 23 21.34 39.62 -46.72
N ASP E 24 20.08 39.56 -47.16
CA ASP E 24 19.27 38.35 -47.06
CA ASP E 24 19.20 38.40 -47.03
C ASP E 24 19.27 37.79 -45.63
N ALA E 25 19.22 38.67 -44.64
CA ALA E 25 19.25 38.25 -43.24
C ALA E 25 18.08 37.35 -42.92
N ARG E 26 18.34 36.34 -42.09
CA ARG E 26 17.30 35.43 -41.60
C ARG E 26 16.50 36.02 -40.45
N ILE E 27 17.02 37.11 -39.87
CA ILE E 27 16.37 37.77 -38.75
C ILE E 27 16.87 39.22 -38.70
N ALA E 28 15.97 40.14 -38.37
CA ALA E 28 16.35 41.51 -38.07
C ALA E 28 16.18 41.77 -36.57
N LEU E 29 17.24 42.26 -35.94
CA LEU E 29 17.20 42.60 -34.52
C LEU E 29 17.17 44.10 -34.36
N SER E 30 16.25 44.57 -33.53
CA SER E 30 16.11 45.98 -33.18
C SER E 30 16.35 46.14 -31.67
N PHE E 31 17.55 46.56 -31.29
CA PHE E 31 17.82 46.91 -29.89
C PHE E 31 17.35 48.32 -29.65
N VAL E 32 16.62 48.50 -28.56
CA VAL E 32 15.99 49.76 -28.23
C VAL E 32 16.40 50.18 -26.83
N LEU E 33 17.02 51.35 -26.71
CA LEU E 33 17.35 51.90 -25.40
C LEU E 33 16.38 53.01 -25.03
N ASN E 34 15.60 52.79 -23.97
CA ASN E 34 14.73 53.85 -23.47
C ASN E 34 15.54 54.83 -22.65
N TYR E 35 15.28 56.12 -22.86
CA TYR E 35 15.89 57.14 -22.04
C TYR E 35 14.80 58.01 -21.44
N GLU E 36 14.50 57.74 -20.16
CA GLU E 36 13.30 58.29 -19.49
C GLU E 36 13.65 59.07 -18.23
N GLU E 37 14.83 58.79 -17.70
CA GLU E 37 15.28 59.31 -16.41
C GLU E 37 15.39 60.84 -16.48
N GLY E 38 14.67 61.52 -15.59
CA GLY E 38 14.54 62.97 -15.66
C GLY E 38 13.22 63.44 -16.27
N GLY E 39 12.44 62.49 -16.79
CA GLY E 39 11.11 62.80 -17.34
C GLY E 39 9.95 62.06 -16.67
N GLU E 40 10.29 61.25 -15.66
CA GLU E 40 9.31 60.39 -14.99
C GLU E 40 8.42 61.18 -14.02
N ARG E 41 7.51 60.51 -13.32
CA ARG E 41 6.68 61.23 -12.34
C ARG E 41 7.50 61.77 -11.18
N CYS E 42 7.30 63.06 -10.89
CA CYS E 42 7.98 63.74 -9.79
C CYS E 42 7.28 65.07 -9.55
N VAL E 43 7.07 65.43 -8.29
CA VAL E 43 6.51 66.76 -8.00
C VAL E 43 7.39 67.90 -8.55
N LEU E 44 8.70 67.65 -8.68
CA LEU E 44 9.63 68.60 -9.30
C LEU E 44 9.40 68.79 -10.79
N HIS E 45 8.75 67.80 -11.42
CA HIS E 45 8.47 67.83 -12.85
C HIS E 45 7.09 68.38 -13.16
N GLY E 46 6.37 68.78 -12.11
CA GLY E 46 5.00 69.28 -12.22
C GLY E 46 3.91 68.24 -11.99
N ASP E 47 4.30 67.01 -11.67
CA ASP E 47 3.32 65.95 -11.39
C ASP E 47 2.75 66.04 -9.97
N LYS E 48 1.68 65.30 -9.71
CA LYS E 48 1.00 65.36 -8.42
C LYS E 48 1.47 64.26 -7.47
N GLU E 49 2.33 63.37 -7.96
CA GLU E 49 2.78 62.21 -7.19
C GLU E 49 4.17 61.78 -7.65
N SER E 50 4.81 60.95 -6.84
CA SER E 50 6.12 60.39 -7.15
C SER E 50 5.97 59.19 -8.09
N GLU E 51 7.09 58.79 -8.68
CA GLU E 51 7.13 57.64 -9.59
C GLU E 51 7.01 56.34 -8.80
N ALA E 52 6.45 55.31 -9.42
CA ALA E 52 6.30 54.00 -8.79
C ALA E 52 6.77 52.86 -9.68
N PHE E 53 6.94 53.13 -10.98
CA PHE E 53 7.21 52.08 -11.96
C PHE E 53 8.67 51.85 -12.26
N LEU E 54 8.99 50.63 -12.69
CA LEU E 54 10.31 50.29 -13.26
C LEU E 54 11.51 50.77 -12.43
N SER E 55 11.60 50.23 -11.22
CA SER E 55 12.76 50.45 -10.37
C SER E 55 12.94 49.21 -9.50
N GLU E 56 14.02 49.18 -8.73
CA GLU E 56 14.29 48.07 -7.82
C GLU E 56 13.19 47.88 -6.78
N MSE E 57 12.44 48.95 -6.53
CA MSE E 57 11.34 48.89 -5.54
C MSE E 57 10.09 48.32 -6.20
O MSE E 57 9.17 49.05 -6.58
CB MSE E 57 11.10 50.26 -4.93
CG MSE E 57 12.32 50.78 -4.19
SE MSE E 57 11.96 52.50 -3.39
CE MSE E 57 10.53 51.95 -2.15
N VAL E 58 10.09 47.00 -6.32
CA VAL E 58 9.12 46.27 -7.10
C VAL E 58 7.69 46.47 -6.60
N ALA E 59 7.54 46.74 -5.31
CA ALA E 59 6.21 46.91 -4.70
C ALA E 59 5.84 48.38 -4.44
N ALA E 60 6.62 49.32 -4.98
CA ALA E 60 6.40 50.75 -4.76
C ALA E 60 5.02 51.25 -5.19
N GLN E 61 4.47 52.19 -4.43
CA GLN E 61 3.26 52.92 -4.82
C GLN E 61 3.62 54.39 -5.00
N PRO E 62 2.85 55.13 -5.84
CA PRO E 62 3.11 56.57 -5.92
C PRO E 62 2.75 57.25 -4.61
N LEU E 63 3.51 58.28 -4.27
CA LEU E 63 3.25 59.05 -3.06
C LEU E 63 2.65 60.39 -3.49
N GLN E 64 1.51 60.75 -2.91
CA GLN E 64 0.83 61.97 -3.31
C GLN E 64 1.48 63.24 -2.74
N GLY E 65 1.86 64.15 -3.64
CA GLY E 65 2.25 65.50 -3.25
C GLY E 65 3.60 65.67 -2.59
N VAL E 66 4.38 64.59 -2.55
CA VAL E 66 5.71 64.59 -1.90
C VAL E 66 6.77 63.91 -2.76
N ARG E 67 8.04 64.11 -2.40
CA ARG E 67 9.15 63.43 -3.09
C ARG E 67 9.43 62.11 -2.42
N HIS E 68 9.73 61.11 -3.24
CA HIS E 68 10.17 59.81 -2.77
C HIS E 68 11.66 59.70 -3.10
N MSE E 69 12.50 59.95 -2.10
CA MSE E 69 13.94 60.11 -2.35
C MSE E 69 14.60 58.87 -2.95
O MSE E 69 15.34 58.97 -3.94
CB MSE E 69 14.66 60.60 -1.09
CG MSE E 69 14.15 61.92 -0.48
SE MSE E 69 13.90 63.39 -1.82
CE MSE E 69 15.85 63.77 -2.22
N SER E 70 14.35 57.68 -2.38
CA SER E 70 14.97 56.45 -2.91
CA SER E 70 14.99 56.47 -2.92
C SER E 70 14.60 56.24 -4.37
N MSE E 71 13.34 56.50 -4.71
CA MSE E 71 12.87 56.34 -6.09
C MSE E 71 13.61 57.29 -7.05
O MSE E 71 13.98 56.88 -8.16
CB MSE E 71 11.36 56.56 -6.14
CG MSE E 71 10.73 56.41 -7.51
SE MSE E 71 10.85 54.58 -8.21
CE MSE E 71 10.42 53.61 -6.64
N GLU E 72 13.80 58.54 -6.64
CA GLU E 72 14.54 59.51 -7.45
C GLU E 72 15.97 59.01 -7.66
N SER E 73 16.56 58.51 -6.57
CA SER E 73 17.94 58.03 -6.58
C SER E 73 18.14 56.86 -7.56
N LEU E 74 17.21 55.90 -7.54
CA LEU E 74 17.23 54.77 -8.45
C LEU E 74 17.12 55.21 -9.91
N TYR E 75 16.33 56.25 -10.16
CA TYR E 75 16.26 56.82 -11.52
C TYR E 75 17.55 57.49 -11.91
N GLU E 76 18.12 58.24 -10.98
CA GLU E 76 19.40 58.92 -11.21
C GLU E 76 20.52 57.95 -11.58
N TYR E 77 20.49 56.72 -11.06
CA TYR E 77 21.49 55.71 -11.49
C TYR E 77 21.50 55.57 -13.01
N GLY E 78 20.30 55.55 -13.61
CA GLY E 78 20.21 55.35 -15.07
C GLY E 78 20.86 56.49 -15.85
N SER E 79 20.64 57.72 -15.41
CA SER E 79 21.17 58.90 -16.13
C SER E 79 22.63 59.17 -15.81
N ARG E 80 23.05 58.82 -14.59
CA ARG E 80 24.42 59.06 -14.13
C ARG E 80 25.40 58.01 -14.60
N ALA E 81 25.01 56.74 -14.50
CA ALA E 81 25.94 55.62 -14.66
C ALA E 81 25.50 54.56 -15.64
N GLY E 82 24.25 54.11 -15.53
CA GLY E 82 23.75 53.02 -16.36
C GLY E 82 23.87 53.33 -17.84
N VAL E 83 23.47 54.54 -18.21
CA VAL E 83 23.41 54.89 -19.63
C VAL E 83 24.81 54.80 -20.29
N TRP E 84 25.84 55.26 -19.59
CA TRP E 84 27.20 55.24 -20.13
C TRP E 84 27.72 53.82 -20.28
N ARG E 85 27.45 52.97 -19.27
CA ARG E 85 27.80 51.54 -19.37
C ARG E 85 27.22 50.92 -20.65
N LEU E 86 25.94 51.22 -20.89
CA LEU E 86 25.25 50.66 -22.05
C LEU E 86 25.76 51.22 -23.38
N LEU E 87 25.98 52.53 -23.44
CA LEU E 87 26.53 53.15 -24.65
C LEU E 87 27.90 52.55 -24.99
N LYS E 88 28.73 52.34 -23.98
CA LYS E 88 30.03 51.70 -24.21
C LYS E 88 29.89 50.28 -24.77
N LEU E 89 28.91 49.53 -24.25
CA LEU E 89 28.63 48.18 -24.74
C LEU E 89 28.28 48.18 -26.22
N PHE E 90 27.31 49.02 -26.61
CA PHE E 90 26.88 49.02 -28.01
C PHE E 90 27.95 49.56 -28.94
N LYS E 91 28.78 50.46 -28.44
CA LYS E 91 29.93 50.94 -29.21
C LYS E 91 30.95 49.80 -29.43
N ARG E 92 31.33 49.15 -28.33
CA ARG E 92 32.26 48.02 -28.31
C ARG E 92 31.85 46.93 -29.31
N ARG E 93 30.55 46.62 -29.32
CA ARG E 93 30.01 45.57 -30.18
C ARG E 93 29.58 46.07 -31.57
N ASN E 94 29.68 47.37 -31.81
CA ASN E 94 29.28 47.96 -33.11
C ASN E 94 27.85 47.59 -33.49
N VAL E 95 26.93 47.77 -32.55
CA VAL E 95 25.51 47.50 -32.76
C VAL E 95 24.74 48.80 -32.61
N PRO E 96 23.99 49.19 -33.67
CA PRO E 96 23.21 50.43 -33.60
C PRO E 96 21.98 50.27 -32.73
N LEU E 97 21.59 51.36 -32.06
CA LEU E 97 20.41 51.39 -31.21
C LEU E 97 19.40 52.33 -31.82
N THR E 98 18.12 52.08 -31.52
CA THR E 98 17.12 53.13 -31.54
C THR E 98 16.88 53.55 -30.12
N VAL E 99 17.01 54.85 -29.85
CA VAL E 99 16.79 55.36 -28.51
C VAL E 99 15.38 55.91 -28.43
N PHE E 100 14.56 55.36 -27.54
CA PHE E 100 13.24 55.94 -27.27
C PHE E 100 13.45 57.04 -26.24
N ALA E 101 13.63 58.27 -26.72
CA ALA E 101 14.02 59.39 -25.86
C ALA E 101 12.84 60.24 -25.41
N VAL E 102 12.61 60.32 -24.10
CA VAL E 102 11.59 61.21 -23.57
C VAL E 102 12.15 62.64 -23.60
N ALA E 103 11.40 63.57 -24.19
CA ALA E 103 11.94 64.91 -24.46
C ALA E 103 12.39 65.62 -23.18
N MSE E 104 11.59 65.53 -22.12
CA MSE E 104 12.01 66.20 -20.88
C MSE E 104 13.32 65.61 -20.35
O MSE E 104 14.20 66.34 -19.89
CB MSE E 104 10.94 66.17 -19.79
CG MSE E 104 11.43 66.81 -18.50
SE MSE E 104 10.19 66.69 -17.00
CE MSE E 104 8.99 68.24 -17.48
N ALA E 105 13.44 64.29 -20.41
CA ALA E 105 14.67 63.60 -19.98
C ALA E 105 15.85 64.10 -20.79
N ALA E 106 15.66 64.18 -22.12
CA ALA E 106 16.69 64.67 -23.04
C ALA E 106 17.15 66.08 -22.66
N GLN E 107 16.18 66.97 -22.42
CA GLN E 107 16.46 68.35 -22.01
C GLN E 107 17.36 68.41 -20.79
N ARG E 108 17.18 67.47 -19.88
CA ARG E 108 17.89 67.51 -18.59
C ARG E 108 19.27 66.89 -18.68
N ASN E 109 19.56 66.19 -19.78
CA ASN E 109 20.87 65.58 -19.94
C ASN E 109 21.31 65.67 -21.39
N PRO E 110 21.51 66.91 -21.91
CA PRO E 110 21.83 67.06 -23.33
C PRO E 110 23.13 66.38 -23.76
N GLU E 111 24.08 66.25 -22.84
CA GLU E 111 25.35 65.59 -23.18
C GLU E 111 25.14 64.14 -23.59
N VAL E 112 24.28 63.42 -22.88
CA VAL E 112 24.11 62.01 -23.24
C VAL E 112 23.40 61.89 -24.60
N ILE E 113 22.47 62.81 -24.88
CA ILE E 113 21.83 62.84 -26.19
C ILE E 113 22.88 63.11 -27.28
N ARG E 114 23.76 64.07 -27.04
CA ARG E 114 24.87 64.34 -27.99
C ARG E 114 25.71 63.06 -28.26
N ALA E 115 26.06 62.35 -27.20
CA ALA E 115 26.87 61.16 -27.29
C ALA E 115 26.16 60.08 -28.11
N MSE E 116 24.86 59.93 -27.88
CA MSE E 116 24.04 58.98 -28.61
C MSE E 116 24.04 59.28 -30.09
O MSE E 116 24.24 58.38 -30.91
CB MSE E 116 22.62 59.00 -28.05
CG MSE E 116 22.50 58.32 -26.69
SE MSE E 116 20.79 58.89 -25.92
CE MSE E 116 20.74 57.66 -24.38
N VAL E 117 23.83 60.55 -30.43
CA VAL E 117 23.85 61.01 -31.83
C VAL E 117 25.21 60.72 -32.45
N ALA E 118 26.29 61.05 -31.74
CA ALA E 118 27.66 60.87 -32.24
C ALA E 118 28.01 59.39 -32.45
N ASP E 119 27.33 58.50 -31.73
CA ASP E 119 27.55 57.06 -31.89
C ASP E 119 26.70 56.44 -32.98
N GLY E 120 25.92 57.28 -33.66
CA GLY E 120 25.16 56.84 -34.83
C GLY E 120 23.81 56.23 -34.51
N HIS E 121 23.36 56.37 -33.26
CA HIS E 121 22.06 55.81 -32.86
C HIS E 121 20.91 56.68 -33.31
N GLU E 122 19.76 56.06 -33.57
CA GLU E 122 18.57 56.81 -33.91
C GLU E 122 17.98 57.43 -32.63
N ILE E 123 17.56 58.68 -32.71
CA ILE E 123 16.78 59.28 -31.63
C ILE E 123 15.32 59.29 -32.08
N CYS E 124 14.54 58.40 -31.46
CA CYS E 124 13.10 58.29 -31.68
C CYS E 124 12.35 59.00 -30.54
N SER E 125 11.24 59.64 -30.85
CA SER E 125 10.48 60.31 -29.79
C SER E 125 9.79 59.31 -28.88
N HIS E 126 9.98 59.48 -27.57
CA HIS E 126 9.26 58.68 -26.56
C HIS E 126 8.28 59.60 -25.81
N GLY E 127 7.90 60.70 -26.45
CA GLY E 127 6.92 61.65 -25.90
C GLY E 127 7.57 62.73 -25.05
N TYR E 128 6.80 63.75 -24.69
CA TYR E 128 7.35 64.85 -23.90
C TYR E 128 7.66 64.43 -22.46
N ARG E 129 6.75 63.68 -21.87
CA ARG E 129 6.82 63.25 -20.47
C ARG E 129 6.70 61.74 -20.39
N TRP E 130 7.34 61.13 -19.39
CA TRP E 130 7.16 59.70 -19.17
C TRP E 130 6.04 59.50 -18.13
N ILE E 131 4.82 59.61 -18.64
CA ILE E 131 3.60 59.51 -17.83
C ILE E 131 2.54 58.77 -18.62
N ASP E 132 1.43 58.46 -17.95
CA ASP E 132 0.31 57.78 -18.60
C ASP E 132 -0.53 58.78 -19.39
N TYR E 133 -0.78 58.48 -20.67
CA TYR E 133 -1.62 59.32 -21.53
C TYR E 133 -3.07 58.81 -21.67
N GLN E 134 -3.40 57.72 -20.96
CA GLN E 134 -4.74 57.14 -21.05
C GLN E 134 -5.86 58.18 -20.98
N TYR E 135 -5.76 59.08 -20.00
CA TYR E 135 -6.86 60.01 -19.68
C TYR E 135 -6.63 61.43 -20.19
N MSE E 136 -5.51 61.67 -20.85
CA MSE E 136 -5.23 63.03 -21.31
C MSE E 136 -6.14 63.49 -22.43
O MSE E 136 -6.43 62.75 -23.38
CB MSE E 136 -3.77 63.22 -21.71
CG MSE E 136 -3.48 64.67 -22.07
SE MSE E 136 -1.61 65.04 -22.23
CE MSE E 136 -1.10 64.67 -20.30
N ASP E 137 -6.60 64.73 -22.33
CA ASP E 137 -7.43 65.32 -23.37
C ASP E 137 -6.60 65.52 -24.63
N GLU E 138 -7.27 65.44 -25.78
CA GLU E 138 -6.62 65.52 -27.09
C GLU E 138 -5.75 66.77 -27.30
N ALA E 139 -6.28 67.95 -26.94
CA ALA E 139 -5.54 69.19 -27.15
C ALA E 139 -4.22 69.20 -26.38
N GLN E 140 -4.25 68.70 -25.15
CA GLN E 140 -3.05 68.66 -24.35
C GLN E 140 -2.10 67.59 -24.89
N GLU E 141 -2.64 66.46 -25.34
CA GLU E 141 -1.77 65.42 -25.90
C GLU E 141 -1.07 65.89 -27.17
N ARG E 142 -1.78 66.66 -28.00
CA ARG E 142 -1.19 67.26 -29.19
C ARG E 142 -0.08 68.28 -28.83
N GLU E 143 -0.32 69.09 -27.80
CA GLU E 143 0.69 70.04 -27.31
C GLU E 143 1.98 69.32 -26.89
N HIS E 144 1.83 68.25 -26.14
CA HIS E 144 2.98 67.45 -25.71
C HIS E 144 3.73 66.89 -26.92
N MSE E 145 2.99 66.43 -27.93
CA MSE E 145 3.60 65.82 -29.10
C MSE E 145 4.43 66.85 -29.85
O MSE E 145 5.60 66.61 -30.17
CB MSE E 145 2.54 65.22 -30.02
CG MSE E 145 3.11 64.55 -31.23
SE MSE E 145 1.71 63.92 -32.41
CE MSE E 145 1.01 65.69 -32.92
N LEU E 146 3.83 68.01 -30.09
CA LEU E 146 4.53 69.10 -30.77
C LEU E 146 5.77 69.53 -29.98
N GLU E 147 5.65 69.63 -28.67
CA GLU E 147 6.77 70.02 -27.82
C GLU E 147 7.90 68.97 -27.83
N ALA E 148 7.53 67.69 -27.75
CA ALA E 148 8.53 66.62 -27.88
C ALA E 148 9.31 66.74 -29.20
N ILE E 149 8.59 66.93 -30.30
CA ILE E 149 9.22 67.10 -31.61
C ILE E 149 10.18 68.32 -31.63
N ARG E 150 9.71 69.44 -31.10
CA ARG E 150 10.53 70.66 -31.05
C ARG E 150 11.84 70.45 -30.26
N ILE E 151 11.70 69.87 -29.07
CA ILE E 151 12.85 69.71 -28.18
C ILE E 151 13.87 68.75 -28.83
N LEU E 152 13.37 67.63 -29.32
CA LEU E 152 14.28 66.60 -29.85
C LEU E 152 14.94 67.11 -31.15
N THR E 153 14.22 67.92 -31.91
CA THR E 153 14.80 68.52 -33.13
C THR E 153 15.95 69.45 -32.75
N GLU E 154 15.71 70.32 -31.75
CA GLU E 154 16.74 71.25 -31.28
C GLU E 154 17.98 70.55 -30.72
N LEU E 155 17.76 69.50 -29.93
CA LEU E 155 18.86 68.79 -29.27
C LEU E 155 19.67 67.90 -30.18
N THR E 156 19.06 67.38 -31.25
CA THR E 156 19.74 66.44 -32.14
C THR E 156 20.11 67.01 -33.50
N GLY E 157 19.47 68.12 -33.88
CA GLY E 157 19.62 68.73 -35.19
C GLY E 157 18.70 68.16 -36.26
N GLN E 158 17.96 67.10 -35.95
CA GLN E 158 17.06 66.47 -36.92
C GLN E 158 15.75 66.12 -36.26
N ARG E 159 14.63 66.27 -36.96
CA ARG E 159 13.38 65.85 -36.33
C ARG E 159 13.31 64.32 -36.27
N PRO E 160 12.77 63.78 -35.16
CA PRO E 160 12.60 62.33 -35.09
C PRO E 160 11.66 61.85 -36.19
N VAL E 161 11.94 60.68 -36.73
CA VAL E 161 11.07 60.05 -37.75
C VAL E 161 10.23 58.90 -37.16
N GLY E 162 10.46 58.60 -35.88
CA GLY E 162 9.69 57.57 -35.16
C GLY E 162 9.04 58.09 -33.90
N TRP E 163 8.00 57.38 -33.45
CA TRP E 163 7.25 57.77 -32.24
C TRP E 163 6.89 56.54 -31.42
N TYR E 164 7.07 56.64 -30.10
CA TYR E 164 6.60 55.62 -29.18
C TYR E 164 6.23 56.25 -27.85
N THR E 165 4.94 56.31 -27.53
CA THR E 165 4.55 56.80 -26.21
C THR E 165 4.75 55.73 -25.12
N GLY E 166 4.26 54.52 -25.37
CA GLY E 166 4.19 53.47 -24.36
C GLY E 166 2.81 53.43 -23.75
N ARG E 167 2.62 54.23 -22.71
CA ARG E 167 1.29 54.28 -22.05
C ARG E 167 0.34 55.20 -22.82
N THR E 168 -0.12 54.69 -23.96
CA THR E 168 -1.01 55.43 -24.87
C THR E 168 -2.41 55.57 -24.28
N GLY E 169 -3.15 56.52 -24.83
CA GLY E 169 -4.59 56.55 -24.66
C GLY E 169 -5.23 56.25 -26.01
N PRO E 170 -6.56 56.27 -26.07
CA PRO E 170 -7.30 55.95 -27.30
C PRO E 170 -7.07 56.89 -28.49
N ASN E 171 -6.44 58.04 -28.23
CA ASN E 171 -6.16 59.03 -29.29
C ASN E 171 -4.72 59.05 -29.77
N THR E 172 -3.82 58.43 -29.01
CA THR E 172 -2.38 58.65 -29.23
C THR E 172 -1.94 58.33 -30.65
N ARG E 173 -2.21 57.11 -31.11
CA ARG E 173 -1.72 56.70 -32.41
C ARG E 173 -2.41 57.50 -33.52
N ARG E 174 -3.69 57.83 -33.32
CA ARG E 174 -4.40 58.64 -34.29
C ARG E 174 -3.70 60.00 -34.45
N LEU E 175 -3.38 60.66 -33.34
CA LEU E 175 -2.67 61.95 -33.37
C LEU E 175 -1.31 61.85 -34.08
N VAL E 176 -0.58 60.78 -33.79
CA VAL E 176 0.75 60.55 -34.38
C VAL E 176 0.66 60.45 -35.90
N MSE E 177 -0.33 59.68 -36.37
CA MSE E 177 -0.57 59.55 -37.79
C MSE E 177 -1.05 60.87 -38.41
O MSE E 177 -0.71 61.18 -39.56
CB MSE E 177 -1.54 58.40 -38.06
CG MSE E 177 -0.93 57.04 -37.75
SE MSE E 177 -2.06 55.50 -38.23
CE MSE E 177 -3.22 55.45 -36.63
N GLU E 178 -1.81 61.65 -37.63
CA GLU E 178 -2.32 62.95 -38.08
CA GLU E 178 -2.34 62.96 -38.05
C GLU E 178 -1.24 64.01 -38.28
N GLU E 179 -0.30 64.11 -37.34
CA GLU E 179 0.82 65.07 -37.47
C GLU E 179 1.65 64.84 -38.73
N GLY E 180 1.70 63.57 -39.17
CA GLY E 180 2.07 63.18 -40.54
C GLY E 180 3.55 63.12 -40.87
N GLY E 181 4.40 63.42 -39.90
CA GLY E 181 5.82 63.51 -40.18
C GLY E 181 6.58 62.24 -39.90
N PHE E 182 5.93 61.23 -39.31
CA PHE E 182 6.68 60.07 -38.88
C PHE E 182 6.74 58.93 -39.91
N LEU E 183 7.92 58.37 -40.11
CA LEU E 183 8.09 57.20 -40.94
C LEU E 183 7.51 55.94 -40.29
N TYR E 184 7.41 55.93 -38.97
CA TYR E 184 6.81 54.77 -38.27
C TYR E 184 6.38 55.18 -36.87
N ASP E 185 5.50 54.39 -36.28
CA ASP E 185 5.35 54.41 -34.83
C ASP E 185 5.50 52.98 -34.30
N SER E 186 5.73 52.84 -33.01
CA SER E 186 5.93 51.51 -32.44
C SER E 186 5.00 51.22 -31.25
N ASP E 187 3.87 51.93 -31.18
CA ASP E 187 2.93 51.75 -30.07
C ASP E 187 1.97 50.56 -30.29
N THR E 188 2.54 49.43 -30.73
CA THR E 188 1.77 48.17 -30.79
C THR E 188 2.65 47.02 -30.35
N TYR E 189 2.03 45.87 -30.08
CA TYR E 189 2.73 44.68 -29.61
C TYR E 189 2.14 43.46 -30.32
N ASP E 190 1.79 43.68 -31.58
CA ASP E 190 0.80 42.83 -32.26
C ASP E 190 1.34 41.98 -33.41
N ASP E 191 2.65 42.04 -33.66
CA ASP E 191 3.21 41.25 -34.75
C ASP E 191 4.71 41.05 -34.66
N ASP E 192 5.21 40.24 -35.58
CA ASP E 192 6.64 39.89 -35.69
C ASP E 192 7.25 40.59 -36.90
N LEU E 193 6.46 41.43 -37.57
CA LEU E 193 6.89 42.17 -38.75
C LEU E 193 6.27 43.56 -38.79
N PRO E 194 6.91 44.50 -39.50
CA PRO E 194 6.19 45.74 -39.77
C PRO E 194 4.95 45.50 -40.64
N TYR E 195 4.03 46.45 -40.60
CA TYR E 195 2.85 46.44 -41.46
C TYR E 195 2.32 47.88 -41.62
N TRP E 196 1.54 48.09 -42.67
CA TRP E 196 0.90 49.39 -42.89
C TRP E 196 -0.38 49.50 -42.08
N ASP E 197 -0.46 50.53 -41.24
CA ASP E 197 -1.65 50.73 -40.43
C ASP E 197 -2.90 50.78 -41.32
N PRO E 198 -4.02 50.16 -40.89
CA PRO E 198 -5.27 50.23 -41.69
C PRO E 198 -5.72 51.65 -42.05
N ALA E 199 -5.24 52.65 -41.30
CA ALA E 199 -5.57 54.06 -41.58
C ALA E 199 -4.76 54.68 -42.73
N SER E 200 -3.76 53.94 -43.23
CA SER E 200 -2.92 54.37 -44.35
C SER E 200 -3.71 54.65 -45.62
N THR E 201 -3.27 55.67 -46.35
CA THR E 201 -3.75 55.97 -47.70
C THR E 201 -2.52 56.02 -48.61
N ALA E 202 -2.74 55.99 -49.93
CA ALA E 202 -1.65 56.13 -50.88
C ALA E 202 -0.87 57.43 -50.64
N GLU E 203 -1.61 58.51 -50.36
CA GLU E 203 -1.02 59.82 -50.11
C GLU E 203 -0.27 59.88 -48.77
N LYS E 204 -0.88 59.30 -47.73
CA LYS E 204 -0.29 59.25 -46.39
C LYS E 204 -0.27 57.83 -45.82
N PRO E 205 0.70 57.00 -46.24
CA PRO E 205 0.88 55.69 -45.64
C PRO E 205 1.51 55.82 -44.26
N HIS E 206 1.09 54.98 -43.32
CA HIS E 206 1.74 55.00 -42.03
C HIS E 206 2.22 53.63 -41.57
N LEU E 207 3.53 53.51 -41.40
CA LEU E 207 4.13 52.23 -41.02
C LEU E 207 4.06 51.97 -39.52
N VAL E 208 3.70 50.73 -39.18
CA VAL E 208 3.76 50.24 -37.81
C VAL E 208 4.94 49.28 -37.67
N ILE E 209 5.80 49.54 -36.69
CA ILE E 209 6.90 48.62 -36.35
C ILE E 209 6.66 48.15 -34.92
N PRO E 210 6.02 46.98 -34.75
CA PRO E 210 5.64 46.51 -33.41
C PRO E 210 6.84 46.38 -32.47
N TYR E 211 6.60 46.74 -31.22
CA TYR E 211 7.58 46.68 -30.15
C TYR E 211 7.26 45.47 -29.25
N THR E 212 7.71 45.51 -28.00
CA THR E 212 7.70 44.32 -27.15
C THR E 212 7.60 44.68 -25.68
N LEU E 213 6.89 43.85 -24.93
CA LEU E 213 6.92 43.91 -23.47
C LEU E 213 7.49 42.61 -22.87
N ASP E 214 7.86 41.65 -23.73
CA ASP E 214 8.39 40.38 -23.21
C ASP E 214 9.92 40.22 -23.30
N THR E 215 10.49 40.53 -24.46
CA THR E 215 11.96 40.55 -24.61
C THR E 215 12.42 41.96 -24.25
N ASN E 216 12.28 42.28 -22.97
CA ASN E 216 12.34 43.64 -22.47
C ASN E 216 12.84 43.57 -21.02
N ASP E 217 13.90 44.31 -20.69
CA ASP E 217 14.42 44.27 -19.32
C ASP E 217 13.48 44.87 -18.26
N MSE E 218 12.37 45.47 -18.68
CA MSE E 218 11.40 45.95 -17.68
C MSE E 218 10.98 44.79 -16.77
O MSE E 218 10.66 44.98 -15.60
CB MSE E 218 10.19 46.60 -18.35
CG MSE E 218 9.40 45.60 -19.18
SE MSE E 218 7.94 46.45 -20.13
CE MSE E 218 7.06 47.32 -18.67
N ARG E 219 11.02 43.58 -17.32
CA ARG E 219 10.58 42.40 -16.58
CA ARG E 219 10.59 42.39 -16.59
C ARG E 219 11.53 42.01 -15.45
N PHE E 220 12.70 42.64 -15.38
CA PHE E 220 13.58 42.45 -14.21
C PHE E 220 12.96 43.03 -12.95
N THR E 221 12.03 43.98 -13.10
CA THR E 221 11.47 44.66 -11.92
C THR E 221 9.94 44.61 -11.81
N GLN E 222 9.30 43.73 -12.58
CA GLN E 222 7.85 43.56 -12.48
C GLN E 222 7.50 42.32 -11.65
N VAL E 223 6.22 42.16 -11.31
N VAL E 223 6.22 42.21 -11.28
CA VAL E 223 5.76 41.08 -10.43
CA VAL E 223 5.71 41.14 -10.43
C VAL E 223 5.92 39.68 -11.06
C VAL E 223 5.65 39.84 -11.25
N GLN E 224 5.99 39.65 -12.39
N GLN E 224 6.58 39.74 -12.18
CA GLN E 224 6.45 38.48 -13.11
CA GLN E 224 6.85 38.49 -12.85
C GLN E 224 7.58 38.93 -14.01
C GLN E 224 7.64 38.75 -14.12
N GLY E 225 8.61 38.10 -14.13
N GLY E 225 8.83 38.15 -14.19
CA GLY E 225 9.74 38.43 -14.99
CA GLY E 225 9.77 38.39 -15.28
C GLY E 225 11.01 37.65 -14.65
C GLY E 225 11.08 37.64 -15.06
N PHE E 226 12.13 38.37 -14.69
CA PHE E 226 13.48 37.79 -14.49
C PHE E 226 14.07 38.22 -13.18
N ASN E 227 14.82 37.33 -12.55
CA ASN E 227 15.58 37.72 -11.36
C ASN E 227 17.10 37.78 -11.57
N ASN E 228 17.60 37.17 -12.65
CA ASN E 228 19.02 37.29 -12.98
C ASN E 228 19.29 37.26 -14.46
N GLY E 229 20.55 37.53 -14.84
CA GLY E 229 20.93 37.65 -16.24
C GLY E 229 20.83 36.37 -17.03
N GLU E 230 21.15 35.25 -16.39
CA GLU E 230 21.10 33.95 -17.06
C GLU E 230 19.71 33.72 -17.64
N GLN E 231 18.69 34.06 -16.85
CA GLN E 231 17.30 33.87 -17.27
C GLN E 231 16.94 34.73 -18.49
N PHE E 232 17.39 35.98 -18.46
CA PHE E 232 17.13 36.96 -19.53
C PHE E 232 17.86 36.51 -20.78
N PHE E 233 19.12 36.09 -20.63
CA PHE E 233 19.86 35.58 -21.77
C PHE E 233 19.14 34.40 -22.43
N GLN E 234 18.69 33.43 -21.63
CA GLN E 234 18.01 32.25 -22.20
C GLN E 234 16.73 32.64 -22.93
N TYR E 235 16.02 33.61 -22.37
CA TYR E 235 14.77 34.10 -22.96
C TYR E 235 15.03 34.72 -24.35
N LEU E 236 16.00 35.62 -24.42
CA LEU E 236 16.38 36.21 -25.71
C LEU E 236 16.95 35.17 -26.69
N LYS E 237 17.78 34.26 -26.17
CA LYS E 237 18.34 33.18 -26.99
C LYS E 237 17.25 32.37 -27.65
N ASP E 238 16.26 31.97 -26.86
CA ASP E 238 15.14 31.18 -27.38
C ASP E 238 14.36 31.95 -28.45
N ALA E 239 14.08 33.22 -28.22
CA ALA E 239 13.40 34.05 -29.21
C ALA E 239 14.22 34.09 -30.50
N PHE E 240 15.50 34.37 -30.35
CA PHE E 240 16.41 34.39 -31.49
C PHE E 240 16.37 33.04 -32.24
N ASP E 241 16.51 31.95 -31.49
CA ASP E 241 16.66 30.61 -32.09
C ASP E 241 15.41 30.27 -32.91
N VAL E 242 14.25 30.55 -32.34
CA VAL E 242 12.99 30.19 -33.01
C VAL E 242 12.81 31.01 -34.28
N LEU E 243 13.05 32.32 -34.17
CA LEU E 243 12.90 33.21 -35.31
C LEU E 243 13.96 32.98 -36.40
N TYR E 244 15.20 32.73 -35.99
CA TYR E 244 16.28 32.44 -36.94
C TYR E 244 15.97 31.17 -37.76
N GLU E 245 15.42 30.15 -37.09
CA GLU E 245 14.98 28.93 -37.76
CA GLU E 245 14.99 28.93 -37.78
C GLU E 245 13.83 29.23 -38.73
N GLU E 246 12.82 29.98 -38.26
CA GLU E 246 11.73 30.42 -39.13
C GLU E 246 12.28 31.16 -40.34
N GLY E 247 13.34 31.96 -40.11
CA GLY E 247 14.00 32.76 -41.13
C GLY E 247 14.65 32.00 -42.27
N ALA E 248 14.79 30.69 -42.14
CA ALA E 248 15.26 29.87 -43.28
C ALA E 248 14.31 30.05 -44.47
N THR E 249 13.04 30.30 -44.17
CA THR E 249 11.99 30.44 -45.18
C THR E 249 11.16 31.71 -45.06
N ALA E 250 11.06 32.26 -43.84
CA ALA E 250 10.17 33.38 -43.59
C ALA E 250 10.72 34.28 -42.48
N PRO E 251 11.72 35.11 -42.81
CA PRO E 251 12.37 35.99 -41.84
C PRO E 251 11.40 36.94 -41.15
N LYS E 252 11.66 37.17 -39.87
CA LYS E 252 10.89 38.13 -39.08
C LYS E 252 11.83 39.13 -38.39
N MSE E 253 11.29 39.89 -37.44
CA MSE E 253 12.14 40.75 -36.61
C MSE E 253 11.90 40.47 -35.14
O MSE E 253 10.88 39.86 -34.77
CB MSE E 253 11.90 42.23 -36.91
CG MSE E 253 10.51 42.73 -36.49
SE MSE E 253 10.29 44.66 -36.85
CE MSE E 253 11.41 45.30 -35.29
N LEU E 254 12.84 40.94 -34.32
CA LEU E 254 12.75 40.84 -32.87
C LEU E 254 13.21 42.15 -32.26
N SER E 255 12.39 42.71 -31.37
CA SER E 255 12.78 43.89 -30.61
C SER E 255 13.34 43.46 -29.27
N ILE E 256 14.34 44.19 -28.78
CA ILE E 256 14.88 43.96 -27.43
C ILE E 256 14.87 45.30 -26.70
N GLY E 257 14.00 45.40 -25.69
CA GLY E 257 13.80 46.65 -24.96
C GLY E 257 14.72 46.75 -23.75
N LEU E 258 15.29 47.94 -23.57
CA LEU E 258 16.31 48.16 -22.53
C LEU E 258 16.07 49.47 -21.80
N HIS E 259 16.41 49.52 -20.53
CA HIS E 259 16.29 50.77 -19.76
C HIS E 259 17.58 51.03 -19.01
N CYS E 260 18.01 52.29 -18.99
CA CYS E 260 19.32 52.66 -18.45
C CYS E 260 19.42 52.32 -16.98
N ARG E 261 18.35 52.57 -16.24
CA ARG E 261 18.34 52.33 -14.80
C ARG E 261 18.27 50.86 -14.42
N LEU E 262 17.97 50.00 -15.40
CA LEU E 262 17.75 48.58 -15.13
C LEU E 262 18.92 47.75 -15.64
N ILE E 263 18.99 47.56 -16.96
CA ILE E 263 20.07 46.73 -17.53
C ILE E 263 21.44 47.45 -17.50
N GLY E 264 21.42 48.74 -17.14
CA GLY E 264 22.64 49.50 -16.91
C GLY E 264 23.39 49.06 -15.66
N ARG E 265 22.72 48.34 -14.77
CA ARG E 265 23.37 47.71 -13.61
C ARG E 265 24.31 46.61 -14.10
N PRO E 266 25.53 46.54 -13.54
CA PRO E 266 26.49 45.52 -14.02
C PRO E 266 25.98 44.08 -13.88
N ALA E 267 25.18 43.80 -12.84
CA ALA E 267 24.64 42.45 -12.67
C ALA E 267 23.75 42.00 -13.83
N ARG E 268 23.15 42.95 -14.53
CA ARG E 268 22.21 42.65 -15.61
C ARG E 268 22.86 42.79 -16.98
N MSE E 269 23.86 43.67 -17.09
CA MSE E 269 24.47 43.97 -18.40
C MSE E 269 25.18 42.75 -19.00
O MSE E 269 25.17 42.56 -20.21
CB MSE E 269 25.46 45.14 -18.29
CG MSE E 269 25.72 45.82 -19.61
SE MSE E 269 27.60 46.31 -19.77
CE MSE E 269 28.22 44.49 -20.07
N ALA E 270 25.76 41.90 -18.15
CA ALA E 270 26.50 40.72 -18.65
C ALA E 270 25.68 39.88 -19.63
N ALA E 271 24.41 39.62 -19.29
CA ALA E 271 23.51 38.81 -20.12
C ALA E 271 23.24 39.44 -21.48
N LEU E 272 23.12 40.77 -21.48
CA LEU E 272 22.90 41.50 -22.71
C LEU E 272 24.10 41.37 -23.63
N GLU E 273 25.30 41.54 -23.08
CA GLU E 273 26.50 41.38 -23.90
C GLU E 273 26.60 39.95 -24.43
N ARG E 274 26.28 38.97 -23.58
CA ARG E 274 26.30 37.59 -23.98
CA ARG E 274 26.27 37.57 -23.98
C ARG E 274 25.33 37.34 -25.15
N PHE E 275 24.13 37.94 -25.07
CA PHE E 275 23.16 37.79 -26.14
C PHE E 275 23.64 38.42 -27.46
N ILE E 276 24.19 39.63 -27.37
CA ILE E 276 24.75 40.29 -28.56
C ILE E 276 25.82 39.39 -29.21
N GLN E 277 26.77 38.90 -28.41
CA GLN E 277 27.81 38.00 -28.94
C GLN E 277 27.22 36.74 -29.58
N TYR E 278 26.20 36.17 -28.93
CA TYR E 278 25.53 35.00 -29.47
C TYR E 278 24.91 35.31 -30.84
N ALA E 279 24.16 36.41 -30.93
CA ALA E 279 23.58 36.83 -32.20
C ALA E 279 24.66 37.06 -33.26
N GLN E 280 25.74 37.73 -32.85
CA GLN E 280 26.83 38.05 -33.76
C GLN E 280 27.59 36.82 -34.30
N SER E 281 27.50 35.71 -33.57
CA SER E 281 28.15 34.47 -33.99
C SER E 281 27.39 33.75 -35.11
N HIS E 282 26.21 34.25 -35.46
CA HIS E 282 25.41 33.69 -36.56
C HIS E 282 25.56 34.52 -37.81
N ASP E 283 25.60 33.89 -38.97
CA ASP E 283 25.58 34.70 -40.19
C ASP E 283 24.13 35.14 -40.47
N LYS E 284 23.96 36.11 -41.37
CA LYS E 284 22.62 36.52 -41.81
C LYS E 284 21.77 37.10 -40.66
N VAL E 285 22.39 37.96 -39.86
CA VAL E 285 21.66 38.72 -38.85
C VAL E 285 21.78 40.21 -39.18
N TRP E 286 20.64 40.91 -39.30
CA TRP E 286 20.66 42.36 -39.52
C TRP E 286 20.43 43.10 -38.21
N PHE E 287 21.45 43.81 -37.73
CA PHE E 287 21.32 44.64 -36.54
C PHE E 287 20.92 46.03 -37.05
N ALA E 288 19.67 46.39 -36.83
CA ALA E 288 19.06 47.56 -37.44
C ALA E 288 18.52 48.56 -36.43
N ARG E 289 18.52 49.84 -36.82
CA ARG E 289 17.71 50.83 -36.13
C ARG E 289 16.28 50.73 -36.68
N ARG E 290 15.31 51.17 -35.88
CA ARG E 290 13.91 51.12 -36.34
C ARG E 290 13.72 51.95 -37.60
N GLU E 291 14.38 53.12 -37.67
CA GLU E 291 14.29 53.94 -38.88
C GLU E 291 14.82 53.21 -40.14
N ASP E 292 15.84 52.36 -39.96
CA ASP E 292 16.38 51.55 -41.05
C ASP E 292 15.35 50.53 -41.53
N ILE E 293 14.68 49.86 -40.58
CA ILE E 293 13.59 48.95 -40.90
C ILE E 293 12.47 49.69 -41.63
N ALA E 294 12.14 50.89 -41.15
CA ALA E 294 11.08 51.70 -41.76
C ALA E 294 11.42 52.08 -43.20
N ARG E 295 12.63 52.58 -43.43
CA ARG E 295 13.02 52.94 -44.81
C ARG E 295 13.02 51.72 -45.73
N HIS E 296 13.48 50.59 -45.19
CA HIS E 296 13.47 49.32 -45.92
C HIS E 296 12.04 48.95 -46.32
N TRP E 297 11.08 49.12 -45.40
CA TRP E 297 9.69 48.78 -45.71
C TRP E 297 9.08 49.73 -46.73
N HIS E 298 9.35 51.03 -46.58
CA HIS E 298 8.83 52.04 -47.50
C HIS E 298 9.32 51.74 -48.92
N ARG E 299 10.57 51.29 -49.04
CA ARG E 299 11.18 51.03 -50.33
C ARG E 299 10.82 49.67 -50.95
N GLU E 300 10.88 48.61 -50.13
CA GLU E 300 10.74 47.23 -50.60
CA GLU E 300 10.72 47.26 -50.65
C GLU E 300 9.31 46.70 -50.54
N HIS E 301 8.50 47.27 -49.63
CA HIS E 301 7.11 46.85 -49.46
C HIS E 301 6.18 48.06 -49.40
N PRO E 302 6.19 48.90 -50.43
CA PRO E 302 5.39 50.13 -50.34
C PRO E 302 3.90 49.84 -50.19
N PHE E 303 3.22 50.71 -49.45
CA PHE E 303 1.77 50.62 -49.29
C PHE E 303 1.04 50.57 -50.64
N GLN E 304 0.07 49.67 -50.76
CA GLN E 304 -0.72 49.58 -52.00
C GLN E 304 -2.21 49.58 -51.73
N TYR F 5 16.61 73.09 -10.26
CA TYR F 5 16.32 71.62 -10.20
C TYR F 5 17.31 70.93 -9.29
N PRO F 6 16.82 70.40 -8.15
CA PRO F 6 17.68 69.88 -7.07
C PRO F 6 18.32 68.51 -7.25
N ARG F 7 17.95 67.77 -8.31
CA ARG F 7 18.53 66.44 -8.54
C ARG F 7 19.71 66.52 -9.49
N ASP F 8 20.72 65.71 -9.20
CA ASP F 8 21.87 65.59 -10.13
C ASP F 8 21.74 64.32 -10.96
N LEU F 9 21.19 64.48 -12.16
CA LEU F 9 21.00 63.36 -13.10
C LEU F 9 22.30 63.05 -13.85
N ILE F 10 23.27 63.94 -13.74
CA ILE F 10 24.48 63.90 -14.58
C ILE F 10 25.66 63.21 -13.87
N GLY F 11 25.90 63.57 -12.60
CA GLY F 11 27.00 62.99 -11.86
C GLY F 11 28.34 63.20 -12.55
N TYR F 12 29.08 62.12 -12.68
CA TYR F 12 30.40 62.14 -13.29
C TYR F 12 30.33 62.10 -14.82
N GLY F 13 29.14 61.87 -15.35
CA GLY F 13 28.97 61.63 -16.79
C GLY F 13 29.87 60.48 -17.25
N ASN F 14 30.45 60.62 -18.44
CA ASN F 14 31.31 59.57 -18.94
C ASN F 14 32.74 59.66 -18.41
N ASN F 15 32.97 60.49 -17.42
CA ASN F 15 34.32 60.64 -16.84
C ASN F 15 34.42 60.37 -15.34
N PRO F 16 34.07 59.14 -14.91
CA PRO F 16 34.23 58.85 -13.49
C PRO F 16 35.71 58.86 -13.13
N PRO F 17 36.05 59.30 -11.91
CA PRO F 17 37.45 59.29 -11.48
C PRO F 17 37.95 57.87 -11.28
N HIS F 18 39.24 57.67 -11.54
CA HIS F 18 39.88 56.40 -11.20
C HIS F 18 40.07 56.44 -9.68
N PRO F 19 39.51 55.46 -8.96
CA PRO F 19 39.56 55.53 -7.49
C PRO F 19 40.93 55.23 -6.91
N HIS F 20 41.81 54.58 -7.70
CA HIS F 20 43.12 54.16 -7.23
C HIS F 20 43.01 53.45 -5.90
N TRP F 21 42.28 52.33 -5.91
CA TRP F 21 42.00 51.59 -4.67
C TRP F 21 43.30 51.06 -4.08
N PRO F 22 43.35 50.88 -2.73
CA PRO F 22 44.49 50.19 -2.13
C PRO F 22 44.84 48.91 -2.87
N GLY F 23 46.14 48.66 -3.03
CA GLY F 23 46.60 47.45 -3.71
C GLY F 23 46.36 47.44 -5.21
N ASP F 24 46.07 48.62 -5.76
CA ASP F 24 45.64 48.78 -7.17
C ASP F 24 44.51 47.81 -7.55
N ALA F 25 43.56 47.64 -6.64
CA ALA F 25 42.44 46.73 -6.85
C ALA F 25 41.62 47.15 -8.08
N ARG F 26 41.18 46.14 -8.84
CA ARG F 26 40.31 46.36 -9.99
C ARG F 26 38.86 46.55 -9.58
N ILE F 27 38.56 46.23 -8.32
CA ILE F 27 37.21 46.37 -7.80
C ILE F 27 37.29 46.44 -6.28
N ALA F 28 36.39 47.23 -5.68
CA ALA F 28 36.22 47.27 -4.23
C ALA F 28 34.86 46.66 -3.90
N LEU F 29 34.86 45.71 -2.98
CA LEU F 29 33.64 45.07 -2.53
CA LEU F 29 33.66 45.04 -2.51
C LEU F 29 33.31 45.52 -1.11
N SER F 30 32.05 45.93 -0.92
CA SER F 30 31.55 46.33 0.38
C SER F 30 30.39 45.39 0.77
N PHE F 31 30.72 44.39 1.59
CA PHE F 31 29.69 43.55 2.20
C PHE F 31 29.09 44.27 3.37
N VAL F 32 27.76 44.32 3.38
CA VAL F 32 27.00 45.05 4.37
C VAL F 32 26.01 44.13 5.06
N LEU F 33 26.11 44.03 6.37
CA LEU F 33 25.16 43.23 7.16
C LEU F 33 24.21 44.15 7.92
N ASN F 34 22.93 44.13 7.56
CA ASN F 34 21.96 44.88 8.34
C ASN F 34 21.63 44.16 9.63
N TYR F 35 21.51 44.92 10.73
CA TYR F 35 21.08 44.35 11.98
C TYR F 35 19.88 45.17 12.47
N GLU F 36 18.69 44.64 12.21
CA GLU F 36 17.44 45.36 12.37
C GLU F 36 16.49 44.71 13.36
N GLU F 37 16.71 43.41 13.59
CA GLU F 37 15.83 42.58 14.38
C GLU F 37 15.78 43.05 15.84
N GLY F 38 14.57 43.37 16.32
CA GLY F 38 14.41 43.98 17.62
C GLY F 38 14.16 45.49 17.55
N GLY F 39 14.29 46.08 16.36
CA GLY F 39 13.99 47.49 16.15
C GLY F 39 12.89 47.74 15.13
N GLU F 40 12.29 46.66 14.61
CA GLU F 40 11.23 46.74 13.59
C GLU F 40 9.89 47.18 14.18
N ARG F 41 8.84 47.25 13.35
CA ARG F 41 7.53 47.62 13.87
C ARG F 41 7.00 46.54 14.78
N CYS F 42 6.53 46.97 15.95
CA CYS F 42 5.93 46.07 16.92
C CYS F 42 5.25 46.93 17.96
N VAL F 43 4.04 46.57 18.36
CA VAL F 43 3.38 47.27 19.48
C VAL F 43 4.26 47.25 20.75
N LEU F 44 5.09 46.22 20.90
CA LEU F 44 6.02 46.14 22.05
C LEU F 44 7.14 47.19 21.96
N HIS F 45 7.31 47.78 20.78
CA HIS F 45 8.34 48.79 20.54
C HIS F 45 7.78 50.21 20.54
N GLY F 46 6.48 50.32 20.85
CA GLY F 46 5.77 51.59 20.87
C GLY F 46 5.03 51.93 19.59
N ASP F 47 5.15 51.08 18.57
CA ASP F 47 4.52 51.31 17.26
C ASP F 47 3.01 51.03 17.25
N LYS F 48 2.32 51.53 16.23
CA LYS F 48 0.87 51.39 16.14
C LYS F 48 0.45 50.05 15.53
N GLU F 49 1.40 49.35 14.93
CA GLU F 49 1.09 48.19 14.09
C GLU F 49 2.25 47.20 14.08
N SER F 50 1.98 45.98 13.62
CA SER F 50 3.00 44.96 13.49
C SER F 50 3.79 45.16 12.19
N GLU F 51 4.94 44.50 12.10
CA GLU F 51 5.80 44.57 10.93
C GLU F 51 5.20 43.77 9.78
N ALA F 52 5.54 44.14 8.55
CA ALA F 52 5.06 43.41 7.38
C ALA F 52 6.16 43.18 6.32
N PHE F 53 7.27 43.90 6.47
CA PHE F 53 8.34 44.01 5.45
C PHE F 53 9.45 42.97 5.70
N LEU F 54 10.06 42.47 4.62
CA LEU F 54 11.27 41.61 4.69
C LEU F 54 11.19 40.40 5.63
N SER F 55 10.29 39.48 5.31
CA SER F 55 10.22 38.20 6.00
C SER F 55 9.71 37.15 5.03
N GLU F 56 9.68 35.90 5.48
CA GLU F 56 9.16 34.79 4.69
C GLU F 56 7.68 34.97 4.34
N MSE F 57 6.96 35.76 5.15
CA MSE F 57 5.56 36.03 4.85
C MSE F 57 5.48 37.10 3.77
O MSE F 57 5.31 38.29 4.04
CB MSE F 57 4.79 36.43 6.11
CG MSE F 57 4.75 35.29 7.10
SE MSE F 57 3.68 35.79 8.61
CE MSE F 57 1.93 35.86 7.70
N VAL F 58 5.63 36.64 2.54
CA VAL F 58 5.91 37.53 1.43
C VAL F 58 4.72 38.39 1.02
N ALA F 59 3.55 38.10 1.60
CA ALA F 59 2.35 38.88 1.33
C ALA F 59 1.75 39.48 2.61
N ALA F 60 2.56 39.53 3.68
CA ALA F 60 2.12 40.08 4.97
C ALA F 60 1.65 41.54 4.88
N GLN F 61 0.67 41.87 5.72
CA GLN F 61 0.25 43.26 5.90
C GLN F 61 0.36 43.64 7.38
N PRO F 62 0.58 44.93 7.67
CA PRO F 62 0.68 45.34 9.08
C PRO F 62 -0.66 45.15 9.77
N LEU F 63 -0.64 44.71 11.03
CA LEU F 63 -1.85 44.55 11.82
C LEU F 63 -1.96 45.68 12.83
N GLN F 64 -3.10 46.37 12.82
CA GLN F 64 -3.29 47.50 13.71
C GLN F 64 -3.45 47.11 15.18
N GLY F 65 -2.54 47.61 16.01
CA GLY F 65 -2.70 47.55 17.45
C GLY F 65 -2.55 46.21 18.15
N VAL F 66 -2.09 45.20 17.40
CA VAL F 66 -1.95 43.84 17.95
C VAL F 66 -0.60 43.26 17.54
N ARG F 67 -0.22 42.17 18.21
CA ARG F 67 1.02 41.46 17.87
C ARG F 67 0.74 40.44 16.77
N HIS F 68 1.65 40.34 15.83
CA HIS F 68 1.61 39.32 14.81
C HIS F 68 2.69 38.31 15.18
N MSE F 69 2.27 37.21 15.79
CA MSE F 69 3.24 36.29 16.40
C MSE F 69 4.22 35.66 15.42
O MSE F 69 5.44 35.64 15.68
CB MSE F 69 2.53 35.21 17.23
CG MSE F 69 1.61 35.74 18.35
SE MSE F 69 2.47 37.09 19.52
CE MSE F 69 3.81 35.92 20.39
N SER F 70 3.73 35.15 14.28
CA SER F 70 4.63 34.55 13.29
CA SER F 70 4.63 34.55 13.29
C SER F 70 5.66 35.55 12.77
N MSE F 71 5.21 36.80 12.55
CA MSE F 71 6.09 37.86 12.12
C MSE F 71 7.21 38.15 13.13
O MSE F 71 8.36 38.29 12.75
CB MSE F 71 5.27 39.12 11.81
CG MSE F 71 6.09 40.28 11.26
SE MSE F 71 6.95 39.90 9.53
CE MSE F 71 5.56 39.04 8.69
N GLU F 72 6.86 38.22 14.43
CA GLU F 72 7.87 38.37 15.48
C GLU F 72 8.86 37.23 15.46
N SER F 73 8.33 36.02 15.28
CA SER F 73 9.14 34.80 15.32
C SER F 73 10.17 34.78 14.17
N LEU F 74 9.73 35.18 12.98
CA LEU F 74 10.62 35.24 11.82
C LEU F 74 11.75 36.25 12.02
N TYR F 75 11.45 37.37 12.67
CA TYR F 75 12.48 38.33 13.01
C TYR F 75 13.45 37.78 14.04
N GLU F 76 12.90 37.08 15.03
CA GLU F 76 13.74 36.46 16.06
C GLU F 76 14.73 35.45 15.49
N TYR F 77 14.40 34.79 14.37
CA TYR F 77 15.40 33.92 13.72
C TYR F 77 16.69 34.69 13.42
N GLY F 78 16.57 35.91 12.92
CA GLY F 78 17.75 36.68 12.56
C GLY F 78 18.65 37.00 13.73
N SER F 79 18.07 37.38 14.87
CA SER F 79 18.84 37.77 16.05
C SER F 79 19.34 36.56 16.85
N ARG F 80 18.59 35.46 16.81
CA ARG F 80 18.92 34.25 17.56
C ARG F 80 19.93 33.38 16.84
N ALA F 81 19.74 33.19 15.52
CA ALA F 81 20.49 32.16 14.78
C ALA F 81 21.23 32.69 13.54
N GLY F 82 20.51 33.43 12.71
CA GLY F 82 21.03 33.84 11.42
C GLY F 82 22.27 34.70 11.58
N VAL F 83 22.23 35.61 12.55
CA VAL F 83 23.34 36.55 12.72
C VAL F 83 24.65 35.81 13.02
N TRP F 84 24.57 34.79 13.88
CA TRP F 84 25.75 34.02 14.27
C TRP F 84 26.32 33.21 13.10
N ARG F 85 25.43 32.62 12.28
CA ARG F 85 25.84 31.90 11.09
C ARG F 85 26.62 32.82 10.15
N LEU F 86 26.11 34.03 9.98
CA LEU F 86 26.76 34.99 9.10
C LEU F 86 28.09 35.50 9.66
N LEU F 87 28.13 35.84 10.94
CA LEU F 87 29.39 36.26 11.55
C LEU F 87 30.46 35.19 11.45
N LYS F 88 30.09 33.92 11.65
CA LYS F 88 31.07 32.84 11.47
C LYS F 88 31.59 32.74 10.04
N LEU F 89 30.73 32.99 9.06
CA LEU F 89 31.11 32.97 7.65
C LEU F 89 32.17 34.03 7.35
N PHE F 90 31.89 35.27 7.76
CA PHE F 90 32.82 36.36 7.48
C PHE F 90 34.11 36.23 8.26
N LYS F 91 34.02 35.65 9.46
CA LYS F 91 35.25 35.36 10.22
C LYS F 91 36.10 34.31 9.48
N ARG F 92 35.48 33.18 9.14
CA ARG F 92 36.11 32.06 8.40
C ARG F 92 36.79 32.55 7.11
N ARG F 93 36.13 33.45 6.38
CA ARG F 93 36.64 33.97 5.11
C ARG F 93 37.55 35.20 5.27
N ASN F 94 37.68 35.69 6.49
CA ASN F 94 38.48 36.91 6.75
C ASN F 94 38.03 38.07 5.86
N VAL F 95 36.72 38.30 5.83
CA VAL F 95 36.16 39.40 5.05
C VAL F 95 35.50 40.39 6.02
N PRO F 96 35.93 41.68 6.02
CA PRO F 96 35.32 42.65 6.93
C PRO F 96 33.93 43.05 6.44
N LEU F 97 33.06 43.37 7.39
CA LEU F 97 31.71 43.85 7.10
C LEU F 97 31.55 45.28 7.57
N THR F 98 30.64 46.00 6.93
CA THR F 98 30.04 47.16 7.57
C THR F 98 28.68 46.72 8.04
N VAL F 99 28.38 46.94 9.30
CA VAL F 99 27.10 46.54 9.86
C VAL F 99 26.20 47.78 9.91
N PHE F 100 25.08 47.74 9.21
CA PHE F 100 24.08 48.80 9.33
C PHE F 100 23.23 48.45 10.55
N ALA F 101 23.59 49.02 11.69
CA ALA F 101 22.99 48.66 12.98
C ALA F 101 21.89 49.62 13.42
N VAL F 102 20.67 49.09 13.55
CA VAL F 102 19.56 49.88 14.08
C VAL F 102 19.78 49.97 15.60
N ALA F 103 19.79 51.18 16.12
CA ALA F 103 20.15 51.38 17.52
C ALA F 103 19.26 50.61 18.50
N MSE F 104 17.94 50.61 18.30
CA MSE F 104 17.09 49.82 19.22
C MSE F 104 17.44 48.32 19.15
O MSE F 104 17.47 47.65 20.18
CB MSE F 104 15.59 50.04 18.97
CG MSE F 104 14.72 49.11 19.82
SE MSE F 104 12.81 49.32 19.50
CE MSE F 104 12.56 51.01 20.52
N ALA F 105 17.69 47.81 17.94
CA ALA F 105 18.05 46.40 17.78
C ALA F 105 19.32 46.11 18.54
N ALA F 106 20.32 46.97 18.36
CA ALA F 106 21.59 46.87 19.06
C ALA F 106 21.42 46.84 20.60
N GLN F 107 20.60 47.75 21.15
CA GLN F 107 20.31 47.79 22.61
C GLN F 107 19.75 46.49 23.13
N ARG F 108 18.96 45.80 22.30
CA ARG F 108 18.27 44.60 22.72
C ARG F 108 19.16 43.36 22.62
N ASN F 109 20.29 43.49 21.94
CA ASN F 109 21.21 42.36 21.79
C ASN F 109 22.67 42.83 21.84
N PRO F 110 23.08 43.40 22.99
CA PRO F 110 24.43 43.98 23.09
C PRO F 110 25.56 42.98 22.87
N GLU F 111 25.34 41.71 23.20
CA GLU F 111 26.36 40.68 22.96
C GLU F 111 26.73 40.54 21.47
N VAL F 112 25.74 40.62 20.59
CA VAL F 112 26.06 40.47 19.18
CA VAL F 112 25.98 40.51 19.14
C VAL F 112 26.82 41.69 18.68
N ILE F 113 26.48 42.87 19.20
CA ILE F 113 27.21 44.09 18.87
C ILE F 113 28.67 43.95 19.35
N ARG F 114 28.87 43.48 20.57
CA ARG F 114 30.22 43.21 21.10
C ARG F 114 31.01 42.27 20.17
N ALA F 115 30.36 41.18 19.75
CA ALA F 115 31.02 40.20 18.88
C ALA F 115 31.42 40.81 17.53
N MSE F 116 30.53 41.62 16.96
CA MSE F 116 30.80 42.31 15.72
C MSE F 116 32.02 43.24 15.86
O MSE F 116 32.92 43.21 15.02
CB MSE F 116 29.57 43.14 15.31
CG MSE F 116 28.43 42.25 14.84
SE MSE F 116 26.80 43.33 14.84
CE MSE F 116 25.65 42.14 13.81
N VAL F 117 32.04 44.03 16.93
CA VAL F 117 33.18 44.94 17.20
C VAL F 117 34.48 44.15 17.34
N ALA F 118 34.44 43.07 18.11
CA ALA F 118 35.62 42.22 18.32
C ALA F 118 36.12 41.54 17.04
N ASP F 119 35.24 41.37 16.05
CA ASP F 119 35.62 40.78 14.77
C ASP F 119 36.15 41.82 13.76
N GLY F 120 36.18 43.08 14.19
CA GLY F 120 36.82 44.13 13.39
C GLY F 120 35.86 44.79 12.42
N HIS F 121 34.57 44.46 12.55
CA HIS F 121 33.55 45.04 11.67
C HIS F 121 33.21 46.48 12.04
N GLU F 122 32.87 47.27 11.02
CA GLU F 122 32.40 48.64 11.26
C GLU F 122 30.96 48.61 11.76
N ILE F 123 30.66 49.42 12.77
CA ILE F 123 29.28 49.64 13.21
C ILE F 123 28.84 51.00 12.64
N CYS F 124 28.00 50.94 11.62
CA CYS F 124 27.43 52.11 10.95
C CYS F 124 26.01 52.31 11.49
N SER F 125 25.59 53.55 11.68
CA SER F 125 24.23 53.79 12.17
C SER F 125 23.20 53.47 11.10
N HIS F 126 22.19 52.68 11.46
CA HIS F 126 21.04 52.40 10.58
C HIS F 126 19.79 53.04 11.19
N GLY F 127 19.98 54.09 11.99
CA GLY F 127 18.88 54.82 12.61
C GLY F 127 18.49 54.25 13.98
N TYR F 128 17.65 54.97 14.69
CA TYR F 128 17.17 54.53 15.99
C TYR F 128 16.16 53.36 15.88
N ARG F 129 15.25 53.50 14.94
CA ARG F 129 14.16 52.55 14.71
C ARG F 129 14.20 52.06 13.27
N TRP F 130 13.78 50.83 13.04
CA TRP F 130 13.65 50.33 11.68
C TRP F 130 12.22 50.55 11.22
N ILE F 131 11.98 51.78 10.81
CA ILE F 131 10.65 52.26 10.42
C ILE F 131 10.83 53.19 9.23
N ASP F 132 9.71 53.51 8.60
CA ASP F 132 9.71 54.40 7.45
CA ASP F 132 9.68 54.42 7.46
C ASP F 132 9.74 55.85 7.97
N TYR F 133 10.71 56.62 7.47
CA TYR F 133 10.86 58.03 7.81
C TYR F 133 10.22 59.01 6.83
N GLN F 134 9.57 58.49 5.78
CA GLN F 134 8.94 59.37 4.77
C GLN F 134 8.10 60.44 5.43
N TYR F 135 7.29 60.02 6.40
CA TYR F 135 6.30 60.92 7.02
C TYR F 135 6.61 61.20 8.48
N MSE F 136 7.90 61.21 8.83
CA MSE F 136 8.34 61.63 10.16
C MSE F 136 8.58 63.15 10.21
O MSE F 136 9.25 63.70 9.34
CB MSE F 136 9.62 60.88 10.58
CG MSE F 136 10.32 61.47 11.82
SE MSE F 136 10.33 60.30 13.43
CE MSE F 136 8.55 59.58 13.03
N ASP F 137 8.04 63.78 11.24
CA ASP F 137 8.32 65.17 11.56
C ASP F 137 9.84 65.42 11.73
N GLU F 138 10.33 66.51 11.15
CA GLU F 138 11.76 66.83 11.19
C GLU F 138 12.39 66.82 12.60
N ALA F 139 11.74 67.49 13.55
CA ALA F 139 12.28 67.58 14.92
C ALA F 139 12.36 66.20 15.55
N GLN F 140 11.33 65.38 15.30
CA GLN F 140 11.32 64.01 15.78
C GLN F 140 12.43 63.19 15.10
N GLU F 141 12.59 63.36 13.79
CA GLU F 141 13.63 62.63 13.07
C GLU F 141 15.03 63.00 13.61
N ARG F 142 15.23 64.28 13.91
CA ARG F 142 16.49 64.75 14.51
C ARG F 142 16.74 64.10 15.87
N GLU F 143 15.70 64.05 16.72
CA GLU F 143 15.75 63.36 18.01
CA GLU F 143 15.86 63.40 18.00
C GLU F 143 16.17 61.89 17.86
N HIS F 144 15.55 61.21 16.89
CA HIS F 144 15.91 59.81 16.63
C HIS F 144 17.40 59.68 16.27
N MSE F 145 17.87 60.58 15.42
CA MSE F 145 19.26 60.56 14.95
C MSE F 145 20.22 60.71 16.12
O MSE F 145 21.16 59.92 16.29
CB MSE F 145 19.49 61.68 13.94
CG MSE F 145 20.94 61.78 13.48
SE MSE F 145 21.08 63.07 12.06
CE MSE F 145 19.79 62.20 10.82
N LEU F 146 19.99 61.72 16.94
CA LEU F 146 20.83 61.95 18.12
C LEU F 146 20.83 60.75 19.05
N GLU F 147 19.65 60.16 19.28
CA GLU F 147 19.52 58.99 20.15
C GLU F 147 20.26 57.79 19.57
N ALA F 148 20.13 57.55 18.26
CA ALA F 148 20.86 56.46 17.60
C ALA F 148 22.38 56.64 17.80
N ILE F 149 22.87 57.86 17.60
CA ILE F 149 24.29 58.14 17.81
C ILE F 149 24.70 57.87 19.28
N ARG F 150 23.90 58.36 20.22
CA ARG F 150 24.17 58.16 21.66
C ARG F 150 24.27 56.67 22.00
N ILE F 151 23.26 55.89 21.58
CA ILE F 151 23.20 54.45 21.90
C ILE F 151 24.40 53.69 21.32
N LEU F 152 24.67 53.91 20.02
CA LEU F 152 25.74 53.19 19.34
C LEU F 152 27.10 53.56 19.91
N THR F 153 27.28 54.84 20.26
CA THR F 153 28.53 55.30 20.90
C THR F 153 28.73 54.57 22.24
N GLU F 154 27.67 54.48 23.03
CA GLU F 154 27.75 53.86 24.34
CA GLU F 154 27.72 53.84 24.36
C GLU F 154 28.02 52.35 24.23
N LEU F 155 27.37 51.70 23.26
CA LEU F 155 27.55 50.25 23.09
C LEU F 155 28.94 49.88 22.59
N THR F 156 29.43 50.60 21.56
CA THR F 156 30.66 50.23 20.86
C THR F 156 31.91 50.92 21.42
N GLY F 157 31.72 52.02 22.14
CA GLY F 157 32.83 52.85 22.64
C GLY F 157 33.31 53.91 21.65
N GLN F 158 32.76 53.90 20.44
CA GLN F 158 33.12 54.88 19.41
C GLN F 158 31.89 55.35 18.68
N ARG F 159 31.85 56.64 18.37
CA ARG F 159 30.72 57.16 17.60
CA ARG F 159 30.76 57.22 17.59
C ARG F 159 30.77 56.65 16.16
N PRO F 160 29.59 56.27 15.61
CA PRO F 160 29.58 55.88 14.19
C PRO F 160 30.05 57.00 13.27
N VAL F 161 30.75 56.61 12.21
CA VAL F 161 31.20 57.57 11.19
C VAL F 161 30.35 57.50 9.92
N GLY F 162 29.43 56.54 9.90
CA GLY F 162 28.52 56.37 8.76
C GLY F 162 27.06 56.36 9.16
N TRP F 163 26.21 56.65 8.18
CA TRP F 163 24.76 56.70 8.40
C TRP F 163 24.01 56.09 7.22
N TYR F 164 23.00 55.26 7.52
CA TYR F 164 22.09 54.74 6.50
C TYR F 164 20.71 54.52 7.10
N THR F 165 19.74 55.35 6.71
CA THR F 165 18.36 55.10 7.16
C THR F 165 17.69 53.98 6.38
N GLY F 166 17.76 54.07 5.05
CA GLY F 166 17.04 53.16 4.14
C GLY F 166 15.77 53.86 3.71
N ARG F 167 14.71 53.70 4.49
CA ARG F 167 13.44 54.34 4.19
C ARG F 167 13.44 55.82 4.62
N THR F 168 14.18 56.62 3.86
CA THR F 168 14.34 58.05 4.09
C THR F 168 13.07 58.83 3.83
N GLY F 169 13.00 60.01 4.45
CA GLY F 169 12.07 61.03 3.98
C GLY F 169 12.85 62.16 3.32
N PRO F 170 12.14 63.19 2.83
CA PRO F 170 12.76 64.35 2.17
C PRO F 170 13.74 65.15 3.02
N ASN F 171 13.77 64.92 4.33
CA ASN F 171 14.69 65.63 5.25
C ASN F 171 15.89 64.83 5.72
N THR F 172 15.87 63.52 5.53
CA THR F 172 16.83 62.62 6.20
C THR F 172 18.29 62.99 5.90
N ARG F 173 18.63 63.04 4.62
CA ARG F 173 20.03 63.24 4.26
C ARG F 173 20.48 64.66 4.65
N ARG F 174 19.60 65.64 4.53
CA ARG F 174 19.90 67.00 4.98
C ARG F 174 20.25 66.99 6.47
N LEU F 175 19.44 66.32 7.29
CA LEU F 175 19.70 66.26 8.74
C LEU F 175 21.05 65.60 9.04
N VAL F 176 21.34 64.52 8.33
CA VAL F 176 22.60 63.77 8.49
C VAL F 176 23.79 64.69 8.19
N MSE F 177 23.70 65.42 7.09
CA MSE F 177 24.75 66.36 6.71
C MSE F 177 24.85 67.54 7.67
O MSE F 177 25.95 68.00 7.98
CB MSE F 177 24.56 66.81 5.26
CG MSE F 177 24.75 65.67 4.27
SE MSE F 177 24.83 66.30 2.41
CE MSE F 177 22.91 66.24 1.98
N GLU F 178 23.71 67.99 8.20
CA GLU F 178 23.70 69.06 9.20
C GLU F 178 24.36 68.69 10.53
N GLU F 179 24.18 67.45 10.97
CA GLU F 179 24.76 66.98 12.25
C GLU F 179 26.29 67.05 12.27
N GLY F 180 26.89 66.81 11.09
CA GLY F 180 28.29 67.15 10.80
C GLY F 180 29.36 66.12 11.18
N GLY F 181 28.95 65.04 11.83
CA GLY F 181 29.94 64.12 12.34
C GLY F 181 30.15 62.87 11.51
N PHE F 182 29.50 62.77 10.35
CA PHE F 182 29.66 61.57 9.54
C PHE F 182 30.66 61.71 8.42
N LEU F 183 31.56 60.74 8.30
CA LEU F 183 32.46 60.67 7.15
C LEU F 183 31.73 60.29 5.86
N TYR F 184 30.58 59.63 5.97
CA TYR F 184 29.80 59.29 4.78
C TYR F 184 28.35 58.98 5.15
N ASP F 185 27.44 59.07 4.19
CA ASP F 185 26.16 58.38 4.32
C ASP F 185 25.97 57.50 3.10
N SER F 186 25.04 56.56 3.17
CA SER F 186 24.84 55.62 2.06
C SER F 186 23.38 55.58 1.58
N ASP F 187 22.65 56.65 1.88
CA ASP F 187 21.21 56.74 1.50
C ASP F 187 20.99 57.16 0.04
N THR F 188 21.75 56.55 -0.87
CA THR F 188 21.55 56.75 -2.31
C THR F 188 21.79 55.44 -3.04
N TYR F 189 21.34 55.39 -4.29
CA TYR F 189 21.42 54.19 -5.14
C TYR F 189 21.79 54.63 -6.54
N ASP F 190 22.64 55.66 -6.61
CA ASP F 190 22.77 56.49 -7.80
C ASP F 190 24.12 56.40 -8.53
N ASP F 191 25.01 55.55 -8.03
CA ASP F 191 26.33 55.44 -8.67
C ASP F 191 27.08 54.17 -8.33
N ASP F 192 28.21 54.00 -9.04
CA ASP F 192 29.12 52.88 -8.86
C ASP F 192 30.39 53.30 -8.13
N LEU F 193 30.44 54.56 -7.68
CA LEU F 193 31.59 55.09 -6.96
C LEU F 193 31.10 56.07 -5.90
N PRO F 194 31.95 56.34 -4.88
CA PRO F 194 31.62 57.46 -4.01
C PRO F 194 31.68 58.78 -4.77
N TYR F 195 31.03 59.80 -4.21
CA TYR F 195 31.14 61.17 -4.70
C TYR F 195 30.84 62.16 -3.57
N TRP F 196 31.25 63.40 -3.74
CA TRP F 196 30.95 64.46 -2.78
C TRP F 196 29.56 65.01 -3.03
N ASP F 197 28.73 64.99 -1.99
CA ASP F 197 27.38 65.54 -2.13
C ASP F 197 27.43 66.99 -2.62
N PRO F 198 26.51 67.37 -3.53
CA PRO F 198 26.49 68.78 -4.00
C PRO F 198 26.41 69.83 -2.89
N ALA F 199 25.95 69.42 -1.70
CA ALA F 199 25.84 70.32 -0.55
C ALA F 199 27.19 70.54 0.16
N SER F 200 28.21 69.79 -0.23
CA SER F 200 29.56 69.89 0.33
C SER F 200 30.14 71.31 0.21
N THR F 201 30.87 71.73 1.25
CA THR F 201 31.67 72.94 1.24
C THR F 201 33.09 72.55 1.62
N ALA F 202 34.07 73.42 1.37
CA ALA F 202 35.44 73.16 1.78
C ALA F 202 35.55 72.85 3.28
N GLU F 203 34.76 73.56 4.08
CA GLU F 203 34.77 73.41 5.53
C GLU F 203 34.03 72.15 5.99
N LYS F 204 32.91 71.84 5.33
CA LYS F 204 32.13 70.64 5.63
C LYS F 204 31.82 69.84 4.37
N PRO F 205 32.82 69.07 3.88
CA PRO F 205 32.53 68.16 2.76
C PRO F 205 31.75 66.95 3.25
N HIS F 206 30.81 66.46 2.45
CA HIS F 206 30.10 65.27 2.86
C HIS F 206 30.16 64.20 1.79
N LEU F 207 30.71 63.04 2.13
CA LEU F 207 30.89 61.95 1.17
C LEU F 207 29.65 61.08 1.08
N VAL F 208 29.27 60.75 -0.15
CA VAL F 208 28.20 59.78 -0.41
C VAL F 208 28.83 58.48 -0.91
N ILE F 209 28.49 57.36 -0.27
CA ILE F 209 28.91 56.03 -0.74
C ILE F 209 27.64 55.26 -1.09
N PRO F 210 27.26 55.25 -2.38
CA PRO F 210 25.96 54.69 -2.76
C PRO F 210 25.84 53.23 -2.38
N TYR F 211 24.64 52.83 -1.99
CA TYR F 211 24.34 51.47 -1.58
C TYR F 211 23.53 50.79 -2.70
N THR F 212 22.73 49.78 -2.38
CA THR F 212 22.14 48.95 -3.42
C THR F 212 20.82 48.33 -2.98
N LEU F 213 19.89 48.23 -3.92
CA LEU F 213 18.68 47.43 -3.72
C LEU F 213 18.64 46.20 -4.65
N ASP F 214 19.67 46.05 -5.49
CA ASP F 214 19.64 44.95 -6.46
C ASP F 214 20.56 43.78 -6.10
N THR F 215 21.81 44.05 -5.72
CA THR F 215 22.70 43.01 -5.22
C THR F 215 22.48 42.95 -3.70
N ASN F 216 21.29 42.49 -3.32
CA ASN F 216 20.78 42.64 -1.95
C ASN F 216 19.85 41.46 -1.69
N ASP F 217 20.06 40.76 -0.57
CA ASP F 217 19.25 39.59 -0.26
C ASP F 217 17.79 39.93 0.12
N MSE F 218 17.47 41.22 0.18
CA MSE F 218 16.09 41.60 0.45
C MSE F 218 15.21 41.01 -0.66
O MSE F 218 14.05 40.69 -0.40
CB MSE F 218 15.92 43.11 0.51
CG MSE F 218 16.25 43.76 -0.80
SE MSE F 218 16.05 45.68 -0.68
CE MSE F 218 14.37 45.85 0.30
N ARG F 219 15.79 40.85 -1.84
CA ARG F 219 15.06 40.33 -3.00
CA ARG F 219 15.08 40.32 -3.01
C ARG F 219 14.66 38.85 -2.89
N PHE F 220 15.16 38.15 -1.87
CA PHE F 220 14.70 36.78 -1.59
C PHE F 220 13.29 36.73 -1.04
N THR F 221 12.75 37.88 -0.64
CA THR F 221 11.39 37.91 -0.08
C THR F 221 10.46 38.96 -0.69
N GLN F 222 10.95 39.67 -1.71
CA GLN F 222 10.12 40.66 -2.39
CA GLN F 222 10.14 40.67 -2.41
C GLN F 222 9.47 40.02 -3.60
N VAL F 223 8.35 40.59 -4.05
CA VAL F 223 7.62 40.03 -5.18
CA VAL F 223 7.63 40.02 -5.18
C VAL F 223 8.60 39.75 -6.33
N GLN F 224 8.54 38.52 -6.84
CA GLN F 224 9.29 38.11 -8.04
C GLN F 224 10.76 37.57 -8.08
N GLY F 225 11.31 37.01 -7.01
CA GLY F 225 12.23 37.63 -6.06
C GLY F 225 13.20 36.47 -6.37
N PHE F 226 14.51 36.50 -6.02
CA PHE F 226 15.34 35.29 -6.25
C PHE F 226 14.65 34.02 -5.71
N ASN F 227 14.52 32.95 -6.51
CA ASN F 227 13.92 31.65 -6.07
C ASN F 227 14.86 30.92 -5.09
N ASN F 228 16.16 30.98 -5.36
CA ASN F 228 17.14 30.20 -4.60
C ASN F 228 18.53 30.81 -4.66
N GLY F 229 19.45 30.18 -3.97
CA GLY F 229 20.83 30.69 -3.88
C GLY F 229 21.59 30.76 -5.18
N GLU F 230 21.42 29.75 -6.04
CA GLU F 230 22.14 29.70 -7.31
CA GLU F 230 22.17 29.72 -7.29
C GLU F 230 21.87 30.98 -8.10
N GLN F 231 20.62 31.42 -8.08
CA GLN F 231 20.26 32.64 -8.83
C GLN F 231 20.93 33.89 -8.27
N PHE F 232 21.01 33.97 -6.95
CA PHE F 232 21.65 35.09 -6.27
C PHE F 232 23.14 35.06 -6.56
N PHE F 233 23.74 33.87 -6.47
CA PHE F 233 25.16 33.74 -6.81
C PHE F 233 25.46 34.22 -8.24
N GLN F 234 24.65 33.77 -9.20
CA GLN F 234 24.83 34.23 -10.60
C GLN F 234 24.71 35.73 -10.75
N TYR F 235 23.76 36.31 -10.01
CA TYR F 235 23.53 37.76 -10.08
C TYR F 235 24.77 38.51 -9.56
N LEU F 236 25.26 38.08 -8.41
CA LEU F 236 26.47 38.68 -7.83
C LEU F 236 27.72 38.43 -8.70
N LYS F 237 27.83 37.21 -9.21
CA LYS F 237 28.93 36.86 -10.12
C LYS F 237 28.97 37.77 -11.33
N ASP F 238 27.80 37.98 -11.96
CA ASP F 238 27.71 38.82 -13.15
C ASP F 238 28.13 40.26 -12.81
N ALA F 239 27.64 40.78 -11.69
CA ALA F 239 28.01 42.16 -11.26
C ALA F 239 29.53 42.24 -11.09
N PHE F 240 30.07 41.27 -10.37
CA PHE F 240 31.50 41.18 -10.16
C PHE F 240 32.23 41.14 -11.51
N ASP F 241 31.82 40.25 -12.41
CA ASP F 241 32.55 40.03 -13.67
C ASP F 241 32.61 41.31 -14.50
N VAL F 242 31.46 41.98 -14.60
CA VAL F 242 31.36 43.17 -15.42
C VAL F 242 32.25 44.28 -14.85
N LEU F 243 32.15 44.49 -13.54
CA LEU F 243 32.91 45.54 -12.88
C LEU F 243 34.41 45.24 -12.85
N TYR F 244 34.77 43.98 -12.65
CA TYR F 244 36.19 43.59 -12.66
C TYR F 244 36.83 43.80 -14.03
N GLU F 245 36.09 43.53 -15.10
CA GLU F 245 36.55 43.80 -16.45
C GLU F 245 36.68 45.32 -16.69
N GLU F 246 35.67 46.09 -16.25
CA GLU F 246 35.77 47.56 -16.30
C GLU F 246 37.01 48.04 -15.55
N GLY F 247 37.30 47.38 -14.42
CA GLY F 247 38.43 47.72 -13.55
C GLY F 247 39.81 47.58 -14.16
N ALA F 248 39.91 46.93 -15.32
CA ALA F 248 41.19 46.92 -16.05
C ALA F 248 41.60 48.35 -16.39
N THR F 249 40.62 49.23 -16.57
CA THR F 249 40.87 50.64 -16.91
C THR F 249 40.21 51.64 -15.95
N ALA F 250 39.09 51.25 -15.34
CA ALA F 250 38.28 52.17 -14.54
C ALA F 250 37.60 51.46 -13.37
N PRO F 251 38.35 51.17 -12.31
CA PRO F 251 37.79 50.44 -11.16
C PRO F 251 36.58 51.14 -10.54
N LYS F 252 35.64 50.32 -10.08
CA LYS F 252 34.44 50.82 -9.39
C LYS F 252 34.29 50.07 -8.07
N MSE F 253 33.11 50.21 -7.46
CA MSE F 253 32.81 49.41 -6.26
C MSE F 253 31.47 48.74 -6.41
O MSE F 253 30.66 49.12 -7.26
CB MSE F 253 32.83 50.25 -4.99
CG MSE F 253 31.72 51.30 -4.96
SE MSE F 253 31.56 52.33 -3.30
CE MSE F 253 30.80 50.86 -2.11
N LEU F 254 31.25 47.74 -5.56
CA LEU F 254 30.01 46.98 -5.54
C LEU F 254 29.63 46.75 -4.08
N SER F 255 28.39 47.10 -3.74
CA SER F 255 27.83 46.79 -2.43
C SER F 255 27.07 45.47 -2.49
N ILE F 256 27.13 44.70 -1.41
CA ILE F 256 26.33 43.47 -1.28
C ILE F 256 25.59 43.55 0.03
N GLY F 257 24.26 43.67 -0.06
CA GLY F 257 23.42 43.92 1.12
C GLY F 257 22.87 42.62 1.65
N LEU F 258 22.92 42.48 2.98
CA LEU F 258 22.58 41.23 3.67
C LEU F 258 21.71 41.49 4.89
N HIS F 259 20.82 40.54 5.20
CA HIS F 259 19.97 40.65 6.40
C HIS F 259 20.02 39.35 7.18
N CYS F 260 20.11 39.48 8.51
CA CYS F 260 20.31 38.32 9.36
C CYS F 260 19.17 37.30 9.23
N ARG F 261 17.94 37.79 9.15
CA ARG F 261 16.77 36.89 9.11
C ARG F 261 16.59 36.25 7.74
N LEU F 262 17.30 36.75 6.72
CA LEU F 262 17.12 36.29 5.35
C LEU F 262 18.28 35.39 4.94
N ILE F 263 19.44 35.98 4.65
CA ILE F 263 20.56 35.17 4.16
C ILE F 263 21.21 34.36 5.31
N GLY F 264 20.80 34.64 6.55
CA GLY F 264 21.20 33.80 7.69
C GLY F 264 20.58 32.41 7.68
N ARG F 265 19.53 32.21 6.90
CA ARG F 265 18.97 30.85 6.68
C ARG F 265 19.99 30.00 5.89
N PRO F 266 20.19 28.73 6.31
CA PRO F 266 21.22 27.91 5.62
C PRO F 266 20.98 27.75 4.12
N ALA F 267 19.71 27.73 3.69
CA ALA F 267 19.40 27.58 2.27
C ALA F 267 19.97 28.71 1.42
N ARG F 268 20.09 29.89 2.04
CA ARG F 268 20.54 31.10 1.33
C ARG F 268 22.03 31.37 1.51
N MSE F 269 22.58 30.93 2.63
CA MSE F 269 23.96 31.25 2.96
C MSE F 269 24.98 30.61 2.02
O MSE F 269 26.02 31.21 1.74
CB MSE F 269 24.27 30.84 4.41
CG MSE F 269 25.50 31.57 4.94
SE MSE F 269 26.60 30.44 6.07
CE MSE F 269 27.36 29.45 4.59
N ALA F 270 24.68 29.40 1.52
CA ALA F 270 25.62 28.71 0.62
C ALA F 270 26.08 29.60 -0.55
N ALA F 271 25.11 30.28 -1.17
CA ALA F 271 25.39 31.14 -2.33
C ALA F 271 26.30 32.32 -1.98
N LEU F 272 26.11 32.86 -0.78
CA LEU F 272 26.93 33.96 -0.31
C LEU F 272 28.37 33.47 -0.15
N GLU F 273 28.56 32.32 0.50
CA GLU F 273 29.91 31.79 0.68
C GLU F 273 30.56 31.51 -0.67
N ARG F 274 29.78 30.95 -1.61
CA ARG F 274 30.26 30.66 -2.97
CA ARG F 274 30.33 30.65 -2.94
C ARG F 274 30.73 31.94 -3.66
N PHE F 275 29.95 33.01 -3.50
CA PHE F 275 30.36 34.29 -4.06
C PHE F 275 31.65 34.85 -3.45
N ILE F 276 31.76 34.80 -2.12
CA ILE F 276 32.98 35.26 -1.42
C ILE F 276 34.19 34.51 -1.97
N GLN F 277 34.08 33.19 -2.05
CA GLN F 277 35.17 32.34 -2.58
C GLN F 277 35.52 32.69 -4.01
N TYR F 278 34.50 32.90 -4.84
CA TYR F 278 34.70 33.30 -6.24
C TYR F 278 35.48 34.61 -6.29
N ALA F 279 35.03 35.62 -5.54
CA ALA F 279 35.75 36.91 -5.50
C ALA F 279 37.18 36.74 -5.01
N GLN F 280 37.36 35.93 -3.97
CA GLN F 280 38.68 35.71 -3.40
C GLN F 280 39.65 34.99 -4.34
N SER F 281 39.10 34.28 -5.33
CA SER F 281 39.94 33.57 -6.31
C SER F 281 40.54 34.51 -7.35
N HIS F 282 40.14 35.78 -7.32
CA HIS F 282 40.68 36.79 -8.22
C HIS F 282 41.70 37.65 -7.50
N ASP F 283 42.77 38.04 -8.20
CA ASP F 283 43.66 38.99 -7.57
CA ASP F 283 43.73 39.02 -7.71
C ASP F 283 43.09 40.40 -7.72
N LYS F 284 43.67 41.36 -6.99
CA LYS F 284 43.25 42.77 -7.12
C LYS F 284 41.77 43.01 -6.78
N VAL F 285 41.34 42.41 -5.68
CA VAL F 285 40.03 42.67 -5.13
C VAL F 285 40.24 43.26 -3.73
N TRP F 286 39.70 44.46 -3.50
CA TRP F 286 39.72 45.06 -2.16
C TRP F 286 38.42 44.77 -1.39
N PHE F 287 38.50 43.96 -0.34
CA PHE F 287 37.33 43.75 0.54
C PHE F 287 37.39 44.80 1.64
N ALA F 288 36.45 45.74 1.61
CA ALA F 288 36.56 46.95 2.42
C ALA F 288 35.34 47.17 3.29
N ARG F 289 35.54 47.85 4.43
CA ARG F 289 34.41 48.44 5.16
CA ARG F 289 34.41 48.45 5.15
C ARG F 289 34.11 49.79 4.50
N ARG F 290 32.87 50.24 4.62
CA ARG F 290 32.48 51.54 4.06
C ARG F 290 33.33 52.69 4.62
N GLU F 291 33.65 52.63 5.92
CA GLU F 291 34.51 53.64 6.54
CA GLU F 291 34.51 53.64 6.53
C GLU F 291 35.91 53.67 5.91
N ASP F 292 36.39 52.51 5.46
CA ASP F 292 37.69 52.38 4.78
C ASP F 292 37.62 53.07 3.41
N ILE F 293 36.55 52.81 2.67
CA ILE F 293 36.31 53.50 1.40
C ILE F 293 36.23 55.02 1.65
N ALA F 294 35.53 55.42 2.70
CA ALA F 294 35.35 56.84 3.02
C ALA F 294 36.69 57.51 3.34
N ARG F 295 37.51 56.89 4.19
CA ARG F 295 38.81 57.47 4.52
C ARG F 295 39.72 57.54 3.29
N HIS F 296 39.66 56.51 2.44
CA HIS F 296 40.37 56.51 1.17
C HIS F 296 39.95 57.71 0.30
N TRP F 297 38.65 57.97 0.23
CA TRP F 297 38.19 59.08 -0.61
C TRP F 297 38.60 60.44 -0.04
N HIS F 298 38.47 60.61 1.27
CA HIS F 298 38.82 61.86 1.93
C HIS F 298 40.30 62.16 1.71
N ARG F 299 41.12 61.11 1.67
CA ARG F 299 42.58 61.25 1.54
CA ARG F 299 42.58 61.27 1.53
C ARG F 299 43.03 61.39 0.09
N GLU F 300 42.54 60.51 -0.77
CA GLU F 300 42.98 60.45 -2.17
C GLU F 300 42.16 61.26 -3.18
N HIS F 301 40.92 61.60 -2.83
CA HIS F 301 40.06 62.39 -3.71
C HIS F 301 39.40 63.50 -2.91
N PRO F 302 40.20 64.35 -2.25
CA PRO F 302 39.58 65.34 -1.37
C PRO F 302 38.63 66.27 -2.11
N PHE F 303 37.58 66.73 -1.43
CA PHE F 303 36.65 67.68 -2.02
C PHE F 303 37.37 68.96 -2.44
N GLN F 304 37.08 69.43 -3.65
CA GLN F 304 37.65 70.68 -4.14
C GLN F 304 36.52 71.63 -4.49
N GLU F 305 36.50 72.80 -3.84
CA GLU F 305 35.40 73.77 -3.98
C GLU F 305 35.10 74.13 -5.44
N ASP G 4 10.95 43.94 30.96
CA ASP G 4 9.65 43.25 30.79
C ASP G 4 9.40 42.78 29.35
N TYR G 5 10.36 43.02 28.46
CA TYR G 5 10.21 42.69 27.03
C TYR G 5 9.99 41.18 26.79
N PRO G 6 8.81 40.78 26.25
CA PRO G 6 8.46 39.36 26.26
C PRO G 6 9.01 38.50 25.11
N ARG G 7 9.76 39.09 24.18
CA ARG G 7 10.35 38.29 23.09
C ARG G 7 11.78 37.91 23.45
N ASP G 8 12.17 36.69 23.10
CA ASP G 8 13.54 36.28 23.28
C ASP G 8 14.29 36.42 21.95
N LEU G 9 14.97 37.55 21.79
CA LEU G 9 15.76 37.80 20.57
C LEU G 9 17.13 37.10 20.61
N ILE G 10 17.49 36.59 21.79
CA ILE G 10 18.85 36.11 22.02
C ILE G 10 18.96 34.59 21.86
N GLY G 11 18.03 33.85 22.48
CA GLY G 11 18.02 32.39 22.33
C GLY G 11 19.30 31.81 22.90
N TYR G 12 19.91 30.90 22.16
CA TYR G 12 21.15 30.25 22.57
C TYR G 12 22.39 31.10 22.28
N GLY G 13 22.20 32.20 21.58
CA GLY G 13 23.33 33.03 21.13
C GLY G 13 24.33 32.20 20.32
N ASN G 14 25.61 32.44 20.53
CA ASN G 14 26.65 31.75 19.78
C ASN G 14 26.98 30.38 20.39
N ASN G 15 26.19 29.92 21.35
CA ASN G 15 26.43 28.64 22.03
C ASN G 15 25.26 27.67 21.99
N PRO G 16 24.78 27.30 20.79
CA PRO G 16 23.72 26.31 20.78
C PRO G 16 24.24 24.97 21.33
N PRO G 17 23.36 24.18 21.97
CA PRO G 17 23.75 22.88 22.49
C PRO G 17 23.98 21.88 21.36
N HIS G 18 24.89 20.95 21.59
CA HIS G 18 25.07 19.83 20.67
C HIS G 18 23.90 18.88 20.94
N PRO G 19 23.09 18.59 19.90
CA PRO G 19 21.90 17.80 20.17
C PRO G 19 22.18 16.33 20.40
N HIS G 20 23.38 15.86 20.03
CA HIS G 20 23.73 14.43 20.12
C HIS G 20 22.61 13.56 19.56
N TRP G 21 22.29 13.81 18.29
CA TRP G 21 21.22 13.08 17.63
C TRP G 21 21.49 11.59 17.65
N PRO G 22 20.42 10.78 17.63
CA PRO G 22 20.59 9.33 17.45
C PRO G 22 21.53 9.00 16.27
N GLY G 23 22.35 7.97 16.43
CA GLY G 23 23.33 7.58 15.42
C GLY G 23 24.43 8.61 15.16
N ASP G 24 24.62 9.52 16.12
CA ASP G 24 25.55 10.65 15.98
CA ASP G 24 25.51 10.68 16.00
C ASP G 24 25.34 11.39 14.66
N ALA G 25 24.08 11.59 14.28
CA ALA G 25 23.77 12.24 13.02
C ALA G 25 24.30 13.67 12.99
N ARG G 26 24.77 14.09 11.82
CA ARG G 26 25.26 15.46 11.60
C ARG G 26 24.10 16.41 11.34
N ILE G 27 22.92 15.85 11.08
CA ILE G 27 21.74 16.67 10.78
C ILE G 27 20.51 15.83 11.05
N ALA G 28 19.45 16.45 11.59
CA ALA G 28 18.16 15.79 11.71
C ALA G 28 17.21 16.43 10.71
N LEU G 29 16.56 15.60 9.90
CA LEU G 29 15.57 16.09 8.95
C LEU G 29 14.16 15.78 9.42
N SER G 30 13.28 16.78 9.38
CA SER G 30 11.88 16.60 9.71
C SER G 30 11.01 16.96 8.50
N PHE G 31 10.60 15.93 7.75
CA PHE G 31 9.61 16.14 6.69
C PHE G 31 8.23 16.20 7.30
N VAL G 32 7.47 17.21 6.87
CA VAL G 32 6.17 17.49 7.43
C VAL G 32 5.16 17.57 6.30
N LEU G 33 4.12 16.76 6.39
CA LEU G 33 3.05 16.81 5.40
C LEU G 33 1.80 17.43 6.02
N ASN G 34 1.40 18.58 5.51
CA ASN G 34 0.16 19.22 5.97
C ASN G 34 -1.00 18.53 5.33
N TYR G 35 -2.06 18.29 6.11
CA TYR G 35 -3.31 17.78 5.56
C TYR G 35 -4.42 18.73 5.99
N GLU G 36 -4.82 19.61 5.06
CA GLU G 36 -5.72 20.73 5.34
C GLU G 36 -7.00 20.68 4.51
N GLU G 37 -6.93 19.95 3.40
CA GLU G 37 -7.96 19.91 2.38
C GLU G 37 -9.26 19.33 2.93
N GLY G 38 -10.34 20.12 2.88
CA GLY G 38 -11.58 19.75 3.54
C GLY G 38 -11.79 20.51 4.84
N GLY G 39 -10.79 21.30 5.25
CA GLY G 39 -10.87 22.10 6.48
C GLY G 39 -10.66 23.58 6.21
N GLU G 40 -10.47 23.94 4.94
CA GLU G 40 -10.12 25.31 4.55
C GLU G 40 -11.38 26.21 4.56
N ARG G 41 -11.23 27.48 4.18
CA ARG G 41 -12.38 28.38 4.14
C ARG G 41 -13.33 27.94 3.05
N CYS G 42 -14.60 27.80 3.44
CA CYS G 42 -15.67 27.44 2.52
C CYS G 42 -16.99 27.72 3.20
N VAL G 43 -17.95 28.28 2.45
CA VAL G 43 -19.27 28.49 3.05
C VAL G 43 -19.87 27.16 3.55
N LEU G 44 -19.54 26.06 2.87
CA LEU G 44 -20.01 24.72 3.29
C LEU G 44 -19.44 24.30 4.65
N HIS G 45 -18.33 24.92 5.04
CA HIS G 45 -17.65 24.63 6.32
C HIS G 45 -18.09 25.57 7.44
N GLY G 46 -19.00 26.49 7.12
CA GLY G 46 -19.50 27.48 8.07
C GLY G 46 -18.78 28.82 8.04
N ASP G 47 -17.88 29.03 7.07
CA ASP G 47 -17.16 30.30 6.92
C ASP G 47 -17.98 31.31 6.11
N LYS G 48 -17.60 32.59 6.18
CA LYS G 48 -18.36 33.63 5.46
C LYS G 48 -17.85 33.85 4.04
N GLU G 49 -16.78 33.13 3.67
CA GLU G 49 -16.10 33.37 2.39
C GLU G 49 -15.37 32.13 1.89
N SER G 50 -15.04 32.15 0.60
CA SER G 50 -14.23 31.09 -0.01
C SER G 50 -12.75 31.26 0.33
N GLU G 51 -12.00 30.19 0.10
CA GLU G 51 -10.56 30.15 0.35
C GLU G 51 -9.84 30.97 -0.72
N ALA G 52 -8.68 31.51 -0.36
CA ALA G 52 -7.85 32.25 -1.31
C ALA G 52 -6.35 31.87 -1.27
N PHE G 53 -5.96 31.15 -0.22
CA PHE G 53 -4.55 30.89 0.11
CA PHE G 53 -4.53 30.89 0.03
C PHE G 53 -4.07 29.55 -0.50
N LEU G 54 -2.78 29.51 -0.85
CA LEU G 54 -2.09 28.26 -1.23
C LEU G 54 -2.82 27.40 -2.26
N SER G 55 -2.91 27.93 -3.48
CA SER G 55 -3.37 27.15 -4.62
C SER G 55 -2.74 27.70 -5.88
N GLU G 56 -3.06 27.08 -7.01
CA GLU G 56 -2.52 27.52 -8.30
C GLU G 56 -2.98 28.93 -8.68
N MSE G 57 -4.11 29.36 -8.11
CA MSE G 57 -4.64 30.70 -8.36
C MSE G 57 -3.91 31.70 -7.47
O MSE G 57 -4.40 32.08 -6.41
CB MSE G 57 -6.15 30.72 -8.13
CG MSE G 57 -6.88 29.72 -9.00
SE MSE G 57 -8.80 29.89 -8.82
CE MSE G 57 -8.96 31.76 -9.46
N VAL G 58 -2.71 32.08 -7.89
CA VAL G 58 -1.80 32.79 -6.99
C VAL G 58 -2.26 34.22 -6.70
N ALA G 59 -3.21 34.73 -7.48
CA ALA G 59 -3.77 36.05 -7.24
C ALA G 59 -5.21 36.02 -6.72
N ALA G 60 -5.67 34.85 -6.27
CA ALA G 60 -7.04 34.68 -5.76
C ALA G 60 -7.36 35.57 -4.57
N GLN G 61 -8.60 36.04 -4.51
CA GLN G 61 -9.12 36.73 -3.33
C GLN G 61 -10.30 35.93 -2.77
N PRO G 62 -10.59 36.07 -1.45
CA PRO G 62 -11.78 35.38 -0.94
C PRO G 62 -13.06 36.02 -1.47
N LEU G 63 -14.06 35.19 -1.74
CA LEU G 63 -15.35 35.65 -2.24
C LEU G 63 -16.38 35.50 -1.14
N GLN G 64 -17.08 36.59 -0.83
CA GLN G 64 -18.02 36.61 0.29
CA GLN G 64 -17.99 36.57 0.30
C GLN G 64 -19.32 35.89 0.01
N GLY G 65 -19.69 34.95 0.88
CA GLY G 65 -21.01 34.34 0.87
C GLY G 65 -21.32 33.42 -0.29
N VAL G 66 -20.30 33.07 -1.06
CA VAL G 66 -20.47 32.23 -2.25
C VAL G 66 -19.38 31.17 -2.32
N ARG G 67 -19.62 30.14 -3.13
CA ARG G 67 -18.60 29.13 -3.39
C ARG G 67 -17.75 29.53 -4.58
N HIS G 68 -16.46 29.29 -4.47
CA HIS G 68 -15.53 29.49 -5.57
C HIS G 68 -15.15 28.11 -6.08
N MSE G 69 -15.78 27.69 -7.18
CA MSE G 69 -15.67 26.30 -7.63
C MSE G 69 -14.25 25.87 -8.00
O MSE G 69 -13.80 24.82 -7.55
CB MSE G 69 -16.64 26.01 -8.78
CG MSE G 69 -18.11 26.35 -8.48
SE MSE G 69 -18.80 25.53 -6.77
CE MSE G 69 -18.76 23.61 -7.34
N SER G 70 -13.52 26.68 -8.78
CA SER G 70 -12.15 26.31 -9.17
CA SER G 70 -12.16 26.30 -9.16
C SER G 70 -11.26 26.13 -7.93
N MSE G 71 -11.45 26.99 -6.95
CA MSE G 71 -10.69 26.92 -5.70
C MSE G 71 -10.98 25.63 -4.93
O MSE G 71 -10.06 24.98 -4.44
CB MSE G 71 -10.99 28.17 -4.85
CG MSE G 71 -10.24 28.24 -3.53
SE MSE G 71 -8.29 28.34 -3.76
CE MSE G 71 -8.22 29.58 -5.13
N GLU G 72 -12.26 25.25 -4.83
CA GLU G 72 -12.62 23.97 -4.20
C GLU G 72 -11.97 22.81 -4.95
N SER G 73 -11.99 22.90 -6.28
CA SER G 73 -11.46 21.82 -7.12
C SER G 73 -9.96 21.62 -6.91
N LEU G 74 -9.22 22.73 -6.82
CA LEU G 74 -7.79 22.69 -6.55
C LEU G 74 -7.45 22.05 -5.20
N TYR G 75 -8.27 22.34 -4.20
CA TYR G 75 -8.11 21.70 -2.89
C TYR G 75 -8.42 20.21 -2.96
N GLU G 76 -9.48 19.87 -3.70
CA GLU G 76 -9.85 18.46 -3.89
C GLU G 76 -8.73 17.64 -4.54
N TYR G 77 -7.92 18.27 -5.39
CA TYR G 77 -6.75 17.55 -5.93
C TYR G 77 -5.89 16.98 -4.80
N GLY G 78 -5.67 17.80 -3.77
CA GLY G 78 -4.84 17.38 -2.65
C GLY G 78 -5.37 16.15 -1.93
N SER G 79 -6.67 16.13 -1.67
CA SER G 79 -7.26 15.03 -0.90
C SER G 79 -7.52 13.79 -1.75
N ARG G 80 -7.78 14.01 -3.04
CA ARG G 80 -8.14 12.92 -3.96
C ARG G 80 -6.90 12.19 -4.49
N ALA G 81 -5.89 12.97 -4.87
CA ALA G 81 -4.77 12.44 -5.66
C ALA G 81 -3.38 12.73 -5.10
N GLY G 82 -3.12 13.99 -4.76
CA GLY G 82 -1.79 14.41 -4.32
C GLY G 82 -1.34 13.67 -3.07
N VAL G 83 -2.27 13.51 -2.12
CA VAL G 83 -1.90 12.87 -0.84
C VAL G 83 -1.39 11.45 -1.05
N TRP G 84 -2.07 10.70 -1.92
CA TRP G 84 -1.67 9.31 -2.18
C TRP G 84 -0.34 9.20 -2.89
N ARG G 85 -0.09 10.13 -3.83
CA ARG G 85 1.23 10.23 -4.49
C ARG G 85 2.34 10.43 -3.46
N LEU G 86 2.12 11.33 -2.52
CA LEU G 86 3.12 11.61 -1.50
C LEU G 86 3.30 10.49 -0.48
N LEU G 87 2.21 9.90 -0.03
CA LEU G 87 2.33 8.74 0.86
C LEU G 87 3.11 7.60 0.18
N LYS G 88 2.85 7.35 -1.10
CA LYS G 88 3.64 6.33 -1.79
C LYS G 88 5.13 6.67 -1.85
N LEU G 89 5.46 7.95 -2.03
CA LEU G 89 6.85 8.41 -2.07
C LEU G 89 7.55 8.12 -0.75
N PHE G 90 6.93 8.53 0.35
CA PHE G 90 7.57 8.35 1.67
C PHE G 90 7.65 6.88 2.07
N LYS G 91 6.65 6.10 1.63
CA LYS G 91 6.69 4.65 1.82
C LYS G 91 7.89 4.05 1.06
N ARG G 92 7.96 4.35 -0.24
CA ARG G 92 9.03 3.89 -1.14
C ARG G 92 10.44 4.20 -0.61
N ARG G 93 10.60 5.41 -0.08
CA ARG G 93 11.90 5.85 0.42
CA ARG G 93 11.89 5.89 0.43
C ARG G 93 12.14 5.55 1.92
N ASN G 94 11.13 4.98 2.56
CA ASN G 94 11.22 4.63 4.00
C ASN G 94 11.61 5.85 4.84
N VAL G 95 10.89 6.94 4.63
CA VAL G 95 11.13 8.18 5.38
C VAL G 95 9.87 8.53 6.17
N PRO G 96 10.01 8.66 7.52
CA PRO G 96 8.84 8.98 8.33
C PRO G 96 8.41 10.44 8.18
N LEU G 97 7.11 10.67 8.28
CA LEU G 97 6.55 12.01 8.23
C LEU G 97 5.92 12.35 9.56
N THR G 98 5.90 13.64 9.86
CA THR G 98 4.93 14.18 10.78
C THR G 98 3.87 14.85 9.95
N VAL G 99 2.62 14.45 10.18
CA VAL G 99 1.51 15.02 9.43
C VAL G 99 0.87 16.08 10.31
N PHE G 100 0.81 17.31 9.80
CA PHE G 100 0.08 18.40 10.46
C PHE G 100 -1.35 18.29 9.96
N ALA G 101 -2.18 17.58 10.74
CA ALA G 101 -3.54 17.24 10.32
C ALA G 101 -4.58 18.19 10.89
N VAL G 102 -5.28 18.90 10.00
CA VAL G 102 -6.43 19.72 10.41
C VAL G 102 -7.58 18.76 10.76
N ALA G 103 -8.15 18.91 11.95
CA ALA G 103 -9.13 17.94 12.43
C ALA G 103 -10.37 17.83 11.52
N MSE G 104 -10.90 18.96 11.06
CA MSE G 104 -12.04 18.89 10.13
C MSE G 104 -11.69 18.13 8.84
O MSE G 104 -12.48 17.33 8.35
CB MSE G 104 -12.63 20.27 9.79
CG MSE G 104 -13.74 20.17 8.76
SE MSE G 104 -14.50 21.85 8.20
CE MSE G 104 -15.68 22.19 9.80
N ALA G 105 -10.49 18.40 8.29
CA ALA G 105 -10.01 17.72 7.09
C ALA G 105 -9.95 16.21 7.33
N ALA G 106 -9.36 15.83 8.47
CA ALA G 106 -9.26 14.43 8.88
C ALA G 106 -10.63 13.71 8.94
N GLN G 107 -11.60 14.38 9.57
CA GLN G 107 -12.96 13.86 9.69
CA GLN G 107 -12.98 13.89 9.69
C GLN G 107 -13.58 13.58 8.33
N ARG G 108 -13.26 14.42 7.34
CA ARG G 108 -13.86 14.29 6.00
C ARG G 108 -13.18 13.20 5.15
N ASN G 109 -12.01 12.74 5.60
CA ASN G 109 -11.28 11.72 4.85
C ASN G 109 -10.58 10.75 5.80
N PRO G 110 -11.38 10.03 6.63
CA PRO G 110 -10.78 9.15 7.65
C PRO G 110 -9.88 8.06 7.07
N GLU G 111 -10.15 7.61 5.84
CA GLU G 111 -9.28 6.58 5.23
C GLU G 111 -7.82 7.01 5.05
N VAL G 112 -7.61 8.26 4.64
CA VAL G 112 -6.24 8.73 4.46
CA VAL G 112 -6.26 8.83 4.47
C VAL G 112 -5.54 8.81 5.82
N ILE G 113 -6.27 9.18 6.86
CA ILE G 113 -5.72 9.24 8.21
C ILE G 113 -5.31 7.83 8.65
N ARG G 114 -6.20 6.85 8.44
CA ARG G 114 -5.91 5.45 8.73
CA ARG G 114 -5.89 5.45 8.74
C ARG G 114 -4.62 5.01 8.01
N ALA G 115 -4.50 5.37 6.73
CA ALA G 115 -3.34 4.96 5.93
C ALA G 115 -2.05 5.59 6.47
N MSE G 116 -2.15 6.85 6.88
CA MSE G 116 -1.03 7.57 7.47
C MSE G 116 -0.56 6.89 8.75
O MSE G 116 0.65 6.69 8.94
CB MSE G 116 -1.44 9.03 7.75
CG MSE G 116 -1.51 9.87 6.49
SE MSE G 116 -2.53 11.48 6.91
CE MSE G 116 -2.12 12.53 5.28
N VAL G 117 -1.50 6.54 9.61
CA VAL G 117 -1.19 5.83 10.87
C VAL G 117 -0.52 4.48 10.57
N ALA G 118 -1.09 3.74 9.61
CA ALA G 118 -0.57 2.41 9.23
C ALA G 118 0.84 2.48 8.65
N ASP G 119 1.18 3.62 8.06
CA ASP G 119 2.53 3.82 7.51
C ASP G 119 3.54 4.31 8.55
N GLY G 120 3.10 4.45 9.80
CA GLY G 120 4.00 4.80 10.90
C GLY G 120 4.26 6.29 11.06
N HIS G 121 3.49 7.11 10.35
CA HIS G 121 3.63 8.56 10.46
C HIS G 121 3.00 9.11 11.73
N GLU G 122 3.55 10.20 12.23
CA GLU G 122 2.98 10.88 13.40
C GLU G 122 1.80 11.72 12.93
N ILE G 123 0.71 11.68 13.68
CA ILE G 123 -0.41 12.61 13.47
C ILE G 123 -0.32 13.72 14.53
N CYS G 124 0.06 14.90 14.05
CA CYS G 124 0.19 16.10 14.87
C CYS G 124 -1.04 16.97 14.62
N SER G 125 -1.57 17.60 15.66
CA SER G 125 -2.73 18.48 15.46
C SER G 125 -2.34 19.75 14.72
N HIS G 126 -3.10 20.06 13.66
CA HIS G 126 -2.95 21.33 12.94
C HIS G 126 -4.20 22.21 13.22
N GLY G 127 -4.88 21.96 14.34
CA GLY G 127 -6.06 22.73 14.70
C GLY G 127 -7.34 22.11 14.18
N TYR G 128 -8.48 22.62 14.63
CA TYR G 128 -9.76 22.10 14.18
C TYR G 128 -10.09 22.57 12.75
N ARG G 129 -9.80 23.84 12.47
CA ARG G 129 -10.11 24.46 11.18
C ARG G 129 -8.82 25.02 10.57
N TRP G 130 -8.75 25.06 9.24
CA TRP G 130 -7.62 25.72 8.60
C TRP G 130 -8.02 27.15 8.26
N ILE G 131 -7.94 27.99 9.29
CA ILE G 131 -8.38 29.37 9.21
C ILE G 131 -7.41 30.21 10.02
N ASP G 132 -7.57 31.54 9.91
CA ASP G 132 -6.73 32.45 10.66
CA ASP G 132 -6.75 32.48 10.65
C ASP G 132 -7.28 32.64 12.06
N TYR G 133 -6.44 32.38 13.07
CA TYR G 133 -6.85 32.51 14.46
C TYR G 133 -6.47 33.86 15.10
N GLN G 134 -5.92 34.77 14.30
CA GLN G 134 -5.38 36.03 14.81
C GLN G 134 -6.35 36.73 15.75
N TYR G 135 -7.61 36.84 15.33
CA TYR G 135 -8.59 37.63 16.07
C TYR G 135 -9.59 36.80 16.88
N MSE G 136 -9.44 35.47 16.87
CA MSE G 136 -10.39 34.62 17.60
C MSE G 136 -10.32 34.77 19.12
O MSE G 136 -9.24 34.76 19.71
CB MSE G 136 -10.23 33.14 17.22
CG MSE G 136 -10.93 32.20 18.19
SE MSE G 136 -11.50 30.56 17.35
CE MSE G 136 -12.69 31.47 16.06
N ASP G 137 -11.49 34.90 19.75
CA ASP G 137 -11.56 35.00 21.20
C ASP G 137 -11.08 33.72 21.88
N GLU G 138 -10.56 33.86 23.09
CA GLU G 138 -9.91 32.78 23.79
C GLU G 138 -10.83 31.57 24.02
N ALA G 139 -12.04 31.82 24.51
CA ALA G 139 -12.96 30.71 24.82
C ALA G 139 -13.24 29.86 23.58
N GLN G 140 -13.43 30.52 22.44
CA GLN G 140 -13.68 29.83 21.19
C GLN G 140 -12.43 29.09 20.70
N GLU G 141 -11.26 29.73 20.83
CA GLU G 141 -10.02 29.06 20.40
C GLU G 141 -9.74 27.81 21.24
N ARG G 142 -10.03 27.86 22.55
CA ARG G 142 -9.83 26.64 23.33
C ARG G 142 -10.87 25.55 22.99
N GLU G 143 -12.10 25.96 22.67
CA GLU G 143 -13.13 25.00 22.19
C GLU G 143 -12.63 24.28 20.94
N HIS G 144 -12.06 25.05 20.01
CA HIS G 144 -11.51 24.47 18.78
C HIS G 144 -10.38 23.48 19.11
N MSE G 145 -9.52 23.85 20.07
CA MSE G 145 -8.41 23.00 20.47
C MSE G 145 -8.89 21.66 21.04
O MSE G 145 -8.43 20.60 20.62
CB MSE G 145 -7.52 23.72 21.49
CG MSE G 145 -6.39 22.86 22.04
SE MSE G 145 -5.22 23.96 23.15
CE MSE G 145 -4.76 25.28 21.76
N LEU G 146 -9.82 21.74 21.97
CA LEU G 146 -10.37 20.52 22.59
C LEU G 146 -11.04 19.63 21.55
N GLU G 147 -11.75 20.24 20.59
CA GLU G 147 -12.39 19.48 19.52
C GLU G 147 -11.38 18.84 18.59
N ALA G 148 -10.32 19.57 18.24
CA ALA G 148 -9.25 18.98 17.41
C ALA G 148 -8.65 17.74 18.09
N ILE G 149 -8.35 17.89 19.38
CA ILE G 149 -7.82 16.79 20.19
CA ILE G 149 -7.80 16.77 20.15
C ILE G 149 -8.78 15.61 20.20
N ARG G 150 -10.07 15.89 20.43
CA ARG G 150 -11.08 14.84 20.49
C ARG G 150 -11.17 14.07 19.16
N ILE G 151 -11.26 14.80 18.06
CA ILE G 151 -11.42 14.20 16.73
C ILE G 151 -10.20 13.35 16.37
N LEU G 152 -9.01 13.91 16.55
CA LEU G 152 -7.78 13.20 16.17
C LEU G 152 -7.55 11.96 17.03
N THR G 153 -7.90 12.06 18.31
CA THR G 153 -7.82 10.90 19.22
C THR G 153 -8.73 9.77 18.73
N GLU G 154 -9.95 10.14 18.34
CA GLU G 154 -10.95 9.19 17.86
CA GLU G 154 -10.94 9.15 17.90
C GLU G 154 -10.51 8.50 16.60
N LEU G 155 -9.98 9.29 15.67
CA LEU G 155 -9.59 8.75 14.38
C LEU G 155 -8.37 7.85 14.46
N THR G 156 -7.38 8.27 15.24
CA THR G 156 -6.07 7.60 15.24
C THR G 156 -5.90 6.59 16.37
N GLY G 157 -6.75 6.70 17.40
CA GLY G 157 -6.67 5.88 18.60
C GLY G 157 -5.71 6.42 19.65
N GLN G 158 -4.99 7.49 19.33
CA GLN G 158 -4.03 8.09 20.27
C GLN G 158 -4.14 9.60 20.23
N ARG G 159 -4.00 10.22 21.41
CA ARG G 159 -3.96 11.67 21.54
CA ARG G 159 -3.98 11.69 21.49
C ARG G 159 -2.74 12.24 20.77
N PRO G 160 -2.92 13.33 19.99
CA PRO G 160 -1.71 13.97 19.43
C PRO G 160 -0.82 14.50 20.55
N VAL G 161 0.49 14.40 20.35
CA VAL G 161 1.48 14.94 21.29
C VAL G 161 2.13 16.23 20.78
N GLY G 162 1.78 16.62 19.55
CA GLY G 162 2.26 17.87 18.97
C GLY G 162 1.12 18.76 18.51
N TRP G 163 1.42 20.06 18.42
CA TRP G 163 0.46 21.06 17.98
C TRP G 163 1.12 22.09 17.04
N TYR G 164 0.41 22.44 15.97
CA TYR G 164 0.81 23.51 15.07
C TYR G 164 -0.43 24.16 14.43
N THR G 165 -0.74 25.39 14.85
CA THR G 165 -1.84 26.13 14.20
C THR G 165 -1.43 26.70 12.85
N GLY G 166 -0.31 27.40 12.82
CA GLY G 166 0.12 28.12 11.63
C GLY G 166 -0.27 29.58 11.83
N ARG G 167 -1.49 29.92 11.43
CA ARG G 167 -1.97 31.30 11.56
C ARG G 167 -2.48 31.56 12.99
N THR G 168 -1.52 31.68 13.90
CA THR G 168 -1.78 31.89 15.33
C THR G 168 -2.32 33.29 15.63
N GLY G 169 -2.92 33.42 16.81
CA GLY G 169 -3.22 34.72 17.40
C GLY G 169 -2.35 34.85 18.65
N PRO G 170 -2.50 35.97 19.37
CA PRO G 170 -1.69 36.24 20.58
C PRO G 170 -1.86 35.25 21.74
N ASN G 171 -2.93 34.45 21.71
CA ASN G 171 -3.21 33.45 22.76
C ASN G 171 -2.87 32.01 22.42
N THR G 172 -2.66 31.71 21.14
CA THR G 172 -2.58 30.32 20.67
C THR G 172 -1.57 29.49 21.45
N ARG G 173 -0.32 29.95 21.48
CA ARG G 173 0.73 29.12 22.08
C ARG G 173 0.53 29.02 23.60
N ARG G 174 0.06 30.11 24.20
CA ARG G 174 -0.30 30.07 25.63
C ARG G 174 -1.36 29.00 25.92
N LEU G 175 -2.41 28.93 25.11
CA LEU G 175 -3.46 27.92 25.32
C LEU G 175 -2.91 26.50 25.17
N VAL G 176 -2.08 26.30 24.14
CA VAL G 176 -1.43 25.01 23.90
C VAL G 176 -0.64 24.55 25.12
N MSE G 177 0.19 25.44 25.67
CA MSE G 177 0.99 25.10 26.86
C MSE G 177 0.11 24.90 28.10
O MSE G 177 0.41 24.05 28.94
CB MSE G 177 2.06 26.16 27.09
CG MSE G 177 3.11 26.18 26.01
SE MSE G 177 4.57 27.46 26.36
CE MSE G 177 3.79 29.07 25.52
N GLU G 178 -0.99 25.64 28.18
CA GLU G 178 -1.98 25.47 29.28
C GLU G 178 -2.74 24.15 29.26
N GLU G 179 -3.09 23.65 28.06
CA GLU G 179 -3.73 22.33 27.90
C GLU G 179 -2.89 21.23 28.56
N GLY G 180 -1.56 21.35 28.41
CA GLY G 180 -0.59 20.56 29.17
C GLY G 180 -0.26 19.18 28.63
N GLY G 181 -0.95 18.76 27.58
CA GLY G 181 -0.79 17.41 27.08
C GLY G 181 0.14 17.30 25.89
N PHE G 182 0.77 18.40 25.49
CA PHE G 182 1.65 18.32 24.32
C PHE G 182 3.13 18.22 24.66
N LEU G 183 3.82 17.28 24.03
CA LEU G 183 5.27 17.16 24.15
C LEU G 183 6.01 18.30 23.46
N TYR G 184 5.38 18.91 22.45
CA TYR G 184 5.99 20.04 21.73
C TYR G 184 4.93 20.85 21.01
N ASP G 185 5.24 22.09 20.64
CA ASP G 185 4.48 22.76 19.58
C ASP G 185 5.49 23.26 18.57
N SER G 186 5.01 23.61 17.38
CA SER G 186 5.91 24.06 16.32
C SER G 186 5.51 25.42 15.74
N ASP G 187 4.79 26.21 16.53
CA ASP G 187 4.32 27.52 16.06
C ASP G 187 5.38 28.63 16.23
N THR G 188 6.62 28.32 15.87
CA THR G 188 7.70 29.33 15.79
C THR G 188 8.55 29.09 14.53
N TYR G 189 9.35 30.08 14.18
CA TYR G 189 10.23 30.00 12.99
C TYR G 189 11.57 30.62 13.37
N ASP G 190 11.98 30.37 14.61
CA ASP G 190 12.97 31.21 15.30
C ASP G 190 14.31 30.54 15.58
N ASP G 191 14.47 29.29 15.14
CA ASP G 191 15.73 28.58 15.43
C ASP G 191 15.95 27.38 14.53
N ASP G 192 17.17 26.83 14.64
CA ASP G 192 17.62 25.65 13.92
C ASP G 192 17.66 24.45 14.87
N LEU G 193 17.19 24.62 16.10
CA LEU G 193 17.17 23.56 17.08
C LEU G 193 15.93 23.66 17.96
N PRO G 194 15.51 22.55 18.57
CA PRO G 194 14.49 22.68 19.61
C PRO G 194 15.01 23.47 20.81
N TYR G 195 14.10 24.03 21.59
CA TYR G 195 14.43 24.70 22.85
C TYR G 195 13.24 24.68 23.80
N TRP G 196 13.51 24.85 25.10
CA TRP G 196 12.43 24.91 26.09
C TRP G 196 11.83 26.31 26.11
N ASP G 197 10.51 26.40 25.95
CA ASP G 197 9.85 27.70 25.98
C ASP G 197 10.13 28.42 27.31
N PRO G 198 10.39 29.75 27.26
CA PRO G 198 10.60 30.53 28.49
C PRO G 198 9.52 30.32 29.56
N ALA G 199 8.31 29.94 29.15
CA ALA G 199 7.21 29.68 30.10
C ALA G 199 7.31 28.32 30.83
N SER G 200 8.30 27.52 30.46
CA SER G 200 8.54 26.20 31.06
C SER G 200 8.85 26.30 32.55
N THR G 201 8.41 25.30 33.29
CA THR G 201 8.76 25.12 34.70
C THR G 201 9.18 23.65 34.84
N ALA G 202 9.86 23.30 35.94
CA ALA G 202 10.24 21.90 36.16
C ALA G 202 9.03 20.98 36.12
N GLU G 203 7.91 21.47 36.66
CA GLU G 203 6.64 20.74 36.70
C GLU G 203 6.01 20.57 35.33
N LYS G 204 5.98 21.66 34.55
CA LYS G 204 5.42 21.64 33.21
C LYS G 204 6.40 22.26 32.21
N PRO G 205 7.43 21.50 31.77
CA PRO G 205 8.29 21.99 30.70
C PRO G 205 7.57 21.93 29.36
N HIS G 206 7.83 22.89 28.49
CA HIS G 206 7.23 22.79 27.17
C HIS G 206 8.26 23.02 26.08
N LEU G 207 8.37 22.02 25.21
CA LEU G 207 9.33 22.04 24.13
C LEU G 207 8.79 22.75 22.91
N VAL G 208 9.65 23.58 22.31
CA VAL G 208 9.37 24.20 21.01
C VAL G 208 10.27 23.52 19.98
N ILE G 209 9.68 23.09 18.87
CA ILE G 209 10.43 22.55 17.73
C ILE G 209 10.10 23.45 16.53
N PRO G 210 10.96 24.44 16.26
CA PRO G 210 10.65 25.45 15.26
C PRO G 210 10.40 24.84 13.89
N TYR G 211 9.46 25.44 13.16
CA TYR G 211 9.09 25.02 11.83
C TYR G 211 9.68 26.00 10.81
N THR G 212 9.07 26.10 9.64
CA THR G 212 9.69 26.79 8.51
C THR G 212 8.67 27.32 7.55
N LEU G 213 8.94 28.50 7.01
CA LEU G 213 8.19 28.99 5.86
C LEU G 213 9.06 29.12 4.61
N ASP G 214 10.34 28.73 4.71
CA ASP G 214 11.26 28.91 3.59
C ASP G 214 11.58 27.61 2.84
N THR G 215 11.92 26.55 3.57
CA THR G 215 12.10 25.22 2.96
C THR G 215 10.73 24.53 2.98
N ASN G 216 9.82 25.07 2.18
CA ASN G 216 8.39 24.80 2.32
C ASN G 216 7.76 24.98 0.93
N ASP G 217 7.00 23.99 0.47
CA ASP G 217 6.44 24.06 -0.87
C ASP G 217 5.33 25.11 -0.99
N MSE G 218 4.92 25.72 0.12
CA MSE G 218 3.91 26.79 0.01
C MSE G 218 4.44 27.90 -0.93
O MSE G 218 3.65 28.62 -1.56
CB MSE G 218 3.61 27.38 1.38
CG MSE G 218 4.80 28.07 1.98
SE MSE G 218 4.39 28.72 3.74
CE MSE G 218 2.88 29.80 3.36
N ARG G 219 5.76 27.99 -1.04
CA ARG G 219 6.37 29.04 -1.86
CA ARG G 219 6.38 29.02 -1.88
C ARG G 219 6.19 28.83 -3.37
N PHE G 220 5.79 27.63 -3.78
CA PHE G 220 5.42 27.39 -5.19
C PHE G 220 4.20 28.21 -5.62
N THR G 221 3.43 28.70 -4.65
CA THR G 221 2.16 29.41 -4.90
C THR G 221 2.17 30.87 -4.44
N GLN G 222 3.26 31.30 -3.81
CA GLN G 222 3.36 32.65 -3.26
CA GLN G 222 3.29 32.66 -3.29
C GLN G 222 3.93 33.64 -4.27
N VAL G 223 3.74 34.94 -4.01
CA VAL G 223 4.21 36.02 -4.89
C VAL G 223 5.74 36.08 -4.99
N GLN G 224 6.42 35.44 -4.04
CA GLN G 224 7.84 35.12 -4.13
C GLN G 224 8.02 33.66 -3.70
N GLY G 225 8.82 32.90 -4.47
CA GLY G 225 9.07 31.49 -4.15
C GLY G 225 9.69 30.72 -5.29
N PHE G 226 9.07 29.59 -5.66
CA PHE G 226 9.64 28.71 -6.68
C PHE G 226 8.66 28.57 -7.81
N ASN G 227 9.17 28.44 -9.02
CA ASN G 227 8.32 28.12 -10.16
CA ASN G 227 8.32 28.14 -10.17
C ASN G 227 8.57 26.74 -10.74
N ASN G 228 9.66 26.10 -10.35
CA ASN G 228 9.82 24.69 -10.74
C ASN G 228 10.60 23.86 -9.73
N GLY G 229 10.61 22.56 -9.95
CA GLY G 229 11.25 21.62 -9.02
C GLY G 229 12.75 21.77 -8.90
N GLU G 230 13.42 22.08 -10.01
CA GLU G 230 14.87 22.25 -9.97
C GLU G 230 15.24 23.30 -8.92
N GLN G 231 14.47 24.39 -8.90
CA GLN G 231 14.77 25.49 -7.97
C GLN G 231 14.55 25.08 -6.51
N PHE G 232 13.46 24.37 -6.26
CA PHE G 232 13.13 23.84 -4.93
C PHE G 232 14.20 22.84 -4.47
N PHE G 233 14.57 21.91 -5.37
CA PHE G 233 15.65 20.98 -5.05
C PHE G 233 16.95 21.71 -4.65
N GLN G 234 17.38 22.67 -5.45
CA GLN G 234 18.62 23.41 -5.15
C GLN G 234 18.52 24.11 -3.79
N TYR G 235 17.34 24.65 -3.49
CA TYR G 235 17.08 25.35 -2.23
C TYR G 235 17.24 24.40 -1.03
N LEU G 236 16.58 23.25 -1.10
CA LEU G 236 16.73 22.23 -0.07
C LEU G 236 18.15 21.68 0.02
N LYS G 237 18.77 21.44 -1.14
CA LYS G 237 20.15 20.95 -1.18
C LYS G 237 21.10 21.87 -0.46
N ASP G 238 20.98 23.18 -0.74
CA ASP G 238 21.82 24.19 -0.12
C ASP G 238 21.64 24.19 1.40
N ALA G 239 20.39 24.15 1.85
CA ALA G 239 20.10 24.10 3.28
C ALA G 239 20.77 22.87 3.91
N PHE G 240 20.55 21.73 3.26
CA PHE G 240 21.15 20.49 3.73
C PHE G 240 22.68 20.64 3.79
N ASP G 241 23.29 21.10 2.71
CA ASP G 241 24.75 21.14 2.62
C ASP G 241 25.36 22.01 3.72
N VAL G 242 24.74 23.16 3.97
CA VAL G 242 25.29 24.12 4.94
C VAL G 242 25.17 23.53 6.34
N LEU G 243 24.00 22.97 6.64
CA LEU G 243 23.73 22.40 7.96
C LEU G 243 24.55 21.11 8.20
N TYR G 244 24.70 20.28 7.17
CA TYR G 244 25.50 19.06 7.27
C TYR G 244 26.97 19.39 7.55
N GLU G 245 27.50 20.45 6.93
CA GLU G 245 28.86 20.92 7.20
C GLU G 245 28.97 21.47 8.62
N GLU G 246 27.99 22.28 9.05
CA GLU G 246 27.96 22.76 10.44
C GLU G 246 27.99 21.58 11.39
N GLY G 247 27.27 20.51 11.02
CA GLY G 247 27.11 19.31 11.84
C GLY G 247 28.38 18.50 12.07
N ALA G 248 29.48 18.89 11.42
CA ALA G 248 30.79 18.28 11.72
C ALA G 248 31.16 18.61 13.16
N THR G 249 30.63 19.74 13.65
CA THR G 249 30.92 20.22 15.01
C THR G 249 29.68 20.57 15.83
N ALA G 250 28.60 20.96 15.13
CA ALA G 250 27.41 21.47 15.81
C ALA G 250 26.14 21.13 15.01
N PRO G 251 25.67 19.87 15.11
CA PRO G 251 24.48 19.44 14.35
C PRO G 251 23.24 20.26 14.67
N LYS G 252 22.43 20.47 13.64
CA LYS G 252 21.17 21.19 13.77
C LYS G 252 20.05 20.33 13.18
N MSE G 253 18.87 20.93 13.02
CA MSE G 253 17.79 20.27 12.30
C MSE G 253 17.27 21.14 11.16
O MSE G 253 17.50 22.34 11.14
CB MSE G 253 16.64 19.90 13.23
CG MSE G 253 15.92 21.10 13.83
SE MSE G 253 14.35 20.60 14.91
CE MSE G 253 13.14 20.06 13.39
N LEU G 254 16.56 20.49 10.24
CA LEU G 254 15.90 21.17 9.11
C LEU G 254 14.51 20.60 8.94
N SER G 255 13.52 21.49 8.87
CA SER G 255 12.14 21.09 8.56
C SER G 255 11.89 21.28 7.09
N ILE G 256 11.11 20.38 6.49
CA ILE G 256 10.71 20.50 5.08
C ILE G 256 9.19 20.41 5.05
N GLY G 257 8.55 21.54 4.75
CA GLY G 257 7.10 21.67 4.78
C GLY G 257 6.47 21.31 3.44
N LEU G 258 5.41 20.50 3.48
CA LEU G 258 4.79 19.97 2.26
C LEU G 258 3.26 20.06 2.31
N HIS G 259 2.63 20.23 1.16
CA HIS G 259 1.15 20.27 1.10
C HIS G 259 0.65 19.36 -0.01
N CYS G 260 -0.40 18.60 0.30
CA CYS G 260 -0.94 17.61 -0.63
C CYS G 260 -1.34 18.20 -1.98
N ARG G 261 -2.00 19.36 -1.96
CA ARG G 261 -2.51 19.99 -3.18
C ARG G 261 -1.41 20.66 -4.02
N LEU G 262 -0.21 20.80 -3.43
CA LEU G 262 0.90 21.52 -4.08
C LEU G 262 1.95 20.55 -4.58
N ILE G 263 2.76 20.00 -3.68
CA ILE G 263 3.86 19.11 -4.10
C ILE G 263 3.33 17.71 -4.47
N GLY G 264 2.05 17.49 -4.21
CA GLY G 264 1.37 16.29 -4.69
C GLY G 264 1.19 16.26 -6.21
N ARG G 265 1.35 17.42 -6.87
CA ARG G 265 1.36 17.47 -8.34
C ARG G 265 2.66 16.82 -8.86
N PRO G 266 2.55 15.99 -9.92
CA PRO G 266 3.75 15.29 -10.41
C PRO G 266 4.89 16.23 -10.82
N ALA G 267 4.57 17.40 -11.39
CA ALA G 267 5.60 18.38 -11.73
C ALA G 267 6.47 18.82 -10.56
N ARG G 268 5.93 18.74 -9.35
CA ARG G 268 6.65 19.24 -8.18
C ARG G 268 7.25 18.10 -7.38
N MSE G 269 6.64 16.91 -7.48
CA MSE G 269 7.07 15.79 -6.66
C MSE G 269 8.48 15.31 -7.02
O MSE G 269 9.24 14.86 -6.15
CB MSE G 269 6.06 14.63 -6.75
CG MSE G 269 6.16 13.66 -5.57
SE MSE G 269 5.95 11.81 -6.16
CE MSE G 269 7.68 11.71 -7.01
N ALA G 270 8.87 15.43 -8.30
CA ALA G 270 10.19 14.92 -8.72
C ALA G 270 11.34 15.49 -7.89
N ALA G 271 11.28 16.80 -7.62
CA ALA G 271 12.30 17.51 -6.85
C ALA G 271 12.38 17.02 -5.42
N LEU G 272 11.22 16.72 -4.83
CA LEU G 272 11.18 16.21 -3.48
C LEU G 272 11.85 14.84 -3.43
N GLU G 273 11.49 13.94 -4.35
CA GLU G 273 12.14 12.62 -4.36
C GLU G 273 13.66 12.76 -4.56
N ARG G 274 14.07 13.64 -5.47
CA ARG G 274 15.51 13.81 -5.67
CA ARG G 274 15.49 13.92 -5.72
C ARG G 274 16.22 14.37 -4.43
N PHE G 275 15.57 15.25 -3.68
CA PHE G 275 16.14 15.71 -2.43
C PHE G 275 16.27 14.58 -1.39
N ILE G 276 15.21 13.77 -1.23
CA ILE G 276 15.25 12.62 -0.32
C ILE G 276 16.42 11.71 -0.68
N GLN G 277 16.56 11.39 -1.97
CA GLN G 277 17.66 10.55 -2.45
C GLN G 277 19.03 11.15 -2.18
N TYR G 278 19.15 12.47 -2.40
CA TYR G 278 20.36 13.22 -2.10
C TYR G 278 20.73 13.10 -0.62
N ALA G 279 19.75 13.38 0.26
CA ALA G 279 19.98 13.27 1.70
C ALA G 279 20.35 11.83 2.09
N GLN G 280 19.64 10.86 1.54
CA GLN G 280 19.93 9.45 1.84
C GLN G 280 21.31 8.96 1.37
N SER G 281 21.91 9.67 0.42
CA SER G 281 23.24 9.30 -0.08
C SER G 281 24.36 9.71 0.89
N HIS G 282 24.01 10.45 1.95
CA HIS G 282 24.97 10.87 2.97
C HIS G 282 24.82 10.01 4.21
N ASP G 283 25.93 9.72 4.88
CA ASP G 283 25.80 9.03 6.15
CA ASP G 283 25.93 9.06 6.17
C ASP G 283 25.46 10.04 7.24
N LYS G 284 25.04 9.54 8.39
CA LYS G 284 24.78 10.41 9.55
C LYS G 284 23.67 11.44 9.30
N VAL G 285 22.58 10.97 8.71
CA VAL G 285 21.37 11.79 8.57
C VAL G 285 20.28 11.07 9.33
N TRP G 286 19.68 11.78 10.30
CA TRP G 286 18.54 11.23 11.03
C TRP G 286 17.22 11.73 10.42
N PHE G 287 16.46 10.81 9.81
CA PHE G 287 15.12 11.16 9.29
C PHE G 287 14.13 10.88 10.41
N ALA G 288 13.58 11.94 10.98
CA ALA G 288 12.84 11.87 12.24
C ALA G 288 11.43 12.39 12.12
N ARG G 289 10.53 11.85 12.93
CA ARG G 289 9.25 12.53 13.20
C ARG G 289 9.48 13.60 14.27
N ARG G 290 8.63 14.62 14.30
CA ARG G 290 8.78 15.68 15.30
C ARG G 290 8.65 15.13 16.73
N GLU G 291 7.75 14.18 16.92
CA GLU G 291 7.61 13.55 18.23
C GLU G 291 8.90 12.84 18.68
N ASP G 292 9.63 12.26 17.71
CA ASP G 292 10.91 11.60 17.96
C ASP G 292 11.95 12.61 18.42
N ILE G 293 12.02 13.75 17.73
CA ILE G 293 12.87 14.85 18.16
C ILE G 293 12.47 15.32 19.58
N ALA G 294 11.16 15.41 19.83
CA ALA G 294 10.68 15.84 21.15
C ALA G 294 11.08 14.87 22.26
N ARG G 295 10.90 13.57 22.03
CA ARG G 295 11.25 12.61 23.07
C ARG G 295 12.76 12.60 23.31
N HIS G 296 13.51 12.77 22.22
CA HIS G 296 14.97 12.86 22.30
C HIS G 296 15.39 14.04 23.18
N TRP G 297 14.78 15.20 22.95
CA TRP G 297 15.10 16.38 23.76
C TRP G 297 14.71 16.22 25.23
N HIS G 298 13.52 15.68 25.47
CA HIS G 298 13.05 15.45 26.84
C HIS G 298 14.05 14.55 27.59
N ARG G 299 14.64 13.59 26.88
CA ARG G 299 15.57 12.61 27.47
C ARG G 299 17.02 13.09 27.58
N GLU G 300 17.57 13.65 26.50
CA GLU G 300 18.98 14.02 26.42
CA GLU G 300 18.98 14.01 26.44
C GLU G 300 19.26 15.47 26.83
N HIS G 301 18.23 16.32 26.78
CA HIS G 301 18.39 17.73 27.15
C HIS G 301 17.22 18.19 28.03
N PRO G 302 17.00 17.52 29.18
CA PRO G 302 15.85 17.85 30.01
C PRO G 302 15.86 19.30 30.47
N PHE G 303 14.69 19.88 30.62
CA PHE G 303 14.56 21.23 31.15
C PHE G 303 15.19 21.34 32.54
N GLN G 304 15.95 22.42 32.76
CA GLN G 304 16.59 22.66 34.06
C GLN G 304 16.28 24.08 34.57
N TYR H 5 -22.87 16.88 2.23
CA TYR H 5 -21.65 17.66 1.83
C TYR H 5 -21.35 17.38 0.37
N PRO H 6 -21.52 18.39 -0.51
CA PRO H 6 -21.53 18.19 -1.96
C PRO H 6 -20.17 17.97 -2.65
N ARG H 7 -19.07 18.19 -1.93
CA ARG H 7 -17.75 18.03 -2.53
C ARG H 7 -17.25 16.61 -2.34
N ASP H 8 -16.64 16.07 -3.40
CA ASP H 8 -16.01 14.77 -3.29
C ASP H 8 -14.50 14.94 -3.07
N LEU H 9 -14.08 14.88 -1.81
CA LEU H 9 -12.66 14.99 -1.44
C LEU H 9 -11.91 13.68 -1.61
N ILE H 10 -12.65 12.59 -1.81
CA ILE H 10 -12.06 11.26 -1.75
C ILE H 10 -11.74 10.72 -3.14
N GLY H 11 -12.68 10.86 -4.08
CA GLY H 11 -12.45 10.38 -5.44
C GLY H 11 -12.18 8.90 -5.49
N TYR H 12 -11.13 8.52 -6.23
CA TYR H 12 -10.74 7.12 -6.36
C TYR H 12 -9.94 6.62 -5.17
N GLY H 13 -9.55 7.54 -4.27
CA GLY H 13 -8.64 7.20 -3.17
C GLY H 13 -7.36 6.57 -3.69
N ASN H 14 -6.88 5.55 -3.00
CA ASN H 14 -5.63 4.92 -3.42
C ASN H 14 -5.80 3.86 -4.51
N ASN H 15 -6.99 3.79 -5.08
CA ASN H 15 -7.29 2.79 -6.12
C ASN H 15 -7.83 3.39 -7.43
N PRO H 16 -7.02 4.26 -8.07
CA PRO H 16 -7.46 4.76 -9.37
C PRO H 16 -7.50 3.59 -10.35
N PRO H 17 -8.44 3.62 -11.31
CA PRO H 17 -8.56 2.59 -12.37
C PRO H 17 -7.36 2.64 -13.31
N HIS H 18 -6.94 1.48 -13.81
CA HIS H 18 -5.95 1.46 -14.88
C HIS H 18 -6.72 1.87 -16.15
N PRO H 19 -6.27 2.95 -16.82
CA PRO H 19 -7.04 3.47 -17.95
C PRO H 19 -6.98 2.60 -19.19
N HIS H 20 -5.97 1.71 -19.27
CA HIS H 20 -5.73 0.88 -20.46
C HIS H 20 -5.79 1.71 -21.72
N TRP H 21 -4.87 2.69 -21.78
CA TRP H 21 -4.82 3.62 -22.89
C TRP H 21 -4.55 2.88 -24.19
N PRO H 22 -5.02 3.42 -25.33
CA PRO H 22 -4.62 2.89 -26.64
C PRO H 22 -3.10 2.65 -26.73
N GLY H 23 -2.71 1.54 -27.35
CA GLY H 23 -1.29 1.19 -27.49
C GLY H 23 -0.59 0.86 -26.17
N ASP H 24 -1.40 0.54 -25.16
CA ASP H 24 -0.93 0.32 -23.78
CA ASP H 24 -0.87 0.29 -23.81
C ASP H 24 0.03 1.43 -23.33
N ALA H 25 -0.36 2.66 -23.65
CA ALA H 25 0.45 3.83 -23.33
C ALA H 25 0.65 3.97 -21.82
N ARG H 26 1.88 4.35 -21.41
CA ARG H 26 2.19 4.59 -20.01
C ARG H 26 1.71 5.96 -19.53
N ILE H 27 1.40 6.83 -20.49
CA ILE H 27 0.91 8.18 -20.19
C ILE H 27 0.05 8.66 -21.37
N ALA H 28 -1.02 9.39 -21.07
CA ALA H 28 -1.77 10.12 -22.10
C ALA H 28 -1.50 11.61 -21.94
N LEU H 29 -1.14 12.26 -23.03
CA LEU H 29 -0.90 13.70 -23.02
C LEU H 29 -1.99 14.40 -23.79
N SER H 30 -2.56 15.43 -23.18
CA SER H 30 -3.60 16.25 -23.77
C SER H 30 -3.07 17.69 -23.90
N PHE H 31 -2.58 18.05 -25.08
CA PHE H 31 -2.22 19.45 -25.37
C PHE H 31 -3.48 20.22 -25.69
N VAL H 32 -3.63 21.38 -25.05
CA VAL H 32 -4.83 22.18 -25.17
C VAL H 32 -4.42 23.59 -25.60
N LEU H 33 -4.95 24.04 -26.73
CA LEU H 33 -4.73 25.41 -27.17
C LEU H 33 -6.00 26.26 -26.94
N ASN H 34 -5.90 27.24 -26.03
CA ASN H 34 -7.01 28.15 -25.83
C ASN H 34 -7.06 29.18 -26.95
N TYR H 35 -8.27 29.51 -27.42
CA TYR H 35 -8.41 30.56 -28.42
C TYR H 35 -9.46 31.54 -27.90
N GLU H 36 -8.96 32.64 -27.33
CA GLU H 36 -9.79 33.58 -26.57
C GLU H 36 -9.78 35.00 -27.14
N GLU H 37 -8.74 35.28 -27.94
CA GLU H 37 -8.45 36.61 -28.44
C GLU H 37 -9.57 37.09 -29.36
N GLY H 38 -10.18 38.22 -29.02
CA GLY H 38 -11.37 38.71 -29.73
C GLY H 38 -12.67 38.43 -28.98
N GLY H 39 -12.56 37.68 -27.87
CA GLY H 39 -13.69 37.38 -26.99
C GLY H 39 -13.49 37.87 -25.57
N GLU H 40 -12.33 38.49 -25.30
CA GLU H 40 -11.96 38.93 -23.95
C GLU H 40 -12.73 40.21 -23.54
N ARG H 41 -12.46 40.75 -22.35
CA ARG H 41 -13.13 41.98 -21.94
C ARG H 41 -12.71 43.16 -22.82
N CYS H 42 -13.71 43.89 -23.30
CA CYS H 42 -13.47 45.09 -24.13
C CYS H 42 -14.78 45.82 -24.25
N VAL H 43 -14.73 47.15 -24.16
CA VAL H 43 -15.97 47.92 -24.35
C VAL H 43 -16.60 47.67 -25.73
N LEU H 44 -15.75 47.32 -26.72
CA LEU H 44 -16.22 47.01 -28.08
C LEU H 44 -17.02 45.71 -28.12
N HIS H 45 -16.85 44.89 -27.08
CA HIS H 45 -17.51 43.58 -26.98
C HIS H 45 -18.78 43.67 -26.14
N GLY H 46 -19.06 44.86 -25.62
CA GLY H 46 -20.20 45.15 -24.76
C GLY H 46 -19.89 45.10 -23.27
N ASP H 47 -18.61 44.88 -22.93
CA ASP H 47 -18.20 44.84 -21.51
C ASP H 47 -18.05 46.23 -20.92
N LYS H 48 -18.04 46.32 -19.59
CA LYS H 48 -17.96 47.63 -18.93
C LYS H 48 -16.53 48.08 -18.62
N GLU H 49 -15.57 47.25 -19.00
CA GLU H 49 -14.18 47.48 -18.64
C GLU H 49 -13.27 46.74 -19.63
N SER H 50 -12.02 47.17 -19.67
CA SER H 50 -11.00 46.54 -20.49
C SER H 50 -10.44 45.29 -19.80
N GLU H 51 -9.75 44.46 -20.57
CA GLU H 51 -9.18 43.22 -20.06
C GLU H 51 -7.96 43.52 -19.17
N ALA H 52 -7.69 42.64 -18.22
CA ALA H 52 -6.51 42.79 -17.37
C ALA H 52 -5.72 41.50 -17.20
N PHE H 53 -6.30 40.38 -17.64
CA PHE H 53 -5.73 39.07 -17.34
CA PHE H 53 -5.81 39.04 -17.33
C PHE H 53 -4.91 38.50 -18.47
N LEU H 54 -3.94 37.66 -18.11
CA LEU H 54 -3.13 36.93 -19.08
C LEU H 54 -2.55 37.73 -20.24
N SER H 55 -1.71 38.70 -19.89
CA SER H 55 -0.93 39.42 -20.88
C SER H 55 0.43 39.79 -20.30
N GLU H 56 1.28 40.39 -21.14
CA GLU H 56 2.60 40.82 -20.70
C GLU H 56 2.52 41.90 -19.61
N MSE H 57 1.40 42.61 -19.54
CA MSE H 57 1.18 43.62 -18.51
C MSE H 57 0.74 42.94 -17.22
O MSE H 57 -0.45 42.89 -16.87
CB MSE H 57 0.19 44.68 -18.98
CG MSE H 57 0.64 45.41 -20.23
SE MSE H 57 -0.60 46.81 -20.74
CE MSE H 57 -0.27 48.02 -19.23
N VAL H 58 1.73 42.42 -16.51
CA VAL H 58 1.48 41.47 -15.43
C VAL H 58 0.83 42.12 -14.20
N ALA H 59 0.81 43.46 -14.16
CA ALA H 59 0.18 44.18 -13.04
C ALA H 59 -1.00 45.02 -13.51
N ALA H 60 -1.50 44.73 -14.70
CA ALA H 60 -2.63 45.46 -15.28
C ALA H 60 -3.88 45.34 -14.43
N GLN H 61 -4.68 46.41 -14.44
CA GLN H 61 -6.00 46.38 -13.83
C GLN H 61 -7.04 46.72 -14.91
N PRO H 62 -8.29 46.26 -14.73
CA PRO H 62 -9.29 46.67 -15.71
C PRO H 62 -9.56 48.16 -15.64
N LEU H 63 -9.77 48.77 -16.81
CA LEU H 63 -10.10 50.19 -16.86
C LEU H 63 -11.58 50.36 -17.18
N GLN H 64 -12.27 51.16 -16.37
CA GLN H 64 -13.72 51.30 -16.53
C GLN H 64 -14.13 52.15 -17.73
N GLY H 65 -14.91 51.55 -18.62
CA GLY H 65 -15.59 52.28 -19.69
C GLY H 65 -14.69 52.83 -20.78
N VAL H 66 -13.44 52.36 -20.83
CA VAL H 66 -12.47 52.87 -21.82
C VAL H 66 -11.73 51.71 -22.48
N ARG H 67 -11.18 52.00 -23.66
CA ARG H 67 -10.29 51.06 -24.32
C ARG H 67 -8.88 51.19 -23.77
N HIS H 68 -8.24 50.05 -23.55
CA HIS H 68 -6.85 50.02 -23.10
C HIS H 68 -6.06 49.53 -24.29
N MSE H 69 -5.44 50.45 -25.01
CA MSE H 69 -4.91 50.11 -26.34
C MSE H 69 -3.83 49.06 -26.31
O MSE H 69 -3.85 48.14 -27.12
CB MSE H 69 -4.45 51.38 -27.08
CG MSE H 69 -5.54 52.47 -27.23
SE MSE H 69 -7.23 51.79 -28.05
CE MSE H 69 -6.58 51.53 -29.89
N SER H 70 -2.88 49.19 -25.37
CA SER H 70 -1.76 48.23 -25.28
CA SER H 70 -1.76 48.23 -25.31
C SER H 70 -2.27 46.82 -25.01
N MSE H 71 -3.29 46.74 -24.15
CA MSE H 71 -3.89 45.47 -23.80
C MSE H 71 -4.56 44.84 -25.02
O MSE H 71 -4.41 43.65 -25.25
CB MSE H 71 -4.89 45.69 -22.66
CG MSE H 71 -5.59 44.43 -22.18
SE MSE H 71 -4.37 43.11 -21.41
CE MSE H 71 -3.48 44.20 -20.23
N GLU H 72 -5.29 45.65 -25.80
CA GLU H 72 -5.90 45.13 -27.03
C GLU H 72 -4.81 44.61 -27.96
N SER H 73 -3.75 45.39 -28.07
CA SER H 73 -2.63 45.05 -28.97
C SER H 73 -1.96 43.70 -28.61
N LEU H 74 -1.76 43.48 -27.31
CA LEU H 74 -1.17 42.23 -26.82
C LEU H 74 -2.04 41.02 -27.13
N TYR H 75 -3.36 41.22 -27.03
CA TYR H 75 -4.31 40.18 -27.45
C TYR H 75 -4.26 39.94 -28.96
N GLU H 76 -4.22 41.01 -29.73
CA GLU H 76 -4.09 40.88 -31.18
C GLU H 76 -2.85 40.08 -31.62
N TYR H 77 -1.77 40.12 -30.84
CA TYR H 77 -0.61 39.27 -31.16
C TYR H 77 -1.02 37.80 -31.26
N GLY H 78 -1.85 37.35 -30.32
CA GLY H 78 -2.27 35.95 -30.30
C GLY H 78 -3.05 35.54 -31.55
N SER H 79 -3.98 36.39 -31.99
CA SER H 79 -4.82 36.06 -33.14
C SER H 79 -4.13 36.30 -34.48
N ARG H 80 -3.23 37.29 -34.52
CA ARG H 80 -2.53 37.66 -35.76
C ARG H 80 -1.35 36.75 -36.01
N ALA H 81 -0.55 36.47 -34.98
CA ALA H 81 0.75 35.84 -35.19
C ALA H 81 0.98 34.57 -34.37
N GLY H 82 0.74 34.64 -33.07
CA GLY H 82 1.02 33.54 -32.16
C GLY H 82 0.30 32.27 -32.57
N VAL H 83 -0.98 32.41 -32.93
CA VAL H 83 -1.79 31.22 -33.25
C VAL H 83 -1.19 30.44 -34.41
N TRP H 84 -0.76 31.13 -35.46
CA TRP H 84 -0.20 30.45 -36.62
C TRP H 84 1.13 29.77 -36.31
N ARG H 85 1.97 30.42 -35.48
CA ARG H 85 3.24 29.81 -35.05
C ARG H 85 2.97 28.50 -34.33
N LEU H 86 1.96 28.50 -33.48
CA LEU H 86 1.62 27.28 -32.73
C LEU H 86 0.99 26.18 -33.60
N LEU H 87 0.07 26.54 -34.49
CA LEU H 87 -0.50 25.55 -35.41
C LEU H 87 0.58 24.91 -36.27
N LYS H 88 1.54 25.72 -36.73
CA LYS H 88 2.67 25.17 -37.49
C LYS H 88 3.49 24.16 -36.66
N LEU H 89 3.67 24.47 -35.37
CA LEU H 89 4.42 23.58 -34.49
C LEU H 89 3.73 22.22 -34.37
N PHE H 90 2.45 22.24 -34.04
CA PHE H 90 1.71 20.99 -33.84
C PHE H 90 1.56 20.20 -35.14
N LYS H 91 1.49 20.91 -36.26
CA LYS H 91 1.47 20.23 -37.55
C LYS H 91 2.82 19.54 -37.81
N ARG H 92 3.92 20.29 -37.68
CA ARG H 92 5.30 19.81 -37.83
C ARG H 92 5.57 18.53 -37.00
N ARG H 93 5.08 18.51 -35.76
CA ARG H 93 5.29 17.41 -34.82
C ARG H 93 4.21 16.31 -34.88
N ASN H 94 3.17 16.56 -35.69
CA ASN H 94 2.07 15.62 -35.82
C ASN H 94 1.42 15.28 -34.47
N VAL H 95 1.12 16.31 -33.69
CA VAL H 95 0.49 16.16 -32.38
C VAL H 95 -0.87 16.84 -32.40
N PRO H 96 -1.95 16.08 -32.10
CA PRO H 96 -3.30 16.64 -32.13
C PRO H 96 -3.54 17.55 -30.94
N LEU H 97 -4.34 18.59 -31.15
CA LEU H 97 -4.71 19.50 -30.06
C LEU H 97 -6.20 19.40 -29.82
N THR H 98 -6.59 19.73 -28.60
CA THR H 98 -7.95 20.17 -28.34
C THR H 98 -7.90 21.68 -28.21
N VAL H 99 -8.72 22.37 -28.99
CA VAL H 99 -8.77 23.81 -28.94
C VAL H 99 -9.94 24.22 -28.03
N PHE H 100 -9.64 24.96 -26.97
CA PHE H 100 -10.71 25.55 -26.13
C PHE H 100 -11.07 26.88 -26.78
N ALA H 101 -12.08 26.84 -27.65
CA ALA H 101 -12.44 27.97 -28.50
C ALA H 101 -13.57 28.80 -27.91
N VAL H 102 -13.29 30.07 -27.59
CA VAL H 102 -14.34 31.00 -27.18
C VAL H 102 -15.13 31.37 -28.45
N ALA H 103 -16.45 31.25 -28.38
CA ALA H 103 -17.27 31.39 -29.59
C ALA H 103 -17.16 32.80 -30.20
N MSE H 104 -17.16 33.85 -29.38
CA MSE H 104 -16.99 35.19 -29.97
C MSE H 104 -15.66 35.33 -30.69
O MSE H 104 -15.58 35.89 -31.79
CB MSE H 104 -17.14 36.31 -28.94
CG MSE H 104 -16.98 37.69 -29.59
SE MSE H 104 -17.05 39.15 -28.32
CE MSE H 104 -18.97 39.24 -28.11
N ALA H 105 -14.60 34.80 -30.07
CA ALA H 105 -13.26 34.84 -30.66
C ALA H 105 -13.28 34.12 -32.01
N ALA H 106 -13.92 32.96 -32.03
CA ALA H 106 -14.05 32.14 -33.25
C ALA H 106 -14.75 32.92 -34.38
N GLN H 107 -15.87 33.56 -34.04
CA GLN H 107 -16.64 34.35 -35.01
C GLN H 107 -15.81 35.45 -35.64
N ARG H 108 -14.91 36.04 -34.86
CA ARG H 108 -14.10 37.15 -35.35
C ARG H 108 -12.88 36.71 -36.18
N ASN H 109 -12.55 35.41 -36.15
CA ASN H 109 -11.43 34.89 -36.95
C ASN H 109 -11.77 33.50 -37.50
N PRO H 110 -12.79 33.42 -38.38
CA PRO H 110 -13.25 32.12 -38.89
C PRO H 110 -12.17 31.36 -39.66
N GLU H 111 -11.25 32.06 -40.33
CA GLU H 111 -10.16 31.39 -41.05
C GLU H 111 -9.29 30.51 -40.12
N VAL H 112 -9.01 30.99 -38.91
CA VAL H 112 -8.15 30.21 -38.04
C VAL H 112 -8.89 28.96 -37.54
N ILE H 113 -10.20 29.12 -37.32
CA ILE H 113 -11.03 27.98 -36.94
C ILE H 113 -11.03 26.95 -38.07
N ARG H 114 -11.18 27.41 -39.31
CA ARG H 114 -11.15 26.53 -40.48
CA ARG H 114 -11.15 26.52 -40.47
C ARG H 114 -9.83 25.76 -40.55
N ALA H 115 -8.72 26.47 -40.32
CA ALA H 115 -7.38 25.87 -40.34
C ALA H 115 -7.21 24.82 -39.24
N MSE H 116 -7.73 25.12 -38.05
CA MSE H 116 -7.68 24.17 -36.95
C MSE H 116 -8.45 22.90 -37.28
O MSE H 116 -7.96 21.80 -37.05
CB MSE H 116 -8.27 24.83 -35.68
CG MSE H 116 -7.35 25.85 -35.04
SE MSE H 116 -8.45 27.00 -33.90
CE MSE H 116 -7.04 27.91 -32.90
N VAL H 117 -9.65 23.05 -37.83
CA VAL H 117 -10.46 21.90 -38.25
C VAL H 117 -9.70 21.06 -39.30
N ALA H 118 -9.13 21.73 -40.29
CA ALA H 118 -8.44 21.06 -41.40
C ALA H 118 -7.17 20.32 -40.89
N ASP H 119 -6.63 20.76 -39.76
CA ASP H 119 -5.46 20.10 -39.18
C ASP H 119 -5.84 18.94 -38.25
N GLY H 120 -7.13 18.67 -38.14
CA GLY H 120 -7.59 17.51 -37.36
C GLY H 120 -7.73 17.77 -35.88
N HIS H 121 -7.64 19.03 -35.47
CA HIS H 121 -7.82 19.36 -34.05
C HIS H 121 -9.27 19.35 -33.64
N GLU H 122 -9.49 19.05 -32.37
CA GLU H 122 -10.84 19.12 -31.80
C GLU H 122 -11.16 20.56 -31.46
N ILE H 123 -12.39 20.96 -31.79
CA ILE H 123 -12.89 22.26 -31.35
CA ILE H 123 -12.91 22.26 -31.36
C ILE H 123 -13.83 22.01 -30.17
N CYS H 124 -13.35 22.38 -28.99
CA CYS H 124 -14.09 22.25 -27.74
C CYS H 124 -14.64 23.64 -27.38
N SER H 125 -15.85 23.69 -26.82
CA SER H 125 -16.41 25.00 -26.44
C SER H 125 -15.70 25.58 -25.22
N HIS H 126 -15.32 26.85 -25.30
CA HIS H 126 -14.73 27.59 -24.17
C HIS H 126 -15.71 28.70 -23.76
N GLY H 127 -16.98 28.51 -24.11
CA GLY H 127 -18.04 29.48 -23.79
C GLY H 127 -18.20 30.54 -24.87
N TYR H 128 -19.25 31.35 -24.75
CA TYR H 128 -19.50 32.43 -25.69
C TYR H 128 -18.51 33.60 -25.54
N ARG H 129 -18.24 33.97 -24.30
CA ARG H 129 -17.41 35.13 -23.96
C ARG H 129 -16.28 34.69 -23.05
N TRP H 130 -15.13 35.35 -23.15
CA TRP H 130 -14.03 35.05 -22.22
C TRP H 130 -14.10 36.04 -21.05
N ILE H 131 -15.01 35.74 -20.12
CA ILE H 131 -15.33 36.59 -18.97
C ILE H 131 -15.57 35.72 -17.76
N ASP H 132 -15.69 36.36 -16.60
CA ASP H 132 -15.95 35.62 -15.37
CA ASP H 132 -15.95 35.65 -15.35
C ASP H 132 -17.44 35.35 -15.26
N TYR H 133 -17.77 34.07 -15.04
CA TYR H 133 -19.16 33.66 -14.86
C TYR H 133 -19.59 33.50 -13.39
N GLN H 134 -18.67 33.76 -12.46
CA GLN H 134 -18.95 33.59 -11.01
C GLN H 134 -20.33 34.09 -10.61
N TYR H 135 -20.65 35.29 -11.06
CA TYR H 135 -21.85 35.99 -10.58
C TYR H 135 -22.97 36.07 -11.61
N MSE H 136 -22.78 35.46 -12.77
CA MSE H 136 -23.79 35.50 -13.84
C MSE H 136 -25.08 34.74 -13.48
O MSE H 136 -25.01 33.63 -12.97
CB MSE H 136 -23.23 34.96 -15.15
CG MSE H 136 -24.32 34.61 -16.16
SE MSE H 136 -23.83 34.99 -18.01
CE MSE H 136 -23.39 36.91 -17.68
N ASP H 137 -26.23 35.35 -13.77
CA ASP H 137 -27.52 34.70 -13.55
C ASP H 137 -27.67 33.51 -14.48
N GLU H 138 -28.39 32.49 -13.99
CA GLU H 138 -28.57 31.23 -14.70
C GLU H 138 -29.15 31.39 -16.11
N ALA H 139 -30.17 32.24 -16.25
CA ALA H 139 -30.83 32.45 -17.54
C ALA H 139 -29.82 32.96 -18.59
N GLN H 140 -29.03 33.96 -18.21
CA GLN H 140 -28.02 34.51 -19.11
C GLN H 140 -26.90 33.51 -19.40
N GLU H 141 -26.45 32.77 -18.38
CA GLU H 141 -25.40 31.77 -18.59
C GLU H 141 -25.87 30.68 -19.56
N ARG H 142 -27.13 30.27 -19.43
CA ARG H 142 -27.73 29.32 -20.35
C ARG H 142 -27.80 29.88 -21.78
N GLU H 143 -28.19 31.15 -21.92
CA GLU H 143 -28.25 31.80 -23.25
C GLU H 143 -26.86 31.83 -23.90
N HIS H 144 -25.84 32.16 -23.10
CA HIS H 144 -24.46 32.16 -23.58
C HIS H 144 -24.04 30.77 -24.04
N MSE H 145 -24.41 29.76 -23.26
CA MSE H 145 -24.08 28.37 -23.58
C MSE H 145 -24.69 27.95 -24.90
O MSE H 145 -23.99 27.42 -25.78
CB MSE H 145 -24.55 27.42 -22.47
CG MSE H 145 -24.34 25.97 -22.82
SE MSE H 145 -24.75 24.82 -21.32
CE MSE H 145 -23.50 25.61 -20.03
N LEU H 146 -25.99 28.18 -25.05
CA LEU H 146 -26.67 27.84 -26.29
C LEU H 146 -26.07 28.58 -27.49
N GLU H 147 -25.72 29.84 -27.30
CA GLU H 147 -25.13 30.66 -28.38
C GLU H 147 -23.74 30.14 -28.78
N ALA H 148 -22.92 29.77 -27.79
CA ALA H 148 -21.59 29.21 -28.07
C ALA H 148 -21.73 27.93 -28.89
N ILE H 149 -22.65 27.05 -28.50
CA ILE H 149 -22.90 25.82 -29.26
C ILE H 149 -23.33 26.11 -30.71
N ARG H 150 -24.26 27.05 -30.88
CA ARG H 150 -24.77 27.45 -32.19
C ARG H 150 -23.64 27.95 -33.10
N ILE H 151 -22.85 28.87 -32.56
CA ILE H 151 -21.76 29.49 -33.30
C ILE H 151 -20.72 28.47 -33.73
N LEU H 152 -20.26 27.66 -32.76
CA LEU H 152 -19.23 26.69 -33.06
C LEU H 152 -19.73 25.60 -34.01
N THR H 153 -21.00 25.22 -33.88
CA THR H 153 -21.60 24.26 -34.82
C THR H 153 -21.57 24.83 -36.26
N GLU H 154 -21.98 26.08 -36.37
CA GLU H 154 -22.03 26.78 -37.67
CA GLU H 154 -22.04 26.76 -37.68
C GLU H 154 -20.65 26.89 -38.32
N LEU H 155 -19.65 27.24 -37.52
CA LEU H 155 -18.31 27.45 -38.04
C LEU H 155 -17.63 26.15 -38.45
N THR H 156 -17.80 25.10 -37.66
CA THR H 156 -17.01 23.86 -37.84
C THR H 156 -17.78 22.78 -38.59
N GLY H 157 -19.10 22.90 -38.63
CA GLY H 157 -19.96 21.87 -39.23
C GLY H 157 -20.40 20.78 -38.25
N GLN H 158 -19.80 20.77 -37.07
CA GLN H 158 -20.09 19.77 -36.04
C GLN H 158 -20.26 20.42 -34.68
N ARG H 159 -21.21 19.89 -33.92
CA ARG H 159 -21.46 20.33 -32.55
CA ARG H 159 -21.46 20.34 -32.57
C ARG H 159 -20.28 19.97 -31.66
N PRO H 160 -19.82 20.92 -30.80
CA PRO H 160 -18.76 20.54 -29.86
C PRO H 160 -19.25 19.46 -28.89
N VAL H 161 -18.36 18.54 -28.54
CA VAL H 161 -18.69 17.47 -27.61
C VAL H 161 -18.04 17.70 -26.24
N GLY H 162 -17.27 18.78 -26.14
CA GLY H 162 -16.62 19.15 -24.89
C GLY H 162 -16.95 20.58 -24.48
N TRP H 163 -16.80 20.85 -23.19
CA TRP H 163 -17.05 22.18 -22.63
C TRP H 163 -16.01 22.54 -21.60
N TYR H 164 -15.51 23.78 -21.67
CA TYR H 164 -14.65 24.34 -20.61
C TYR H 164 -14.86 25.85 -20.46
N THR H 165 -15.46 26.30 -19.36
CA THR H 165 -15.60 27.74 -19.14
C THR H 165 -14.31 28.37 -18.63
N GLY H 166 -13.75 27.77 -17.58
CA GLY H 166 -12.59 28.32 -16.88
C GLY H 166 -13.10 29.03 -15.63
N ARG H 167 -13.43 30.30 -15.78
CA ARG H 167 -13.96 31.09 -14.67
C ARG H 167 -15.44 30.80 -14.43
N THR H 168 -15.70 29.60 -13.92
CA THR H 168 -17.06 29.13 -13.61
C THR H 168 -17.75 29.89 -12.47
N GLY H 169 -19.07 29.78 -12.45
CA GLY H 169 -19.84 30.09 -11.25
C GLY H 169 -20.41 28.81 -10.69
N PRO H 170 -21.14 28.91 -9.57
CA PRO H 170 -21.75 27.74 -8.93
C PRO H 170 -22.76 26.96 -9.78
N ASN H 171 -23.24 27.55 -10.88
CA ASN H 171 -24.19 26.88 -11.79
C ASN H 171 -23.61 26.27 -13.05
N THR H 172 -22.40 26.68 -13.43
CA THR H 172 -21.85 26.36 -14.75
C THR H 172 -21.90 24.87 -15.10
N ARG H 173 -21.27 24.05 -14.28
CA ARG H 173 -21.16 22.63 -14.57
C ARG H 173 -22.54 21.95 -14.54
N ARG H 174 -23.41 22.40 -13.64
CA ARG H 174 -24.80 21.89 -13.59
C ARG H 174 -25.52 22.14 -14.92
N LEU H 175 -25.42 23.38 -15.42
CA LEU H 175 -25.97 23.76 -16.72
C LEU H 175 -25.40 22.91 -17.86
N VAL H 176 -24.09 22.73 -17.88
CA VAL H 176 -23.44 21.93 -18.91
C VAL H 176 -24.00 20.50 -18.92
N MSE H 177 -24.07 19.89 -17.74
CA MSE H 177 -24.61 18.54 -17.60
C MSE H 177 -26.10 18.47 -17.96
O MSE H 177 -26.55 17.49 -18.54
CB MSE H 177 -24.32 18.00 -16.20
CG MSE H 177 -22.86 17.72 -15.98
SE MSE H 177 -22.47 16.83 -14.28
CE MSE H 177 -22.49 18.44 -13.09
N GLU H 178 -26.84 19.53 -17.60
CA GLU H 178 -28.27 19.71 -17.94
CA GLU H 178 -28.26 19.63 -17.94
C GLU H 178 -28.53 19.62 -19.45
N GLU H 179 -27.77 20.40 -20.22
CA GLU H 179 -27.94 20.45 -21.68
C GLU H 179 -27.73 19.09 -22.38
N GLY H 180 -26.88 18.24 -21.78
CA GLY H 180 -26.82 16.81 -22.08
C GLY H 180 -26.15 16.37 -23.38
N GLY H 181 -25.65 17.32 -24.14
CA GLY H 181 -25.04 16.99 -25.42
C GLY H 181 -23.53 16.86 -25.35
N PHE H 182 -22.95 17.00 -24.14
CA PHE H 182 -21.49 16.90 -24.03
C PHE H 182 -20.97 15.54 -23.58
N LEU H 183 -19.97 15.04 -24.29
CA LEU H 183 -19.27 13.83 -23.89
C LEU H 183 -18.37 14.04 -22.67
N TYR H 184 -17.97 15.29 -22.43
CA TYR H 184 -17.15 15.62 -21.26
C TYR H 184 -17.20 17.12 -20.95
N ASP H 185 -16.87 17.50 -19.72
CA ASP H 185 -16.41 18.86 -19.47
C ASP H 185 -15.06 18.81 -18.78
N SER H 186 -14.35 19.94 -18.75
CA SER H 186 -13.02 19.97 -18.16
C SER H 186 -12.88 21.06 -17.09
N ASP H 187 -14.02 21.50 -16.54
CA ASP H 187 -14.04 22.55 -15.50
C ASP H 187 -13.73 22.02 -14.08
N THR H 188 -12.70 21.18 -13.99
CA THR H 188 -12.17 20.76 -12.69
C THR H 188 -10.63 20.67 -12.75
N TYR H 189 -10.00 20.58 -11.57
CA TYR H 189 -8.53 20.53 -11.45
C TYR H 189 -8.20 19.52 -10.37
N ASP H 190 -8.98 18.44 -10.34
CA ASP H 190 -9.11 17.62 -9.13
C ASP H 190 -8.55 16.19 -9.25
N ASP H 191 -7.98 15.86 -10.40
CA ASP H 191 -7.49 14.51 -10.61
C ASP H 191 -6.48 14.36 -11.74
N ASP H 192 -5.89 13.17 -11.78
CA ASP H 192 -4.93 12.76 -12.81
C ASP H 192 -5.55 11.84 -13.85
N LEU H 193 -6.87 11.61 -13.75
CA LEU H 193 -7.61 10.72 -14.63
C LEU H 193 -9.02 11.25 -14.85
N PRO H 194 -9.67 10.82 -15.94
CA PRO H 194 -11.09 11.09 -16.06
C PRO H 194 -11.87 10.34 -14.97
N TYR H 195 -13.07 10.81 -14.68
CA TYR H 195 -14.01 10.11 -13.79
C TYR H 195 -15.43 10.55 -14.14
N TRP H 196 -16.41 9.73 -13.73
CA TRP H 196 -17.82 10.05 -13.94
C TRP H 196 -18.30 10.97 -12.82
N ASP H 197 -18.87 12.10 -13.22
CA ASP H 197 -19.36 13.07 -12.24
C ASP H 197 -20.39 12.38 -11.32
N PRO H 198 -20.36 12.72 -10.02
CA PRO H 198 -21.38 12.19 -9.07
C PRO H 198 -22.84 12.39 -9.51
N ALA H 199 -23.08 13.38 -10.39
CA ALA H 199 -24.43 13.62 -10.91
C ALA H 199 -24.86 12.67 -12.04
N SER H 200 -23.94 11.84 -12.53
CA SER H 200 -24.22 10.85 -13.58
C SER H 200 -25.31 9.86 -13.18
N THR H 201 -26.14 9.51 -14.17
CA THR H 201 -27.07 8.38 -14.09
C THR H 201 -26.77 7.45 -15.26
N ALA H 202 -27.29 6.22 -15.22
CA ALA H 202 -27.08 5.27 -16.33
C ALA H 202 -27.56 5.83 -17.67
N GLU H 203 -28.67 6.55 -17.64
CA GLU H 203 -29.25 7.15 -18.83
C GLU H 203 -28.52 8.43 -19.28
N LYS H 204 -27.98 9.17 -18.31
CA LYS H 204 -27.20 10.37 -18.61
C LYS H 204 -25.88 10.40 -17.84
N PRO H 205 -24.91 9.58 -18.27
CA PRO H 205 -23.59 9.69 -17.62
C PRO H 205 -22.91 10.97 -18.04
N HIS H 206 -22.14 11.58 -17.14
CA HIS H 206 -21.36 12.71 -17.57
C HIS H 206 -19.90 12.59 -17.18
N LEU H 207 -19.03 12.63 -18.17
CA LEU H 207 -17.60 12.47 -17.93
C LEU H 207 -16.89 13.77 -17.59
N VAL H 208 -16.01 13.69 -16.61
CA VAL H 208 -15.13 14.79 -16.28
C VAL H 208 -13.71 14.45 -16.71
N ILE H 209 -13.08 15.34 -17.47
CA ILE H 209 -11.67 15.19 -17.84
C ILE H 209 -10.93 16.40 -17.23
N PRO H 210 -10.32 16.20 -16.05
CA PRO H 210 -9.75 17.35 -15.34
C PRO H 210 -8.66 18.06 -16.13
N TYR H 211 -8.63 19.39 -15.98
CA TYR H 211 -7.69 20.24 -16.69
C TYR H 211 -6.60 20.68 -15.69
N THR H 212 -5.94 21.80 -15.94
CA THR H 212 -4.75 22.18 -15.17
C THR H 212 -4.55 23.70 -15.14
N LEU H 213 -4.04 24.19 -14.02
CA LEU H 213 -3.56 25.56 -13.91
C LEU H 213 -2.06 25.60 -13.63
N ASP H 214 -1.45 24.42 -13.51
CA ASP H 214 -0.02 24.35 -13.18
C ASP H 214 0.91 24.06 -14.39
N THR H 215 0.61 23.02 -15.17
CA THR H 215 1.34 22.75 -16.42
C THR H 215 0.64 23.55 -17.53
N ASN H 216 0.75 24.87 -17.42
CA ASN H 216 -0.09 25.80 -18.18
C ASN H 216 0.71 27.08 -18.42
N ASP H 217 0.78 27.54 -19.66
CA ASP H 217 1.60 28.72 -19.94
C ASP H 217 1.02 30.03 -19.38
N MSE H 218 -0.17 29.99 -18.78
CA MSE H 218 -0.72 31.19 -18.16
C MSE H 218 0.23 31.66 -17.07
O MSE H 218 0.31 32.86 -16.76
CB MSE H 218 -2.10 30.91 -17.56
CG MSE H 218 -2.04 29.90 -16.45
SE MSE H 218 -3.79 29.42 -15.78
CE MSE H 218 -4.49 31.12 -15.30
N ARG H 219 1.00 30.72 -16.52
CA ARG H 219 1.95 31.03 -15.44
CA ARG H 219 1.95 31.03 -15.44
C ARG H 219 3.14 31.89 -15.90
N PHE H 220 3.33 32.04 -17.21
CA PHE H 220 4.35 32.99 -17.72
C PHE H 220 3.99 34.44 -17.45
N THR H 221 2.72 34.71 -17.15
CA THR H 221 2.28 36.10 -16.94
C THR H 221 1.57 36.34 -15.61
N GLN H 222 1.58 35.34 -14.74
CA GLN H 222 0.98 35.50 -13.42
CA GLN H 222 0.98 35.42 -13.40
C GLN H 222 2.07 35.81 -12.41
N VAL H 223 1.64 36.31 -11.24
N VAL H 223 1.70 36.38 -11.26
CA VAL H 223 2.54 36.85 -10.19
CA VAL H 223 2.74 36.79 -10.32
C VAL H 223 3.41 35.78 -9.54
C VAL H 223 3.68 35.60 -10.01
N GLN H 224 3.01 34.53 -9.66
N GLN H 224 4.99 35.87 -10.04
CA GLN H 224 3.92 33.42 -9.41
CA GLN H 224 5.98 34.86 -9.65
C GLN H 224 3.95 32.61 -10.70
C GLN H 224 6.11 33.70 -10.65
N GLY H 225 5.16 32.41 -11.21
N GLY H 225 5.53 33.87 -11.82
CA GLY H 225 5.35 31.69 -12.44
CA GLY H 225 5.46 32.78 -12.82
C GLY H 225 6.72 31.86 -13.11
C GLY H 225 6.76 32.46 -13.54
N PHE H 226 6.76 31.40 -14.36
CA PHE H 226 7.98 31.04 -15.08
C PHE H 226 8.57 32.29 -15.69
N ASN H 227 9.86 32.52 -15.55
N ASN H 227 9.89 32.46 -15.47
CA ASN H 227 10.38 33.69 -16.24
CA ASN H 227 10.69 33.56 -16.04
C ASN H 227 11.12 33.36 -17.53
C ASN H 227 10.91 33.32 -17.54
N ASN H 228 11.23 32.07 -17.87
CA ASN H 228 11.68 31.70 -19.21
C ASN H 228 11.31 30.27 -19.61
N GLY H 229 11.58 29.93 -20.86
CA GLY H 229 11.19 28.61 -21.38
C GLY H 229 11.86 27.43 -20.70
N GLU H 230 13.15 27.56 -20.39
CA GLU H 230 13.89 26.49 -19.70
C GLU H 230 13.12 26.03 -18.45
N GLN H 231 12.61 26.98 -17.69
CA GLN H 231 11.89 26.65 -16.46
C GLN H 231 10.59 25.88 -16.74
N PHE H 232 9.85 26.34 -17.75
CA PHE H 232 8.63 25.71 -18.22
C PHE H 232 8.92 24.29 -18.73
N PHE H 233 9.98 24.16 -19.52
CA PHE H 233 10.38 22.84 -20.00
C PHE H 233 10.66 21.88 -18.84
N GLN H 234 11.46 22.33 -17.87
CA GLN H 234 11.79 21.49 -16.69
C GLN H 234 10.54 21.06 -15.94
N TYR H 235 9.60 22.00 -15.82
CA TYR H 235 8.34 21.75 -15.12
C TYR H 235 7.53 20.65 -15.83
N LEU H 236 7.36 20.81 -17.13
CA LEU H 236 6.66 19.80 -17.92
C LEU H 236 7.41 18.45 -17.93
N LYS H 237 8.73 18.50 -18.06
CA LYS H 237 9.57 17.29 -18.03
C LYS H 237 9.36 16.51 -16.74
N ASP H 238 9.42 17.22 -15.61
CA ASP H 238 9.24 16.57 -14.32
C ASP H 238 7.86 15.91 -14.21
N ALA H 239 6.81 16.61 -14.65
CA ALA H 239 5.46 16.03 -14.62
C ALA H 239 5.43 14.76 -15.47
N PHE H 240 5.97 14.86 -16.67
CA PHE H 240 6.02 13.71 -17.58
C PHE H 240 6.77 12.56 -16.90
N ASP H 241 7.96 12.86 -16.36
CA ASP H 241 8.85 11.82 -15.83
C ASP H 241 8.16 11.07 -14.68
N VAL H 242 7.57 11.83 -13.76
CA VAL H 242 6.90 11.23 -12.61
C VAL H 242 5.73 10.36 -13.06
N LEU H 243 4.89 10.89 -13.95
CA LEU H 243 3.71 10.16 -14.42
C LEU H 243 4.05 8.95 -15.31
N TYR H 244 5.08 9.09 -16.13
CA TYR H 244 5.55 7.99 -17.00
C TYR H 244 6.08 6.82 -16.15
N GLU H 245 6.78 7.15 -15.06
CA GLU H 245 7.27 6.15 -14.11
C GLU H 245 6.10 5.48 -13.41
N GLU H 246 5.13 6.27 -12.93
CA GLU H 246 3.89 5.71 -12.37
C GLU H 246 3.20 4.80 -13.37
N GLY H 247 3.25 5.19 -14.65
CA GLY H 247 2.59 4.44 -15.72
C GLY H 247 3.14 3.06 -16.02
N ALA H 248 4.29 2.72 -15.42
CA ALA H 248 4.77 1.33 -15.48
C ALA H 248 3.73 0.39 -14.86
N THR H 249 2.95 0.93 -13.92
CA THR H 249 1.92 0.13 -13.23
C THR H 249 0.54 0.77 -13.22
N ALA H 250 0.49 2.10 -13.32
CA ALA H 250 -0.77 2.84 -13.14
C ALA H 250 -0.79 4.11 -13.98
N PRO H 251 -0.99 3.95 -15.30
CA PRO H 251 -0.97 5.11 -16.21
C PRO H 251 -2.00 6.18 -15.84
N LYS H 252 -1.61 7.43 -16.03
CA LYS H 252 -2.48 8.58 -15.78
C LYS H 252 -2.49 9.45 -17.03
N MSE H 253 -3.02 10.66 -16.91
CA MSE H 253 -2.91 11.66 -17.98
C MSE H 253 -2.33 12.96 -17.47
O MSE H 253 -2.28 13.21 -16.27
CB MSE H 253 -4.27 11.92 -18.65
CG MSE H 253 -5.27 12.61 -17.73
SE MSE H 253 -7.00 13.02 -18.59
CE MSE H 253 -6.37 14.53 -19.67
N LEU H 254 -1.91 13.79 -18.42
CA LEU H 254 -1.35 15.12 -18.15
C LEU H 254 -1.90 16.08 -19.20
N SER H 255 -2.47 17.18 -18.73
CA SER H 255 -2.91 18.27 -19.62
C SER H 255 -1.81 19.31 -19.69
N ILE H 256 -1.66 19.92 -20.86
CA ILE H 256 -0.71 21.02 -21.04
C ILE H 256 -1.51 22.16 -21.66
N GLY H 257 -1.71 23.22 -20.88
CA GLY H 257 -2.53 24.36 -21.31
C GLY H 257 -1.71 25.44 -21.99
N LEU H 258 -2.23 25.97 -23.10
CA LEU H 258 -1.47 26.89 -23.95
C LEU H 258 -2.35 28.05 -24.39
N HIS H 259 -1.75 29.23 -24.58
CA HIS H 259 -2.48 30.39 -25.04
C HIS H 259 -1.72 31.05 -26.20
N CYS H 260 -2.47 31.45 -27.23
CA CYS H 260 -1.87 31.94 -28.47
C CYS H 260 -1.02 33.20 -28.21
N ARG H 261 -1.52 34.07 -27.35
CA ARG H 261 -0.83 35.33 -27.06
C ARG H 261 0.39 35.17 -26.16
N LEU H 262 0.52 34.00 -25.52
CA LEU H 262 1.57 33.77 -24.54
C LEU H 262 2.67 32.87 -25.14
N ILE H 263 2.41 31.57 -25.25
CA ILE H 263 3.42 30.65 -25.79
C ILE H 263 3.62 30.78 -27.31
N GLY H 264 2.74 31.56 -27.96
CA GLY H 264 2.91 31.92 -29.36
C GLY H 264 4.06 32.88 -29.60
N ARG H 265 4.54 33.55 -28.54
CA ARG H 265 5.78 34.33 -28.64
C ARG H 265 6.98 33.40 -28.85
N PRO H 266 7.89 33.76 -29.76
CA PRO H 266 9.03 32.86 -30.03
C PRO H 266 9.89 32.53 -28.81
N ALA H 267 10.02 33.46 -27.87
CA ALA H 267 10.83 33.22 -26.67
C ALA H 267 10.31 32.05 -25.83
N ARG H 268 9.01 31.81 -25.92
CA ARG H 268 8.36 30.78 -25.13
C ARG H 268 8.14 29.49 -25.92
N MSE H 269 7.98 29.61 -27.23
CA MSE H 269 7.62 28.43 -28.03
C MSE H 269 8.74 27.39 -28.04
O MSE H 269 8.47 26.20 -28.12
CB MSE H 269 7.25 28.81 -29.46
CG MSE H 269 6.57 27.65 -30.21
SE MSE H 269 7.02 27.62 -32.12
CE MSE H 269 8.77 26.82 -31.92
N ALA H 270 10.00 27.83 -27.95
CA ALA H 270 11.12 26.86 -27.99
C ALA H 270 10.96 25.75 -26.96
N ALA H 271 10.57 26.12 -25.75
CA ALA H 271 10.42 25.17 -24.64
C ALA H 271 9.31 24.15 -24.91
N LEU H 272 8.22 24.62 -25.51
CA LEU H 272 7.13 23.75 -25.86
C LEU H 272 7.58 22.70 -26.88
N GLU H 273 8.28 23.14 -27.93
CA GLU H 273 8.75 22.20 -28.95
C GLU H 273 9.73 21.19 -28.31
N ARG H 274 10.60 21.68 -27.43
CA ARG H 274 11.56 20.80 -26.74
CA ARG H 274 11.55 20.75 -26.83
C ARG H 274 10.84 19.74 -25.92
N PHE H 275 9.76 20.15 -25.23
CA PHE H 275 8.97 19.20 -24.47
C PHE H 275 8.27 18.16 -25.38
N ILE H 276 7.66 18.62 -26.47
CA ILE H 276 7.04 17.70 -27.42
C ILE H 276 8.07 16.66 -27.89
N GLN H 277 9.25 17.12 -28.30
CA GLN H 277 10.32 16.21 -28.75
C GLN H 277 10.75 15.24 -27.65
N TYR H 278 10.89 15.75 -26.43
CA TYR H 278 11.21 14.91 -25.28
C TYR H 278 10.17 13.81 -25.09
N ALA H 279 8.89 14.18 -25.11
CA ALA H 279 7.81 13.19 -24.96
C ALA H 279 7.85 12.16 -26.08
N GLN H 280 8.05 12.64 -27.31
CA GLN H 280 8.06 11.80 -28.50
C GLN H 280 9.23 10.82 -28.51
N SER H 281 10.29 11.14 -27.76
CA SER H 281 11.46 10.26 -27.67
C SER H 281 11.22 9.02 -26.80
N HIS H 282 10.07 8.97 -26.12
CA HIS H 282 9.69 7.82 -25.29
C HIS H 282 8.67 6.96 -26.02
N ASP H 283 8.75 5.64 -25.84
CA ASP H 283 7.68 4.83 -26.38
C ASP H 283 6.47 4.86 -25.41
N LYS H 284 5.31 4.40 -25.88
CA LYS H 284 4.14 4.27 -25.01
C LYS H 284 3.63 5.62 -24.48
N VAL H 285 3.63 6.62 -25.36
CA VAL H 285 3.01 7.91 -25.08
C VAL H 285 1.83 8.07 -26.01
N TRP H 286 0.63 8.27 -25.45
CA TRP H 286 -0.55 8.56 -26.27
C TRP H 286 -0.78 10.07 -26.36
N PHE H 287 -0.60 10.65 -27.55
CA PHE H 287 -0.93 12.06 -27.77
C PHE H 287 -2.38 12.17 -28.24
N ALA H 288 -3.25 12.67 -27.36
CA ALA H 288 -4.68 12.55 -27.56
C ALA H 288 -5.40 13.88 -27.54
N ARG H 289 -6.52 13.96 -28.26
N ARG H 289 -6.51 13.96 -28.26
CA ARG H 289 -7.49 15.03 -28.04
CA ARG H 289 -7.48 15.05 -28.04
C ARG H 289 -8.32 14.63 -26.84
C ARG H 289 -8.37 14.63 -26.88
N ARG H 290 -8.92 15.61 -26.17
CA ARG H 290 -9.82 15.33 -25.05
C ARG H 290 -11.02 14.48 -25.47
N GLU H 291 -11.55 14.74 -26.67
CA GLU H 291 -12.68 13.92 -27.18
C GLU H 291 -12.29 12.46 -27.35
N ASP H 292 -11.02 12.21 -27.69
CA ASP H 292 -10.48 10.86 -27.84
C ASP H 292 -10.42 10.16 -26.49
N ILE H 293 -9.90 10.88 -25.48
CA ILE H 293 -9.93 10.38 -24.11
C ILE H 293 -11.37 10.09 -23.65
N ALA H 294 -12.30 10.99 -23.98
CA ALA H 294 -13.70 10.84 -23.58
C ALA H 294 -14.32 9.58 -24.21
N ARG H 295 -14.12 9.39 -25.51
CA ARG H 295 -14.68 8.22 -26.18
C ARG H 295 -14.07 6.93 -25.65
N HIS H 296 -12.77 6.98 -25.35
CA HIS H 296 -12.07 5.85 -24.75
C HIS H 296 -12.70 5.50 -23.39
N TRP H 297 -12.96 6.50 -22.56
CA TRP H 297 -13.57 6.24 -21.25
C TRP H 297 -14.99 5.70 -21.37
N HIS H 298 -15.77 6.26 -22.29
CA HIS H 298 -17.18 5.87 -22.46
C HIS H 298 -17.23 4.39 -22.85
N ARG H 299 -16.25 3.96 -23.62
CA ARG H 299 -16.25 2.59 -24.15
CA ARG H 299 -16.19 2.61 -24.20
C ARG H 299 -15.55 1.58 -23.25
N GLU H 300 -14.38 1.92 -22.71
N GLU H 300 -14.41 1.95 -22.64
CA GLU H 300 -13.60 1.01 -21.87
CA GLU H 300 -13.61 1.03 -21.86
C GLU H 300 -13.97 1.05 -20.37
C GLU H 300 -13.78 1.13 -20.34
N HIS H 301 -14.44 2.21 -19.90
CA HIS H 301 -14.81 2.39 -18.48
C HIS H 301 -16.23 2.96 -18.35
N PRO H 302 -17.25 2.27 -18.92
CA PRO H 302 -18.58 2.88 -18.90
C PRO H 302 -19.09 3.11 -17.48
N PHE H 303 -19.92 4.14 -17.32
CA PHE H 303 -20.54 4.43 -16.04
C PHE H 303 -21.35 3.22 -15.58
N GLN H 304 -21.27 2.92 -14.29
CA GLN H 304 -22.09 1.87 -13.70
C GLN H 304 -22.75 2.41 -12.43
N GLU H 305 -24.08 2.46 -12.44
CA GLU H 305 -24.87 3.05 -11.33
C GLU H 305 -24.65 2.33 -10.00
C1 EDO I . -19.00 -37.18 44.81
O1 EDO I . -19.53 -35.88 45.13
C2 EDO I . -20.14 -38.18 44.86
O2 EDO I . -19.68 -39.46 44.39
C1 EDO J . 15.68 -13.31 20.97
O1 EDO J . 16.06 -14.31 20.03
C2 EDO J . 16.77 -12.24 20.98
O2 EDO J . 17.46 -12.34 22.24
C1 GOL K . 9.18 -32.78 42.00
O1 GOL K . 8.50 -31.55 41.81
C2 GOL K . 10.71 -32.68 41.93
O2 GOL K . 11.11 -31.33 41.84
C3 GOL K . 11.18 -33.42 40.69
O3 GOL K . 12.52 -33.13 40.32
C1 IPA L . 3.90 -17.07 34.46
C2 IPA L . 5.13 -17.86 34.90
C3 IPA L . 6.38 -17.25 34.31
O2 IPA L . 5.21 -17.75 36.29
C1 EDO M . -1.26 -1.76 22.82
O1 EDO M . -2.26 -0.76 22.59
C2 EDO M . -1.21 -2.03 24.32
O2 EDO M . 0.04 -2.66 24.61
C1 EDO N . -8.51 -18.97 -23.14
O1 EDO N . -7.35 -18.21 -23.51
C2 EDO N . -8.38 -19.24 -21.66
O2 EDO N . -7.58 -20.43 -21.51
C1 GOL O . 10.66 -5.00 -4.51
O1 GOL O . 9.94 -5.53 -5.59
C2 GOL O . 10.00 -5.35 -3.19
O2 GOL O . 8.61 -5.02 -3.20
C3 GOL O . 10.80 -4.73 -2.05
O3 GOL O . 10.20 -3.56 -1.51
C1 IPA P . -7.77 -6.86 -9.60
C2 IPA P . -6.40 -6.96 -8.93
C3 IPA P . -5.31 -6.87 -9.98
O2 IPA P . -6.25 -5.88 -8.04
C1 IPA Q . 1.76 -2.31 5.65
C2 IPA Q . 1.25 -0.97 6.16
C3 IPA Q . 2.35 -0.55 7.09
O2 IPA Q . 1.17 -0.05 5.08
C1 EDO R . -25.82 -11.83 -13.68
O1 EDO R . -27.20 -11.71 -13.28
C2 EDO R . -25.11 -10.51 -13.44
O2 EDO R . -23.82 -10.56 -14.07
C1 EDO S . -32.10 -59.96 -3.36
O1 EDO S . -32.12 -60.28 -4.76
C2 EDO S . -31.25 -58.72 -3.18
O2 EDO S . -29.89 -59.11 -3.02
C1 IPA T . -36.09 -42.28 -9.12
C2 IPA T . -35.42 -42.69 -10.42
C3 IPA T . -35.62 -44.17 -10.67
O2 IPA T . -36.06 -41.99 -11.46
C1 EDO U . -44.26 -46.51 6.94
O1 EDO U . -43.65 -47.16 5.82
C2 EDO U . -43.71 -47.09 8.23
O2 EDO U . -44.48 -46.56 9.32
C1 EDO V . -7.05 -52.78 39.10
O1 EDO V . -5.88 -53.00 38.33
C2 EDO V . -6.85 -53.38 40.49
O2 EDO V . -6.87 -54.81 40.39
C1 GOL W . -25.83 -67.06 21.99
O1 GOL W . -25.10 -66.73 23.15
C2 GOL W . -26.40 -65.83 21.28
O2 GOL W . -26.87 -64.83 22.17
C3 GOL W . -27.34 -66.27 20.15
O3 GOL W . -28.72 -66.24 20.49
C1 IPA X . -23.37 -54.83 33.33
C2 IPA X . -24.62 -54.02 33.67
C3 IPA X . -24.89 -54.10 35.16
O2 IPA X . -24.40 -52.67 33.30
C1 EDO Y . 29.61 56.93 -25.18
O1 EDO Y . 29.91 58.24 -25.67
C2 EDO Y . 30.48 55.88 -25.87
O2 EDO Y . 30.82 56.34 -27.18
C1 EDO Z . 15.89 33.22 -46.32
O1 EDO Z . 15.45 33.72 -47.60
C2 EDO Z . 16.79 34.26 -45.65
O2 EDO Z . 18.17 34.03 -45.97
C1 EDO AA . 29.61 63.31 -9.04
O1 EDO AA . 28.32 63.44 -8.41
C2 EDO AA . 30.47 64.51 -8.66
O2 EDO AA . 30.25 65.57 -9.60
C1 GOL BA . 16.73 62.19 -35.16
O1 GOL BA . 17.75 62.80 -34.40
C2 GOL BA . 17.37 61.12 -36.02
O2 GOL BA . 18.05 60.18 -35.21
C3 GOL BA . 16.24 60.47 -36.83
O3 GOL BA . 16.79 60.00 -38.04
C1 IPA CA . 32.07 58.33 -30.86
C2 IPA CA . 32.10 58.83 -32.30
C3 IPA CA . 31.88 60.32 -32.23
O2 IPA CA . 33.35 58.59 -32.93
C1 EDO DA . 43.70 48.36 -11.57
O1 EDO DA . 44.59 47.29 -11.29
C2 EDO DA . 43.67 48.58 -13.08
O2 EDO DA . 43.07 49.85 -13.34
C1 EDO EA . 17.09 29.04 23.80
O1 EDO EA . 15.84 29.73 23.61
C2 EDO EA . 17.14 28.59 25.25
O2 EDO EA . 17.63 29.69 26.03
C1 GOL FA . 32.39 52.74 15.62
O1 GOL FA . 31.38 52.03 16.30
C2 GOL FA . 32.40 52.30 14.19
O2 GOL FA . 32.97 51.00 14.06
C3 GOL FA . 33.02 53.39 13.33
O3 GOL FA . 34.43 53.29 13.30
C1 IPA GA . 31.40 36.12 16.34
C2 IPA GA . 32.32 35.01 15.87
C3 IPA GA . 31.89 34.54 14.50
O2 IPA GA . 33.65 35.48 15.77
C1 EDO HA . 0.55 4.12 1.11
O1 EDO HA . 1.10 3.09 1.96
C2 EDO HA . -0.72 4.63 1.77
O2 EDO HA . -1.65 3.53 1.93
C1 EDO IA . 28.16 14.55 14.29
O1 EDO IA . 28.68 13.28 13.88
C2 EDO IA . 29.24 15.36 14.98
O2 EDO IA . 29.53 14.74 16.23
C1 EDO JA . -14.81 8.16 -8.95
O1 EDO JA . -15.55 8.08 -7.73
C2 EDO JA . -13.73 9.23 -8.79
O2 EDO JA . -14.39 10.50 -8.66
C1 GOL KA . -1.10 10.16 17.69
O1 GOL KA . -1.95 9.92 16.61
C2 GOL KA . 0.27 10.57 17.21
O2 GOL KA . 0.73 9.78 16.11
C3 GOL KA . 1.20 10.68 18.42
O3 GOL KA . 2.16 9.64 18.46
C1 EDO LA . 1.96 -0.49 -18.35
O1 EDO LA . 1.03 -0.21 -17.29
C2 EDO LA . 1.65 0.44 -19.52
O2 EDO LA . 2.37 -0.04 -20.67
C1 EDO MA . -2.09 25.99 -40.13
O1 EDO MA . -2.89 26.12 -41.32
C2 EDO MA . -0.93 25.04 -40.37
O2 EDO MA . -1.44 23.87 -41.02
C1 EDO NA . -1.27 43.21 -41.89
O1 EDO NA . -1.75 43.91 -40.74
C2 EDO NA . -1.57 44.01 -43.15
O2 EDO NA . -2.89 43.67 -43.61
C1 GOL OA . -16.39 20.07 -33.04
O1 GOL OA . -16.16 20.86 -34.17
C2 GOL OA . -15.59 18.80 -33.22
O2 GOL OA . -14.19 19.07 -33.25
C3 GOL OA . -15.99 17.83 -32.10
O3 GOL OA . -15.68 16.51 -32.49
C1 IPA PA . -5.51 21.10 -44.29
C2 IPA PA . -4.38 20.25 -43.75
C3 IPA PA . -4.07 19.20 -44.82
O2 IPA PA . -3.30 21.11 -43.52
#